data_6BWF
#
_entry.id   6BWF
#
_cell.length_a   1.0
_cell.length_b   1.0
_cell.length_c   1.0
_cell.angle_alpha   90.00
_cell.angle_beta   90.00
_cell.angle_gamma   90.00
#
_symmetry.space_group_name_H-M   'P 1'
#
_entity_poly.entity_id   1
_entity_poly.type   'polypeptide(L)'
_entity_poly.pdbx_seq_one_letter_code
;(UNK)(UNK)(UNK)(UNK)(UNK)(UNK)(UNK)(UNK)(UNK)(UNK)(UNK)(UNK)(UNK)(UNK)(UNK)(UNK)
(UNK)(UNK)(UNK)(UNK)(UNK)(UNK)(UNK)(UNK)(UNK)(UNK)(UNK)(UNK)(UNK)(UNK)(UNK)(UNK)
(UNK)(UNK)(UNK)(UNK)(UNK)(UNK)(UNK)(UNK)(UNK)(UNK)(UNK)(UNK)(UNK)(UNK)(UNK)(UNK)
(UNK)(UNK)(UNK)(UNK)(UNK)(UNK)(UNK)(UNK)(UNK)(UNK)(UNK)(UNK)(UNK)(UNK)(UNK)(UNK)
(UNK)(UNK)(UNK)(UNK)(UNK)(UNK)(UNK)(UNK)(UNK)(UNK)(UNK)(UNK)(UNK)(UNK)(UNK)(UNK)
(UNK)(UNK)(UNK)(UNK)(UNK)(UNK)(UNK)(UNK)(UNK)(UNK)(UNK)(UNK)(UNK)(UNK)(UNK)(UNK)
(UNK)(UNK)(UNK)(UNK)(UNK)(UNK)(UNK)(UNK)(UNK)(UNK)(UNK)(UNK)(UNK)(UNK)(UNK)(UNK)
(UNK)(UNK)(UNK)(UNK)(UNK)(UNK)(UNK)(UNK)KFLTIPRLEELYNTKQGPTNPMLFHLIRDVKQGNLPPGYK
ITLIDIGLVIEYLMGGTYRCTYTRKRFRLIYNSLGGNNRRSGRNTSSSTPQLRKSHETFGNRADKKEKMRHNHFIKTAQP
YRPKMDASMEEGKKKRTKDEIVDIDDPETKRFPYPLNELLIWACLMKRQVMARFLWQHGEESMAKALVACKIYRSMAYEA
KQSDLVDDTSEELKQYSNDFGQLAVELLEQSFRQDETMAMKLLTYELKNWSNSTCLKLAVSSRLRPFVAHTCTQMLLSDM
WMGRLNMRKNSWYKVILSILVPPAILMLEYKTKAEMSHIPQSQDAHQMTMEDSENNFHNITEEIPMEVFKEVKILDSSDG
KNEMEIHIKSKKLPITRKFYAFYHAPIVKFWFNTLAYLGFLMLYTFVVLVKMEQLPSVQEWIVIAYIFTYAIEKVREVFM
SEAGKISQKIKVWFSDYFNVSDTIAIISFFVGFGLRFGAKWNYINAYDNHVFVAGRLIYCLNIIFWYVRLLDFLAVNQQA
GPYVMMIGKMVANMFYIVVIMALVLLSFGVPRKAILYPHEEPSWSLAKDIVFHPYWMIFGEVYAYEIDVCANDSTLPTIC
GPGTWLTPFLQAVYLFVQYIIMVNLLIAFFNNVYLQVKAISNIVWKYQRYHFIMAYHEKPVLPPPLIILSHIVSLFCCVC
KRRKKDKTSDGPKLFLTEEDQKKLHDFEEQCVEMYFDEKDDKFNSGSEERIRVTFERVEQMSIQIKEVGDRVNYIKRSLQ
SLDSQIGHLQDLSALTVDTLKTLTAQKASEASKVHNEITRELSISKHLAQNLIDDVPVRPLWKKPSAVNTLSSS
;
_entity_poly.pdbx_strand_id   A,B,C,D
#
# COMPACT_ATOMS: atom_id res chain seq x y z
N UNK A 1 -35.95 -14.85 -31.87
CA UNK A 1 -36.33 -14.76 -33.27
C UNK A 1 -36.21 -13.32 -33.78
N UNK A 2 -36.30 -12.37 -32.86
CA UNK A 2 -36.21 -10.95 -33.19
C UNK A 2 -34.81 -10.40 -33.00
N UNK A 3 -34.01 -11.02 -32.12
CA UNK A 3 -32.66 -10.53 -31.87
C UNK A 3 -31.75 -10.78 -33.07
N UNK A 4 -32.08 -11.79 -33.88
CA UNK A 4 -31.34 -11.99 -35.12
C UNK A 4 -31.68 -10.92 -36.15
N UNK A 5 -32.93 -10.43 -36.14
CA UNK A 5 -33.32 -9.41 -37.11
C UNK A 5 -32.78 -8.04 -36.71
N UNK A 6 -32.87 -7.70 -35.42
CA UNK A 6 -32.31 -6.43 -34.97
C UNK A 6 -30.79 -6.47 -34.97
N UNK A 7 -30.21 -7.63 -34.66
CA UNK A 7 -28.77 -7.79 -34.78
C UNK A 7 -28.33 -7.77 -36.24
N UNK A 8 -29.24 -8.12 -37.16
CA UNK A 8 -28.99 -7.86 -38.57
C UNK A 8 -29.17 -6.39 -38.89
N UNK A 9 -29.96 -5.67 -38.10
CA UNK A 9 -30.09 -4.23 -38.26
C UNK A 9 -29.02 -3.45 -37.52
N UNK A 10 -28.07 -4.13 -36.88
CA UNK A 10 -26.90 -3.46 -36.34
C UNK A 10 -25.81 -3.28 -37.39
N UNK A 11 -25.93 -3.93 -38.54
CA UNK A 11 -24.95 -3.77 -39.60
C UNK A 11 -25.10 -2.43 -40.30
N UNK A 12 -26.30 -1.84 -40.26
CA UNK A 12 -26.50 -0.54 -40.87
C UNK A 12 -25.81 0.57 -40.09
N UNK A 13 -25.67 0.39 -38.77
CA UNK A 13 -24.86 1.32 -37.98
C UNK A 13 -23.40 0.89 -37.96
N UNK A 14 -23.14 -0.39 -38.21
CA UNK A 14 -21.76 -0.84 -38.33
C UNK A 14 -21.15 -0.39 -39.66
N UNK A 15 -21.99 0.00 -40.62
CA UNK A 15 -21.53 0.47 -41.91
C UNK A 15 -22.27 1.71 -42.40
N UNK A 16 -22.85 2.50 -41.49
CA UNK A 16 -23.67 3.68 -41.76
C UNK A 16 -24.81 3.40 -42.73
N UNK A 17 -40.89 -3.32 -46.96
CA UNK A 17 -39.92 -2.73 -47.88
C UNK A 17 -38.83 -2.02 -47.12
N UNK A 18 -38.29 -2.67 -46.10
CA UNK A 18 -37.18 -2.10 -45.34
C UNK A 18 -35.91 -2.15 -46.18
N UNK A 19 -35.30 -0.97 -46.35
CA UNK A 19 -34.11 -0.82 -47.18
C UNK A 19 -32.89 -0.58 -46.29
N UNK A 20 -31.74 -0.42 -46.92
CA UNK A 20 -30.51 -0.04 -46.24
C UNK A 20 -29.64 0.71 -47.24
N UNK A 21 -28.73 1.52 -46.71
CA UNK A 21 -27.88 2.35 -47.55
C UNK A 21 -26.64 2.77 -46.76
N UNK A 22 -25.70 3.41 -47.45
CA UNK A 22 -24.49 3.97 -46.85
C UNK A 22 -24.18 5.30 -47.54
N UNK A 23 -24.66 6.40 -46.96
CA UNK A 23 -24.49 7.72 -47.55
C UNK A 23 -24.38 8.77 -46.45
N UNK A 24 -23.93 9.96 -46.83
CA UNK A 24 -23.65 11.03 -45.88
C UNK A 24 -23.97 12.38 -46.51
N UNK A 25 -24.40 13.34 -45.69
CA UNK A 25 -24.89 13.16 -44.32
C UNK A 25 -26.26 13.79 -44.10
N UNK A 26 -26.45 15.00 -44.65
CA UNK A 26 -27.67 15.77 -44.46
C UNK A 26 -28.09 16.54 -45.70
N UNK A 27 -27.71 16.06 -46.89
CA UNK A 27 -28.06 16.68 -48.15
C UNK A 27 -29.35 16.10 -48.75
N UNK A 28 -30.25 15.59 -47.91
CA UNK A 28 -31.46 14.94 -48.41
C UNK A 28 -32.45 15.97 -48.94
N UNK A 29 -32.29 17.24 -48.55
CA UNK A 29 -33.15 18.28 -49.08
C UNK A 29 -32.86 18.55 -50.54
N UNK A 30 -31.61 18.89 -50.86
CA UNK A 30 -31.25 19.16 -52.26
C UNK A 30 -31.24 17.88 -53.08
N UNK A 31 -30.94 16.75 -52.43
CA UNK A 31 -30.99 15.47 -53.12
C UNK A 31 -32.42 15.07 -53.45
N UNK A 32 -33.35 15.31 -52.53
CA UNK A 32 -34.74 14.98 -52.79
C UNK A 32 -35.38 15.93 -53.78
N UNK A 33 -35.08 17.23 -53.66
CA UNK A 33 -35.64 18.21 -54.57
C UNK A 33 -34.99 18.17 -55.95
N UNK A 34 -33.78 17.61 -56.05
CA UNK A 34 -33.10 17.51 -57.34
C UNK A 34 -33.75 16.50 -58.28
N UNK A 35 -34.49 15.53 -57.74
CA UNK A 35 -35.18 14.54 -58.55
C UNK A 35 -36.69 14.78 -58.63
N UNK A 36 -37.13 16.01 -58.41
CA UNK A 36 -38.55 16.35 -58.48
C UNK A 36 -38.92 16.82 -59.88
N UNK A 37 -26.58 6.49 -36.80
CA UNK A 37 -27.47 7.01 -37.83
C UNK A 37 -28.73 6.16 -37.92
N UNK A 38 -29.60 6.51 -38.87
CA UNK A 38 -30.86 5.82 -39.05
C UNK A 38 -31.34 6.01 -40.48
N UNK A 39 -32.52 5.45 -40.76
CA UNK A 39 -33.13 5.54 -42.08
C UNK A 39 -34.33 6.48 -42.00
N UNK A 40 -34.54 7.25 -43.07
CA UNK A 40 -35.66 8.16 -43.14
C UNK A 40 -36.79 7.52 -43.94
N UNK A 41 -37.98 7.47 -43.35
CA UNK A 41 -39.15 6.87 -43.98
C UNK A 41 -39.86 7.93 -44.82
N UNK A 42 -40.20 7.57 -46.05
CA UNK A 42 -40.88 8.49 -46.95
C UNK A 42 -42.25 7.96 -47.34
N UNK A 43 -29.18 0.43 -30.86
CA UNK A 43 -29.79 -0.19 -29.70
C UNK A 43 -31.25 -0.58 -29.99
N UNK A 44 -31.98 -0.93 -28.94
CA UNK A 44 -33.37 -1.38 -29.09
C UNK A 44 -34.36 -0.24 -29.22
N UNK A 45 -33.94 1.01 -28.99
CA UNK A 45 -34.83 2.16 -29.13
C UNK A 45 -35.13 2.47 -30.60
N UNK A 46 -34.23 2.11 -31.51
CA UNK A 46 -34.50 2.15 -32.94
C UNK A 46 -34.60 0.76 -33.55
N UNK A 47 -33.90 -0.21 -32.96
CA UNK A 47 -33.95 -1.58 -33.42
C UNK A 47 -35.33 -2.20 -33.20
N UNK A 48 -35.95 -1.96 -32.05
CA UNK A 48 -37.34 -2.35 -31.88
C UNK A 48 -38.27 -1.49 -32.71
N UNK A 49 -37.84 -0.25 -33.03
CA UNK A 49 -38.59 0.63 -33.90
C UNK A 49 -38.39 0.31 -35.39
N UNK A 50 -37.64 -0.75 -35.71
CA UNK A 50 -37.59 -1.27 -37.07
C UNK A 50 -38.70 -2.27 -37.35
N UNK A 51 -39.70 -2.35 -36.49
CA UNK A 51 -40.82 -3.27 -36.69
C UNK A 51 -41.89 -2.70 -37.62
N UNK A 52 -41.76 -1.44 -38.04
CA UNK A 52 -42.71 -0.85 -38.97
C UNK A 52 -42.36 -1.18 -40.40
N UNK A 53 -43.77 5.51 -52.93
CA UNK A 53 -43.70 4.67 -54.13
C UNK A 53 -42.72 5.26 -55.13
N UNK A 54 -43.23 6.15 -55.99
CA UNK A 54 -42.37 6.81 -56.96
C UNK A 54 -41.39 7.78 -56.31
N UNK A 55 -41.72 8.31 -55.13
CA UNK A 55 -40.80 9.17 -54.42
C UNK A 55 -39.70 8.38 -53.72
N UNK A 56 -40.08 7.24 -53.10
CA UNK A 56 -39.09 6.41 -52.42
C UNK A 56 -38.16 5.75 -53.42
N UNK A 57 -38.72 5.19 -54.50
CA UNK A 57 -37.89 4.64 -55.57
C UNK A 57 -37.22 5.72 -56.39
N UNK A 58 -37.69 6.97 -56.30
CA UNK A 58 -36.97 8.07 -56.91
C UNK A 58 -35.74 8.45 -56.11
N UNK A 59 -35.86 8.49 -54.78
CA UNK A 59 -34.71 8.81 -53.95
C UNK A 59 -33.70 7.67 -53.93
N UNK A 60 -34.17 6.43 -53.85
CA UNK A 60 -33.28 5.28 -53.93
C UNK A 60 -32.70 5.14 -55.34
N UNK A 61 -33.48 5.54 -56.36
CA UNK A 61 -32.96 5.55 -57.71
C UNK A 61 -31.98 6.68 -57.95
N UNK A 62 -31.98 7.70 -57.09
CA UNK A 62 -31.06 8.82 -57.22
C UNK A 62 -29.77 8.62 -56.43
N UNK A 63 -29.86 8.09 -55.21
CA UNK A 63 -28.69 7.91 -54.36
C UNK A 63 -27.75 6.84 -54.87
N UNK A 64 -28.25 5.87 -55.64
CA UNK A 64 -27.36 4.92 -56.29
C UNK A 64 -26.65 5.57 -57.47
N UNK A 65 -27.18 6.66 -57.99
CA UNK A 65 -26.54 7.43 -59.06
C UNK A 65 -25.62 8.52 -58.52
N UNK A 66 -25.32 8.49 -57.22
CA UNK A 66 -24.42 9.48 -56.63
C UNK A 66 -22.97 9.07 -56.82
N UNK A 67 -22.07 9.79 -56.15
CA UNK A 67 -20.63 9.66 -56.44
C UNK A 67 -20.03 8.31 -56.01
N UNK A 68 -20.32 7.78 -54.79
CA UNK A 68 -20.86 8.34 -53.55
C UNK A 68 -19.91 8.06 -52.40
N UNK A 69 -19.23 6.92 -52.47
CA UNK A 69 -18.16 6.62 -51.55
C UNK A 69 -16.96 7.52 -51.82
N UNK A 70 -16.16 7.74 -50.78
CA UNK A 70 -15.04 8.67 -50.84
C UNK A 70 -13.91 8.17 -51.73
N UNK A 71 -13.54 8.98 -52.72
CA UNK A 71 -12.43 8.72 -53.66
C UNK A 71 -12.59 7.39 -54.39
N UNK A 72 -13.84 7.06 -54.73
CA UNK A 72 -14.14 5.82 -55.42
C UNK A 72 -15.42 6.02 -56.22
N UNK A 73 -15.63 5.12 -57.19
CA UNK A 73 -16.85 5.12 -58.00
C UNK A 73 -17.31 3.67 -58.13
N UNK A 74 -18.18 3.24 -57.21
CA UNK A 74 -18.66 1.87 -57.23
C UNK A 74 -20.13 1.75 -57.66
N UNK A 75 -21.11 2.47 -57.05
CA UNK A 75 -21.14 3.42 -55.91
C UNK A 75 -22.46 3.30 -55.15
N UNK A 76 -22.39 3.44 -53.83
CA UNK A 76 -23.55 3.50 -52.92
C UNK A 76 -24.43 2.27 -53.04
N UNK A 77 -23.91 1.13 -52.59
CA UNK A 77 -24.67 -0.11 -52.58
C UNK A 77 -25.82 -0.03 -51.58
N UNK A 78 -27.01 -0.41 -52.04
CA UNK A 78 -28.24 -0.25 -51.25
C UNK A 78 -29.10 -1.50 -51.41
N UNK A 79 -29.14 -2.33 -50.37
CA UNK A 79 -29.95 -3.54 -50.35
C UNK A 79 -31.29 -3.26 -49.65
N UNK A 80 -32.22 -4.19 -49.83
CA UNK A 80 -33.54 -4.15 -49.20
C UNK A 80 -33.88 -5.51 -48.63
N UNK A 81 -34.38 -5.52 -47.40
CA UNK A 81 -34.55 -6.75 -46.64
C UNK A 81 -35.94 -6.86 -46.03
N UNK A 82 -36.97 -6.61 -46.84
CA UNK A 82 -38.34 -6.93 -46.42
C UNK A 82 -38.50 -8.43 -46.22
N UNK A 83 -37.93 -9.22 -47.12
CA UNK A 83 -37.91 -10.67 -46.97
C UNK A 83 -36.69 -11.19 -47.73
N UNK A 84 -35.83 -11.93 -47.01
CA UNK A 84 -34.71 -12.71 -47.56
C UNK A 84 -33.61 -11.86 -48.19
N UNK A 85 -33.68 -10.53 -47.97
CA UNK A 85 -32.64 -9.56 -48.33
C UNK A 85 -32.30 -9.55 -49.82
N UNK A 86 -33.28 -9.16 -50.62
CA UNK A 86 -33.06 -9.07 -52.07
C UNK A 86 -32.18 -7.88 -52.40
N UNK A 87 -31.64 -7.88 -53.61
CA UNK A 87 -30.74 -6.84 -54.08
C UNK A 87 -31.48 -5.81 -54.91
N UNK A 88 -30.72 -4.96 -55.60
CA UNK A 88 -31.31 -3.98 -56.51
C UNK A 88 -30.92 -4.29 -57.96
N UNK A 89 -30.24 -3.45 -61.05
CA UNK A 89 -31.16 -2.39 -61.45
C UNK A 89 -31.78 -2.67 -62.83
N UNK A 90 -33.11 -2.64 -62.95
CA UNK A 90 -34.02 -2.32 -61.85
C UNK A 90 -35.20 -3.30 -61.81
N UNK A 91 -35.16 -4.28 -62.72
CA UNK A 91 -36.29 -5.19 -62.88
C UNK A 91 -36.48 -6.12 -61.69
N UNK A 92 -35.40 -6.46 -60.99
CA UNK A 92 -35.53 -7.25 -59.77
C UNK A 92 -36.23 -6.47 -58.67
N UNK A 93 -35.99 -5.16 -58.60
CA UNK A 93 -36.73 -4.32 -57.69
C UNK A 93 -38.16 -4.09 -58.17
N UNK A 94 -38.38 -4.17 -59.49
CA UNK A 94 -39.72 -4.00 -60.03
C UNK A 94 -40.61 -5.18 -59.68
N UNK A 95 -40.16 -6.39 -60.00
CA UNK A 95 -40.94 -7.58 -59.65
C UNK A 95 -40.91 -7.83 -58.15
N UNK A 96 -39.84 -7.38 -57.47
CA UNK A 96 -39.78 -7.49 -56.02
C UNK A 96 -40.81 -6.59 -55.35
N UNK A 97 -40.97 -5.36 -55.84
CA UNK A 97 -41.98 -4.47 -55.28
C UNK A 97 -43.38 -4.89 -55.70
N UNK A 98 -43.51 -5.47 -56.89
CA UNK A 98 -44.81 -5.94 -57.36
C UNK A 98 -45.27 -7.15 -56.55
N UNK A 99 -44.34 -8.03 -56.18
CA UNK A 99 -44.65 -9.08 -55.23
C UNK A 99 -44.80 -8.54 -53.81
N UNK A 100 -44.20 -7.39 -53.51
CA UNK A 100 -44.35 -6.76 -52.22
C UNK A 100 -45.69 -6.04 -52.06
N UNK A 101 -46.38 -5.76 -53.17
CA UNK A 101 -47.71 -5.16 -53.06
C UNK A 101 -48.75 -6.18 -52.66
N UNK A 102 -48.48 -7.46 -52.88
CA UNK A 102 -49.41 -8.52 -52.51
C UNK A 102 -49.22 -8.92 -51.05
N UNK A 103 -27.95 -11.47 -40.13
CA UNK A 103 -26.57 -11.41 -39.66
C UNK A 103 -25.70 -10.59 -40.62
N UNK A 104 -24.58 -11.15 -41.05
CA UNK A 104 -23.70 -10.50 -42.00
C UNK A 104 -24.12 -10.74 -43.45
N UNK A 105 -25.28 -11.35 -43.67
CA UNK A 105 -25.73 -11.67 -45.02
C UNK A 105 -26.14 -10.45 -45.82
N UNK A 106 -26.87 -9.53 -45.19
CA UNK A 106 -27.39 -8.34 -45.87
C UNK A 106 -26.25 -7.46 -46.38
N UNK A 107 -25.19 -7.35 -45.59
CA UNK A 107 -23.95 -6.80 -46.14
C UNK A 107 -23.37 -7.74 -47.18
N UNK A 108 -23.45 -9.05 -46.92
CA UNK A 108 -22.87 -10.07 -47.79
C UNK A 108 -23.98 -10.87 -48.46
N UNK A 109 -24.38 -10.45 -49.65
CA UNK A 109 -23.60 -9.55 -50.49
C UNK A 109 -24.45 -8.55 -51.25
N UNK A 110 -23.98 -7.31 -51.28
CA UNK A 110 -24.48 -6.33 -52.23
C UNK A 110 -23.71 -6.36 -53.54
N UNK A 111 -22.74 -7.25 -53.66
CA UNK A 111 -21.89 -7.33 -54.84
C UNK A 111 -22.21 -8.57 -55.68
N UNK A 112 -22.98 -9.50 -55.12
CA UNK A 112 -23.29 -10.77 -55.78
C UNK A 112 -24.16 -10.57 -57.02
N UNK A 113 -32.58 -12.97 -61.87
CA UNK A 113 -33.30 -13.48 -60.72
C UNK A 113 -32.38 -14.25 -59.79
N UNK A 114 -32.96 -14.79 -58.70
CA UNK A 114 -32.29 -15.61 -57.69
C UNK A 114 -31.10 -14.89 -57.06
N UNK A 115 -31.37 -13.79 -56.36
CA UNK A 115 -30.33 -13.02 -55.69
C UNK A 115 -30.69 -12.66 -54.25
N UNK A 116 -31.16 -13.63 -53.47
CA UNK A 116 -31.60 -13.36 -52.11
C UNK A 116 -31.46 -14.62 -51.27
N UNK A 117 -32.03 -14.56 -50.06
CA UNK A 117 -32.12 -15.72 -49.19
C UNK A 117 -31.69 -15.46 -47.75
N UNK A 118 -32.61 -15.67 -46.82
CA UNK A 118 -32.43 -15.46 -45.39
C UNK A 118 -33.66 -16.02 -44.68
N UNK A 119 -33.44 -16.68 -43.52
CA UNK A 119 -32.15 -16.92 -42.86
C UNK A 119 -32.14 -18.32 -42.29
N UNK A 120 -31.19 -18.56 -41.38
CA UNK A 120 -31.04 -19.80 -40.60
C UNK A 120 -30.89 -21.05 -41.48
N LYS A 121 -17.21 -7.05 -60.69
CA LYS A 121 -15.76 -7.01 -60.74
C LYS A 121 -15.17 -7.11 -59.33
N PHE A 122 -14.17 -7.97 -59.19
CA PHE A 122 -13.60 -8.25 -57.87
C PHE A 122 -12.87 -7.06 -57.29
N LEU A 123 -12.36 -6.16 -58.15
CA LEU A 123 -11.76 -4.92 -57.66
C LEU A 123 -12.81 -4.02 -57.05
N THR A 124 -14.03 -4.02 -57.58
CA THR A 124 -15.10 -3.28 -56.92
C THR A 124 -15.63 -4.03 -55.72
N ILE A 125 -15.48 -5.36 -55.71
CA ILE A 125 -15.89 -6.15 -54.55
C ILE A 125 -15.01 -5.84 -53.35
N PRO A 126 -13.70 -5.87 -53.52
CA PRO A 126 -12.77 -5.51 -52.47
C PRO A 126 -12.76 -4.01 -52.20
N ARG A 127 -13.00 -3.20 -53.22
CA ARG A 127 -13.07 -1.76 -53.05
C ARG A 127 -14.28 -1.30 -52.26
N LEU A 128 -15.40 -2.02 -52.33
CA LEU A 128 -16.53 -1.66 -51.47
C LEU A 128 -16.25 -1.99 -50.01
N GLU A 129 -15.61 -3.14 -49.76
CA GLU A 129 -15.29 -3.54 -48.40
C GLU A 129 -14.29 -2.60 -47.73
N GLU A 130 -13.50 -1.87 -48.53
CA GLU A 130 -12.73 -0.74 -48.04
C GLU A 130 -13.62 0.36 -47.47
N LEU A 131 -14.80 0.55 -48.04
CA LEU A 131 -15.63 1.68 -47.67
C LEU A 131 -16.81 1.32 -46.77
N TYR A 132 -17.03 0.05 -46.44
CA TYR A 132 -18.18 -0.27 -45.60
C TYR A 132 -18.00 0.16 -44.13
N ASN A 133 -16.99 -0.35 -43.38
CA ASN A 133 -15.80 -1.15 -43.69
C ASN A 133 -15.57 -2.31 -42.70
N THR A 134 -16.18 -3.45 -42.98
CA THR A 134 -16.03 -4.62 -42.11
C THR A 134 -14.94 -5.51 -42.68
N LYS A 135 -13.95 -5.86 -41.85
CA LYS A 135 -12.88 -6.74 -42.30
C LYS A 135 -13.29 -8.20 -42.32
N GLN A 136 -14.26 -8.59 -41.49
CA GLN A 136 -14.66 -9.99 -41.41
C GLN A 136 -15.40 -10.43 -42.66
N GLY A 137 -16.05 -9.49 -43.36
CA GLY A 137 -16.76 -9.82 -44.58
C GLY A 137 -15.82 -10.16 -45.73
N PRO A 138 -14.78 -9.37 -45.95
CA PRO A 138 -13.88 -9.59 -47.07
C PRO A 138 -13.02 -10.84 -46.89
N THR A 139 -12.65 -11.15 -45.65
CA THR A 139 -11.84 -12.34 -45.39
C THR A 139 -12.64 -13.62 -45.61
N ASN A 140 -13.83 -13.69 -45.04
CA ASN A 140 -14.63 -14.90 -45.14
C ASN A 140 -15.19 -15.08 -46.54
N PRO A 141 -15.68 -13.99 -47.14
CA PRO A 141 -16.37 -14.10 -48.42
C PRO A 141 -15.52 -13.61 -49.59
N MET A 142 -14.96 -12.42 -49.51
CA MET A 142 -14.26 -11.82 -50.65
C MET A 142 -12.76 -12.11 -50.55
N LEU A 143 -12.43 -13.40 -50.41
CA LEU A 143 -11.04 -13.84 -50.37
C LEU A 143 -10.97 -15.30 -50.77
N PHE A 144 -9.74 -15.73 -51.10
CA PHE A 144 -9.26 -17.13 -51.27
C PHE A 144 -9.76 -17.72 -52.57
N HIS A 145 -10.71 -17.11 -53.29
CA HIS A 145 -11.18 -17.60 -54.57
C HIS A 145 -11.77 -16.44 -55.40
N LEU A 146 -11.33 -16.34 -56.66
CA LEU A 146 -10.22 -17.09 -57.24
C LEU A 146 -9.14 -16.15 -57.73
N ILE A 147 -9.56 -15.12 -58.47
CA ILE A 147 -8.63 -14.17 -59.05
C ILE A 147 -8.51 -12.92 -58.18
N TYR A 159 -5.42 -5.02 -55.48
CA TYR A 159 -3.97 -5.09 -55.44
C TYR A 159 -3.35 -3.71 -55.63
N LYS A 160 -4.15 -2.75 -56.10
CA LYS A 160 -3.75 -1.35 -56.10
C LYS A 160 -4.17 -0.64 -54.83
N ILE A 161 -4.71 -1.38 -53.87
CA ILE A 161 -5.31 -0.76 -52.71
C ILE A 161 -4.32 -0.59 -51.57
N THR A 162 -3.02 -0.76 -51.83
CA THR A 162 -2.00 -0.30 -50.88
C THR A 162 -1.61 1.13 -51.20
N LEU A 163 -1.50 1.46 -52.50
CA LEU A 163 -1.43 2.86 -52.89
C LEU A 163 -2.79 3.52 -52.85
N ILE A 164 -3.86 2.75 -52.70
CA ILE A 164 -5.19 3.33 -52.70
C ILE A 164 -6.00 3.03 -51.45
N ASP A 165 -5.41 2.44 -50.41
CA ASP A 165 -6.19 2.20 -49.21
C ASP A 165 -6.26 3.44 -48.33
N ILE A 166 -5.48 4.48 -48.65
CA ILE A 166 -5.43 5.71 -47.88
C ILE A 166 -6.40 6.68 -48.56
N GLY A 167 -7.70 6.36 -48.50
CA GLY A 167 -8.68 6.29 -47.37
C GLY A 167 -8.34 5.95 -45.89
N LEU A 168 -7.51 4.93 -45.63
CA LEU A 168 -6.82 4.70 -44.36
C LEU A 168 -7.72 4.20 -43.27
N VAL A 169 -8.48 3.15 -43.54
CA VAL A 169 -9.11 2.36 -42.49
C VAL A 169 -8.05 1.81 -41.54
N ILE A 170 -6.93 1.33 -42.08
CA ILE A 170 -5.85 0.88 -41.22
C ILE A 170 -6.00 -0.56 -40.78
N GLU A 171 -6.61 -1.39 -41.61
CA GLU A 171 -6.75 -2.80 -41.27
C GLU A 171 -6.58 -3.73 -42.46
N TYR A 172 -6.68 -3.23 -43.68
CA TYR A 172 -6.57 -4.13 -44.82
C TYR A 172 -5.12 -4.32 -45.24
N LEU A 173 -4.19 -3.62 -44.57
CA LEU A 173 -2.79 -4.01 -44.66
C LEU A 173 -2.54 -5.34 -43.95
N MET A 174 -3.40 -5.71 -42.99
CA MET A 174 -3.32 -7.00 -42.34
C MET A 174 -3.75 -8.15 -43.25
N GLY A 175 -4.29 -7.86 -44.42
CA GLY A 175 -4.58 -8.87 -45.42
C GLY A 175 -3.36 -9.26 -46.25
N GLY A 176 -2.17 -8.79 -45.86
CA GLY A 176 -0.93 -9.13 -46.54
C GLY A 176 -0.67 -10.64 -46.51
N THR A 177 -0.37 -11.19 -47.69
CA THR A 177 -0.36 -12.63 -47.96
C THR A 177 -1.70 -13.25 -47.56
N TYR A 178 -2.74 -12.94 -48.35
CA TYR A 178 -2.69 -12.88 -49.83
C TYR A 178 -2.33 -11.56 -50.53
N ARG A 179 -2.49 -10.42 -49.86
CA ARG A 179 -2.05 -9.16 -50.43
C ARG A 179 -0.54 -9.16 -50.57
N CYS A 180 -0.06 -8.84 -51.77
CA CYS A 180 1.31 -9.15 -52.12
C CYS A 180 2.25 -8.01 -51.74
N THR A 181 3.47 -8.08 -52.29
CA THR A 181 4.55 -7.15 -52.05
C THR A 181 4.15 -5.73 -52.49
N TYR A 182 4.41 -4.68 -51.67
CA TYR A 182 5.16 -4.51 -50.39
C TYR A 182 6.63 -4.99 -50.43
N THR A 183 7.46 -4.18 -51.11
CA THR A 183 8.88 -4.46 -51.40
C THR A 183 9.04 -5.75 -52.21
N ARG A 184 8.63 -5.71 -53.48
CA ARG A 184 8.46 -4.51 -54.31
C ARG A 184 7.07 -3.89 -54.24
N LYS A 185 7.02 -2.66 -53.76
CA LYS A 185 5.80 -2.13 -53.17
C LYS A 185 4.84 -1.57 -54.20
N ARG A 186 3.72 -1.04 -53.69
CA ARG A 186 2.89 -0.16 -54.50
C ARG A 186 3.63 1.09 -54.93
N PHE A 187 4.64 1.51 -54.16
CA PHE A 187 5.43 2.68 -54.52
C PHE A 187 6.34 2.39 -55.70
N ARG A 188 6.75 3.47 -56.39
CA ARG A 188 7.76 3.34 -57.42
C ARG A 188 8.99 4.16 -57.07
N LEU A 189 8.87 5.45 -56.66
CA LEU A 189 7.85 6.50 -56.79
C LEU A 189 7.79 6.93 -58.28
N ILE A 190 6.76 7.59 -58.84
CA ILE A 190 5.77 8.59 -58.36
C ILE A 190 5.05 8.48 -57.01
N TYR A 191 4.53 7.28 -56.74
CA TYR A 191 3.46 6.98 -55.80
C TYR A 191 3.48 7.63 -54.42
N ASN A 192 4.64 8.14 -53.97
CA ASN A 192 4.68 8.88 -52.72
C ASN A 192 3.94 10.22 -52.81
N SER A 193 3.70 10.70 -54.03
CA SER A 193 2.80 11.81 -54.22
C SER A 193 1.38 11.40 -53.85
N LEU A 194 1.01 10.19 -54.24
CA LEU A 194 -0.24 9.58 -53.81
C LEU A 194 -0.05 8.85 -52.49
N GLY A 195 1.16 8.95 -51.95
CA GLY A 195 1.55 8.51 -50.62
C GLY A 195 0.64 8.62 -49.40
N GLY A 196 0.14 9.81 -49.01
CA GLY A 196 0.29 11.08 -49.71
C GLY A 196 0.72 12.20 -48.80
N ASN A 197 2.01 12.50 -48.83
CA ASN A 197 2.49 13.77 -48.29
C ASN A 197 2.08 14.91 -49.23
N ASN A 198 2.17 14.67 -50.54
CA ASN A 198 1.85 15.71 -51.50
C ASN A 198 0.35 15.91 -51.64
N ARG A 199 -0.41 14.82 -51.65
CA ARG A 199 -1.83 14.89 -51.90
C ARG A 199 -2.58 14.62 -50.61
N ARG A 200 -3.91 14.58 -50.73
CA ARG A 200 -4.79 14.24 -49.63
C ARG A 200 -6.13 13.81 -50.21
N SER A 201 -6.70 12.77 -49.61
CA SER A 201 -8.08 12.41 -49.95
C SER A 201 -9.11 13.50 -49.59
N GLY A 202 -9.15 14.05 -48.35
CA GLY A 202 -8.33 13.87 -47.13
C GLY A 202 -8.83 12.72 -46.28
N ARG A 203 -7.94 11.75 -46.05
CA ARG A 203 -8.33 10.56 -45.29
C ARG A 203 -8.36 10.86 -43.81
N ASN A 204 -7.20 11.17 -43.23
CA ASN A 204 -7.11 11.71 -41.88
C ASN A 204 -5.94 12.66 -41.89
N THR A 205 -6.19 13.93 -42.14
CA THR A 205 -5.13 14.86 -42.52
C THR A 205 -4.67 15.68 -41.33
N SER A 206 -3.34 15.74 -41.18
CA SER A 206 -2.75 16.64 -40.21
C SER A 206 -2.79 18.07 -40.71
N SER A 207 -2.91 19.00 -39.77
CA SER A 207 -2.95 20.41 -40.11
C SER A 207 -1.59 21.08 -40.05
N SER A 208 -0.65 20.54 -39.27
CA SER A 208 0.64 21.18 -39.05
C SER A 208 1.66 20.85 -40.12
N THR A 209 1.58 19.67 -40.74
CA THR A 209 2.58 19.29 -41.74
C THR A 209 2.61 20.11 -43.03
N PRO A 210 1.56 20.83 -43.51
CA PRO A 210 1.86 21.84 -44.53
C PRO A 210 2.56 23.06 -43.97
N GLN A 211 2.27 23.42 -42.72
CA GLN A 211 2.97 24.53 -42.10
C GLN A 211 4.41 24.14 -41.78
N LEU A 212 4.65 22.87 -41.50
CA LEU A 212 6.02 22.37 -41.44
C LEU A 212 6.66 22.30 -42.82
N ARG A 213 5.87 22.34 -43.89
CA ARG A 213 6.42 22.65 -45.21
C ARG A 213 7.04 24.03 -45.26
N LYS A 214 6.54 24.98 -44.47
CA LYS A 214 7.21 26.25 -44.30
C LYS A 214 8.61 26.04 -43.73
N SER A 215 9.53 26.90 -44.15
CA SER A 215 10.97 26.60 -44.21
C SER A 215 11.22 25.24 -44.90
N HIS A 216 10.95 25.16 -46.21
CA HIS A 216 10.71 26.29 -47.11
C HIS A 216 9.61 25.97 -48.11
N LYS A 228 0.01 21.59 -54.08
CA LYS A 228 0.95 21.07 -55.07
C LYS A 228 2.37 21.17 -54.55
N MET A 229 2.65 20.48 -53.44
CA MET A 229 3.97 20.51 -52.82
C MET A 229 4.38 19.08 -52.46
N ARG A 230 5.23 18.52 -53.30
CA ARG A 230 5.74 17.17 -53.09
C ARG A 230 6.91 17.17 -52.11
N HIS A 231 7.62 16.05 -52.06
CA HIS A 231 8.75 15.94 -51.17
C HIS A 231 10.06 16.37 -51.82
N ASN A 232 10.01 17.26 -52.82
CA ASN A 232 11.21 17.84 -53.41
C ASN A 232 12.07 18.55 -52.38
N HIS A 233 11.46 19.08 -51.32
CA HIS A 233 12.17 19.41 -50.11
C HIS A 233 11.60 18.71 -48.88
N PHE A 234 12.04 17.50 -48.59
CA PHE A 234 11.95 16.97 -47.23
C PHE A 234 13.23 17.29 -46.49
N ILE A 235 13.48 18.59 -46.35
CA ILE A 235 14.31 19.11 -45.29
C ILE A 235 13.51 19.21 -43.99
N LYS A 236 12.18 19.05 -44.07
CA LYS A 236 11.33 19.16 -42.90
C LYS A 236 11.57 18.00 -41.93
N THR A 237 11.87 16.81 -42.46
CA THR A 237 12.26 15.71 -41.59
C THR A 237 13.69 15.90 -41.10
N ALA A 238 14.44 16.78 -41.75
CA ALA A 238 15.69 17.29 -41.20
C ALA A 238 15.47 18.46 -40.26
N GLN A 239 14.23 18.91 -40.10
CA GLN A 239 13.88 19.90 -39.09
C GLN A 239 14.05 19.40 -37.65
N PRO A 240 13.65 18.14 -37.26
CA PRO A 240 13.95 17.71 -35.89
C PRO A 240 15.40 17.36 -35.63
N TYR A 241 16.19 17.21 -36.69
CA TYR A 241 17.49 16.56 -36.55
C TYR A 241 18.60 17.55 -36.82
N ARG A 242 19.59 17.61 -35.92
CA ARG A 242 20.77 18.39 -36.26
C ARG A 242 21.67 17.66 -37.26
N PRO A 243 22.23 16.44 -37.00
CA PRO A 243 23.33 15.99 -37.87
C PRO A 243 22.90 15.14 -39.04
N LYS A 244 21.62 14.83 -39.12
CA LYS A 244 21.16 13.68 -39.87
C LYS A 244 20.68 14.12 -41.25
N MET A 245 21.56 14.03 -42.24
CA MET A 245 21.15 14.13 -43.63
C MET A 245 21.38 12.77 -44.29
N ASP A 246 20.38 12.28 -45.01
CA ASP A 246 19.07 12.91 -45.13
C ASP A 246 17.97 11.98 -44.66
N SER A 248 17.23 9.27 -46.38
CA SER A 248 18.09 9.46 -47.54
C SER A 248 17.55 10.57 -48.42
N MET A 249 16.28 10.91 -48.24
CA MET A 249 15.65 11.96 -49.03
C MET A 249 15.82 13.30 -48.29
N GLU A 250 16.47 14.28 -48.94
CA GLU A 250 17.04 14.13 -50.27
C GLU A 250 18.52 14.45 -50.31
N GLU A 251 19.29 13.51 -50.85
CA GLU A 251 20.67 13.71 -51.23
C GLU A 251 20.75 13.76 -52.76
N GLY A 252 21.97 13.98 -53.26
CA GLY A 252 22.18 14.06 -54.70
C GLY A 252 21.82 12.78 -55.44
N LYS A 253 22.01 11.63 -54.78
CA LYS A 253 21.51 10.35 -55.31
C LYS A 253 20.02 10.41 -55.57
N LYS A 254 19.26 10.91 -54.59
CA LYS A 254 17.82 11.08 -54.77
C LYS A 254 17.52 12.17 -55.80
N LYS A 255 18.46 13.10 -56.03
CA LYS A 255 18.26 14.07 -57.09
C LYS A 255 18.37 13.43 -58.47
N ARG A 256 19.06 12.29 -58.56
CA ARG A 256 19.14 11.61 -59.85
C ARG A 256 17.85 10.85 -60.15
N THR A 257 17.29 10.21 -59.13
CA THR A 257 16.11 9.36 -59.34
C THR A 257 14.88 10.20 -59.66
N LYS A 258 14.75 11.39 -59.06
CA LYS A 258 13.69 12.28 -59.48
C LYS A 258 14.08 13.14 -60.68
N ASP A 259 15.25 12.89 -61.27
CA ASP A 259 15.78 13.58 -62.44
C ASP A 259 15.90 15.10 -62.24
N ARG A 271 12.38 2.11 -57.39
CA ARG A 271 12.10 1.15 -56.33
C ARG A 271 12.85 1.50 -55.05
N PHE A 272 12.17 1.36 -53.91
CA PHE A 272 12.81 1.60 -52.63
C PHE A 272 13.42 0.32 -52.08
N PRO A 273 14.61 0.40 -51.49
CA PRO A 273 15.17 -0.78 -50.82
C PRO A 273 14.48 -1.05 -49.49
N TYR A 274 13.91 -0.04 -48.87
CA TYR A 274 13.31 -0.19 -47.55
C TYR A 274 12.08 0.71 -47.46
N PRO A 275 10.89 0.18 -47.70
CA PRO A 275 9.70 1.03 -47.74
C PRO A 275 9.26 1.52 -46.37
N LEU A 276 9.38 0.65 -45.36
CA LEU A 276 9.00 1.01 -43.99
C LEU A 276 9.84 2.16 -43.45
N ASN A 277 11.09 2.27 -43.89
CA ASN A 277 11.92 3.38 -43.47
C ASN A 277 11.52 4.70 -44.12
N GLU A 278 10.52 4.71 -44.99
CA GLU A 278 9.81 5.93 -45.31
C GLU A 278 8.38 5.93 -44.82
N LEU A 279 7.68 4.79 -44.96
CA LEU A 279 6.28 4.66 -44.55
C LEU A 279 6.07 5.00 -43.09
N LEU A 280 6.93 4.51 -42.21
CA LEU A 280 6.86 4.85 -40.80
C LEU A 280 7.08 6.34 -40.59
N ILE A 281 8.01 6.92 -41.34
CA ILE A 281 8.07 8.38 -41.37
C ILE A 281 6.70 8.93 -41.67
N TRP A 282 6.10 8.49 -42.79
CA TRP A 282 4.90 9.11 -43.36
C TRP A 282 3.75 9.14 -42.37
N ALA A 283 3.38 7.97 -41.85
CA ALA A 283 2.35 7.88 -40.82
C ALA A 283 2.75 8.70 -39.61
N CYS A 284 3.99 8.57 -39.17
CA CYS A 284 4.43 9.33 -38.02
C CYS A 284 4.70 10.79 -38.34
N LEU A 285 4.51 11.22 -39.59
CA LEU A 285 4.40 12.65 -39.88
C LEU A 285 2.97 13.12 -39.96
N MET A 286 2.04 12.28 -40.40
CA MET A 286 0.73 12.77 -40.81
C MET A 286 -0.30 12.69 -39.70
N LYS A 287 0.13 12.78 -38.43
CA LYS A 287 -0.74 12.68 -37.25
C LYS A 287 -1.53 11.38 -37.29
N ARG A 288 -0.81 10.28 -37.46
CA ARG A 288 -1.43 8.99 -37.71
C ARG A 288 -0.98 7.98 -36.67
N GLN A 289 -1.96 7.40 -36.01
CA GLN A 289 -1.80 6.30 -35.09
C GLN A 289 -1.94 4.99 -35.84
N VAL A 290 -2.49 3.99 -35.15
CA VAL A 290 -2.15 2.56 -35.11
C VAL A 290 -1.60 1.95 -36.41
N MET A 291 -2.02 2.48 -37.58
CA MET A 291 -1.29 2.22 -38.83
C MET A 291 0.20 2.49 -38.69
N ALA A 292 0.56 3.56 -37.97
CA ALA A 292 1.94 3.76 -37.54
C ALA A 292 2.47 2.56 -36.77
N ARG A 293 1.76 2.16 -35.72
CA ARG A 293 2.08 0.91 -35.04
C ARG A 293 1.86 -0.33 -35.88
N PHE A 294 1.15 -0.23 -37.01
CA PHE A 294 1.08 -1.37 -37.91
C PHE A 294 2.03 -1.20 -39.09
N LEU A 295 3.00 -0.30 -39.00
CA LEU A 295 4.14 -0.35 -39.90
C LEU A 295 5.41 -0.71 -39.15
N TRP A 296 5.33 -0.72 -37.82
CA TRP A 296 6.50 -0.64 -36.96
C TRP A 296 7.44 -1.86 -37.02
N GLN A 297 7.01 -3.10 -36.67
CA GLN A 297 5.79 -3.90 -36.91
C GLN A 297 5.27 -3.71 -38.34
N HIS A 298 6.07 -4.07 -39.34
CA HIS A 298 6.95 -5.24 -39.27
C HIS A 298 8.12 -5.27 -40.23
N GLY A 299 9.33 -5.15 -39.70
CA GLY A 299 10.51 -5.22 -40.54
C GLY A 299 11.75 -5.25 -39.68
N GLU A 300 12.89 -5.05 -40.34
CA GLU A 300 14.15 -5.01 -39.62
C GLU A 300 14.32 -3.66 -38.93
N GLU A 301 15.34 -3.58 -38.08
CA GLU A 301 15.81 -2.34 -37.41
C GLU A 301 14.74 -1.73 -36.51
N SER A 302 13.74 -2.52 -36.13
CA SER A 302 12.52 -2.00 -35.53
C SER A 302 12.74 -1.47 -34.13
N MET A 303 13.59 -2.13 -33.35
CA MET A 303 13.97 -1.63 -32.03
C MET A 303 14.70 -0.29 -32.14
N ALA A 304 15.39 -0.05 -33.25
CA ALA A 304 15.88 1.28 -33.53
C ALA A 304 14.77 2.19 -34.04
N LYS A 305 13.88 1.64 -34.86
CA LYS A 305 13.03 2.44 -35.73
C LYS A 305 12.06 3.31 -34.93
N ALA A 306 11.55 2.76 -33.82
CA ALA A 306 10.62 3.48 -32.95
C ALA A 306 11.23 4.76 -32.41
N LEU A 307 12.54 4.70 -32.08
CA LEU A 307 13.23 5.88 -31.55
C LEU A 307 13.22 7.01 -32.55
N VAL A 308 13.32 6.68 -33.84
CA VAL A 308 13.15 7.66 -34.92
C VAL A 308 11.85 8.41 -34.74
N ALA A 309 10.75 7.65 -34.68
CA ALA A 309 9.44 8.22 -34.47
C ALA A 309 9.33 8.94 -33.13
N CYS A 310 10.06 8.48 -32.11
CA CYS A 310 10.01 9.14 -30.81
C CYS A 310 10.54 10.55 -30.91
N LYS A 311 11.63 10.76 -31.65
CA LYS A 311 12.07 12.13 -31.81
C LYS A 311 11.03 12.93 -32.57
N ILE A 312 10.43 12.33 -33.61
CA ILE A 312 9.66 13.11 -34.57
C ILE A 312 8.35 13.55 -33.96
N TYR A 313 7.64 12.64 -33.32
CA TYR A 313 6.54 13.08 -32.47
C TYR A 313 7.02 14.15 -31.51
N ARG A 314 8.06 13.82 -30.76
CA ARG A 314 8.59 14.73 -29.77
C ARG A 314 8.79 16.12 -30.33
N SER A 315 9.47 16.22 -31.46
CA SER A 315 9.71 17.53 -32.03
C SER A 315 8.44 18.23 -32.46
N MET A 316 7.45 17.49 -32.98
CA MET A 316 6.27 18.18 -33.48
C MET A 316 5.41 18.76 -32.38
N ALA A 317 5.44 18.18 -31.18
CA ALA A 317 4.95 18.91 -30.03
C ALA A 317 5.67 20.24 -29.90
N TYR A 318 7.01 20.19 -29.87
CA TYR A 318 7.87 21.33 -29.65
C TYR A 318 7.69 22.41 -30.71
N GLU A 319 7.87 22.06 -31.98
CA GLU A 319 7.61 22.98 -33.09
C GLU A 319 6.13 23.26 -33.27
N ALA A 320 5.25 22.55 -32.56
CA ALA A 320 3.84 22.89 -32.51
C ALA A 320 3.49 23.92 -31.46
N LYS A 321 4.42 24.26 -30.56
CA LYS A 321 4.09 25.25 -29.55
C LYS A 321 4.49 26.66 -30.00
N GLN A 322 5.56 26.78 -30.78
CA GLN A 322 5.92 28.07 -31.36
C GLN A 322 4.84 28.57 -32.32
N SER A 323 4.62 27.83 -33.41
CA SER A 323 3.65 28.22 -34.42
C SER A 323 2.67 27.07 -34.60
N ASP A 324 1.38 27.31 -34.35
CA ASP A 324 0.86 28.61 -33.93
C ASP A 324 0.37 28.57 -32.49
N SER A 330 -3.39 20.85 -29.21
CA SER A 330 -3.30 19.50 -29.75
C SER A 330 -1.99 18.84 -29.33
N GLU A 331 -0.97 19.69 -29.18
CA GLU A 331 0.41 19.23 -29.08
C GLU A 331 0.64 18.35 -27.85
N GLU A 332 -0.19 18.43 -26.84
CA GLU A 332 0.03 17.54 -25.70
C GLU A 332 0.17 16.05 -26.13
N LEU A 333 -0.55 15.62 -27.15
CA LEU A 333 -0.45 14.23 -27.64
C LEU A 333 0.96 13.87 -28.15
N LYS A 334 1.58 14.85 -28.80
CA LYS A 334 2.95 14.71 -29.31
C LYS A 334 3.91 14.53 -28.13
N GLN A 335 3.68 15.29 -27.06
CA GLN A 335 4.52 15.20 -25.86
C GLN A 335 4.26 13.85 -25.24
N TYR A 336 3.12 13.29 -25.60
CA TYR A 336 2.64 11.98 -25.18
C TYR A 336 3.13 10.94 -26.20
N SER A 337 4.11 11.33 -27.00
CA SER A 337 4.70 10.49 -28.03
C SER A 337 5.37 9.30 -27.37
N ASN A 338 5.55 9.39 -26.06
CA ASN A 338 6.18 8.34 -25.27
C ASN A 338 5.40 7.03 -25.34
N ASP A 339 4.11 7.10 -25.70
CA ASP A 339 3.32 5.88 -25.78
C ASP A 339 4.02 5.00 -26.81
N PHE A 340 4.47 5.61 -27.90
CA PHE A 340 5.24 4.90 -28.90
C PHE A 340 6.68 4.69 -28.48
N GLY A 341 7.16 5.45 -27.49
CA GLY A 341 8.55 5.34 -27.06
C GLY A 341 8.74 4.46 -25.86
N GLN A 342 7.64 4.02 -25.22
CA GLN A 342 7.76 3.00 -24.19
C GLN A 342 8.01 1.61 -24.76
N LEU A 343 7.91 1.46 -26.08
CA LEU A 343 8.14 0.17 -26.71
C LEU A 343 9.62 -0.19 -26.77
N ALA A 344 10.46 0.71 -27.24
CA ALA A 344 11.89 0.46 -27.37
C ALA A 344 12.57 0.22 -26.03
N VAL A 345 12.11 0.87 -24.96
CA VAL A 345 12.60 0.47 -23.65
C VAL A 345 12.48 -1.02 -23.47
N GLU A 346 11.25 -1.54 -23.60
CA GLU A 346 10.97 -2.94 -23.28
C GLU A 346 11.69 -3.88 -24.24
N LEU A 347 11.70 -3.54 -25.54
CA LEU A 347 12.46 -4.32 -26.51
C LEU A 347 13.95 -4.32 -26.23
N LEU A 348 14.47 -3.30 -25.56
CA LEU A 348 15.84 -3.43 -25.10
C LEU A 348 15.93 -4.42 -23.94
N GLU A 349 15.04 -4.29 -22.95
CA GLU A 349 15.07 -5.15 -21.78
C GLU A 349 14.77 -6.61 -22.14
N GLN A 350 13.84 -6.81 -23.07
CA GLN A 350 13.57 -8.17 -23.52
C GLN A 350 14.72 -8.70 -24.37
N SER A 351 15.49 -7.81 -25.00
CA SER A 351 16.72 -8.25 -25.64
C SER A 351 17.78 -8.55 -24.60
N PHE A 352 17.70 -7.90 -23.44
CA PHE A 352 18.72 -8.09 -22.42
C PHE A 352 18.55 -9.43 -21.73
N ARG A 353 17.32 -9.91 -21.60
CA ARG A 353 17.06 -11.05 -20.74
C ARG A 353 17.51 -12.35 -21.38
N GLN A 354 17.46 -12.45 -22.70
CA GLN A 354 17.75 -13.70 -23.37
C GLN A 354 18.81 -13.53 -24.45
N ASP A 355 19.90 -14.27 -24.28
CA ASP A 355 20.84 -14.71 -25.32
C ASP A 355 21.35 -13.58 -26.23
N GLU A 356 22.19 -12.68 -25.70
CA GLU A 356 22.80 -12.70 -24.37
C GLU A 356 23.01 -11.22 -24.06
N THR A 357 23.36 -10.91 -22.81
CA THR A 357 23.67 -9.54 -22.42
C THR A 357 24.79 -8.96 -23.27
N MET A 358 25.87 -9.71 -23.45
CA MET A 358 26.96 -9.32 -24.33
C MET A 358 26.57 -9.24 -25.79
N ALA A 359 25.43 -9.83 -26.17
CA ALA A 359 24.86 -9.59 -27.48
C ALA A 359 24.00 -8.34 -27.52
N MET A 360 23.28 -8.02 -26.44
CA MET A 360 22.34 -6.90 -26.47
C MET A 360 23.08 -5.57 -26.55
N LYS A 361 24.25 -5.48 -25.93
CA LYS A 361 25.11 -4.33 -26.10
C LYS A 361 25.56 -4.16 -27.54
N LEU A 362 25.68 -5.27 -28.27
CA LEU A 362 25.99 -5.22 -29.69
C LEU A 362 24.89 -4.57 -30.51
N LEU A 363 23.68 -4.41 -29.95
CA LEU A 363 22.70 -3.56 -30.60
C LEU A 363 23.15 -2.11 -30.67
N THR A 364 23.70 -1.58 -29.59
CA THR A 364 24.05 -0.17 -29.48
C THR A 364 25.58 -0.09 -29.36
N TYR A 365 26.26 0.15 -30.48
CA TYR A 365 25.65 0.60 -31.73
C TYR A 365 25.52 -0.48 -32.78
N GLU A 366 24.68 -0.20 -33.75
CA GLU A 366 24.72 -0.84 -35.05
C GLU A 366 25.37 0.17 -35.99
N LEU A 367 25.38 -0.07 -37.31
CA LEU A 367 26.30 0.68 -38.17
C LEU A 367 25.87 2.13 -38.43
N LYS A 368 24.72 2.41 -39.07
CA LYS A 368 23.46 1.68 -39.21
C LYS A 368 22.81 2.25 -40.48
N ASN A 369 21.53 1.97 -40.74
CA ASN A 369 20.72 2.81 -41.61
C ASN A 369 20.22 3.98 -40.75
N TRP A 370 19.30 4.80 -41.28
CA TRP A 370 19.02 6.16 -40.79
C TRP A 370 20.34 6.92 -40.65
N SER A 371 21.11 6.86 -41.73
CA SER A 371 22.57 6.92 -41.68
C SER A 371 23.08 8.30 -41.28
N ASN A 372 24.07 8.33 -40.39
CA ASN A 372 24.56 7.15 -39.65
C ASN A 372 24.45 7.43 -38.17
N SER A 373 23.59 6.69 -37.48
CA SER A 373 23.39 6.94 -36.06
C SER A 373 23.57 5.65 -35.29
N THR A 374 24.32 5.74 -34.20
CA THR A 374 24.27 4.82 -33.08
C THR A 374 22.83 4.75 -32.59
N CYS A 375 22.35 3.53 -32.30
CA CYS A 375 20.99 3.35 -31.80
C CYS A 375 20.76 4.14 -30.52
N LEU A 376 21.78 4.25 -29.68
CA LEU A 376 21.68 5.10 -28.51
C LEU A 376 21.65 6.58 -28.90
N LYS A 377 22.49 7.00 -29.85
CA LYS A 377 22.46 8.40 -30.24
C LYS A 377 21.28 8.65 -31.16
N LEU A 378 20.21 9.23 -30.61
CA LEU A 378 18.83 8.92 -30.97
C LEU A 378 18.59 7.44 -30.65
N ALA A 379 18.36 7.18 -29.36
CA ALA A 379 17.64 8.13 -28.48
C ALA A 379 18.42 8.93 -27.45
N VAL A 380 18.98 10.06 -27.87
CA VAL A 380 19.45 11.10 -26.97
C VAL A 380 18.89 12.47 -27.31
N SER A 381 18.64 12.76 -28.59
CA SER A 381 17.97 14.00 -28.99
C SER A 381 16.56 14.06 -28.41
N SER A 382 15.89 12.92 -28.35
CA SER A 382 14.91 12.64 -27.32
C SER A 382 15.66 11.84 -26.28
N ARG A 383 15.72 12.32 -25.04
CA ARG A 383 14.71 13.20 -24.49
C ARG A 383 15.27 14.58 -24.19
N ARG A 385 13.89 9.79 -20.37
CA ARG A 385 15.14 9.46 -19.69
C ARG A 385 15.45 7.95 -19.66
N PRO A 386 14.47 7.06 -19.53
CA PRO A 386 14.67 5.70 -20.06
C PRO A 386 14.63 5.79 -21.57
N PHE A 387 15.39 4.93 -22.26
CA PHE A 387 16.10 3.77 -21.71
C PHE A 387 17.56 4.05 -21.39
N VAL A 388 17.95 5.32 -21.51
CA VAL A 388 19.31 5.72 -21.15
C VAL A 388 19.56 5.43 -19.69
N ALA A 389 18.56 5.62 -18.84
CA ALA A 389 18.63 5.28 -17.43
C ALA A 389 18.35 3.81 -17.18
N HIS A 390 17.92 3.07 -18.19
CA HIS A 390 17.76 1.65 -18.04
C HIS A 390 19.12 1.00 -17.92
N THR A 391 19.17 -0.11 -17.17
CA THR A 391 20.43 -0.62 -16.61
C THR A 391 21.42 -1.02 -17.68
N CYS A 392 20.90 -1.45 -18.84
CA CYS A 392 21.71 -2.11 -19.87
C CYS A 392 22.74 -1.16 -20.46
N THR A 393 22.28 -0.04 -21.03
CA THR A 393 23.20 0.99 -21.46
C THR A 393 23.95 1.58 -20.28
N GLN A 394 23.33 1.58 -19.09
CA GLN A 394 24.06 1.95 -17.88
C GLN A 394 25.23 1.02 -17.64
N MET A 395 25.04 -0.28 -17.85
CA MET A 395 26.19 -1.16 -17.78
C MET A 395 27.17 -0.87 -18.91
N LEU A 396 26.67 -0.49 -20.08
CA LEU A 396 27.56 -0.16 -21.18
C LEU A 396 28.26 1.16 -20.90
N LEU A 397 27.59 2.09 -20.22
CA LEU A 397 28.28 3.28 -19.76
C LEU A 397 29.15 2.99 -18.55
N SER A 398 29.06 1.80 -17.98
CA SER A 398 30.02 1.31 -17.02
C SER A 398 31.12 0.50 -17.69
N ASP A 399 31.15 0.45 -19.02
CA ASP A 399 32.25 -0.21 -19.69
C ASP A 399 32.95 0.64 -20.73
N MET A 400 32.22 1.54 -21.42
CA MET A 400 32.90 2.62 -22.14
C MET A 400 33.71 3.48 -21.19
N TRP A 401 33.20 3.66 -19.97
CA TRP A 401 33.98 4.13 -18.84
C TRP A 401 35.25 3.34 -18.64
N MET A 402 35.17 2.01 -18.65
CA MET A 402 36.32 1.19 -18.32
C MET A 402 37.32 1.09 -19.47
N GLY A 403 36.84 0.86 -20.68
CA GLY A 403 37.75 0.83 -21.82
C GLY A 403 38.39 -0.53 -22.02
N ARG A 404 39.62 -0.67 -21.54
CA ARG A 404 40.34 -1.94 -21.60
C ARG A 404 40.70 -2.49 -20.23
N LEU A 405 40.48 -1.73 -19.15
CA LEU A 405 41.28 -1.91 -17.95
C LEU A 405 40.77 -3.04 -17.06
N ASN A 406 39.55 -2.90 -16.53
CA ASN A 406 39.06 -3.72 -15.44
C ASN A 406 38.90 -5.19 -15.86
N MET A 407 39.14 -6.12 -14.91
CA MET A 407 39.59 -5.85 -13.54
C MET A 407 40.74 -6.75 -13.12
N TRP A 412 40.19 -1.80 -8.76
CA TRP A 412 39.76 -0.93 -7.67
C TRP A 412 40.41 0.44 -7.81
N TYR A 413 39.81 1.45 -7.16
CA TYR A 413 40.30 2.81 -7.25
C TYR A 413 41.69 2.95 -6.64
N LYS A 414 41.97 2.18 -5.57
CA LYS A 414 43.30 2.07 -4.99
C LYS A 414 44.31 1.60 -6.02
N VAL A 415 43.91 0.74 -6.94
CA VAL A 415 44.74 0.40 -8.07
C VAL A 415 44.95 1.62 -8.97
N ILE A 416 43.85 2.22 -9.42
CA ILE A 416 43.88 3.23 -10.49
C ILE A 416 44.64 4.49 -10.12
N LEU A 417 44.36 5.06 -8.94
CA LEU A 417 45.08 6.20 -8.42
C LEU A 417 46.56 5.90 -8.21
N SER A 418 46.92 4.64 -7.92
CA SER A 418 48.32 4.30 -7.70
C SER A 418 49.13 4.38 -8.98
N ILE A 419 48.65 3.72 -10.04
CA ILE A 419 49.34 3.59 -11.33
C ILE A 419 49.62 4.96 -11.93
N LEU A 420 48.79 5.94 -11.60
CA LEU A 420 48.97 7.29 -12.11
C LEU A 420 50.29 7.90 -11.66
N VAL A 421 50.72 7.63 -10.42
CA VAL A 421 51.90 8.35 -9.97
C VAL A 421 53.18 7.69 -10.48
N PRO A 422 53.48 6.38 -10.32
CA PRO A 422 54.52 5.80 -11.20
C PRO A 422 53.93 5.18 -12.46
N PRO A 423 54.25 5.73 -13.63
CA PRO A 423 53.82 5.10 -14.89
C PRO A 423 54.45 3.73 -15.12
N ALA A 424 55.61 3.47 -14.52
CA ALA A 424 56.21 2.15 -14.59
C ALA A 424 55.44 1.10 -13.78
N ILE A 425 54.41 1.51 -13.04
CA ILE A 425 53.49 0.55 -12.43
C ILE A 425 52.39 0.11 -13.38
N LEU A 426 52.44 0.48 -14.66
CA LEU A 426 51.31 0.18 -15.54
C LEU A 426 51.39 -1.23 -16.12
N MET A 427 52.49 -1.93 -15.91
CA MET A 427 52.64 -3.27 -16.43
C MET A 427 51.93 -4.33 -15.61
N LEU A 428 51.30 -3.95 -14.50
CA LEU A 428 50.75 -4.94 -13.57
C LEU A 428 49.32 -4.60 -13.15
N GLU A 429 48.45 -4.34 -14.12
CA GLU A 429 47.05 -4.03 -13.81
C GLU A 429 46.06 -4.89 -14.59
N TYR A 430 46.56 -5.89 -15.34
CA TYR A 430 45.81 -6.56 -16.42
C TYR A 430 45.17 -5.54 -17.34
N LYS A 431 46.01 -4.68 -17.94
CA LYS A 431 45.57 -3.42 -18.53
C LYS A 431 44.67 -3.60 -19.73
N THR A 432 44.72 -4.74 -20.40
CA THR A 432 43.83 -5.05 -21.50
C THR A 432 43.11 -6.35 -21.21
N LYS A 433 41.91 -6.50 -21.78
CA LYS A 433 41.24 -7.78 -21.79
C LYS A 433 41.45 -8.47 -23.14
N ALA A 434 40.79 -9.60 -23.31
CA ALA A 434 40.75 -10.23 -24.63
C ALA A 434 40.00 -9.32 -25.59
N GLU A 435 40.50 -9.24 -26.83
CA GLU A 435 39.92 -8.32 -27.82
C GLU A 435 38.50 -8.73 -28.19
N MET A 436 38.23 -10.04 -28.18
CA MET A 436 36.86 -10.52 -28.36
C MET A 436 35.97 -10.09 -27.20
N SER A 437 36.53 -10.04 -25.99
CA SER A 437 35.80 -9.47 -24.87
C SER A 437 35.70 -7.96 -24.96
N HIS A 438 36.49 -7.31 -25.81
CA HIS A 438 36.42 -5.88 -26.00
C HIS A 438 35.48 -5.49 -27.14
N ILE A 439 34.54 -6.36 -27.48
CA ILE A 439 33.55 -6.03 -28.49
C ILE A 439 32.27 -5.47 -27.90
N PRO A 440 32.07 -5.60 -26.58
CA PRO A 440 30.88 -5.06 -25.94
C PRO A 440 30.93 -3.54 -25.89
N GLN A 441 32.12 -2.96 -25.90
CA GLN A 441 32.24 -1.50 -25.84
C GLN A 441 32.07 -0.91 -27.23
N SER A 442 32.29 0.40 -27.33
CA SER A 442 32.23 1.11 -28.58
C SER A 442 33.55 1.69 -29.02
N GLN A 443 34.62 1.49 -28.24
CA GLN A 443 35.90 2.12 -28.53
C GLN A 443 36.71 1.26 -29.49
N ASP A 444 37.48 1.89 -30.39
CA ASP A 444 37.59 3.35 -30.58
C ASP A 444 37.71 3.69 -32.06
N ALA A 445 38.04 4.94 -32.35
CA ALA A 445 38.31 5.32 -33.73
C ALA A 445 39.69 4.84 -34.17
N HIS A 446 40.59 4.63 -33.21
CA HIS A 446 41.93 4.13 -33.49
C HIS A 446 42.20 2.96 -32.55
N GLN A 447 41.84 1.76 -32.96
CA GLN A 447 42.06 0.57 -32.15
C GLN A 447 42.24 -0.66 -33.03
N ARG A 497 53.02 0.96 -26.86
CA ARG A 497 52.43 -0.19 -26.17
C ARG A 497 51.07 0.16 -25.59
N LYS A 498 50.64 -0.65 -24.62
CA LYS A 498 49.34 -0.58 -23.96
C LYS A 498 49.11 0.71 -23.20
N PHE A 499 50.18 1.48 -22.93
CA PHE A 499 50.06 2.87 -22.48
C PHE A 499 49.06 3.66 -23.34
N TYR A 500 49.12 3.47 -24.67
CA TYR A 500 48.24 4.22 -25.57
C TYR A 500 46.78 3.84 -25.39
N ALA A 501 46.52 2.66 -24.84
CA ALA A 501 45.20 2.42 -24.28
C ALA A 501 45.04 3.10 -22.92
N PHE A 502 45.96 2.83 -22.00
CA PHE A 502 45.81 3.32 -20.64
C PHE A 502 45.48 4.81 -20.62
N TYR A 503 46.31 5.63 -21.28
CA TYR A 503 46.12 7.08 -21.25
C TYR A 503 45.03 7.57 -22.18
N HIS A 504 44.38 6.69 -22.93
CA HIS A 504 43.11 7.02 -23.55
C HIS A 504 41.94 6.42 -22.80
N ALA A 505 42.18 5.77 -21.68
CA ALA A 505 41.08 5.23 -20.91
C ALA A 505 40.40 6.36 -20.13
N PRO A 506 39.09 6.52 -20.30
CA PRO A 506 38.39 7.63 -19.61
C PRO A 506 38.70 7.72 -18.13
N ILE A 507 38.71 6.59 -17.41
CA ILE A 507 38.91 6.56 -15.95
C ILE A 507 40.22 7.24 -15.57
N VAL A 508 41.31 6.82 -16.20
CA VAL A 508 42.60 7.45 -15.96
C VAL A 508 42.56 8.91 -16.39
N LYS A 509 41.90 9.21 -17.50
CA LYS A 509 41.62 10.62 -17.75
C LYS A 509 41.05 11.27 -16.50
N PHE A 510 39.90 10.76 -16.04
CA PHE A 510 39.07 11.48 -15.07
C PHE A 510 39.78 11.67 -13.74
N TRP A 511 40.21 10.56 -13.13
CA TRP A 511 41.05 10.57 -11.94
C TRP A 511 42.24 11.50 -12.11
N PHE A 512 42.89 11.42 -13.27
CA PHE A 512 44.07 12.25 -13.49
C PHE A 512 43.67 13.71 -13.62
N ASN A 513 42.52 13.97 -14.25
CA ASN A 513 41.96 15.31 -14.23
C ASN A 513 41.59 15.71 -12.81
N THR A 514 41.05 14.79 -12.03
CA THR A 514 40.75 15.10 -10.65
C THR A 514 41.89 14.74 -9.71
N LEU A 515 43.12 14.61 -10.21
CA LEU A 515 44.19 14.81 -9.24
C LEU A 515 44.78 16.20 -9.38
N ALA A 516 45.11 16.57 -10.62
CA ALA A 516 45.60 17.90 -10.94
C ALA A 516 44.67 18.99 -10.45
N TYR A 517 43.36 18.82 -10.69
CA TYR A 517 42.38 19.78 -10.18
C TYR A 517 42.46 19.91 -8.67
N LEU A 518 42.64 18.79 -7.95
CA LEU A 518 42.73 18.89 -6.50
C LEU A 518 44.00 19.63 -6.10
N GLY A 519 45.09 19.40 -6.82
CA GLY A 519 46.28 20.20 -6.60
C GLY A 519 46.02 21.66 -6.87
N PHE A 520 45.20 21.93 -7.90
CA PHE A 520 44.79 23.29 -8.20
C PHE A 520 44.01 23.92 -7.06
N LEU A 521 43.21 23.11 -6.35
CA LEU A 521 42.63 23.63 -5.14
C LEU A 521 43.72 24.02 -4.15
N MET A 522 44.60 23.07 -3.84
CA MET A 522 45.47 23.21 -2.68
C MET A 522 46.49 24.29 -2.91
N LEU A 523 47.16 24.26 -4.06
CA LEU A 523 47.95 25.41 -4.46
C LEU A 523 47.12 26.69 -4.38
N TYR A 524 45.91 26.69 -4.97
CA TYR A 524 45.15 27.91 -5.15
C TYR A 524 44.74 28.54 -3.82
N THR A 525 44.17 27.73 -2.92
CA THR A 525 43.89 28.19 -1.57
C THR A 525 45.16 28.65 -0.86
N PHE A 526 46.27 27.96 -1.08
CA PHE A 526 47.52 28.36 -0.44
C PHE A 526 48.06 29.67 -1.02
N VAL A 527 47.57 30.08 -2.20
CA VAL A 527 47.89 31.41 -2.70
C VAL A 527 47.05 32.45 -1.98
N VAL A 528 45.78 32.15 -1.71
CA VAL A 528 44.85 33.17 -1.28
C VAL A 528 45.07 33.49 0.20
N LEU A 529 45.43 32.49 0.98
CA LEU A 529 45.48 32.65 2.43
C LEU A 529 46.67 33.47 2.90
N VAL A 530 47.76 33.51 2.16
CA VAL A 530 49.04 34.01 2.66
C VAL A 530 49.61 35.02 1.67
N LYS A 531 49.73 36.28 2.09
CA LYS A 531 50.67 37.26 1.54
C LYS A 531 50.53 37.52 0.05
N MET A 532 49.50 38.24 -0.37
CA MET A 532 49.26 38.52 -1.79
C MET A 532 50.22 39.60 -2.36
N GLU A 533 51.29 39.95 -1.64
CA GLU A 533 52.25 40.94 -2.08
C GLU A 533 53.53 40.30 -2.60
N GLN A 534 54.27 40.98 -3.51
CA GLN A 534 53.89 42.02 -4.51
C GLN A 534 55.04 42.02 -5.50
N LEU A 535 54.78 41.81 -6.79
CA LEU A 535 53.55 41.23 -7.32
C LEU A 535 53.34 39.69 -7.44
N PRO A 536 54.33 38.90 -7.94
CA PRO A 536 53.98 37.77 -8.83
C PRO A 536 53.03 36.66 -8.28
N SER A 537 53.19 36.05 -7.10
CA SER A 537 54.27 36.14 -6.12
C SER A 537 55.31 35.07 -6.43
N VAL A 538 54.93 33.80 -6.26
CA VAL A 538 55.72 32.67 -6.75
C VAL A 538 54.84 31.68 -7.51
N GLN A 539 53.80 31.20 -6.83
CA GLN A 539 53.09 29.99 -7.18
C GLN A 539 51.69 30.26 -7.68
N GLU A 540 51.27 31.52 -7.67
CA GLU A 540 50.05 31.93 -8.34
C GLU A 540 50.10 31.65 -9.84
N TRP A 541 51.29 31.77 -10.45
CA TRP A 541 51.49 31.54 -11.88
C TRP A 541 51.14 30.13 -12.31
N ILE A 542 51.37 29.13 -11.47
CA ILE A 542 50.79 27.82 -11.74
C ILE A 542 49.31 27.96 -12.05
N VAL A 543 48.58 28.57 -11.11
CA VAL A 543 47.14 28.85 -11.23
C VAL A 543 46.82 29.61 -12.51
N ILE A 544 47.64 30.62 -12.82
CA ILE A 544 47.43 31.44 -14.03
C ILE A 544 47.58 30.57 -15.27
N ALA A 545 48.46 29.57 -15.23
CA ALA A 545 48.56 28.64 -16.34
C ALA A 545 47.33 27.74 -16.41
N TYR A 546 46.83 27.31 -15.24
CA TYR A 546 45.70 26.38 -15.21
C TYR A 546 44.44 27.02 -15.75
N ILE A 547 44.06 28.17 -15.19
CA ILE A 547 42.87 28.86 -15.66
C ILE A 547 43.09 29.44 -17.04
N PHE A 548 44.26 30.01 -17.29
CA PHE A 548 44.52 30.57 -18.61
C PHE A 548 44.28 29.52 -19.70
N THR A 549 45.09 28.46 -19.70
CA THR A 549 45.00 27.43 -20.72
C THR A 549 43.69 26.65 -20.66
N TYR A 550 43.14 26.49 -19.45
CA TYR A 550 41.82 25.92 -19.23
C TYR A 550 40.76 26.68 -20.02
N ALA A 551 40.89 28.02 -20.07
CA ALA A 551 39.95 28.81 -20.84
C ALA A 551 40.08 28.53 -22.33
N ILE A 552 41.32 28.30 -22.79
CA ILE A 552 41.52 27.88 -24.17
C ILE A 552 40.97 26.48 -24.37
N GLU A 553 40.96 25.68 -23.29
CA GLU A 553 40.28 24.39 -23.30
C GLU A 553 38.78 24.55 -23.52
N LYS A 554 38.21 25.68 -23.12
CA LYS A 554 36.79 25.93 -23.35
C LYS A 554 36.47 26.25 -24.80
N VAL A 555 37.50 26.44 -25.64
CA VAL A 555 37.28 26.36 -27.08
C VAL A 555 36.83 24.97 -27.50
N ARG A 556 37.44 23.94 -26.93
CA ARG A 556 37.31 22.55 -27.36
C ARG A 556 35.91 21.97 -27.18
N GLU A 557 35.08 22.55 -26.32
CA GLU A 557 33.71 22.06 -26.22
C GLU A 557 32.80 22.57 -27.32
N VAL A 558 33.25 23.53 -28.13
CA VAL A 558 32.43 23.95 -29.26
C VAL A 558 33.20 23.71 -30.54
N PHE A 559 34.37 24.35 -30.66
CA PHE A 559 35.16 24.23 -31.87
C PHE A 559 36.66 24.37 -31.56
N GLN A 568 23.86 28.13 -33.96
CA GLN A 568 25.10 28.00 -33.22
C GLN A 568 24.94 27.05 -32.03
N LYS A 569 26.05 26.46 -31.61
CA LYS A 569 26.07 25.47 -30.54
C LYS A 569 26.37 26.07 -29.18
N ILE A 570 26.26 27.39 -29.05
CA ILE A 570 26.53 28.05 -27.78
C ILE A 570 25.39 27.78 -26.80
N LYS A 571 24.18 27.55 -27.32
CA LYS A 571 22.97 27.40 -26.50
C LYS A 571 23.02 26.19 -25.57
N VAL A 572 23.87 25.21 -25.88
CA VAL A 572 23.98 24.04 -25.02
C VAL A 572 25.08 24.26 -23.98
N TRP A 573 26.06 25.11 -24.30
CA TRP A 573 27.21 25.27 -23.42
C TRP A 573 26.84 26.08 -22.16
N PHE A 574 25.81 26.91 -22.26
CA PHE A 574 25.21 27.54 -21.09
C PHE A 574 24.00 26.77 -20.57
N SER A 575 23.88 25.48 -20.88
CA SER A 575 22.66 24.76 -20.55
C SER A 575 22.77 23.98 -19.25
N ASP A 576 23.98 23.79 -18.74
CA ASP A 576 24.17 23.07 -17.48
C ASP A 576 24.57 24.03 -16.37
N TYR A 577 24.06 23.76 -15.16
CA TYR A 577 24.18 24.70 -14.07
C TYR A 577 25.56 24.74 -13.42
N PHE A 578 26.53 23.96 -13.91
CA PHE A 578 27.90 24.12 -13.48
C PHE A 578 28.71 24.98 -14.43
N ASN A 579 28.49 24.82 -15.74
CA ASN A 579 29.34 25.47 -16.74
C ASN A 579 29.21 26.99 -16.68
N VAL A 580 27.99 27.49 -16.44
CA VAL A 580 27.77 28.91 -16.18
C VAL A 580 28.59 29.36 -14.98
N SER A 581 28.60 28.57 -13.91
CA SER A 581 29.42 28.89 -12.75
C SER A 581 30.91 28.82 -13.09
N ASP A 582 31.29 27.96 -14.04
CA ASP A 582 32.66 28.02 -14.48
C ASP A 582 32.97 29.37 -15.11
N THR A 583 32.05 29.89 -15.94
CA THR A 583 32.32 31.10 -16.70
C THR A 583 32.46 32.31 -15.80
N ILE A 584 31.53 32.46 -14.84
CA ILE A 584 31.65 33.46 -13.78
C ILE A 584 32.95 33.27 -13.02
N ALA A 585 33.36 32.02 -12.80
CA ALA A 585 34.68 31.73 -12.24
C ALA A 585 35.78 32.21 -13.17
N ILE A 586 35.70 31.86 -14.46
CA ILE A 586 36.77 32.23 -15.37
C ILE A 586 36.88 33.74 -15.48
N ILE A 587 35.77 34.40 -15.83
CA ILE A 587 35.77 35.84 -16.10
C ILE A 587 36.16 36.63 -14.85
N SER A 588 35.59 36.24 -13.69
CA SER A 588 35.95 36.86 -12.42
C SER A 588 37.44 36.69 -12.12
N PHE A 589 38.01 35.55 -12.50
CA PHE A 589 39.44 35.40 -12.29
C PHE A 589 40.20 36.45 -13.08
N PHE A 590 39.79 36.70 -14.32
CA PHE A 590 40.54 37.65 -15.13
C PHE A 590 40.19 39.09 -14.83
N VAL A 591 39.01 39.35 -14.24
CA VAL A 591 38.80 40.61 -13.53
C VAL A 591 39.85 40.77 -12.46
N GLY A 592 40.19 39.68 -11.77
CA GLY A 592 41.33 39.58 -10.85
C GLY A 592 42.67 40.01 -11.42
N PHE A 593 42.83 40.16 -12.73
CA PHE A 593 44.04 40.77 -13.26
C PHE A 593 43.81 42.16 -13.82
N GLY A 594 42.59 42.46 -14.27
CA GLY A 594 42.29 43.82 -14.74
C GLY A 594 42.40 44.82 -13.62
N LEU A 595 42.00 44.41 -12.43
CA LEU A 595 42.57 44.84 -11.17
C LEU A 595 42.96 43.54 -10.50
N ARG A 596 44.26 43.29 -10.33
CA ARG A 596 45.28 44.33 -10.13
C ARG A 596 46.55 44.27 -10.97
N PHE A 597 46.76 43.19 -11.73
CA PHE A 597 48.04 43.02 -12.43
C PHE A 597 48.19 44.03 -13.56
N GLY A 598 47.07 44.54 -14.08
CA GLY A 598 47.11 45.71 -14.95
C GLY A 598 47.03 47.01 -14.14
N ALA A 599 47.81 47.07 -13.07
CA ALA A 599 47.84 48.19 -12.14
C ALA A 599 49.11 48.09 -11.30
N LYS A 600 49.39 49.15 -10.55
CA LYS A 600 50.59 49.23 -9.72
C LYS A 600 50.36 50.19 -8.56
N TRP A 601 50.48 49.66 -7.34
CA TRP A 601 50.67 50.51 -6.17
C TRP A 601 52.02 51.22 -6.30
N ASN A 602 52.08 52.58 -6.19
CA ASN A 602 51.19 53.65 -5.66
C ASN A 602 50.71 53.47 -4.22
N TYR A 603 51.39 52.56 -3.51
CA TYR A 603 51.32 52.44 -2.06
C TYR A 603 52.56 51.67 -1.61
N ILE A 604 53.53 52.37 -1.01
CA ILE A 604 54.78 51.71 -0.67
C ILE A 604 54.67 50.98 0.67
N ASN A 605 53.81 51.47 1.55
CA ASN A 605 53.69 50.95 2.90
C ASN A 605 52.46 50.05 2.98
N ALA A 606 52.71 48.73 3.02
CA ALA A 606 51.78 47.64 3.34
C ALA A 606 50.68 47.41 2.29
N TYR A 607 50.59 48.23 1.24
CA TYR A 607 49.58 48.12 0.16
C TYR A 607 48.17 48.01 0.71
N ASP A 608 47.71 49.08 1.35
CA ASP A 608 46.58 49.02 2.27
C ASP A 608 45.24 48.63 1.63
N ASN A 609 44.75 49.19 0.50
CA ASN A 609 45.11 50.41 -0.24
C ASN A 609 43.82 50.98 -0.77
N HIS A 610 43.90 52.00 -1.63
CA HIS A 610 42.70 52.44 -2.34
C HIS A 610 42.35 51.45 -3.43
N VAL A 611 43.36 50.80 -4.00
CA VAL A 611 43.18 49.72 -4.96
C VAL A 611 43.71 48.45 -4.34
N PHE A 612 43.81 47.42 -5.18
CA PHE A 612 44.40 46.09 -4.94
C PHE A 612 43.59 45.21 -3.98
N VAL A 613 42.73 45.81 -3.17
CA VAL A 613 42.01 45.02 -2.19
C VAL A 613 40.77 44.42 -2.82
N ALA A 614 40.17 45.14 -3.77
CA ALA A 614 39.18 44.54 -4.64
C ALA A 614 39.80 43.54 -5.59
N GLY A 615 41.13 43.57 -5.76
CA GLY A 615 41.78 42.49 -6.45
C GLY A 615 41.75 41.26 -5.57
N ARG A 616 41.98 41.48 -4.28
CA ARG A 616 42.14 40.36 -3.37
C ARG A 616 40.79 39.74 -3.01
N LEU A 617 39.81 40.56 -2.62
CA LEU A 617 38.53 40.06 -2.14
C LEU A 617 37.75 39.31 -3.19
N ILE A 618 37.61 39.88 -4.38
CA ILE A 618 37.10 39.14 -5.53
C ILE A 618 38.01 37.96 -5.81
N TYR A 619 39.32 38.15 -5.65
CA TYR A 619 40.26 37.05 -5.77
C TYR A 619 40.05 36.03 -4.65
N CYS A 620 39.45 36.45 -3.53
CA CYS A 620 38.91 35.50 -2.56
C CYS A 620 37.60 34.90 -3.02
N LEU A 621 36.65 35.73 -3.46
CA LEU A 621 35.30 35.22 -3.72
C LEU A 621 35.20 34.43 -5.01
N ASN A 622 36.31 34.11 -5.65
CA ASN A 622 36.34 33.21 -6.77
C ASN A 622 36.55 31.77 -6.34
N ILE A 623 37.07 31.55 -5.12
CA ILE A 623 37.33 30.21 -4.58
C ILE A 623 36.07 29.35 -4.59
N ILE A 624 34.96 29.93 -4.14
CA ILE A 624 33.65 29.30 -4.19
C ILE A 624 33.31 28.81 -5.60
N PHE A 625 33.52 29.67 -6.60
CA PHE A 625 33.13 29.22 -7.93
C PHE A 625 34.22 28.39 -8.58
N TRP A 626 35.35 28.16 -7.91
CA TRP A 626 36.22 27.06 -8.28
C TRP A 626 36.14 25.93 -7.30
N TYR A 627 35.04 25.80 -6.58
CA TYR A 627 34.95 24.74 -5.60
C TYR A 627 33.72 23.88 -5.81
N VAL A 628 32.63 24.50 -6.25
CA VAL A 628 31.39 23.78 -6.48
C VAL A 628 31.51 22.90 -7.73
N ARG A 629 32.51 23.18 -8.56
CA ARG A 629 32.92 22.26 -9.63
C ARG A 629 33.32 20.90 -9.09
N LEU A 630 33.82 20.85 -7.84
CA LEU A 630 34.05 19.58 -7.16
C LEU A 630 32.81 18.71 -7.07
N LEU A 631 31.63 19.31 -6.93
CA LEU A 631 30.41 18.52 -6.98
C LEU A 631 30.23 17.84 -8.32
N ASP A 632 30.62 18.50 -9.42
CA ASP A 632 30.66 17.83 -10.71
C ASP A 632 31.75 16.76 -10.72
N PHE A 633 32.80 16.94 -9.94
CA PHE A 633 33.77 15.86 -9.76
C PHE A 633 33.39 14.92 -8.64
N LEU A 634 32.21 15.08 -8.03
CA LEU A 634 31.77 14.17 -6.99
C LEU A 634 30.46 13.50 -7.32
N ALA A 635 29.68 14.04 -8.24
CA ALA A 635 28.49 13.36 -8.75
C ALA A 635 28.83 12.44 -9.90
N VAL A 636 29.77 11.52 -9.68
CA VAL A 636 30.24 10.61 -10.72
C VAL A 636 30.13 9.16 -10.31
N ASN A 637 29.78 8.88 -9.06
CA ASN A 637 29.57 7.52 -8.60
C ASN A 637 28.13 7.29 -8.19
N GLN A 638 27.79 6.00 -8.05
CA GLN A 638 26.41 5.55 -8.03
C GLN A 638 25.66 5.98 -6.79
N GLN A 639 26.38 6.35 -5.73
CA GLN A 639 25.72 6.68 -4.48
C GLN A 639 25.62 8.19 -4.31
N ALA A 640 26.71 8.90 -4.52
CA ALA A 640 26.69 10.33 -4.28
C ALA A 640 26.03 11.11 -5.40
N GLY A 641 26.07 10.58 -6.62
CA GLY A 641 25.43 11.17 -7.79
C GLY A 641 24.02 11.73 -7.64
N PRO A 642 23.07 10.90 -7.19
CA PRO A 642 21.71 11.41 -6.95
C PRO A 642 21.67 12.48 -5.87
N TYR A 643 22.28 12.23 -4.73
CA TYR A 643 22.33 13.26 -3.70
C TYR A 643 22.76 14.59 -4.29
N VAL A 644 23.90 14.62 -4.99
CA VAL A 644 24.49 15.88 -5.44
C VAL A 644 23.63 16.54 -6.50
N MET A 645 23.08 15.75 -7.43
CA MET A 645 22.14 16.31 -8.38
C MET A 645 20.70 16.22 -7.88
N MET A 646 20.52 16.28 -6.56
CA MET A 646 19.21 16.25 -5.94
C MET A 646 18.86 17.56 -5.26
N ILE A 647 19.84 18.22 -4.64
CA ILE A 647 19.66 19.49 -3.97
C ILE A 647 19.12 20.54 -4.93
N GLY A 648 19.66 20.60 -6.14
CA GLY A 648 19.16 21.51 -7.16
C GLY A 648 17.77 21.17 -7.68
N LYS A 649 17.28 19.97 -7.40
CA LYS A 649 15.91 19.63 -7.73
C LYS A 649 15.03 19.66 -6.47
N MET A 650 15.54 20.20 -5.37
CA MET A 650 14.74 20.33 -4.16
C MET A 650 14.71 21.74 -3.58
N VAL A 651 15.83 22.47 -3.65
CA VAL A 651 15.86 23.89 -3.30
C VAL A 651 14.88 24.67 -4.16
N ALA A 652 14.88 24.41 -5.46
CA ALA A 652 13.91 25.02 -6.36
C ALA A 652 12.49 24.52 -6.11
N ASN A 653 12.31 23.47 -5.31
CA ASN A 653 10.99 23.09 -4.87
C ASN A 653 10.62 23.69 -3.53
N MET A 654 11.59 24.16 -2.73
CA MET A 654 11.27 24.68 -1.41
C MET A 654 11.11 26.19 -1.38
N PHE A 655 11.26 26.84 -2.54
CA PHE A 655 11.46 28.29 -2.62
C PHE A 655 10.31 29.07 -2.00
N TYR A 656 9.09 28.67 -2.28
CA TYR A 656 7.94 29.38 -1.74
C TYR A 656 7.78 29.21 -0.23
N ILE A 657 8.36 28.16 0.36
CA ILE A 657 8.36 28.12 1.81
C ILE A 657 9.37 29.12 2.34
N VAL A 658 10.52 29.23 1.68
CA VAL A 658 11.63 30.02 2.21
C VAL A 658 11.29 31.49 2.24
N VAL A 659 10.52 31.96 1.24
CA VAL A 659 9.99 33.31 1.19
C VAL A 659 9.20 33.63 2.47
N ILE A 660 8.41 32.67 2.93
CA ILE A 660 7.63 32.86 4.15
C ILE A 660 8.55 33.00 5.35
N MET A 661 9.67 32.26 5.36
CA MET A 661 10.77 32.52 6.29
C MET A 661 11.18 33.98 6.26
N ALA A 662 11.55 34.46 5.07
CA ALA A 662 11.84 35.88 4.95
C ALA A 662 10.69 36.75 5.41
N LEU A 663 9.46 36.36 5.11
CA LEU A 663 8.36 37.31 5.21
C LEU A 663 8.02 37.59 6.65
N VAL A 664 7.84 36.53 7.45
CA VAL A 664 7.77 36.64 8.91
C VAL A 664 9.03 37.25 9.47
N LEU A 665 10.19 37.01 8.82
CA LEU A 665 11.45 37.63 9.26
C LEU A 665 11.36 39.15 9.20
N LEU A 666 10.68 39.68 8.19
CA LEU A 666 10.58 41.14 8.20
C LEU A 666 9.65 41.61 9.32
N SER A 667 8.63 40.83 9.67
CA SER A 667 7.74 41.29 10.73
C SER A 667 8.23 40.90 12.12
N PHE A 668 9.51 40.61 12.25
CA PHE A 668 10.16 40.85 13.53
C PHE A 668 11.30 41.83 13.35
N GLY A 669 11.79 41.97 12.12
CA GLY A 669 12.91 42.88 11.90
C GLY A 669 12.51 44.33 11.87
N VAL A 670 11.28 44.62 11.46
CA VAL A 670 10.77 45.99 11.50
C VAL A 670 10.25 46.41 12.88
N PRO A 671 9.40 45.67 13.59
CA PRO A 671 8.92 46.18 14.87
C PRO A 671 9.89 45.97 16.03
N ARG A 672 11.14 45.65 15.76
CA ARG A 672 12.13 45.61 16.82
C ARG A 672 12.96 46.89 16.83
N LYS A 673 13.52 47.27 15.68
CA LYS A 673 14.20 48.56 15.61
C LYS A 673 13.20 49.70 15.63
N ALA A 674 11.97 49.44 15.16
CA ALA A 674 10.88 50.41 15.22
C ALA A 674 10.57 50.85 16.64
N ILE A 675 10.88 50.02 17.64
CA ILE A 675 10.77 50.43 19.03
C ILE A 675 12.12 50.85 19.60
N LEU A 676 13.17 50.09 19.32
CA LEU A 676 14.40 50.26 20.08
C LEU A 676 15.27 51.40 19.54
N TYR A 677 14.89 52.02 18.43
CA TYR A 677 15.69 53.13 17.90
C TYR A 677 14.80 54.28 17.46
N PRO A 678 14.59 55.27 18.30
CA PRO A 678 13.65 56.34 17.94
C PRO A 678 14.23 57.48 17.09
N HIS A 679 15.54 57.66 17.05
CA HIS A 679 16.08 58.92 16.59
C HIS A 679 17.12 58.77 15.47
N GLU A 680 17.16 57.63 14.80
CA GLU A 680 18.22 57.38 13.84
C GLU A 680 17.85 57.91 12.47
N GLU A 681 18.81 58.54 11.81
CA GLU A 681 18.67 59.07 10.47
C GLU A 681 18.81 57.95 9.44
N PRO A 682 18.21 58.11 8.26
CA PRO A 682 18.44 57.11 7.20
C PRO A 682 19.86 57.17 6.68
N SER A 683 20.62 56.10 6.92
CA SER A 683 22.05 56.13 6.59
C SER A 683 22.36 55.91 5.10
N TRP A 684 21.95 54.80 4.45
CA TRP A 684 21.01 53.72 4.79
C TRP A 684 21.74 52.45 5.23
N SER A 685 21.72 52.19 6.53
CA SER A 685 22.34 51.00 7.10
C SER A 685 21.35 50.21 7.92
N LEU A 686 20.12 50.72 8.08
CA LEU A 686 19.08 50.10 8.89
C LEU A 686 18.79 48.68 8.46
N ALA A 687 18.82 48.43 7.15
CA ALA A 687 18.58 47.11 6.57
C ALA A 687 19.55 46.05 7.07
N LYS A 688 20.78 46.44 7.43
CA LYS A 688 21.69 45.49 8.06
C LYS A 688 21.14 45.02 9.39
N ASP A 689 20.56 45.93 10.17
CA ASP A 689 19.97 45.60 11.45
C ASP A 689 18.46 45.41 11.40
N ILE A 690 17.80 45.73 10.27
CA ILE A 690 16.45 45.22 10.10
C ILE A 690 16.49 43.75 9.80
N VAL A 691 17.26 43.35 8.80
CA VAL A 691 17.24 41.96 8.36
C VAL A 691 18.14 41.12 9.23
N PHE A 692 19.43 41.47 9.29
CA PHE A 692 20.42 40.46 9.65
C PHE A 692 20.44 40.17 11.14
N HIS A 693 20.23 41.17 11.99
CA HIS A 693 20.26 40.88 13.43
C HIS A 693 19.13 39.99 13.95
N PRO A 694 17.88 40.06 13.47
CA PRO A 694 16.95 38.98 13.82
C PRO A 694 16.99 37.83 12.86
N TYR A 695 17.82 37.88 11.81
CA TYR A 695 17.99 36.70 10.99
C TYR A 695 18.79 35.64 11.71
N TRP A 696 19.64 36.03 12.66
CA TRP A 696 20.46 35.08 13.40
C TRP A 696 19.76 34.54 14.64
N MET A 697 18.45 34.76 14.80
CA MET A 697 17.75 34.16 15.94
C MET A 697 17.73 32.65 15.81
N ILE A 698 17.00 32.15 14.80
CA ILE A 698 17.44 30.93 14.16
C ILE A 698 18.83 31.22 13.61
N PHE A 699 19.80 30.38 13.95
CA PHE A 699 19.59 28.97 14.04
C PHE A 699 20.06 28.48 15.40
N GLY A 700 19.89 29.35 16.40
CA GLY A 700 20.19 28.94 17.75
C GLY A 700 20.68 30.02 18.70
N GLU A 701 21.10 31.16 18.18
CA GLU A 701 21.53 32.25 19.05
C GLU A 701 20.32 33.15 19.29
N VAL A 702 19.93 33.22 20.56
CA VAL A 702 18.72 33.94 20.93
C VAL A 702 18.97 35.43 21.13
N TYR A 703 20.25 35.84 21.24
CA TYR A 703 20.64 37.13 21.79
C TYR A 703 19.94 37.34 23.13
N ALA A 704 20.16 36.40 24.05
CA ALA A 704 19.42 36.38 25.32
C ALA A 704 19.70 37.61 26.17
N TYR A 705 20.90 38.15 26.07
CA TYR A 705 21.24 39.36 26.81
C TYR A 705 21.07 40.62 25.96
N GLU A 706 20.40 40.53 24.81
CA GLU A 706 19.85 41.71 24.18
C GLU A 706 18.33 41.69 24.16
N ILE A 707 17.72 40.74 24.83
CA ILE A 707 16.33 40.88 25.24
C ILE A 707 16.29 41.75 26.49
N ASP A 708 15.10 42.28 26.82
CA ASP A 708 14.83 43.11 27.98
C ASP A 708 15.58 44.43 27.95
N VAL A 709 15.54 45.12 26.81
CA VAL A 709 15.85 46.54 26.75
C VAL A 709 14.52 47.27 26.82
N CYS A 710 14.16 47.83 27.98
CA CYS A 710 15.02 48.12 29.14
C CYS A 710 15.39 46.97 30.08
N ALA A 711 16.59 47.10 30.63
CA ALA A 711 17.33 45.99 31.21
C ALA A 711 16.69 45.48 32.49
N ASN A 712 17.15 44.30 32.89
CA ASN A 712 16.90 43.78 34.23
C ASN A 712 18.24 43.46 34.87
N ASP A 713 19.18 44.39 34.71
CA ASP A 713 20.54 44.44 35.27
C ASP A 713 21.46 43.38 34.68
N SER A 714 21.20 42.88 33.48
CA SER A 714 22.10 41.91 32.87
C SER A 714 22.34 42.11 31.38
N THR A 715 21.70 43.08 30.76
CA THR A 715 21.80 43.20 29.30
C THR A 715 23.06 43.94 28.90
N LEU A 716 23.54 43.63 27.70
CA LEU A 716 24.71 44.34 27.21
C LEU A 716 24.37 45.75 26.73
N PRO A 717 23.25 46.03 26.07
CA PRO A 717 22.83 47.44 25.99
C PRO A 717 22.00 47.83 27.19
N THR A 718 22.27 49.02 27.72
CA THR A 718 21.43 49.63 28.74
C THR A 718 20.75 50.89 28.24
N ILE A 719 21.08 51.32 27.02
CA ILE A 719 20.45 52.46 26.39
C ILE A 719 19.06 52.02 25.94
N CYS A 720 18.04 52.61 26.53
CA CYS A 720 16.67 52.12 26.41
C CYS A 720 15.73 53.30 26.28
N GLY A 721 14.45 53.00 26.41
CA GLY A 721 13.44 54.03 26.35
C GLY A 721 12.15 53.59 27.00
N PRO A 722 11.19 54.49 27.12
CA PRO A 722 9.90 54.14 27.71
C PRO A 722 9.09 53.25 26.78
N GLY A 723 8.38 52.29 27.34
CA GLY A 723 7.52 51.43 26.56
C GLY A 723 8.21 50.35 25.77
N THR A 724 9.54 50.23 25.85
CA THR A 724 10.29 49.32 25.01
C THR A 724 10.27 47.88 25.49
N TRP A 725 9.37 47.53 26.40
CA TRP A 725 9.26 46.21 26.99
C TRP A 725 8.46 45.23 26.14
N LEU A 726 8.17 45.54 24.88
CA LEU A 726 7.34 44.65 24.08
C LEU A 726 8.16 43.63 23.30
N THR A 727 9.42 43.94 22.99
CA THR A 727 10.26 42.98 22.28
C THR A 727 10.46 41.61 22.93
N PRO A 728 10.46 41.44 24.28
CA PRO A 728 10.39 40.07 24.81
C PRO A 728 9.08 39.36 24.55
N PHE A 729 8.01 40.07 24.19
CA PHE A 729 6.82 39.36 23.75
C PHE A 729 6.93 39.00 22.28
N LEU A 730 7.33 39.96 21.44
CA LEU A 730 7.38 39.74 20.01
C LEU A 730 8.37 38.65 19.64
N GLN A 731 9.53 38.64 20.29
CA GLN A 731 10.50 37.58 20.04
C GLN A 731 9.97 36.25 20.55
N ALA A 732 9.17 36.27 21.61
CA ALA A 732 8.51 35.06 22.08
C ALA A 732 7.51 34.54 21.06
N VAL A 733 6.97 35.42 20.21
CA VAL A 733 6.22 34.95 19.07
C VAL A 733 7.17 34.43 18.01
N TYR A 734 8.23 35.18 17.72
CA TYR A 734 8.98 34.97 16.48
C TYR A 734 9.71 33.64 16.51
N LEU A 735 10.49 33.42 17.55
CA LEU A 735 11.15 32.13 17.71
C LEU A 735 10.19 31.01 18.08
N PHE A 736 8.90 31.27 18.22
CA PHE A 736 7.91 30.22 18.12
C PHE A 736 7.53 29.92 16.69
N VAL A 737 7.23 30.95 15.88
CA VAL A 737 6.69 30.75 14.55
C VAL A 737 7.77 30.35 13.54
N GLN A 738 9.02 30.68 13.80
CA GLN A 738 10.11 30.23 12.96
C GLN A 738 10.91 29.11 13.59
N TYR A 739 10.41 28.46 14.62
CA TYR A 739 11.07 27.26 15.11
C TYR A 739 10.09 26.14 15.48
N ILE A 740 8.78 26.38 15.49
CA ILE A 740 7.86 25.32 15.88
C ILE A 740 6.81 25.04 14.80
N ILE A 741 6.18 26.07 14.24
CA ILE A 741 5.33 25.81 13.09
C ILE A 741 6.17 25.65 11.85
N MET A 742 6.77 26.74 11.43
CA MET A 742 8.01 26.78 10.70
C MET A 742 9.06 26.93 11.79
N VAL A 743 10.35 26.64 11.52
CA VAL A 743 10.80 25.82 10.41
C VAL A 743 10.76 24.35 10.88
N ASN A 744 9.54 23.83 10.78
CA ASN A 744 9.22 22.45 11.06
C ASN A 744 8.30 21.88 10.00
N LEU A 745 7.50 22.73 9.37
CA LEU A 745 6.87 22.39 8.11
C LEU A 745 7.93 22.14 7.04
N LEU A 746 9.04 22.86 7.10
CA LEU A 746 10.16 22.52 6.25
C LEU A 746 10.97 21.33 6.82
N ILE A 747 10.55 20.69 7.91
CA ILE A 747 10.90 19.30 8.13
C ILE A 747 9.95 18.37 7.38
N ALA A 748 8.69 18.75 7.24
CA ALA A 748 7.69 17.90 6.59
C ALA A 748 7.94 17.79 5.09
N PHE A 749 7.86 18.90 4.39
CA PHE A 749 8.59 19.05 3.16
C PHE A 749 10.07 18.85 3.48
N PHE A 750 10.77 18.13 2.60
CA PHE A 750 12.02 17.35 2.78
C PHE A 750 11.76 16.04 3.49
N ASN A 751 10.54 15.53 3.53
CA ASN A 751 10.38 14.26 4.22
C ASN A 751 9.55 13.28 3.43
N ASN A 752 8.48 13.76 2.82
CA ASN A 752 7.71 12.97 1.88
C ASN A 752 7.60 13.64 0.53
N VAL A 753 8.48 14.59 0.25
CA VAL A 753 8.77 15.05 -1.09
C VAL A 753 10.24 14.64 -1.22
N TYR A 754 10.57 13.52 -0.60
CA TYR A 754 11.87 12.91 -0.73
C TYR A 754 11.86 11.68 -1.61
N LEU A 755 11.01 10.70 -1.31
CA LEU A 755 10.89 9.55 -2.21
C LEU A 755 10.80 9.98 -3.67
N GLN A 756 9.76 10.75 -4.01
CA GLN A 756 9.49 11.07 -5.41
C GLN A 756 10.41 12.11 -6.00
N VAL A 757 11.41 12.60 -5.26
CA VAL A 757 12.50 13.33 -5.88
C VAL A 757 13.73 12.45 -6.02
N LYS A 758 13.88 11.43 -5.16
CA LYS A 758 14.92 10.42 -5.36
C LYS A 758 14.66 9.65 -6.65
N ALA A 759 13.41 9.23 -6.87
CA ALA A 759 13.09 8.42 -8.03
C ALA A 759 13.05 9.21 -9.33
N ILE A 760 13.01 10.55 -9.27
CA ILE A 760 13.23 11.37 -10.45
C ILE A 760 14.70 11.66 -10.66
N SER A 761 15.32 12.33 -9.68
CA SER A 761 16.68 12.85 -9.83
C SER A 761 17.69 11.74 -10.02
N ASN A 762 17.51 10.62 -9.28
CA ASN A 762 18.25 9.38 -9.51
C ASN A 762 18.29 9.04 -10.99
N ILE A 763 17.10 8.92 -11.61
CA ILE A 763 17.01 8.65 -13.05
C ILE A 763 17.68 9.75 -13.85
N VAL A 764 17.47 11.02 -13.45
CA VAL A 764 18.07 12.14 -14.14
C VAL A 764 19.59 12.06 -14.06
N TRP A 765 20.10 11.59 -12.92
CA TRP A 765 21.53 11.42 -12.76
C TRP A 765 22.08 10.41 -13.76
N LYS A 766 21.36 9.28 -13.93
CA LYS A 766 21.79 8.27 -14.88
C LYS A 766 21.77 8.82 -16.29
N TYR A 767 20.85 9.73 -16.58
CA TYR A 767 20.82 10.32 -17.91
C TYR A 767 22.05 11.17 -18.16
N GLN A 768 22.49 11.92 -17.15
CA GLN A 768 23.59 12.81 -17.45
C GLN A 768 24.93 12.10 -17.49
N ARG A 769 24.99 10.82 -17.10
CA ARG A 769 26.21 10.06 -17.32
C ARG A 769 26.50 9.95 -18.80
N TYR A 770 25.45 9.90 -19.64
CA TYR A 770 25.70 9.93 -21.08
C TYR A 770 26.31 11.26 -21.48
N HIS A 771 25.80 12.35 -20.91
CA HIS A 771 26.42 13.63 -21.20
C HIS A 771 27.74 13.81 -20.48
N PHE A 772 28.11 12.88 -19.62
CA PHE A 772 29.39 12.94 -18.93
C PHE A 772 30.43 12.05 -19.58
N ILE A 773 30.04 10.83 -19.95
CA ILE A 773 31.02 9.89 -20.47
C ILE A 773 31.14 10.01 -21.98
N MET A 774 30.03 10.23 -22.68
CA MET A 774 30.18 10.46 -24.11
C MET A 774 30.73 11.85 -24.41
N ALA A 775 30.82 12.71 -23.39
CA ALA A 775 31.64 13.90 -23.52
C ALA A 775 33.10 13.56 -23.80
N TYR A 776 33.61 12.48 -23.19
CA TYR A 776 35.05 12.22 -23.31
C TYR A 776 35.41 10.79 -22.92
N HIS A 777 36.22 10.07 -23.71
CA HIS A 777 36.27 9.83 -25.18
C HIS A 777 36.68 10.81 -26.28
N GLU A 778 36.88 12.07 -25.96
CA GLU A 778 37.94 12.87 -26.52
C GLU A 778 38.77 13.30 -25.33
N LYS A 779 39.97 13.79 -25.57
CA LYS A 779 40.52 15.08 -25.14
C LYS A 779 42.03 15.00 -25.28
N PRO A 780 42.69 16.10 -25.46
CA PRO A 780 44.02 16.24 -24.86
C PRO A 780 43.80 16.58 -23.40
N VAL A 781 44.64 16.18 -22.44
CA VAL A 781 45.89 15.42 -22.56
C VAL A 781 46.05 14.85 -21.17
N LEU A 782 47.30 14.59 -20.79
CA LEU A 782 47.62 14.87 -19.40
C LEU A 782 47.08 16.26 -19.08
N PRO A 783 46.23 16.41 -18.03
CA PRO A 783 45.23 17.50 -18.04
C PRO A 783 45.79 18.89 -17.83
N PRO A 784 44.88 19.85 -17.67
CA PRO A 784 44.93 21.18 -18.30
C PRO A 784 46.34 21.75 -18.44
N PRO A 785 47.10 21.80 -17.32
CA PRO A 785 48.42 22.39 -17.37
C PRO A 785 49.31 21.69 -18.39
N LEU A 786 49.49 20.38 -18.25
CA LEU A 786 50.27 19.62 -19.22
C LEU A 786 49.56 19.54 -20.57
N ILE A 787 48.24 19.77 -20.60
CA ILE A 787 47.53 19.83 -21.86
C ILE A 787 47.87 21.09 -22.64
N ILE A 788 48.43 22.10 -21.96
CA ILE A 788 49.05 23.21 -22.67
C ILE A 788 50.22 22.73 -23.53
N LEU A 789 50.95 21.71 -23.03
CA LEU A 789 51.98 21.06 -23.83
C LEU A 789 51.38 20.33 -25.03
N SER A 790 50.10 19.97 -24.96
CA SER A 790 49.44 19.36 -26.11
C SER A 790 48.85 20.43 -27.03
N HIS A 791 49.07 21.70 -26.70
CA HIS A 791 48.59 22.79 -27.53
C HIS A 791 49.38 22.91 -28.83
N GLY A 811 32.13 10.01 -32.37
CA GLY A 811 32.87 8.92 -32.99
C GLY A 811 32.61 7.61 -32.26
N PRO A 812 33.63 6.74 -32.25
CA PRO A 812 33.62 5.44 -31.56
C PRO A 812 32.50 4.54 -32.08
N LYS A 813 32.59 4.15 -33.36
CA LYS A 813 31.55 3.37 -34.02
C LYS A 813 32.12 2.04 -34.48
N LEU A 814 31.56 0.97 -33.91
CA LEU A 814 32.17 -0.36 -33.94
C LEU A 814 31.13 -1.32 -33.35
N PHE A 815 31.09 -2.59 -33.81
CA PHE A 815 32.02 -3.36 -34.66
C PHE A 815 31.01 -4.48 -35.10
N LEU A 816 31.30 -5.57 -35.84
CA LEU A 816 32.52 -5.94 -36.56
C LEU A 816 32.33 -6.14 -38.07
N THR A 817 31.46 -7.09 -38.41
CA THR A 817 31.42 -7.68 -39.74
C THR A 817 30.14 -8.48 -39.93
N GLU A 818 30.08 -9.10 -41.12
CA GLU A 818 28.89 -9.76 -41.64
C GLU A 818 28.39 -10.86 -40.69
N GLU A 819 29.33 -11.62 -40.12
CA GLU A 819 29.00 -12.64 -39.12
C GLU A 819 28.25 -12.03 -37.95
N ASP A 820 28.80 -10.98 -37.37
CA ASP A 820 28.09 -10.29 -36.30
C ASP A 820 26.92 -9.47 -36.82
N GLN A 821 26.91 -9.16 -38.12
CA GLN A 821 25.77 -8.46 -38.68
C GLN A 821 24.55 -9.38 -38.73
N LYS A 822 24.76 -10.62 -39.19
CA LYS A 822 23.67 -11.59 -39.19
C LYS A 822 23.38 -12.10 -37.79
N LYS A 823 24.36 -12.02 -36.88
CA LYS A 823 24.06 -12.28 -35.47
C LYS A 823 23.15 -11.21 -34.89
N LEU A 824 23.33 -9.95 -35.28
CA LEU A 824 22.41 -8.91 -34.85
C LEU A 824 21.05 -8.99 -35.50
N HIS A 825 20.98 -9.20 -36.81
CA HIS A 825 19.68 -9.23 -37.49
C HIS A 825 18.91 -10.47 -37.11
N ASP A 826 19.59 -11.62 -36.95
CA ASP A 826 18.94 -12.77 -36.35
C ASP A 826 18.62 -12.52 -34.88
N PHE A 827 19.37 -11.63 -34.23
CA PHE A 827 19.05 -11.28 -32.85
C PHE A 827 17.73 -10.53 -32.78
N GLU A 828 17.65 -9.35 -33.44
CA GLU A 828 16.45 -8.52 -33.41
C GLU A 828 15.23 -9.26 -33.96
N GLU A 829 15.40 -9.88 -35.14
CA GLU A 829 14.36 -10.74 -35.71
C GLU A 829 13.99 -11.90 -34.81
N GLN A 830 14.88 -12.35 -33.92
CA GLN A 830 14.47 -13.27 -32.88
C GLN A 830 13.79 -12.58 -31.70
N CYS A 831 14.30 -11.42 -31.28
CA CYS A 831 13.82 -10.84 -30.03
C CYS A 831 12.46 -10.18 -30.20
N VAL A 832 12.35 -9.26 -31.16
CA VAL A 832 11.10 -8.54 -31.34
C VAL A 832 9.92 -9.50 -31.26
N GLU A 833 9.97 -10.58 -32.06
CA GLU A 833 8.86 -11.52 -32.15
C GLU A 833 8.59 -12.22 -30.82
N MET A 834 9.65 -12.56 -30.07
CA MET A 834 9.48 -13.10 -28.73
C MET A 834 8.77 -12.12 -27.81
N TYR A 835 9.02 -10.82 -28.00
CA TYR A 835 8.24 -9.80 -27.29
C TYR A 835 6.77 -9.90 -27.63
N PHE A 836 6.45 -10.10 -28.91
CA PHE A 836 5.05 -10.30 -29.26
C PHE A 836 4.55 -11.69 -28.88
N ASP A 837 5.45 -12.60 -28.52
CA ASP A 837 5.00 -13.84 -27.91
C ASP A 837 4.93 -13.75 -26.39
N GLU A 838 5.22 -12.58 -25.83
CA GLU A 838 4.95 -12.36 -24.42
C GLU A 838 3.79 -11.39 -24.20
N LYS A 839 3.62 -10.43 -25.10
CA LYS A 839 2.51 -9.48 -24.99
C LYS A 839 1.16 -10.17 -25.19
N ASP A 840 1.13 -11.23 -26.00
CA ASP A 840 -0.07 -12.07 -26.03
C ASP A 840 -0.32 -12.70 -24.67
N ASP A 841 0.73 -13.22 -24.03
CA ASP A 841 0.56 -13.88 -22.73
C ASP A 841 0.23 -12.88 -21.63
N LYS A 842 0.48 -11.59 -21.88
CA LYS A 842 -0.13 -10.57 -21.04
C LYS A 842 -1.61 -10.41 -21.37
N PHE A 843 -1.94 -10.27 -22.65
CA PHE A 843 -3.32 -9.97 -23.06
C PHE A 843 -4.23 -11.17 -23.15
N ASN A 844 -3.70 -12.39 -23.23
CA ASN A 844 -4.55 -13.58 -23.34
C ASN A 844 -4.39 -14.51 -22.15
N SER A 845 -4.01 -13.97 -21.00
CA SER A 845 -3.97 -14.76 -19.77
C SER A 845 -4.03 -13.81 -18.58
N GLY A 846 -4.11 -14.40 -17.40
CA GLY A 846 -4.10 -13.64 -16.18
C GLY A 846 -5.47 -13.47 -15.57
N SER A 847 -5.79 -12.25 -15.16
CA SER A 847 -7.03 -12.02 -14.43
C SER A 847 -8.22 -11.88 -15.36
N GLU A 848 -8.21 -10.88 -16.22
CA GLU A 848 -9.42 -10.44 -16.89
C GLU A 848 -9.81 -11.31 -18.07
N GLU A 849 -8.90 -11.52 -19.02
CA GLU A 849 -9.30 -12.00 -20.35
C GLU A 849 -9.79 -13.43 -20.30
N ARG A 850 -9.18 -14.27 -19.46
CA ARG A 850 -9.70 -15.61 -19.18
C ARG A 850 -11.13 -15.56 -18.70
N ILE A 851 -11.42 -14.71 -17.72
CA ILE A 851 -12.80 -14.51 -17.36
C ILE A 851 -13.63 -14.20 -18.60
N ARG A 852 -13.20 -13.21 -19.41
CA ARG A 852 -14.06 -12.63 -20.44
C ARG A 852 -14.39 -13.64 -21.51
N VAL A 853 -13.41 -14.47 -21.89
CA VAL A 853 -13.68 -15.54 -22.81
C VAL A 853 -14.59 -16.58 -22.17
N THR A 854 -14.30 -16.99 -20.94
CA THR A 854 -15.26 -17.92 -20.35
C THR A 854 -16.67 -17.36 -20.44
N PHE A 855 -16.85 -16.10 -20.01
CA PHE A 855 -18.15 -15.44 -19.94
C PHE A 855 -18.88 -15.47 -21.27
N GLU A 856 -18.29 -14.87 -22.31
CA GLU A 856 -18.93 -15.01 -23.62
C GLU A 856 -19.28 -16.47 -23.88
N ARG A 857 -18.30 -17.37 -23.72
CA ARG A 857 -18.47 -18.74 -24.21
C ARG A 857 -19.46 -19.53 -23.36
N VAL A 858 -19.45 -19.32 -22.05
CA VAL A 858 -20.57 -19.83 -21.27
C VAL A 858 -21.88 -19.37 -21.90
N GLU A 859 -22.06 -18.05 -22.08
CA GLU A 859 -23.36 -17.46 -22.38
C GLU A 859 -23.92 -17.97 -23.71
N GLN A 860 -23.19 -17.72 -24.79
CA GLN A 860 -23.48 -18.30 -26.10
C GLN A 860 -23.68 -19.81 -26.02
N MET A 861 -22.79 -20.50 -25.30
CA MET A 861 -22.87 -21.94 -25.17
C MET A 861 -24.14 -22.36 -24.45
N SER A 862 -24.53 -21.58 -23.42
CA SER A 862 -25.77 -21.86 -22.71
C SER A 862 -26.96 -21.72 -23.64
N ILE A 863 -26.93 -20.68 -24.51
CA ILE A 863 -27.97 -20.47 -25.51
C ILE A 863 -28.08 -21.67 -26.42
N GLN A 864 -26.92 -22.24 -26.78
CA GLN A 864 -26.89 -23.43 -27.62
C GLN A 864 -27.61 -24.59 -26.96
N ILE A 865 -27.35 -24.80 -25.67
CA ILE A 865 -27.98 -25.90 -24.93
C ILE A 865 -29.48 -25.71 -24.87
N LYS A 866 -29.91 -24.44 -24.75
CA LYS A 866 -31.33 -24.13 -24.70
C LYS A 866 -32.01 -24.52 -26.00
N GLU A 867 -31.37 -24.19 -27.14
CA GLU A 867 -31.88 -24.62 -28.43
C GLU A 867 -31.87 -26.14 -28.51
N VAL A 868 -30.78 -26.76 -28.04
CA VAL A 868 -30.68 -28.21 -27.94
C VAL A 868 -31.82 -28.75 -27.10
N GLY A 869 -32.07 -28.12 -25.93
CA GLY A 869 -33.15 -28.56 -25.07
C GLY A 869 -34.49 -28.44 -25.77
N ASP A 870 -34.68 -27.31 -26.48
CA ASP A 870 -35.94 -27.06 -27.17
C ASP A 870 -36.16 -28.10 -28.27
N ARG A 871 -35.10 -28.44 -29.00
CA ARG A 871 -35.34 -29.37 -30.09
C ARG A 871 -35.46 -30.79 -29.55
N VAL A 872 -34.83 -31.07 -28.41
CA VAL A 872 -35.02 -32.39 -27.80
C VAL A 872 -36.41 -32.47 -27.20
N ASN A 873 -37.01 -31.31 -26.90
CA ASN A 873 -38.44 -31.28 -26.62
C ASN A 873 -39.24 -31.62 -27.87
N TYR A 874 -38.94 -30.95 -28.99
CA TYR A 874 -39.82 -31.05 -30.16
C TYR A 874 -39.61 -32.36 -30.90
N ILE A 875 -38.38 -32.85 -30.94
CA ILE A 875 -38.09 -34.09 -31.64
C ILE A 875 -38.20 -35.28 -30.69
N LYS A 876 -38.22 -35.02 -29.38
CA LYS A 876 -38.80 -35.99 -28.46
C LYS A 876 -40.27 -36.21 -28.78
N ARG A 877 -41.05 -35.13 -28.85
CA ARG A 877 -42.47 -35.30 -29.12
C ARG A 877 -42.70 -35.94 -30.49
N SER A 878 -42.10 -35.38 -31.55
CA SER A 878 -42.37 -35.85 -32.91
C SER A 878 -41.76 -37.22 -33.15
N LEU A 879 -40.61 -37.52 -32.55
CA LEU A 879 -40.08 -38.88 -32.59
C LEU A 879 -40.93 -39.84 -31.76
N GLN A 880 -41.68 -39.33 -30.79
CA GLN A 880 -42.70 -40.15 -30.14
C GLN A 880 -43.95 -40.26 -31.00
N SER A 881 -44.08 -39.40 -32.01
CA SER A 881 -45.18 -39.53 -32.96
C SER A 881 -44.84 -40.55 -34.03
N LEU A 882 -43.63 -40.47 -34.59
CA LEU A 882 -43.22 -41.44 -35.61
C LEU A 882 -42.71 -42.72 -34.97
N ASP A 883 -42.58 -42.76 -33.65
CA ASP A 883 -42.20 -43.97 -32.94
C ASP A 883 -43.39 -44.62 -32.24
N SER A 884 -44.33 -43.80 -31.76
CA SER A 884 -45.55 -44.32 -31.14
C SER A 884 -46.64 -44.62 -32.16
N GLN A 885 -46.65 -43.92 -33.31
CA GLN A 885 -47.62 -44.23 -34.34
C GLN A 885 -47.23 -45.49 -35.11
N ILE A 886 -46.06 -45.48 -35.73
CA ILE A 886 -45.59 -46.61 -36.52
C ILE A 886 -44.56 -47.44 -35.76
N UNK B 1 -38.77 -31.04 -7.21
CA UNK B 1 -40.23 -31.04 -7.35
C UNK B 1 -40.87 -30.18 -6.25
N UNK B 2 -40.16 -30.03 -5.13
CA UNK B 2 -40.63 -29.25 -4.00
C UNK B 2 -40.12 -27.83 -4.01
N UNK B 3 -38.96 -27.59 -4.65
CA UNK B 3 -38.38 -26.25 -4.68
C UNK B 3 -39.21 -25.33 -5.56
N UNK B 4 -39.95 -25.89 -6.52
CA UNK B 4 -40.86 -25.07 -7.30
C UNK B 4 -42.08 -24.68 -6.49
N UNK B 5 -42.51 -25.55 -5.57
CA UNK B 5 -43.68 -25.24 -4.76
C UNK B 5 -43.34 -24.24 -3.65
N UNK B 6 -42.20 -24.43 -2.99
CA UNK B 6 -41.78 -23.48 -1.97
C UNK B 6 -41.31 -22.17 -2.59
N UNK B 7 -40.69 -22.24 -3.77
CA UNK B 7 -40.35 -21.04 -4.51
C UNK B 7 -41.61 -20.35 -5.04
N UNK B 8 -42.69 -21.10 -5.23
CA UNK B 8 -43.99 -20.46 -5.44
C UNK B 8 -44.54 -19.89 -4.14
N UNK B 9 -44.12 -20.43 -3.00
CA UNK B 9 -44.53 -19.88 -1.72
C UNK B 9 -43.61 -18.76 -1.25
N UNK B 10 -42.62 -18.37 -2.07
CA UNK B 10 -41.87 -17.16 -1.80
C UNK B 10 -42.56 -15.90 -2.32
N UNK B 11 -43.59 -16.07 -3.15
CA UNK B 11 -44.31 -14.90 -3.66
C UNK B 11 -45.21 -14.30 -2.59
N UNK B 12 -45.60 -15.09 -1.59
CA UNK B 12 -46.42 -14.56 -0.50
C UNK B 12 -45.62 -13.64 0.40
N UNK B 13 -44.32 -13.86 0.51
CA UNK B 13 -43.47 -12.91 1.23
C UNK B 13 -42.95 -11.84 0.28
N UNK B 14 -42.92 -12.13 -1.02
CA UNK B 14 -42.57 -11.10 -1.99
C UNK B 14 -43.70 -10.09 -2.16
N UNK B 15 -44.91 -10.45 -1.73
CA UNK B 15 -46.06 -9.57 -1.82
C UNK B 15 -46.91 -9.55 -0.56
N UNK B 16 -46.33 -9.89 0.59
CA UNK B 16 -47.00 -10.02 1.90
C UNK B 16 -48.22 -10.95 1.85
N UNK B 17 -56.08 -27.05 1.11
CA UNK B 17 -56.75 -25.75 1.02
C UNK B 17 -55.80 -24.63 1.42
N UNK B 18 -54.58 -24.67 0.90
CA UNK B 18 -53.62 -23.61 1.15
C UNK B 18 -54.02 -22.35 0.41
N UNK B 19 -54.16 -21.26 1.16
CA UNK B 19 -54.61 -19.98 0.62
C UNK B 19 -53.44 -18.99 0.59
N UNK B 20 -53.72 -17.79 0.11
CA UNK B 20 -52.75 -16.70 0.15
C UNK B 20 -53.54 -15.40 0.22
N UNK B 21 -52.89 -14.35 0.71
CA UNK B 21 -53.54 -13.06 0.90
C UNK B 21 -52.48 -11.98 0.99
N UNK B 22 -52.94 -10.72 1.02
CA UNK B 22 -52.09 -9.55 1.20
C UNK B 22 -52.83 -8.54 2.07
N UNK B 23 -52.58 -8.59 3.38
CA UNK B 23 -53.27 -7.74 4.33
C UNK B 23 -52.33 -7.40 5.50
N UNK B 24 -52.72 -6.40 6.28
CA UNK B 24 -51.89 -5.88 7.35
C UNK B 24 -52.77 -5.43 8.51
N UNK B 25 -52.25 -5.55 9.75
CA UNK B 25 -51.08 -6.34 10.13
C UNK B 25 -51.37 -7.30 11.28
N UNK B 26 -52.11 -6.82 12.27
CA UNK B 26 -52.38 -7.58 13.49
C UNK B 26 -53.80 -7.33 14.01
N UNK B 27 -54.73 -6.97 13.13
CA UNK B 27 -56.12 -6.74 13.51
C UNK B 27 -56.99 -7.99 13.35
N UNK B 28 -56.39 -9.17 13.46
CA UNK B 28 -57.15 -10.41 13.24
C UNK B 28 -58.08 -10.71 14.40
N UNK B 29 -57.83 -10.08 15.55
CA UNK B 29 -58.73 -10.26 16.69
C UNK B 29 -60.07 -9.58 16.44
N UNK B 30 -60.05 -8.27 16.17
CA UNK B 30 -61.29 -7.55 15.92
C UNK B 30 -61.89 -7.93 14.57
N UNK B 31 -61.03 -8.31 13.62
CA UNK B 31 -61.53 -8.77 12.33
C UNK B 31 -62.21 -10.13 12.44
N UNK B 32 -61.65 -11.02 13.27
CA UNK B 32 -62.27 -12.34 13.44
C UNK B 32 -63.52 -12.24 14.29
N UNK B 33 -63.50 -11.44 15.35
CA UNK B 33 -64.66 -11.30 16.21
C UNK B 33 -65.76 -10.47 15.57
N UNK B 34 -65.42 -9.64 14.57
CA UNK B 34 -66.43 -8.82 13.91
C UNK B 34 -67.36 -9.64 13.03
N UNK B 35 -66.95 -10.83 12.59
CA UNK B 35 -67.78 -11.70 11.78
C UNK B 35 -68.34 -12.88 12.56
N UNK B 36 -68.42 -12.77 13.88
CA UNK B 36 -68.96 -13.85 14.70
C UNK B 36 -70.45 -13.67 14.92
N UNK B 37 -43.56 -12.36 6.77
CA UNK B 37 -44.87 -12.69 7.32
C UNK B 37 -45.21 -14.15 7.05
N UNK B 38 -46.41 -14.55 7.45
CA UNK B 38 -46.87 -15.91 7.28
C UNK B 38 -48.40 -15.94 7.28
N UNK B 39 -48.94 -17.16 7.17
CA UNK B 39 -50.38 -17.38 7.15
C UNK B 39 -50.79 -18.02 8.47
N UNK B 40 -51.96 -17.64 8.97
CA UNK B 40 -52.49 -18.19 10.21
C UNK B 40 -53.49 -19.29 9.88
N UNK B 41 -53.28 -20.49 10.44
CA UNK B 41 -54.15 -21.63 10.21
C UNK B 41 -55.29 -21.59 11.21
N UNK B 42 -56.51 -21.79 10.71
CA UNK B 42 -57.69 -21.78 11.58
C UNK B 42 -58.39 -23.14 11.54
N UNK B 43 -37.90 -18.56 3.92
CA UNK B 43 -36.89 -19.63 3.90
C UNK B 43 -37.55 -21.00 4.04
N UNK B 44 -36.73 -22.02 4.29
CA UNK B 44 -37.23 -23.38 4.40
C UNK B 44 -37.81 -23.72 5.76
N UNK B 45 -37.64 -22.85 6.76
CA UNK B 45 -38.19 -23.08 8.09
C UNK B 45 -39.71 -22.90 8.12
N UNK B 46 -40.25 -22.09 7.21
CA UNK B 46 -41.68 -22.00 6.99
C UNK B 46 -42.10 -22.57 5.65
N UNK B 47 -41.20 -22.51 4.67
CA UNK B 47 -41.46 -23.08 3.36
C UNK B 47 -41.58 -24.60 3.40
N UNK B 48 -40.72 -25.27 4.15
CA UNK B 48 -40.91 -26.69 4.38
C UNK B 48 -42.09 -26.94 5.31
N UNK B 49 -42.44 -25.96 6.15
CA UNK B 49 -43.61 -26.03 7.01
C UNK B 49 -44.90 -25.70 6.27
N UNK B 50 -44.84 -25.44 4.96
CA UNK B 50 -46.04 -25.33 4.14
C UNK B 50 -46.50 -26.69 3.61
N UNK B 51 -45.97 -27.79 4.15
CA UNK B 51 -46.37 -29.12 3.73
C UNK B 51 -47.63 -29.60 4.41
N UNK B 52 -48.17 -28.84 5.37
CA UNK B 52 -49.41 -29.21 6.03
C UNK B 52 -50.62 -28.75 5.24
N UNK B 53 -63.79 -24.37 8.55
CA UNK B 53 -64.79 -24.42 7.49
C UNK B 53 -65.53 -23.11 7.37
N UNK B 54 -66.61 -22.97 8.14
CA UNK B 54 -67.36 -21.73 8.15
C UNK B 54 -66.58 -20.58 8.78
N UNK B 55 -65.64 -20.89 9.67
CA UNK B 55 -64.82 -19.84 10.27
C UNK B 55 -63.72 -19.40 9.30
N UNK B 56 -63.09 -20.34 8.61
CA UNK B 56 -62.04 -20.00 7.65
C UNK B 56 -62.62 -19.28 6.45
N UNK B 57 -63.73 -19.79 5.91
CA UNK B 57 -64.41 -19.08 4.82
C UNK B 57 -65.13 -17.84 5.31
N UNK B 58 -65.36 -17.72 6.62
CA UNK B 58 -65.88 -16.47 7.17
C UNK B 58 -64.80 -15.40 7.22
N UNK B 59 -63.59 -15.77 7.63
CA UNK B 59 -62.50 -14.79 7.68
C UNK B 59 -62.03 -14.42 6.28
N UNK B 60 -61.92 -15.42 5.38
CA UNK B 60 -61.58 -15.12 4.00
C UNK B 60 -62.71 -14.39 3.30
N UNK B 61 -63.96 -14.67 3.69
CA UNK B 61 -65.09 -13.94 3.15
C UNK B 61 -65.18 -12.52 3.71
N UNK B 62 -64.51 -12.25 4.84
CA UNK B 62 -64.51 -10.93 5.44
C UNK B 62 -63.35 -10.06 4.97
N UNK B 63 -62.15 -10.63 4.83
CA UNK B 63 -60.98 -9.86 4.43
C UNK B 63 -61.02 -9.42 2.98
N UNK B 64 -61.77 -10.12 2.13
CA UNK B 64 -61.99 -9.63 0.77
C UNK B 64 -62.98 -8.48 0.77
N UNK B 65 -63.79 -8.34 1.82
CA UNK B 65 -64.70 -7.23 1.98
C UNK B 65 -64.06 -6.06 2.73
N UNK B 66 -62.75 -6.07 2.90
CA UNK B 66 -62.06 -4.98 3.59
C UNK B 66 -61.75 -3.86 2.60
N UNK B 67 -60.94 -2.89 3.04
CA UNK B 67 -60.77 -1.64 2.30
C UNK B 67 -60.01 -1.81 0.98
N UNK B 68 -58.86 -2.55 0.93
CA UNK B 68 -57.93 -3.03 1.96
C UNK B 68 -56.52 -2.57 1.62
N UNK B 69 -56.24 -2.47 0.33
CA UNK B 69 -55.00 -1.86 -0.12
C UNK B 69 -55.02 -0.37 0.14
N UNK B 70 -53.83 0.21 0.28
CA UNK B 70 -53.68 1.61 0.65
C UNK B 70 -54.11 2.56 -0.45
N UNK B 71 -55.06 3.45 -0.14
CA UNK B 71 -55.57 4.50 -1.03
C UNK B 71 -56.13 3.92 -2.34
N UNK B 72 -56.79 2.76 -2.23
CA UNK B 72 -57.36 2.10 -3.38
C UNK B 72 -58.51 1.24 -2.91
N UNK B 73 -59.38 0.85 -3.86
CA UNK B 73 -60.50 -0.03 -3.59
C UNK B 73 -60.56 -1.06 -4.73
N UNK B 74 -59.89 -2.19 -4.53
CA UNK B 74 -59.86 -3.22 -5.56
C UNK B 74 -60.70 -4.47 -5.20
N UNK B 75 -60.51 -5.12 -4.02
CA UNK B 75 -59.58 -4.97 -2.89
C UNK B 75 -59.24 -6.32 -2.28
N UNK B 76 -57.98 -6.48 -1.86
CA UNK B 76 -57.48 -7.66 -1.13
C UNK B 76 -57.68 -8.95 -1.90
N UNK B 77 -56.94 -9.10 -2.99
CA UNK B 77 -57.00 -10.32 -3.79
C UNK B 77 -56.40 -11.49 -3.02
N UNK B 78 -57.13 -12.60 -3.00
CA UNK B 78 -56.78 -13.76 -2.19
C UNK B 78 -57.02 -15.04 -3.00
N UNK B 79 -55.93 -15.65 -3.45
CA UNK B 79 -55.99 -16.90 -4.20
C UNK B 79 -55.77 -18.08 -3.26
N UNK B 80 -56.09 -19.28 -3.76
CA UNK B 80 -55.89 -20.53 -3.05
C UNK B 80 -55.27 -21.55 -3.99
N UNK B 81 -54.25 -22.26 -3.48
CA UNK B 81 -53.41 -23.11 -4.31
C UNK B 81 -53.24 -24.51 -3.72
N UNK B 82 -54.35 -25.12 -3.30
CA UNK B 82 -54.32 -26.54 -2.94
C UNK B 82 -53.98 -27.39 -4.14
N UNK B 83 -54.55 -27.06 -5.30
CA UNK B 83 -54.20 -27.71 -6.57
C UNK B 83 -54.47 -26.73 -7.69
N UNK B 84 -53.44 -26.45 -8.49
CA UNK B 84 -53.52 -25.72 -9.76
C UNK B 84 -53.91 -24.24 -9.59
N UNK B 85 -53.90 -23.76 -8.34
CA UNK B 85 -54.05 -22.34 -7.98
C UNK B 85 -55.36 -21.74 -8.48
N UNK B 86 -56.48 -22.25 -7.96
CA UNK B 86 -57.78 -21.71 -8.33
C UNK B 86 -58.01 -20.34 -7.69
N UNK B 87 -58.99 -19.61 -8.21
CA UNK B 87 -59.30 -18.26 -7.75
C UNK B 87 -60.45 -18.28 -6.76
N UNK B 88 -60.99 -17.10 -6.48
CA UNK B 88 -62.15 -16.98 -5.62
C UNK B 88 -63.36 -16.48 -6.40
N UNK B 89 -66.20 -14.86 -6.70
CA UNK B 89 -67.00 -15.10 -5.51
C UNK B 89 -68.45 -15.48 -5.86
N UNK B 90 -68.95 -16.60 -5.34
CA UNK B 90 -68.24 -17.49 -4.43
C UNK B 90 -68.43 -18.95 -4.83
N UNK B 91 -69.13 -19.17 -5.94
CA UNK B 91 -69.49 -20.52 -6.35
C UNK B 91 -68.31 -21.35 -6.80
N UNK B 92 -67.26 -20.71 -7.34
CA UNK B 92 -66.05 -21.43 -7.69
C UNK B 92 -65.32 -21.92 -6.44
N UNK B 93 -65.37 -21.14 -5.36
CA UNK B 93 -64.84 -21.62 -4.09
C UNK B 93 -65.76 -22.64 -3.46
N UNK B 94 -67.05 -22.59 -3.78
CA UNK B 94 -67.99 -23.57 -3.22
C UNK B 94 -67.76 -24.95 -3.84
N UNK B 95 -67.76 -25.03 -5.18
CA UNK B 95 -67.50 -26.30 -5.83
C UNK B 95 -66.04 -26.71 -5.69
N UNK B 96 -65.15 -25.72 -5.53
CA UNK B 96 -63.74 -26.02 -5.28
C UNK B 96 -63.53 -26.66 -3.93
N UNK B 97 -64.21 -26.15 -2.90
CA UNK B 97 -64.10 -26.75 -1.58
C UNK B 97 -64.86 -28.07 -1.51
N UNK B 98 -65.96 -28.19 -2.26
CA UNK B 98 -66.72 -29.43 -2.30
C UNK B 98 -65.93 -30.54 -2.98
N UNK B 99 -65.17 -30.20 -4.03
CA UNK B 99 -64.22 -31.14 -4.59
C UNK B 99 -63.01 -31.32 -3.71
N UNK B 100 -62.70 -30.35 -2.84
CA UNK B 100 -61.61 -30.48 -1.90
C UNK B 100 -61.96 -31.35 -0.70
N UNK B 101 -63.25 -31.60 -0.46
CA UNK B 101 -63.63 -32.50 0.62
C UNK B 101 -63.43 -33.96 0.22
N UNK B 102 -63.36 -34.24 -1.07
CA UNK B 102 -63.15 -35.60 -1.55
C UNK B 102 -61.66 -35.93 -1.62
N UNK B 103 -44.65 -20.83 -9.43
CA UNK B 103 -43.81 -19.70 -9.80
C UNK B 103 -44.57 -18.38 -9.65
N UNK B 104 -44.56 -17.56 -10.71
CA UNK B 104 -45.29 -16.31 -10.71
C UNK B 104 -46.74 -16.47 -11.12
N UNK B 105 -47.22 -17.71 -11.26
CA UNK B 105 -48.58 -17.96 -11.71
C UNK B 105 -49.63 -17.61 -10.67
N UNK B 106 -49.38 -17.97 -9.41
CA UNK B 106 -50.34 -17.74 -8.34
C UNK B 106 -50.60 -16.26 -8.12
N UNK B 107 -49.55 -15.44 -8.24
CA UNK B 107 -49.78 -14.01 -8.37
C UNK B 107 -50.45 -13.70 -9.71
N UNK B 108 -50.06 -14.40 -10.76
CA UNK B 108 -50.55 -14.18 -12.11
C UNK B 108 -51.42 -15.35 -12.54
N UNK B 109 -52.72 -15.27 -12.32
CA UNK B 109 -53.41 -14.01 -12.03
C UNK B 109 -54.50 -14.15 -11.01
N UNK B 110 -54.57 -13.18 -10.11
CA UNK B 110 -55.76 -12.98 -9.28
C UNK B 110 -56.76 -12.05 -9.94
N UNK B 111 -56.46 -11.57 -11.15
CA UNK B 111 -57.31 -10.62 -11.85
C UNK B 111 -58.02 -11.27 -13.03
N UNK B 112 -57.60 -12.47 -13.41
CA UNK B 112 -58.15 -13.17 -14.58
C UNK B 112 -59.60 -13.57 -14.38
N UNK B 113 -66.36 -20.95 -14.43
CA UNK B 113 -65.42 -22.05 -14.30
C UNK B 113 -64.16 -21.79 -15.12
N UNK B 114 -63.24 -22.77 -15.10
CA UNK B 114 -61.97 -22.75 -15.84
C UNK B 114 -61.11 -21.54 -15.50
N UNK B 115 -60.68 -21.42 -14.24
CA UNK B 115 -59.85 -20.32 -13.80
C UNK B 115 -58.66 -20.78 -12.98
N UNK B 116 -57.92 -21.78 -13.45
CA UNK B 116 -56.81 -22.34 -12.70
C UNK B 116 -55.79 -22.94 -13.65
N UNK B 117 -54.83 -23.67 -13.08
CA UNK B 117 -53.87 -24.44 -13.84
C UNK B 117 -52.43 -24.25 -13.42
N UNK B 118 -51.79 -25.35 -13.02
CA UNK B 118 -50.41 -25.40 -12.53
C UNK B 118 -50.02 -26.86 -12.38
N UNK B 119 -48.78 -27.21 -12.75
CA UNK B 119 -47.75 -26.34 -13.30
C UNK B 119 -47.01 -27.06 -14.41
N UNK B 120 -45.83 -26.55 -14.76
CA UNK B 120 -44.88 -27.12 -15.72
C UNK B 120 -45.50 -27.37 -17.10
N LYS B 121 -61.48 -5.19 -14.90
CA LYS B 121 -61.09 -3.90 -15.45
C LYS B 121 -59.58 -3.73 -15.40
N PHE B 122 -59.03 -3.27 -16.52
CA PHE B 122 -57.58 -3.17 -16.66
C PHE B 122 -56.97 -2.13 -15.74
N LEU B 123 -57.75 -1.11 -15.37
CA LEU B 123 -57.29 -0.14 -14.39
C LEU B 123 -57.14 -0.77 -13.01
N THR B 124 -58.01 -1.73 -12.67
CA THR B 124 -57.81 -2.47 -11.44
C THR B 124 -56.71 -3.51 -11.59
N ILE B 125 -56.48 -3.98 -12.82
CA ILE B 125 -55.41 -4.94 -13.07
C ILE B 125 -54.05 -4.29 -12.84
N PRO B 126 -53.83 -3.11 -13.42
CA PRO B 126 -52.60 -2.37 -13.20
C PRO B 126 -52.54 -1.74 -11.81
N ARG B 127 -53.69 -1.38 -11.26
CA ARG B 127 -53.75 -0.84 -9.91
C ARG B 127 -53.44 -1.85 -8.83
N LEU B 128 -53.72 -3.14 -9.04
CA LEU B 128 -53.30 -4.14 -8.06
C LEU B 128 -51.80 -4.36 -8.10
N GLU B 129 -51.21 -4.37 -9.31
CA GLU B 129 -49.77 -4.55 -9.44
C GLU B 129 -48.98 -3.40 -8.84
N GLU B 130 -49.59 -2.22 -8.70
CA GLU B 130 -49.05 -1.15 -7.87
C GLU B 130 -48.94 -1.56 -6.41
N LEU B 131 -49.85 -2.38 -5.92
CA LEU B 131 -49.90 -2.67 -4.51
C LEU B 131 -49.35 -4.05 -4.13
N TYR B 132 -48.93 -4.88 -5.10
CA TYR B 132 -48.44 -6.20 -4.71
C TYR B 132 -47.05 -6.16 -4.04
N ASN B 133 -45.98 -5.67 -4.69
CA ASN B 133 -45.80 -4.92 -5.94
C ASN B 133 -44.65 -5.44 -6.81
N THR B 134 -44.93 -6.43 -7.65
CA THR B 134 -43.91 -7.00 -8.53
C THR B 134 -44.00 -6.32 -9.90
N LYS B 135 -42.88 -5.79 -10.38
CA LYS B 135 -42.86 -5.15 -11.69
C LYS B 135 -42.80 -6.16 -12.82
N GLN B 136 -42.25 -7.36 -12.58
CA GLN B 136 -42.11 -8.33 -13.65
C GLN B 136 -43.45 -8.91 -14.06
N GLY B 137 -44.43 -8.91 -13.15
CA GLY B 137 -45.75 -9.42 -13.48
C GLY B 137 -46.51 -8.52 -14.44
N PRO B 138 -46.51 -7.21 -14.20
CA PRO B 138 -47.28 -6.28 -15.02
C PRO B 138 -46.67 -6.13 -16.41
N THR B 139 -45.35 -6.21 -16.52
CA THR B 139 -44.70 -6.08 -17.82
C THR B 139 -44.97 -7.30 -18.70
N ASN B 140 -44.78 -8.49 -18.15
CA ASN B 140 -44.94 -9.70 -18.95
C ASN B 140 -46.42 -9.98 -19.22
N PRO B 141 -47.28 -9.80 -18.22
CA PRO B 141 -48.67 -10.17 -18.37
C PRO B 141 -49.59 -8.97 -18.58
N MET B 142 -49.50 -7.96 -17.71
CA MET B 142 -50.46 -6.85 -17.75
C MET B 142 -49.89 -5.69 -18.57
N LEU B 143 -49.47 -6.01 -19.80
CA LEU B 143 -48.96 -5.01 -20.72
C LEU B 143 -49.12 -5.51 -22.14
N PHE B 144 -49.00 -4.57 -23.09
CA PHE B 144 -48.82 -4.73 -24.55
C PHE B 144 -50.13 -5.16 -25.22
N HIS B 145 -51.16 -5.53 -24.47
CA HIS B 145 -52.45 -5.92 -25.03
C HIS B 145 -53.55 -5.71 -24.00
N LEU B 146 -54.64 -5.04 -24.40
CA LEU B 146 -54.76 -4.30 -25.65
C LEU B 146 -55.03 -2.83 -25.35
N ILE B 147 -55.99 -2.59 -24.48
CA ILE B 147 -56.39 -1.22 -24.15
C ILE B 147 -55.71 -0.76 -22.86
N TYR B 159 -53.33 4.88 -16.39
CA TYR B 159 -52.85 6.11 -17.01
C TYR B 159 -53.02 7.31 -16.08
N LYS B 160 -53.83 7.13 -15.04
CA LYS B 160 -53.92 8.09 -13.95
C LYS B 160 -52.93 7.78 -12.84
N ILE B 161 -52.09 6.77 -13.04
CA ILE B 161 -51.25 6.29 -11.96
C ILE B 161 -49.90 6.99 -11.91
N THR B 162 -49.74 8.09 -12.64
CA THR B 162 -48.60 8.99 -12.39
C THR B 162 -48.99 10.03 -11.35
N LEU B 163 -50.21 10.55 -11.45
CA LEU B 163 -50.76 11.32 -10.33
C LEU B 163 -51.21 10.42 -9.20
N ILE B 164 -51.29 9.11 -9.43
CA ILE B 164 -51.77 8.21 -8.39
C ILE B 164 -50.78 7.11 -8.03
N ASP B 165 -49.54 7.14 -8.52
CA ASP B 165 -48.61 6.09 -8.12
C ASP B 165 -47.98 6.40 -6.78
N ILE B 166 -48.19 7.60 -6.25
CA ILE B 166 -47.61 8.04 -4.97
C ILE B 166 -48.68 7.78 -3.92
N GLY B 167 -48.97 6.49 -3.67
CA GLY B 167 -48.19 5.36 -3.07
C GLY B 167 -46.64 5.19 -3.13
N LEU B 168 -46.01 5.41 -4.28
CA LEU B 168 -44.56 5.65 -4.44
C LEU B 168 -43.73 4.41 -4.26
N VAL B 169 -44.07 3.33 -4.96
CA VAL B 169 -43.17 2.21 -5.16
C VAL B 169 -41.87 2.69 -5.81
N ILE B 170 -41.99 3.57 -6.80
CA ILE B 170 -40.79 4.13 -7.42
C ILE B 170 -40.22 3.27 -8.51
N GLU B 171 -41.06 2.53 -9.22
CA GLU B 171 -40.61 1.72 -10.33
C GLU B 171 -41.54 1.71 -11.52
N TYR B 172 -42.79 2.10 -11.34
CA TYR B 172 -43.71 2.04 -12.46
C TYR B 172 -43.64 3.31 -13.31
N LEU B 173 -42.84 4.27 -12.89
CA LEU B 173 -42.46 5.34 -13.81
C LEU B 173 -41.53 4.82 -14.89
N MET B 174 -40.83 3.70 -14.64
CA MET B 174 -40.00 3.07 -15.67
C MET B 174 -40.83 2.37 -16.75
N GLY B 175 -42.14 2.28 -16.57
CA GLY B 175 -43.04 1.78 -17.60
C GLY B 175 -43.40 2.84 -18.63
N GLY B 176 -42.75 4.01 -18.59
CA GLY B 176 -42.97 5.09 -19.54
C GLY B 176 -42.65 4.64 -20.97
N THR B 177 -43.61 4.89 -21.86
CA THR B 177 -43.67 4.33 -23.22
C THR B 177 -43.60 2.80 -23.14
N TYR B 178 -44.69 2.19 -22.66
CA TYR B 178 -46.09 2.58 -22.99
C TYR B 178 -46.82 3.63 -22.15
N ARG B 179 -46.40 3.85 -20.91
CA ARG B 179 -46.99 4.91 -20.11
C ARG B 179 -46.65 6.27 -20.73
N CYS B 180 -47.68 7.07 -20.94
CA CYS B 180 -47.56 8.20 -21.84
C CYS B 180 -47.08 9.45 -21.11
N THR B 181 -47.23 10.59 -21.77
CA THR B 181 -46.81 11.91 -21.32
C THR B 181 -47.53 12.27 -20.02
N TYR B 182 -46.84 12.79 -18.97
CA TYR B 182 -45.42 13.24 -18.79
C TYR B 182 -44.97 14.32 -19.80
N THR B 183 -45.47 15.55 -19.59
CA THR B 183 -45.28 16.72 -20.46
C THR B 183 -45.81 16.46 -21.86
N ARG B 184 -47.15 16.39 -22.00
CA ARG B 184 -48.14 16.96 -21.07
C ARG B 184 -48.58 16.00 -19.97
N LYS B 185 -48.31 16.40 -18.73
CA LYS B 185 -48.19 15.46 -17.64
C LYS B 185 -49.52 15.07 -17.03
N ARG B 186 -49.45 14.24 -16.00
CA ARG B 186 -50.58 14.06 -15.10
C ARG B 186 -50.94 15.37 -14.39
N PHE B 187 -49.97 16.26 -14.21
CA PHE B 187 -50.23 17.55 -13.57
C PHE B 187 -51.04 18.46 -14.48
N ARG B 188 -51.70 19.44 -13.86
CA ARG B 188 -52.36 20.49 -14.64
C ARG B 188 -51.78 21.85 -14.30
N LEU B 189 -51.61 22.23 -13.01
CA LEU B 189 -52.18 21.83 -11.71
C LEU B 189 -53.66 22.29 -11.69
N ILE B 190 -54.59 21.80 -10.84
CA ILE B 190 -54.57 21.29 -9.44
C ILE B 190 -53.50 20.32 -8.93
N TYR B 191 -53.22 19.28 -9.71
CA TYR B 191 -52.62 18.01 -9.33
C TYR B 191 -51.39 18.04 -8.40
N ASN B 192 -50.70 19.17 -8.30
CA ASN B 192 -49.60 19.28 -7.33
C ASN B 192 -50.10 19.24 -5.90
N SER B 193 -51.38 19.51 -5.67
CA SER B 193 -51.98 19.24 -4.38
C SER B 193 -52.00 17.76 -4.10
N LEU B 194 -52.31 16.97 -5.14
CA LEU B 194 -52.19 15.53 -5.06
C LEU B 194 -50.80 15.09 -5.46
N GLY B 195 -49.94 16.07 -5.71
CA GLY B 195 -48.50 15.93 -5.93
C GLY B 195 -47.64 14.95 -5.16
N GLY B 196 -47.59 14.95 -3.81
CA GLY B 196 -48.37 15.79 -2.92
C GLY B 196 -47.55 16.48 -1.86
N ASN B 197 -47.21 17.74 -2.12
CA ASN B 197 -46.75 18.59 -1.04
C ASN B 197 -47.91 18.95 -0.12
N ASN B 198 -49.09 19.20 -0.69
CA ASN B 198 -50.23 19.59 0.12
C ASN B 198 -50.83 18.40 0.84
N ARG B 199 -50.93 17.26 0.17
CA ARG B 199 -51.59 16.10 0.73
C ARG B 199 -50.56 15.05 1.11
N ARG B 200 -51.06 13.91 1.57
CA ARG B 200 -50.24 12.76 1.89
C ARG B 200 -51.14 11.53 1.88
N SER B 201 -50.60 10.43 1.34
CA SER B 201 -51.27 9.14 1.46
C SER B 201 -51.38 8.66 2.92
N GLY B 202 -50.31 8.60 3.74
CA GLY B 202 -48.89 8.98 3.57
C GLY B 202 -48.08 7.85 2.95
N ARG B 203 -47.46 8.16 1.81
CA ARG B 203 -46.70 7.14 1.10
C ARG B 203 -45.35 6.92 1.75
N ASN B 204 -44.49 7.94 1.72
CA ASN B 204 -43.27 7.98 2.50
C ASN B 204 -43.05 9.43 2.88
N THR B 205 -43.56 9.83 4.04
CA THR B 205 -43.72 11.23 4.36
C THR B 205 -42.56 11.76 5.19
N SER B 206 -42.04 12.90 4.78
CA SER B 206 -41.06 13.62 5.58
C SER B 206 -41.75 14.32 6.74
N SER B 207 -41.02 14.43 7.84
CA SER B 207 -41.54 15.10 9.03
C SER B 207 -41.17 16.57 9.10
N SER B 208 -40.09 16.98 8.45
CA SER B 208 -39.59 18.33 8.57
C SER B 208 -40.25 19.31 7.61
N THR B 209 -40.69 18.85 6.45
CA THR B 209 -41.29 19.75 5.47
C THR B 209 -42.62 20.42 5.85
N PRO B 210 -43.47 19.93 6.77
CA PRO B 210 -44.49 20.85 7.30
C PRO B 210 -43.92 21.88 8.25
N GLN B 211 -42.87 21.53 9.00
CA GLN B 211 -42.22 22.51 9.86
C GLN B 211 -41.44 23.52 9.03
N LEU B 212 -40.93 23.10 7.88
CA LEU B 212 -40.40 24.06 6.92
C LEU B 212 -41.50 24.87 6.25
N ARG B 213 -42.75 24.43 6.34
CA ARG B 213 -43.88 25.32 6.05
C ARG B 213 -43.94 26.49 7.02
N LYS B 214 -43.46 26.31 8.26
CA LYS B 214 -43.28 27.42 9.17
C LYS B 214 -42.29 28.42 8.57
N SER B 215 -42.53 29.69 8.87
CA SER B 215 -42.13 30.83 8.03
C SER B 215 -42.51 30.59 6.57
N HIS B 216 -43.81 30.60 6.26
CA HIS B 216 -44.89 31.07 7.14
C HIS B 216 -46.13 30.19 7.02
N LYS B 228 -54.02 21.14 5.39
CA LYS B 228 -54.60 21.93 4.32
C LYS B 228 -53.71 23.11 3.98
N MET B 229 -52.48 22.81 3.55
CA MET B 229 -51.50 23.84 3.20
C MET B 229 -50.85 23.49 1.88
N ARG B 230 -51.32 24.16 0.83
CA ARG B 230 -50.78 23.96 -0.50
C ARG B 230 -49.50 24.77 -0.71
N HIS B 231 -49.10 24.88 -1.98
CA HIS B 231 -47.89 25.64 -2.29
C HIS B 231 -48.18 27.10 -2.58
N ASN B 232 -49.25 27.66 -2.03
CA ASN B 232 -49.54 29.08 -2.14
C ASN B 232 -48.40 29.93 -1.59
N HIS B 233 -47.66 29.41 -0.60
CA HIS B 233 -46.34 29.93 -0.29
C HIS B 233 -45.27 28.86 -0.38
N PHE B 234 -44.68 28.65 -1.56
CA PHE B 234 -43.36 28.04 -1.63
C PHE B 234 -42.31 29.15 -1.67
N ILE B 235 -42.29 29.91 -0.58
CA ILE B 235 -41.11 30.64 -0.18
C ILE B 235 -40.14 29.71 0.56
N LYS B 236 -40.60 28.51 0.92
CA LYS B 236 -39.75 27.56 1.63
C LYS B 236 -38.62 27.05 0.75
N THR B 237 -38.85 26.90 -0.54
CA THR B 237 -37.75 26.57 -1.45
C THR B 237 -36.90 27.79 -1.72
N ALA B 238 -37.41 28.97 -1.40
CA ALA B 238 -36.59 30.17 -1.30
C ALA B 238 -35.93 30.29 0.06
N GLN B 239 -36.21 29.39 0.99
CA GLN B 239 -35.50 29.31 2.25
C GLN B 239 -34.02 28.93 2.10
N PRO B 240 -33.60 27.94 1.24
CA PRO B 240 -32.15 27.72 1.10
C PRO B 240 -31.43 28.79 0.28
N TYR B 241 -32.17 29.63 -0.43
CA TYR B 241 -31.56 30.44 -1.48
C TYR B 241 -31.62 31.90 -1.10
N ARG B 242 -30.49 32.59 -1.20
CA ARG B 242 -30.57 34.05 -1.06
C ARG B 242 -31.14 34.72 -2.31
N PRO B 243 -30.55 34.60 -3.54
CA PRO B 243 -30.98 35.55 -4.59
C PRO B 243 -32.11 35.04 -5.48
N LYS B 244 -32.52 33.79 -5.27
CA LYS B 244 -33.22 33.05 -6.30
C LYS B 244 -34.72 33.12 -6.07
N MET B 245 -35.38 34.05 -6.75
CA MET B 245 -36.83 34.03 -6.85
C MET B 245 -37.19 33.77 -8.30
N ASP B 246 -38.11 32.83 -8.53
CA ASP B 246 -38.70 32.00 -7.49
C ASP B 246 -38.45 30.52 -7.76
N SER B 248 -39.93 29.03 -10.30
CA SER B 248 -40.79 30.11 -10.77
C SER B 248 -41.93 30.33 -9.80
N MET B 249 -42.19 29.33 -8.95
CA MET B 249 -43.27 29.42 -7.97
C MET B 249 -42.70 30.00 -6.67
N GLU B 250 -43.25 31.13 -6.22
CA GLU B 250 -44.32 31.85 -6.91
C GLU B 250 -43.96 33.29 -7.21
N GLU B 251 -44.11 33.66 -8.48
CA GLU B 251 -44.10 35.03 -8.94
C GLU B 251 -45.51 35.44 -9.32
N GLY B 252 -45.66 36.70 -9.72
CA GLY B 252 -46.97 37.23 -10.10
C GLY B 252 -47.59 36.51 -11.27
N LYS B 253 -46.77 36.02 -12.20
CA LYS B 253 -47.24 35.14 -13.27
C LYS B 253 -47.93 33.91 -12.70
N LYS B 254 -47.31 33.27 -11.71
CA LYS B 254 -47.93 32.13 -11.06
C LYS B 254 -49.13 32.56 -10.22
N LYS B 255 -49.20 33.83 -9.83
CA LYS B 255 -50.39 34.32 -9.16
C LYS B 255 -51.58 34.42 -10.11
N ARG B 256 -51.30 34.54 -11.41
CA ARG B 256 -52.40 34.58 -12.37
C ARG B 256 -52.97 33.19 -12.62
N THR B 257 -52.08 32.19 -12.70
CA THR B 257 -52.52 30.83 -13.05
C THR B 257 -53.30 30.20 -11.91
N LYS B 258 -52.93 30.50 -10.66
CA LYS B 258 -53.77 30.05 -9.56
C LYS B 258 -54.89 31.03 -9.25
N ASP B 259 -55.08 32.05 -10.08
CA ASP B 259 -56.12 33.08 -9.96
C ASP B 259 -56.10 33.82 -8.62
N ARG B 271 -50.79 23.95 -17.52
CA ARG B 271 -49.73 23.06 -17.99
C ARG B 271 -48.36 23.60 -17.65
N PHE B 272 -47.46 22.71 -17.22
CA PHE B 272 -46.09 23.09 -16.94
C PHE B 272 -45.22 22.94 -18.18
N PRO B 273 -44.32 23.90 -18.42
CA PRO B 273 -43.36 23.71 -19.51
C PRO B 273 -42.27 22.72 -19.15
N TYR B 274 -41.98 22.54 -17.88
CA TYR B 274 -40.90 21.67 -17.44
C TYR B 274 -41.30 20.98 -16.14
N PRO B 275 -41.81 19.76 -16.21
CA PRO B 275 -42.32 19.11 -14.99
C PRO B 275 -41.22 18.65 -14.05
N LEU B 276 -40.12 18.16 -14.60
CA LEU B 276 -39.00 17.71 -13.80
C LEU B 276 -38.40 18.83 -12.98
N ASN B 277 -38.44 20.06 -13.48
CA ASN B 277 -37.96 21.20 -12.71
C ASN B 277 -38.86 21.57 -11.56
N GLU B 278 -39.99 20.88 -11.37
CA GLU B 278 -40.67 20.88 -10.09
C GLU B 278 -40.63 19.52 -9.41
N LEU B 279 -40.81 18.44 -10.19
CA LEU B 279 -40.82 17.08 -9.64
C LEU B 279 -39.56 16.73 -8.89
N LEU B 280 -38.41 17.08 -9.44
CA LEU B 280 -37.14 16.87 -8.76
C LEU B 280 -37.09 17.68 -7.47
N ILE B 281 -37.59 18.91 -7.50
CA ILE B 281 -37.79 19.60 -6.25
C ILE B 281 -38.58 18.72 -5.29
N TRP B 282 -39.75 18.24 -5.74
CA TRP B 282 -40.73 17.60 -4.87
C TRP B 282 -40.15 16.40 -4.15
N ALA B 283 -39.61 15.44 -4.90
CA ALA B 283 -38.92 14.29 -4.31
C ALA B 283 -37.77 14.75 -3.43
N CYS B 284 -36.97 15.68 -3.94
CA CYS B 284 -35.85 16.16 -3.15
C CYS B 284 -36.28 17.11 -2.03
N LEU B 285 -37.58 17.40 -1.90
CA LEU B 285 -38.07 18.00 -0.67
C LEU B 285 -38.64 16.98 0.31
N MET B 286 -39.22 15.89 -0.20
CA MET B 286 -40.06 15.06 0.64
C MET B 286 -39.31 13.89 1.26
N LYS B 287 -38.00 14.03 1.49
CA LYS B 287 -37.12 12.99 2.03
C LYS B 287 -37.23 11.73 1.18
N ARG B 288 -37.02 11.90 -0.12
CA ARG B 288 -37.26 10.84 -1.07
C ARG B 288 -36.02 10.57 -1.89
N GLN B 289 -35.60 9.31 -1.85
CA GLN B 289 -34.53 8.76 -2.65
C GLN B 289 -35.11 8.22 -3.95
N VAL B 290 -34.47 7.17 -4.45
CA VAL B 290 -34.14 6.81 -5.83
C VAL B 290 -35.13 7.29 -6.91
N MET B 291 -36.42 7.41 -6.57
CA MET B 291 -37.36 8.19 -7.41
C MET B 291 -36.81 9.58 -7.72
N ALA B 292 -36.17 10.22 -6.73
CA ALA B 292 -35.38 11.42 -6.98
C ALA B 292 -34.33 11.19 -8.05
N ARG B 293 -33.50 10.16 -7.88
CA ARG B 293 -32.58 9.74 -8.92
C ARG B 293 -33.28 9.18 -10.15
N PHE B 294 -34.57 8.84 -10.07
CA PHE B 294 -35.28 8.47 -11.28
C PHE B 294 -36.14 9.61 -11.81
N LEU B 295 -35.89 10.83 -11.35
CA LEU B 295 -36.39 12.01 -12.07
C LEU B 295 -35.25 12.79 -12.70
N TRP B 296 -34.01 12.44 -12.34
CA TRP B 296 -32.87 13.32 -12.52
C TRP B 296 -32.48 13.60 -13.98
N GLN B 297 -32.11 12.61 -14.81
CA GLN B 297 -32.58 11.23 -15.11
C GLN B 297 -34.12 11.18 -15.09
N HIS B 298 -34.78 11.92 -15.98
CA HIS B 298 -34.28 12.14 -17.34
C HIS B 298 -34.85 13.35 -18.07
N GLY B 299 -34.00 14.34 -18.30
CA GLY B 299 -34.43 15.51 -19.04
C GLY B 299 -33.24 16.40 -19.33
N GLU B 300 -33.55 17.62 -19.76
CA GLU B 300 -32.50 18.58 -20.04
C GLU B 300 -31.99 19.19 -18.73
N GLU B 301 -30.88 19.94 -18.85
CA GLU B 301 -30.29 20.75 -17.77
C GLU B 301 -29.83 19.91 -16.58
N SER B 302 -29.67 18.60 -16.80
CA SER B 302 -29.54 17.65 -15.71
C SER B 302 -28.23 17.78 -14.97
N MET B 303 -27.14 18.06 -15.69
CA MET B 303 -25.85 18.34 -15.06
C MET B 303 -25.92 19.58 -14.20
N ALA B 304 -26.80 20.53 -14.53
CA ALA B 304 -27.10 21.61 -13.62
C ALA B 304 -28.03 21.16 -12.50
N LYS B 305 -29.00 20.30 -12.85
CA LYS B 305 -30.18 20.10 -12.02
C LYS B 305 -29.83 19.48 -10.68
N ALA B 306 -28.86 18.55 -10.68
CA ALA B 306 -28.42 17.89 -9.46
C ALA B 306 -27.89 18.87 -8.44
N LEU B 307 -27.20 19.91 -8.91
CA LEU B 307 -26.65 20.92 -8.01
C LEU B 307 -27.74 21.64 -7.25
N VAL B 308 -28.90 21.85 -7.91
CA VAL B 308 -30.10 22.37 -7.26
C VAL B 308 -30.41 21.52 -6.04
N ALA B 309 -30.57 20.21 -6.26
CA ALA B 309 -30.85 19.28 -5.18
C ALA B 309 -29.73 19.23 -4.17
N CYS B 310 -28.48 19.44 -4.61
CA CYS B 310 -27.35 19.42 -3.68
C CYS B 310 -27.48 20.52 -2.66
N LYS B 311 -27.88 21.73 -3.09
CA LYS B 311 -28.10 22.76 -2.09
C LYS B 311 -29.24 22.35 -1.16
N ILE B 312 -30.31 21.80 -1.71
CA ILE B 312 -31.55 21.67 -0.97
C ILE B 312 -31.42 20.59 0.09
N TYR B 313 -30.91 19.43 -0.28
CA TYR B 313 -30.50 18.50 0.75
C TYR B 313 -29.59 19.18 1.74
N ARG B 314 -28.52 19.79 1.24
CA ARG B 314 -27.55 20.45 2.09
C ARG B 314 -28.21 21.36 3.09
N SER B 315 -29.10 22.22 2.64
CA SER B 315 -29.74 23.14 3.57
C SER B 315 -30.63 22.44 4.58
N MET B 316 -31.31 21.36 4.17
CA MET B 316 -32.23 20.74 5.11
C MET B 316 -31.52 20.01 6.24
N ALA B 317 -30.30 19.54 6.02
CA ALA B 317 -29.47 19.18 7.16
C ALA B 317 -29.32 20.38 8.08
N TYR B 318 -28.88 21.52 7.51
CA TYR B 318 -28.57 22.73 8.25
C TYR B 318 -29.78 23.28 9.01
N GLU B 319 -30.88 23.55 8.31
CA GLU B 319 -32.12 23.96 8.94
C GLU B 319 -32.78 22.83 9.73
N ALA B 320 -32.26 21.60 9.61
CA ALA B 320 -32.69 20.52 10.48
C ALA B 320 -31.94 20.45 11.79
N LYS B 321 -30.86 21.21 11.95
CA LYS B 321 -30.14 21.16 13.23
C LYS B 321 -30.64 22.22 14.20
N GLN B 322 -31.07 23.37 13.69
CA GLN B 322 -31.69 24.38 14.55
C GLN B 322 -32.99 23.87 15.16
N SER B 323 -33.98 23.58 14.33
CA SER B 323 -35.28 23.12 14.79
C SER B 323 -35.58 21.80 14.11
N ASP B 324 -35.76 20.73 14.90
CA ASP B 324 -35.70 20.75 16.35
C ASP B 324 -34.48 20.00 16.87
N SER B 330 -31.45 12.61 12.34
CA SER B 330 -31.74 12.21 10.96
C SER B 330 -30.87 12.96 9.98
N GLU B 331 -30.53 14.20 10.37
CA GLU B 331 -29.96 15.18 9.45
C GLU B 331 -28.62 14.72 8.88
N GLU B 332 -27.85 14.02 9.70
CA GLU B 332 -26.57 13.48 9.26
C GLU B 332 -26.87 12.49 8.14
N LEU B 333 -27.94 11.72 8.31
CA LEU B 333 -28.38 10.74 7.33
C LEU B 333 -28.74 11.49 6.07
N LYS B 334 -29.36 12.66 6.25
CA LYS B 334 -29.77 13.50 5.14
C LYS B 334 -28.52 13.91 4.39
N GLN B 335 -27.44 14.05 5.16
CA GLN B 335 -26.11 14.46 4.74
C GLN B 335 -25.45 13.48 3.80
N TYR B 336 -26.00 12.27 3.73
CA TYR B 336 -25.46 11.25 2.85
C TYR B 336 -25.58 11.74 1.42
N SER B 337 -26.38 12.79 1.22
CA SER B 337 -26.61 13.38 -0.08
C SER B 337 -25.36 13.89 -0.80
N ASN B 338 -24.41 14.53 -0.11
CA ASN B 338 -23.28 14.99 -0.91
C ASN B 338 -22.97 13.94 -1.97
N ASP B 339 -23.27 12.68 -1.66
CA ASP B 339 -23.04 11.60 -2.60
C ASP B 339 -23.84 11.84 -3.87
N PHE B 340 -25.06 12.34 -3.73
CA PHE B 340 -25.90 12.63 -4.89
C PHE B 340 -25.14 13.65 -5.72
N GLY B 341 -24.56 14.60 -5.00
CA GLY B 341 -23.74 15.66 -5.52
C GLY B 341 -22.42 15.18 -6.08
N GLN B 342 -22.08 13.91 -5.87
CA GLN B 342 -20.93 13.33 -6.56
C GLN B 342 -21.20 13.06 -8.03
N LEU B 343 -22.45 13.17 -8.47
CA LEU B 343 -22.81 12.94 -9.86
C LEU B 343 -22.37 14.07 -10.77
N ALA B 344 -22.70 15.32 -10.42
CA ALA B 344 -22.35 16.47 -11.22
C ALA B 344 -20.86 16.67 -11.37
N VAL B 345 -20.07 16.34 -10.35
CA VAL B 345 -18.63 16.31 -10.56
C VAL B 345 -18.29 15.50 -11.78
N GLU B 346 -18.71 14.23 -11.81
CA GLU B 346 -18.31 13.30 -12.85
C GLU B 346 -18.86 13.72 -14.20
N LEU B 347 -20.13 14.15 -14.23
CA LEU B 347 -20.71 14.67 -15.47
C LEU B 347 -20.01 15.91 -15.98
N LEU B 348 -19.36 16.66 -15.11
CA LEU B 348 -18.49 17.70 -15.64
C LEU B 348 -17.25 17.10 -16.27
N GLU B 349 -16.59 16.17 -15.55
CA GLU B 349 -15.36 15.58 -16.04
C GLU B 349 -15.58 14.74 -17.28
N GLN B 350 -16.70 14.04 -17.35
CA GLN B 350 -17.03 13.30 -18.55
C GLN B 350 -17.42 14.24 -19.69
N SER B 351 -17.90 15.44 -19.36
CA SER B 351 -18.08 16.44 -20.40
C SER B 351 -16.75 17.03 -20.81
N PHE B 352 -15.76 16.98 -19.92
CA PHE B 352 -14.47 17.57 -20.22
C PHE B 352 -13.68 16.70 -21.18
N ARG B 353 -13.86 15.38 -21.08
CA ARG B 353 -12.97 14.46 -21.77
C ARG B 353 -13.26 14.41 -23.26
N GLN B 354 -14.51 14.60 -23.65
CA GLN B 354 -14.89 14.43 -25.05
C GLN B 354 -15.62 15.67 -25.58
N ASP B 355 -15.02 16.26 -26.62
CA ASP B 355 -15.67 17.10 -27.63
C ASP B 355 -16.53 18.23 -27.07
N GLU B 356 -15.90 19.25 -26.47
CA GLU B 356 -14.46 19.50 -26.39
C GLU B 356 -14.31 20.26 -25.08
N THR B 357 -13.07 20.46 -24.63
CA THR B 357 -12.79 21.25 -23.44
C THR B 357 -13.35 22.66 -23.57
N MET B 358 -13.09 23.31 -24.71
CA MET B 358 -13.63 24.62 -25.01
C MET B 358 -15.16 24.60 -25.16
N ALA B 359 -15.78 23.43 -25.33
CA ALA B 359 -17.22 23.32 -25.22
C ALA B 359 -17.68 23.14 -23.79
N MET B 360 -16.91 22.43 -22.96
CA MET B 360 -17.37 22.12 -21.61
C MET B 360 -17.43 23.36 -20.74
N LYS B 361 -16.49 24.29 -20.95
CA LYS B 361 -16.55 25.60 -20.31
C LYS B 361 -17.80 26.35 -20.71
N LEU B 362 -18.30 26.13 -21.92
CA LEU B 362 -19.56 26.71 -22.36
C LEU B 362 -20.75 26.22 -21.55
N LEU B 363 -20.61 25.12 -20.80
CA LEU B 363 -21.63 24.78 -19.83
C LEU B 363 -21.76 25.84 -18.74
N THR B 364 -20.64 26.32 -18.22
CA THR B 364 -20.63 27.23 -17.07
C THR B 364 -20.08 28.57 -17.56
N TYR B 365 -20.97 29.50 -17.90
CA TYR B 365 -22.39 29.43 -17.58
C TYR B 365 -23.27 29.07 -18.75
N GLU B 366 -24.48 28.65 -18.42
CA GLU B 366 -25.60 28.67 -19.33
C GLU B 366 -26.44 29.91 -18.92
N LEU B 367 -27.64 30.08 -19.47
CA LEU B 367 -28.29 31.39 -19.40
C LEU B 367 -28.87 31.72 -18.00
N LYS B 368 -29.85 30.97 -17.47
CA LYS B 368 -30.26 29.57 -17.65
C LYS B 368 -31.73 29.54 -17.20
N ASN B 369 -32.32 28.35 -17.03
CA ASN B 369 -33.49 28.20 -16.19
C ASN B 369 -32.99 28.11 -14.74
N TRP B 370 -33.89 27.79 -13.79
CA TRP B 370 -33.68 28.04 -12.35
C TRP B 370 -33.27 29.50 -12.16
N SER B 371 -34.05 30.37 -12.79
CA SER B 371 -33.57 31.65 -13.28
C SER B 371 -33.23 32.63 -12.16
N ASN B 372 -32.10 33.31 -12.30
CA ASN B 372 -31.09 33.06 -13.34
C ASN B 372 -29.77 32.78 -12.69
N SER B 373 -29.26 31.56 -12.83
CA SER B 373 -28.02 31.20 -12.17
C SER B 373 -27.06 30.61 -13.20
N THR B 374 -25.82 31.08 -13.13
CA THR B 374 -24.66 30.39 -13.64
C THR B 374 -24.62 29.01 -13.02
N CYS B 375 -24.30 27.99 -13.83
CA CYS B 375 -24.22 26.62 -13.34
C CYS B 375 -23.19 26.48 -12.23
N LEU B 376 -22.11 27.26 -12.32
CA LEU B 376 -21.14 27.30 -11.23
C LEU B 376 -21.72 28.01 -10.01
N LYS B 377 -22.43 29.12 -10.21
CA LYS B 377 -23.00 29.81 -9.05
C LYS B 377 -24.26 29.09 -8.61
N LEU B 378 -24.14 28.30 -7.53
CA LEU B 378 -24.85 27.03 -7.35
C LEU B 378 -24.40 26.10 -8.49
N ALA B 379 -23.22 25.52 -8.31
CA ALA B 379 -22.73 25.12 -6.97
C ALA B 379 -21.64 25.94 -6.30
N VAL B 380 -22.03 27.02 -5.62
CA VAL B 380 -21.18 27.71 -4.66
C VAL B 380 -21.85 27.89 -3.31
N SER B 381 -23.18 28.08 -3.28
CA SER B 381 -23.92 28.12 -2.02
C SER B 381 -23.80 26.81 -1.28
N SER B 382 -23.79 25.70 -2.01
CA SER B 382 -23.07 24.51 -1.61
C SER B 382 -21.75 24.58 -2.36
N ARG B 383 -20.64 24.58 -1.64
CA ARG B 383 -20.54 23.98 -0.33
C ARG B 383 -20.27 25.02 0.75
N ARG B 385 -16.42 20.89 -1.98
CA ARG B 385 -15.37 21.69 -2.59
C ARG B 385 -15.05 21.28 -4.05
N PRO B 386 -15.08 19.99 -4.42
CA PRO B 386 -15.33 19.69 -5.83
C PRO B 386 -16.79 20.01 -6.12
N PHE B 387 -17.09 20.44 -7.35
CA PHE B 387 -16.21 20.42 -8.52
C PHE B 387 -15.51 21.74 -8.76
N VAL B 388 -15.67 22.67 -7.82
CA VAL B 388 -14.99 23.96 -7.91
C VAL B 388 -13.49 23.75 -7.89
N ALA B 389 -13.01 22.77 -7.12
CA ALA B 389 -11.61 22.39 -7.09
C ALA B 389 -11.26 21.44 -8.22
N HIS B 390 -12.25 20.96 -8.96
CA HIS B 390 -11.95 20.15 -10.12
C HIS B 390 -11.35 21.02 -11.20
N THR B 391 -10.46 20.41 -12.01
CA THR B 391 -9.49 21.16 -12.81
C THR B 391 -10.16 22.08 -13.83
N CYS B 392 -11.35 21.67 -14.30
CA CYS B 392 -11.99 22.30 -15.45
C CYS B 392 -12.36 23.74 -15.16
N THR B 393 -13.19 23.95 -14.14
CA THR B 393 -13.47 25.32 -13.69
C THR B 393 -12.21 25.99 -13.16
N GLN B 394 -11.27 25.19 -12.62
CA GLN B 394 -9.96 25.73 -12.27
C GLN B 394 -9.26 26.29 -13.50
N MET B 395 -9.34 25.59 -14.62
CA MET B 395 -8.80 26.18 -15.83
C MET B 395 -9.62 27.41 -16.25
N LEU B 396 -10.93 27.38 -16.02
CA LEU B 396 -11.75 28.54 -16.34
C LEU B 396 -11.46 29.68 -15.38
N LEU B 397 -11.14 29.36 -14.12
CA LEU B 397 -10.66 30.40 -13.22
C LEU B 397 -9.21 30.77 -13.51
N SER B 398 -8.55 30.03 -14.39
CA SER B 398 -7.29 30.46 -14.96
C SER B 398 -7.48 31.19 -16.27
N ASP B 399 -8.71 31.48 -16.66
CA ASP B 399 -8.94 32.29 -17.85
C ASP B 399 -9.84 33.49 -17.62
N MET B 400 -10.82 33.41 -16.72
CA MET B 400 -11.44 34.62 -16.21
C MET B 400 -10.42 35.52 -15.52
N TRP B 401 -9.44 34.90 -14.86
CA TRP B 401 -8.20 35.54 -14.46
C TRP B 401 -7.53 36.26 -15.61
N MET B 402 -7.39 35.60 -16.76
CA MET B 402 -6.62 36.17 -17.85
C MET B 402 -7.39 37.23 -18.62
N GLY B 403 -8.65 36.97 -18.94
CA GLY B 403 -9.44 37.99 -19.61
C GLY B 403 -9.26 37.97 -21.11
N ARG B 404 -8.42 38.89 -21.61
CA ARG B 404 -8.09 38.97 -23.02
C ARG B 404 -6.61 38.74 -23.30
N LEU B 405 -5.77 38.67 -22.27
CA LEU B 405 -4.36 39.03 -22.44
C LEU B 405 -3.53 37.90 -23.03
N ASN B 406 -3.41 36.79 -22.29
CA ASN B 406 -2.41 35.76 -22.55
C ASN B 406 -2.64 35.05 -23.88
N MET B 407 -1.55 34.65 -24.56
CA MET B 407 -0.16 34.87 -24.16
C MET B 407 0.70 35.40 -25.30
N TRP B 412 3.98 36.19 -19.60
CA TRP B 412 4.75 35.99 -18.38
C TRP B 412 4.63 37.19 -17.46
N TYR B 413 4.93 36.97 -16.17
CA TYR B 413 4.81 38.02 -15.18
C TYR B 413 5.77 39.17 -15.45
N LYS B 414 6.98 38.84 -15.97
CA LYS B 414 7.93 39.82 -16.44
C LYS B 414 7.33 40.72 -17.51
N VAL B 415 6.46 40.18 -18.35
CA VAL B 415 5.68 41.00 -19.26
C VAL B 415 4.73 41.90 -18.49
N ILE B 416 3.89 41.31 -17.64
CA ILE B 416 2.75 42.00 -17.03
C ILE B 416 3.16 43.14 -16.11
N LEU B 417 4.10 42.90 -15.21
CA LEU B 417 4.65 43.94 -14.35
C LEU B 417 5.34 45.05 -15.14
N SER B 418 5.90 44.74 -16.31
CA SER B 418 6.56 45.76 -17.12
C SER B 418 5.59 46.77 -17.68
N ILE B 419 4.54 46.29 -18.35
CA ILE B 419 3.55 47.10 -19.05
C ILE B 419 2.87 48.08 -18.10
N LEU B 420 2.79 47.72 -16.83
CA LEU B 420 2.18 48.58 -15.83
C LEU B 420 2.92 49.91 -15.70
N VAL B 421 4.25 49.90 -15.79
CA VAL B 421 4.94 51.15 -15.50
C VAL B 421 4.92 52.09 -16.71
N PRO B 422 5.35 51.74 -17.94
CA PRO B 422 4.90 52.56 -19.09
C PRO B 422 3.63 52.04 -19.73
N PRO B 423 2.54 52.82 -19.66
CA PRO B 423 1.31 52.42 -20.37
C PRO B 423 1.46 52.41 -21.88
N ALA B 424 2.41 53.18 -22.42
CA ALA B 424 2.71 53.12 -23.85
C ALA B 424 3.38 51.82 -24.26
N ILE B 425 3.73 50.95 -23.31
CA ILE B 425 4.16 49.60 -23.64
C ILE B 425 2.99 48.63 -23.84
N LEU B 426 1.74 49.12 -23.85
CA LEU B 426 0.61 48.19 -23.90
C LEU B 426 0.28 47.76 -25.32
N MET B 427 0.92 48.36 -26.32
CA MET B 427 0.64 48.00 -27.70
C MET B 427 1.36 46.74 -28.16
N LEU B 428 2.17 46.11 -27.30
CA LEU B 428 3.02 45.01 -27.72
C LEU B 428 2.93 43.84 -26.76
N GLU B 429 1.73 43.38 -26.43
CA GLU B 429 1.56 42.24 -25.54
C GLU B 429 0.65 41.17 -26.11
N TYR B 430 0.22 41.31 -27.37
CA TYR B 430 -0.93 40.58 -27.95
C TYR B 430 -2.13 40.68 -27.01
N LYS B 431 -2.55 41.91 -26.74
CA LYS B 431 -3.43 42.22 -25.61
C LYS B 431 -4.81 41.60 -25.72
N THR B 432 -5.26 41.29 -26.91
CA THR B 432 -6.53 40.60 -27.10
C THR B 432 -6.30 39.33 -27.91
N LYS B 433 -7.16 38.35 -27.72
CA LYS B 433 -7.20 37.20 -28.59
C LYS B 433 -8.31 37.36 -29.62
N ALA B 434 -8.53 36.32 -30.42
CA ALA B 434 -9.70 36.28 -31.28
C ALA B 434 -10.96 36.23 -30.43
N GLU B 435 -11.98 36.96 -30.86
CA GLU B 435 -13.21 37.08 -30.07
C GLU B 435 -13.93 35.74 -29.97
N MET B 436 -13.82 34.91 -31.02
CA MET B 436 -14.33 33.55 -30.96
C MET B 436 -13.57 32.73 -29.94
N SER B 437 -12.26 32.97 -29.80
CA SER B 437 -11.50 32.36 -28.73
C SER B 437 -11.82 32.96 -27.38
N HIS B 438 -12.48 34.11 -27.33
CA HIS B 438 -12.88 34.73 -26.08
C HIS B 438 -14.28 34.33 -25.67
N ILE B 439 -14.77 33.19 -26.14
CA ILE B 439 -16.06 32.68 -25.72
C ILE B 439 -15.96 31.70 -24.57
N PRO B 440 -14.76 31.18 -24.29
CA PRO B 440 -14.59 30.26 -23.18
C PRO B 440 -14.72 30.97 -21.84
N GLN B 441 -14.46 32.27 -21.79
CA GLN B 441 -14.58 33.00 -20.54
C GLN B 441 -16.02 33.40 -20.29
N SER B 442 -16.22 34.20 -19.25
CA SER B 442 -17.52 34.73 -18.90
C SER B 442 -17.61 36.24 -19.02
N GLN B 443 -16.55 36.91 -19.42
CA GLN B 443 -16.51 38.37 -19.44
C GLN B 443 -17.07 38.90 -20.75
N ASP B 444 -17.78 40.03 -20.72
CA ASP B 444 -18.12 40.81 -19.53
C ASP B 444 -19.52 41.37 -19.65
N ALA B 445 -19.88 42.28 -18.74
CA ALA B 445 -21.15 42.98 -18.85
C ALA B 445 -21.09 44.06 -19.93
N HIS B 446 -19.89 44.54 -20.23
CA HIS B 446 -19.68 45.55 -21.26
C HIS B 446 -18.55 45.07 -22.16
N GLN B 447 -18.89 44.31 -23.20
CA GLN B 447 -17.89 43.80 -24.12
C GLN B 447 -18.49 43.60 -25.50
N ARG B 497 -9.67 52.40 -26.74
CA ARG B 497 -9.04 51.23 -27.35
C ARG B 497 -8.94 50.08 -26.36
N LYS B 498 -8.04 49.14 -26.67
CA LYS B 498 -7.82 47.91 -25.92
C LYS B 498 -7.34 48.13 -24.50
N PHE B 499 -6.87 49.33 -24.17
CA PHE B 499 -6.69 49.75 -22.78
C PHE B 499 -7.89 49.43 -21.91
N TYR B 500 -9.11 49.66 -22.43
CA TYR B 500 -10.32 49.42 -21.65
C TYR B 500 -10.54 47.94 -21.37
N ALA B 501 -9.93 47.07 -22.18
CA ALA B 501 -9.77 45.71 -21.73
C ALA B 501 -8.62 45.57 -20.73
N PHE B 502 -7.44 46.06 -21.09
CA PHE B 502 -6.27 45.87 -20.25
C PHE B 502 -6.55 46.24 -18.81
N TYR B 503 -7.03 47.46 -18.56
CA TYR B 503 -7.26 47.92 -17.20
C TYR B 503 -8.54 47.39 -16.58
N HIS B 504 -9.32 46.59 -17.30
CA HIS B 504 -10.33 45.77 -16.66
C HIS B 504 -9.90 44.33 -16.54
N ALA B 505 -8.68 44.01 -16.94
CA ALA B 505 -8.20 42.65 -16.78
C ALA B 505 -7.82 42.39 -15.32
N PRO B 506 -8.39 41.36 -14.71
CA PRO B 506 -8.10 41.10 -13.29
C PRO B 506 -6.63 41.11 -12.96
N ILE B 507 -5.78 40.46 -13.77
CA ILE B 507 -4.35 40.31 -13.51
C ILE B 507 -3.68 41.66 -13.32
N VAL B 508 -3.89 42.58 -14.28
CA VAL B 508 -3.37 43.92 -14.16
C VAL B 508 -3.99 44.62 -12.98
N LYS B 509 -5.27 44.41 -12.72
CA LYS B 509 -5.80 44.85 -11.44
C LYS B 509 -4.88 44.39 -10.32
N PHE B 510 -4.70 43.06 -10.21
CA PHE B 510 -4.15 42.45 -9.00
C PHE B 510 -2.70 42.86 -8.77
N TRP B 511 -1.84 42.62 -9.77
CA TRP B 511 -0.47 43.11 -9.79
C TRP B 511 -0.39 44.60 -9.48
N PHE B 512 -1.30 45.38 -10.09
CA PHE B 512 -1.27 46.81 -9.87
C PHE B 512 -1.71 47.14 -8.46
N ASN B 513 -2.68 46.40 -7.94
CA ASN B 513 -3.01 46.49 -6.52
C ASN B 513 -1.83 46.04 -5.66
N THR B 514 -1.13 45.00 -6.08
CA THR B 514 0.04 44.60 -5.33
C THR B 514 1.32 45.22 -5.86
N LEU B 515 1.23 46.34 -6.58
CA LEU B 515 2.44 47.16 -6.58
C LEU B 515 2.29 48.32 -5.63
N ALA B 516 1.16 49.03 -5.73
CA ALA B 516 0.83 50.13 -4.83
C ALA B 516 0.87 49.69 -3.38
N TYR B 517 0.27 48.52 -3.07
CA TYR B 517 0.33 47.99 -1.71
C TYR B 517 1.76 47.80 -1.24
N LEU B 518 2.64 47.30 -2.12
CA LEU B 518 4.03 47.13 -1.72
C LEU B 518 4.70 48.46 -1.45
N GLY B 519 4.36 49.47 -2.26
CA GLY B 519 4.82 50.81 -1.96
C GLY B 519 4.28 51.30 -0.63
N PHE B 520 3.03 50.92 -0.34
CA PHE B 520 2.43 51.24 0.96
C PHE B 520 3.20 50.59 2.10
N LEU B 521 3.74 49.39 1.87
CA LEU B 521 4.64 48.86 2.87
C LEU B 521 5.84 49.76 3.04
N MET B 522 6.53 50.05 1.94
CA MET B 522 7.87 50.62 2.01
C MET B 522 7.80 52.04 2.52
N LEU B 523 6.92 52.86 1.93
CA LEU B 523 6.62 54.13 2.54
C LEU B 523 6.27 53.97 4.01
N TYR B 524 5.35 53.05 4.33
CA TYR B 524 4.80 52.95 5.68
C TYR B 524 5.84 52.59 6.72
N THR B 525 6.63 51.56 6.45
CA THR B 525 7.76 51.23 7.31
C THR B 525 8.74 52.39 7.41
N PHE B 526 8.95 53.10 6.30
CA PHE B 526 9.89 54.23 6.33
C PHE B 526 9.32 55.39 7.13
N VAL B 527 8.01 55.41 7.38
CA VAL B 527 7.45 56.38 8.31
C VAL B 527 7.73 55.96 9.75
N VAL B 528 7.64 54.66 10.03
CA VAL B 528 7.65 54.21 11.43
C VAL B 528 9.06 54.24 11.99
N LEU B 529 10.04 53.94 11.16
CA LEU B 529 11.40 53.75 11.65
C LEU B 529 12.09 55.06 12.04
N VAL B 530 11.71 56.18 11.45
CA VAL B 530 12.49 57.41 11.52
C VAL B 530 11.58 58.56 11.94
N LYS B 531 11.85 59.13 13.11
CA LYS B 531 11.47 60.50 13.48
C LYS B 531 9.99 60.82 13.38
N MET B 532 9.19 60.32 14.32
CA MET B 532 7.74 60.55 14.32
C MET B 532 7.34 61.97 14.75
N GLU B 533 8.29 62.91 14.81
CA GLU B 533 8.03 64.28 15.21
C GLU B 533 7.99 65.22 14.01
N GLN B 534 7.27 66.36 14.10
CA GLN B 534 6.06 66.70 14.90
C GLN B 534 5.48 67.91 14.21
N LEU B 535 4.21 67.87 13.80
CA LEU B 535 3.41 66.65 13.65
C LEU B 535 3.45 65.80 12.32
N PRO B 536 3.39 66.42 11.11
CA PRO B 536 2.60 65.79 10.02
C PRO B 536 2.98 64.37 9.55
N SER B 537 4.24 63.99 9.26
CA SER B 537 5.47 64.76 9.15
C SER B 537 5.64 65.24 7.72
N VAL B 538 5.85 64.32 6.78
CA VAL B 538 5.79 64.61 5.35
C VAL B 538 4.94 63.57 4.64
N GLN B 539 5.34 62.30 4.79
CA GLN B 539 4.96 61.22 3.90
C GLN B 539 4.03 60.23 4.56
N GLU B 540 3.75 60.42 5.85
CA GLU B 540 2.69 59.68 6.51
C GLU B 540 1.33 59.91 5.86
N TRP B 541 1.08 61.13 5.35
CA TRP B 541 -0.17 61.50 4.71
C TRP B 541 -0.50 60.66 3.50
N ILE B 542 0.51 60.25 2.73
CA ILE B 542 0.26 59.21 1.73
C ILE B 542 -0.49 58.06 2.35
N VAL B 543 0.09 57.48 3.42
CA VAL B 543 -0.48 56.39 4.19
C VAL B 543 -1.89 56.71 4.67
N ILE B 544 -2.09 57.93 5.17
CA ILE B 544 -3.39 58.38 5.66
C ILE B 544 -4.41 58.39 4.53
N ALA B 545 -3.96 58.69 3.31
CA ALA B 545 -4.86 58.60 2.17
C ALA B 545 -5.17 57.15 1.83
N TYR B 546 -4.16 56.27 1.95
CA TYR B 546 -4.34 54.87 1.56
C TYR B 546 -5.31 54.18 2.50
N ILE B 547 -5.05 54.23 3.79
CA ILE B 547 -5.94 53.60 4.75
C ILE B 547 -7.26 54.34 4.84
N PHE B 548 -7.23 55.67 4.82
CA PHE B 548 -8.48 56.42 4.88
C PHE B 548 -9.42 55.98 3.78
N THR B 549 -9.04 56.22 2.52
CA THR B 549 -9.90 55.89 1.38
C THR B 549 -10.12 54.39 1.23
N TYR B 550 -9.11 53.59 1.60
CA TYR B 550 -9.23 52.14 1.67
C TYR B 550 -10.39 51.72 2.56
N ALA B 551 -10.59 52.43 3.67
CA ALA B 551 -11.71 52.13 4.55
C ALA B 551 -13.03 52.44 3.87
N ILE B 552 -13.06 53.50 3.07
CA ILE B 552 -14.26 53.79 2.27
C ILE B 552 -14.42 52.73 1.20
N GLU B 553 -13.29 52.13 0.78
CA GLU B 553 -13.33 50.97 -0.11
C GLU B 553 -14.00 49.78 0.56
N LYS B 554 -13.94 49.71 1.89
CA LYS B 554 -14.62 48.63 2.60
C LYS B 554 -16.13 48.80 2.65
N VAL B 555 -16.64 49.95 2.20
CA VAL B 555 -18.06 50.02 1.85
C VAL B 555 -18.40 49.10 0.70
N ARG B 556 -17.53 49.06 -0.32
CA ARG B 556 -17.79 48.42 -1.60
C ARG B 556 -17.96 46.91 -1.53
N GLU B 557 -17.47 46.26 -0.47
CA GLU B 557 -17.72 44.83 -0.35
C GLU B 557 -19.10 44.50 0.19
N VAL B 558 -19.87 45.48 0.65
CA VAL B 558 -21.23 45.19 1.07
C VAL B 558 -22.18 46.03 0.23
N PHE B 559 -22.03 47.36 0.31
CA PHE B 559 -22.92 48.26 -0.41
C PHE B 559 -22.21 49.55 -0.79
N GLN B 568 -28.80 40.58 6.93
CA GLN B 568 -27.71 41.44 6.51
C GLN B 568 -26.51 40.63 6.04
N LYS B 569 -25.70 41.26 5.19
CA LYS B 569 -24.55 40.61 4.56
C LYS B 569 -23.26 40.85 5.32
N ILE B 570 -23.34 41.31 6.57
CA ILE B 570 -22.16 41.56 7.37
C ILE B 570 -21.53 40.24 7.82
N LYS B 571 -22.35 39.20 7.96
CA LYS B 571 -21.92 37.91 8.51
C LYS B 571 -20.86 37.22 7.65
N VAL B 572 -20.77 37.59 6.38
CA VAL B 572 -19.76 36.99 5.52
C VAL B 572 -18.48 37.83 5.54
N TRP B 573 -18.60 39.12 5.84
CA TRP B 573 -17.45 40.01 5.75
C TRP B 573 -16.49 39.78 6.91
N PHE B 574 -17.00 39.27 8.04
CA PHE B 574 -16.16 38.77 9.12
C PHE B 574 -15.92 37.27 9.04
N SER B 575 -16.08 36.67 7.87
CA SER B 575 -16.03 35.21 7.79
C SER B 575 -14.66 34.69 7.39
N ASP B 576 -13.80 35.55 6.87
CA ASP B 576 -12.46 35.13 6.48
C ASP B 576 -11.41 35.67 7.46
N TYR B 577 -10.39 34.86 7.71
CA TYR B 577 -9.44 35.15 8.78
C TYR B 577 -8.42 36.22 8.43
N PHE B 578 -8.49 36.82 7.24
CA PHE B 578 -7.71 38.01 6.96
C PHE B 578 -8.48 39.29 7.17
N ASN B 579 -9.76 39.31 6.78
CA ASN B 579 -10.54 40.54 6.78
C ASN B 579 -10.73 41.09 8.18
N VAL B 580 -10.93 40.20 9.16
CA VAL B 580 -10.95 40.60 10.57
C VAL B 580 -9.63 41.25 10.96
N SER B 581 -8.51 40.68 10.52
CA SER B 581 -7.21 41.29 10.77
C SER B 581 -7.08 42.63 10.05
N ASP B 582 -7.74 42.78 8.90
CA ASP B 582 -7.76 44.11 8.30
C ASP B 582 -8.45 45.09 9.21
N THR B 583 -9.58 44.69 9.83
CA THR B 583 -10.38 45.64 10.60
C THR B 583 -9.65 46.11 11.85
N ILE B 584 -9.04 45.16 12.58
CA ILE B 584 -8.14 45.48 13.68
C ILE B 584 -7.01 46.38 13.20
N ALA B 585 -6.52 46.12 11.99
CA ALA B 585 -5.56 47.03 11.36
C ALA B 585 -6.17 48.40 11.12
N ILE B 586 -7.36 48.44 10.51
CA ILE B 586 -7.96 49.72 10.20
C ILE B 586 -8.23 50.52 11.47
N ILE B 587 -8.98 49.92 12.39
CA ILE B 587 -9.43 50.62 13.61
C ILE B 587 -8.25 51.03 14.45
N SER B 588 -7.27 50.13 14.62
CA SER B 588 -6.05 50.45 15.35
C SER B 588 -5.30 51.60 14.70
N PHE B 589 -5.32 51.67 13.37
CA PHE B 589 -4.69 52.81 12.73
C PHE B 589 -5.34 54.11 13.17
N PHE B 590 -6.67 54.13 13.24
CA PHE B 590 -7.35 55.38 13.58
C PHE B 590 -7.36 55.64 15.08
N VAL B 591 -7.19 54.61 15.90
CA VAL B 591 -6.76 54.82 17.28
C VAL B 591 -5.45 55.60 17.29
N GLY B 592 -4.55 55.27 16.36
CA GLY B 592 -3.34 56.01 16.06
C GLY B 592 -3.53 57.50 15.78
N PHE B 593 -4.74 57.97 15.51
CA PHE B 593 -4.96 59.40 15.45
C PHE B 593 -5.75 59.95 16.63
N GLY B 594 -6.59 59.11 17.26
CA GLY B 594 -7.30 59.55 18.45
C GLY B 594 -6.35 59.85 19.58
N LEU B 595 -5.29 59.07 19.68
CA LEU B 595 -3.99 59.50 20.16
C LEU B 595 -3.06 59.13 19.02
N ARG B 596 -2.48 60.11 18.33
CA ARG B 596 -2.13 61.40 18.91
C ARG B 596 -2.53 62.67 18.14
N PHE B 597 -3.04 62.53 16.91
CA PHE B 597 -3.29 63.71 16.09
C PHE B 597 -4.46 64.54 16.63
N GLY B 598 -5.34 63.91 17.40
CA GLY B 598 -6.31 64.64 18.20
C GLY B 598 -5.76 64.96 19.58
N ALA B 599 -4.52 65.45 19.61
CA ALA B 599 -3.79 65.78 20.82
C ALA B 599 -2.61 66.66 20.44
N LYS B 600 -1.95 67.22 21.46
CA LYS B 600 -0.82 68.14 21.27
C LYS B 600 0.07 68.11 22.50
N TRP B 601 1.33 67.72 22.30
CA TRP B 601 2.37 68.02 23.27
C TRP B 601 2.56 69.53 23.34
N ASN B 602 2.49 70.17 24.54
CA ASN B 602 2.58 69.76 25.97
C ASN B 602 3.82 68.96 26.35
N TYR B 603 4.82 68.99 25.48
CA TYR B 603 6.19 68.57 25.75
C TYR B 603 7.09 69.22 24.70
N ILE B 604 7.84 70.25 25.09
CA ILE B 604 8.64 70.97 24.11
C ILE B 604 9.96 70.27 23.84
N ASN B 605 10.47 69.55 24.84
CA ASN B 605 11.78 68.93 24.75
C ASN B 605 11.62 67.45 24.46
N ALA B 606 11.91 67.07 23.21
CA ALA B 606 12.08 65.71 22.68
C ALA B 606 10.81 64.87 22.64
N TYR B 607 9.67 65.38 23.16
CA TYR B 607 8.36 64.69 23.17
C TYR B 607 8.48 63.28 23.76
N ASP B 608 8.79 63.22 25.06
CA ASP B 608 9.33 62.01 25.67
C ASP B 608 8.39 60.81 25.69
N ASN B 609 7.10 60.87 26.09
CA ASN B 609 6.35 61.89 26.84
C ASN B 609 5.37 61.13 27.72
N HIS B 610 4.45 61.82 28.38
CA HIS B 610 3.36 61.13 29.05
C HIS B 610 2.35 60.61 28.04
N VAL B 611 2.21 61.33 26.92
CA VAL B 611 1.39 60.90 25.80
C VAL B 611 2.31 60.66 24.62
N PHE B 612 1.69 60.46 23.45
CA PHE B 612 2.27 60.34 22.12
C PHE B 612 3.05 59.04 21.90
N VAL B 613 3.50 58.38 22.97
CA VAL B 613 4.31 57.20 22.79
C VAL B 613 3.42 55.98 22.58
N ALA B 614 2.25 55.98 23.22
CA ALA B 614 1.21 55.03 22.86
C ALA B 614 0.63 55.33 21.49
N GLY B 615 0.87 56.54 20.96
CA GLY B 615 0.55 56.77 19.57
C GLY B 615 1.55 56.01 18.72
N ARG B 616 2.80 56.04 19.15
CA ARG B 616 3.86 55.48 18.32
C ARG B 616 3.90 53.97 18.38
N LEU B 617 3.85 53.40 19.59
CA LEU B 617 4.00 51.95 19.78
C LEU B 617 2.87 51.16 19.14
N ILE B 618 1.62 51.54 19.42
CA ILE B 618 0.49 51.02 18.66
C ILE B 618 0.66 51.34 17.19
N TYR B 619 1.18 52.53 16.89
CA TYR B 619 1.50 52.89 15.52
C TYR B 619 2.64 52.02 14.98
N CYS B 620 3.46 51.45 15.86
CA CYS B 620 4.35 50.35 15.48
C CYS B 620 3.59 49.03 15.35
N LEU B 621 2.79 48.67 16.35
CA LEU B 621 2.20 47.33 16.35
C LEU B 621 1.06 47.16 15.37
N ASN B 622 0.84 48.12 14.48
CA ASN B 622 -0.10 47.98 13.39
C ASN B 622 0.57 47.42 12.14
N ILE B 623 1.92 47.53 12.06
CA ILE B 623 2.69 47.04 10.91
C ILE B 623 2.41 45.58 10.63
N ILE B 624 2.43 44.76 11.69
CA ILE B 624 2.08 43.35 11.64
C ILE B 624 0.72 43.14 10.99
N PHE B 625 -0.28 43.91 11.40
CA PHE B 625 -1.59 43.66 10.82
C PHE B 625 -1.78 44.37 9.50
N TRP B 626 -0.77 45.11 9.03
CA TRP B 626 -0.72 45.46 7.62
C TRP B 626 0.35 44.69 6.89
N TYR B 627 0.71 43.51 7.40
CA TYR B 627 1.76 42.76 6.74
C TYR B 627 1.31 41.35 6.41
N VAL B 628 0.49 40.78 7.26
CA VAL B 628 0.00 39.42 7.06
C VAL B 628 -1.01 39.40 5.92
N ARG B 629 -1.55 40.57 5.56
CA ARG B 629 -2.31 40.74 4.33
C ARG B 629 -1.50 40.37 3.09
N LEU B 630 -0.16 40.51 3.18
CA LEU B 630 0.73 40.01 2.14
C LEU B 630 0.56 38.53 1.86
N LEU B 631 0.26 37.74 2.89
CA LEU B 631 -0.04 36.32 2.65
C LEU B 631 -1.28 36.15 1.79
N ASP B 632 -2.28 37.02 1.95
CA ASP B 632 -3.40 37.02 1.00
C ASP B 632 -2.93 37.49 -0.37
N PHE B 633 -1.91 38.33 -0.42
CA PHE B 633 -1.30 38.67 -1.70
C PHE B 633 -0.23 37.67 -2.11
N LEU B 634 -0.02 36.60 -1.36
CA LEU B 634 0.95 35.59 -1.72
C LEU B 634 0.34 34.21 -1.89
N ALA B 635 -0.84 33.98 -1.34
CA ALA B 635 -1.57 32.74 -1.60
C ALA B 635 -2.44 32.87 -2.84
N VAL B 636 -1.83 33.24 -3.97
CA VAL B 636 -2.54 33.45 -5.22
C VAL B 636 -1.99 32.64 -6.35
N ASN B 637 -0.88 31.93 -6.15
CA ASN B 637 -0.32 31.05 -7.16
C ASN B 637 -0.33 29.61 -6.69
N GLN B 638 -0.11 28.72 -7.67
CA GLN B 638 -0.46 27.31 -7.52
C GLN B 638 0.43 26.59 -6.54
N GLN B 639 1.60 27.15 -6.23
CA GLN B 639 2.53 26.46 -5.36
C GLN B 639 2.46 27.00 -3.93
N ALA B 640 2.49 28.32 -3.79
CA ALA B 640 2.52 28.90 -2.46
C ALA B 640 1.16 28.89 -1.80
N GLY B 641 0.08 28.95 -2.58
CA GLY B 641 -1.28 28.91 -2.09
C GLY B 641 -1.65 27.90 -1.02
N PRO B 642 -1.39 26.60 -1.27
CA PRO B 642 -1.63 25.60 -0.23
C PRO B 642 -0.78 25.81 1.01
N TYR B 643 0.51 25.99 0.83
CA TYR B 643 1.36 26.27 1.98
C TYR B 643 0.75 27.37 2.85
N VAL B 644 0.42 28.51 2.25
CA VAL B 644 0.01 29.68 3.02
C VAL B 644 -1.35 29.44 3.67
N MET B 645 -2.28 28.81 2.95
CA MET B 645 -3.53 28.44 3.58
C MET B 645 -3.47 27.05 4.18
N MET B 646 -2.29 26.63 4.64
CA MET B 646 -2.09 25.35 5.29
C MET B 646 -1.74 25.49 6.76
N ILE B 647 -0.95 26.51 7.11
CA ILE B 647 -0.54 26.78 8.47
C ILE B 647 -1.76 26.96 9.38
N GLY B 648 -2.75 27.72 8.91
CA GLY B 648 -3.99 27.90 9.65
C GLY B 648 -4.84 26.65 9.77
N LYS B 649 -4.55 25.63 8.96
CA LYS B 649 -5.23 24.35 9.12
C LYS B 649 -4.31 23.33 9.80
N MET B 650 -3.20 23.78 10.37
CA MET B 650 -2.31 22.90 11.10
C MET B 650 -1.96 23.38 12.49
N VAL B 651 -1.79 24.69 12.70
CA VAL B 651 -1.65 25.27 14.02
C VAL B 651 -2.86 24.95 14.89
N ALA B 652 -4.05 25.11 14.33
CA ALA B 652 -5.27 24.72 15.01
C ALA B 652 -5.40 23.21 15.19
N ASN B 653 -4.55 22.42 14.53
CA ASN B 653 -4.47 21.01 14.82
C ASN B 653 -3.39 20.67 15.85
N MET B 654 -2.42 21.56 16.08
CA MET B 654 -1.33 21.24 16.99
C MET B 654 -1.57 21.76 18.40
N PHE B 655 -2.70 22.41 18.63
CA PHE B 655 -2.91 23.25 19.81
C PHE B 655 -2.77 22.47 21.10
N TYR B 656 -3.36 21.28 21.16
CA TYR B 656 -3.29 20.49 22.38
C TYR B 656 -1.89 19.95 22.66
N ILE B 657 -1.02 19.87 21.66
CA ILE B 657 0.36 19.54 21.98
C ILE B 657 1.03 20.75 22.61
N VAL B 658 0.73 21.94 22.10
CA VAL B 658 1.45 23.16 22.48
C VAL B 658 1.18 23.50 23.94
N VAL B 659 -0.05 23.25 24.39
CA VAL B 659 -0.44 23.39 25.80
C VAL B 659 0.48 22.59 26.70
N ILE B 660 0.82 21.37 26.28
CA ILE B 660 1.70 20.52 27.06
C ILE B 660 3.10 21.13 27.13
N MET B 661 3.54 21.78 26.02
CA MET B 661 4.72 22.65 26.06
C MET B 661 4.60 23.67 27.20
N ALA B 662 3.53 24.45 27.19
CA ALA B 662 3.30 25.37 28.28
C ALA B 662 3.27 24.65 29.62
N LEU B 663 2.68 23.47 29.69
CA LEU B 663 2.31 22.91 30.98
C LEU B 663 3.54 22.44 31.73
N VAL B 664 4.37 21.64 31.06
CA VAL B 664 5.72 21.31 31.54
C VAL B 664 6.55 22.58 31.74
N LEU B 665 6.32 23.62 30.91
CA LEU B 665 7.01 24.89 31.08
C LEU B 665 6.72 25.50 32.43
N LEU B 666 5.49 25.36 32.93
CA LEU B 666 5.28 25.91 34.26
C LEU B 666 5.99 25.09 35.31
N SER B 667 6.13 23.77 35.11
CA SER B 667 6.81 22.97 36.14
C SER B 667 8.31 22.94 35.95
N PHE B 668 8.86 23.90 35.23
CA PHE B 668 10.22 24.30 35.51
C PHE B 668 10.27 25.77 35.88
N GLY B 669 9.23 26.52 35.51
CA GLY B 669 9.23 27.94 35.82
C GLY B 669 8.89 28.25 37.25
N VAL B 670 8.09 27.39 37.88
CA VAL B 670 7.79 27.54 39.30
C VAL B 670 8.88 26.98 40.22
N PRO B 671 9.40 25.77 40.08
CA PRO B 671 10.40 25.31 41.05
C PRO B 671 11.80 25.82 40.78
N ARG B 672 11.97 26.82 39.94
CA ARG B 672 13.27 27.44 39.79
C ARG B 672 13.35 28.73 40.59
N LYS B 673 12.38 29.63 40.42
CA LYS B 673 12.33 30.81 41.28
C LYS B 673 11.89 30.44 42.69
N ALA B 674 11.13 29.36 42.82
CA ALA B 674 10.74 28.83 44.11
C ALA B 674 11.92 28.44 44.99
N ILE B 675 13.07 28.14 44.39
CA ILE B 675 14.29 27.93 45.12
C ILE B 675 15.17 29.18 45.13
N LEU B 676 15.33 29.82 43.96
CA LEU B 676 16.39 30.81 43.84
C LEU B 676 15.98 32.18 44.37
N TYR B 677 14.73 32.36 44.77
CA TYR B 677 14.32 33.65 45.32
C TYR B 677 13.48 33.48 46.57
N PRO B 678 14.07 33.56 47.75
CA PRO B 678 13.30 33.30 48.97
C PRO B 678 12.52 34.48 49.54
N HIS B 679 12.86 35.71 49.18
CA HIS B 679 12.40 36.85 49.96
C HIS B 679 11.68 37.91 49.15
N GLU B 680 11.21 37.59 47.94
CA GLU B 680 10.67 38.61 47.07
C GLU B 680 9.18 38.81 47.34
N GLU B 681 8.77 40.06 47.36
CA GLU B 681 7.38 40.44 47.55
C GLU B 681 6.61 40.30 46.24
N PRO B 682 5.29 40.08 46.31
CA PRO B 682 4.49 40.06 45.08
C PRO B 682 4.41 41.44 44.44
N SER B 683 5.01 41.58 43.25
CA SER B 683 5.13 42.92 42.64
C SER B 683 3.83 43.39 41.95
N TRP B 684 3.25 42.69 40.96
CA TRP B 684 3.44 41.30 40.46
C TRP B 684 4.25 41.29 39.16
N SER B 685 5.50 40.88 39.27
CA SER B 685 6.40 40.77 38.11
C SER B 685 6.99 39.38 38.00
N LEU B 686 6.70 38.51 38.98
CA LEU B 686 7.24 37.16 39.04
C LEU B 686 6.93 36.36 37.79
N ALA B 687 5.74 36.55 37.23
CA ALA B 687 5.31 35.87 36.01
C ALA B 687 6.21 36.15 34.83
N LYS B 688 6.86 37.31 34.78
CA LYS B 688 7.86 37.55 33.73
C LYS B 688 9.03 36.58 33.86
N ASP B 689 9.46 36.33 35.10
CA ASP B 689 10.54 35.39 35.36
C ASP B 689 10.06 34.01 35.76
N ILE B 690 8.77 33.81 36.03
CA ILE B 690 8.26 32.44 36.06
C ILE B 690 8.19 31.88 34.66
N VAL B 691 7.53 32.59 33.75
CA VAL B 691 7.30 32.05 32.43
C VAL B 691 8.51 32.28 31.56
N PHE B 692 8.90 33.55 31.37
CA PHE B 692 9.68 33.89 30.18
C PHE B 692 11.13 33.45 30.28
N HIS B 693 11.74 33.54 31.46
CA HIS B 693 13.14 33.14 31.56
C HIS B 693 13.42 31.65 31.35
N PRO B 694 12.58 30.70 31.78
CA PRO B 694 12.78 29.33 31.27
C PRO B 694 12.04 29.04 29.99
N TYR B 695 11.31 30.01 29.46
CA TYR B 695 10.73 29.82 28.13
C TYR B 695 11.79 29.88 27.07
N TRP B 696 12.89 30.60 27.32
CA TRP B 696 13.96 30.73 26.35
C TRP B 696 15.01 29.63 26.46
N MET B 697 14.74 28.55 27.19
CA MET B 697 15.68 27.44 27.23
C MET B 697 15.75 26.77 25.86
N ILE B 698 14.66 26.13 25.45
CA ILE B 698 14.35 26.10 24.04
C ILE B 698 14.21 27.56 23.61
N PHE B 699 14.93 27.95 22.57
CA PHE B 699 15.15 27.13 21.43
C PHE B 699 16.64 27.03 21.16
N GLY B 700 17.41 27.06 22.25
CA GLY B 700 18.84 26.85 22.11
C GLY B 700 19.73 27.56 23.11
N GLU B 701 19.21 28.54 23.82
CA GLU B 701 20.00 29.22 24.84
C GLU B 701 19.76 28.52 26.17
N VAL B 702 20.82 27.94 26.71
CA VAL B 702 20.72 27.14 27.91
C VAL B 702 20.77 27.97 29.17
N TYR B 703 21.20 29.24 29.07
CA TYR B 703 21.68 30.04 30.20
C TYR B 703 22.69 29.24 31.00
N ALA B 704 23.76 28.82 30.31
CA ALA B 704 24.73 27.90 30.91
C ALA B 704 25.46 28.51 32.09
N TYR B 705 25.65 29.82 32.08
CA TYR B 705 26.27 30.49 33.20
C TYR B 705 25.26 31.08 34.18
N GLU B 706 23.99 30.70 34.06
CA GLU B 706 23.05 30.88 35.17
C GLU B 706 22.59 29.56 35.75
N ILE B 707 23.18 28.45 35.30
CA ILE B 707 23.13 27.23 36.07
C ILE B 707 24.18 27.31 37.17
N ASP B 708 24.05 26.44 38.18
CA ASP B 708 24.97 26.32 39.32
C ASP B 708 24.97 27.58 40.20
N VAL B 709 23.80 28.09 40.53
CA VAL B 709 23.63 29.00 41.65
C VAL B 709 23.20 28.15 42.84
N CYS B 710 24.11 27.84 43.76
CA CYS B 710 25.43 28.48 43.98
C CYS B 710 26.58 28.10 43.05
N ALA B 711 27.45 29.09 42.84
CA ALA B 711 28.36 29.11 41.72
C ALA B 711 29.45 28.05 41.82
N ASN B 712 30.13 27.83 40.71
CA ASN B 712 31.39 27.12 40.69
C ASN B 712 32.43 28.01 40.04
N ASP B 713 32.44 29.28 40.45
CA ASP B 713 33.36 30.36 40.11
C ASP B 713 33.23 30.82 38.66
N SER B 714 32.08 30.62 38.01
CA SER B 714 31.92 31.09 36.65
C SER B 714 30.55 31.71 36.36
N THR B 715 29.63 31.72 37.32
CA THR B 715 28.27 32.16 37.01
C THR B 715 28.16 33.67 37.06
N LEU B 716 27.22 34.21 36.30
CA LEU B 716 27.01 35.64 36.34
C LEU B 716 26.27 36.08 37.62
N PRO B 717 25.27 35.36 38.13
CA PRO B 717 24.87 35.64 39.52
C PRO B 717 25.71 34.84 40.50
N THR B 718 26.12 35.49 41.59
CA THR B 718 26.76 34.82 42.70
C THR B 718 25.91 34.89 43.96
N ILE B 719 24.79 35.62 43.90
CA ILE B 719 23.84 35.72 45.00
C ILE B 719 23.07 34.41 45.04
N CYS B 720 23.25 33.65 46.11
CA CYS B 720 22.79 32.28 46.17
C CYS B 720 22.23 32.01 47.56
N GLY B 721 22.00 30.73 47.85
CA GLY B 721 21.51 30.31 49.12
C GLY B 721 21.81 28.85 49.40
N PRO B 722 21.50 28.41 50.61
CA PRO B 722 21.72 26.99 50.95
C PRO B 722 20.72 26.10 50.24
N GLY B 723 21.18 24.93 49.80
CA GLY B 723 20.30 23.96 49.18
C GLY B 723 19.90 24.25 47.76
N THR B 724 20.39 25.33 47.16
CA THR B 724 19.95 25.76 45.84
C THR B 724 20.60 25.00 44.70
N TRP B 725 21.23 23.87 44.97
CA TRP B 725 21.94 23.07 43.99
C TRP B 725 21.03 22.12 43.22
N LEU B 726 19.72 22.27 43.30
CA LEU B 726 18.84 21.31 42.63
C LEU B 726 18.48 21.74 41.22
N THR B 727 18.51 23.03 40.92
CA THR B 727 18.22 23.49 39.56
C THR B 727 19.10 22.93 38.44
N PRO B 728 20.38 22.56 38.63
CA PRO B 728 21.05 21.79 37.56
C PRO B 728 20.51 20.38 37.39
N PHE B 729 19.77 19.84 38.35
CA PHE B 729 19.09 18.59 38.07
C PHE B 729 17.78 18.82 37.34
N LEU B 730 16.97 19.78 37.82
CA LEU B 730 15.66 20.02 37.24
C LEU B 730 15.78 20.49 35.80
N GLN B 731 16.74 21.36 35.50
CA GLN B 731 16.93 21.77 34.12
C GLN B 731 17.43 20.62 33.27
N ALA B 732 18.20 19.71 33.89
CA ALA B 732 18.60 18.50 33.18
C ALA B 732 17.41 17.61 32.86
N VAL B 733 16.34 17.70 33.63
CA VAL B 733 15.09 17.08 33.22
C VAL B 733 14.44 17.89 32.13
N TYR B 734 14.38 19.23 32.30
CA TYR B 734 13.47 20.04 31.50
C TYR B 734 13.90 20.08 30.05
N LEU B 735 15.15 20.44 29.80
CA LEU B 735 15.66 20.41 28.46
C LEU B 735 15.89 19.01 27.93
N PHE B 736 15.59 17.96 28.70
CA PHE B 736 15.35 16.65 28.14
C PHE B 736 13.92 16.49 27.66
N VAL B 737 12.94 16.86 28.47
CA VAL B 737 11.54 16.58 28.18
C VAL B 737 10.96 17.55 27.15
N GLN B 738 11.53 18.74 27.02
CA GLN B 738 11.13 19.66 25.98
C GLN B 738 12.11 19.73 24.83
N TYR B 739 13.03 18.78 24.72
CA TYR B 739 13.85 18.72 23.51
C TYR B 739 14.07 17.30 23.00
N ILE B 740 13.65 16.26 23.73
CA ILE B 740 13.89 14.91 23.25
C ILE B 740 12.60 14.10 23.14
N ILE B 741 11.74 14.12 24.15
CA ILE B 741 10.43 13.51 23.97
C ILE B 741 9.53 14.43 23.18
N MET B 742 9.16 15.53 23.82
CA MET B 742 8.84 16.79 23.19
C MET B 742 10.17 17.54 23.17
N VAL B 743 10.33 18.57 22.34
CA VAL B 743 9.53 18.84 21.16
C VAL B 743 10.17 18.05 20.00
N ASN B 744 9.78 16.79 19.99
CA ASN B 744 10.13 15.83 18.97
C ASN B 744 8.94 15.00 18.55
N LEU B 745 7.99 14.82 19.46
CA LEU B 745 6.65 14.38 19.08
C LEU B 745 5.99 15.41 18.18
N LEU B 746 6.28 16.69 18.41
CA LEU B 746 5.87 17.69 17.45
C LEU B 746 6.81 17.74 16.22
N ILE B 747 7.80 16.87 16.09
CA ILE B 747 8.30 16.51 14.78
C ILE B 747 7.43 15.44 14.13
N ALA B 748 6.87 14.52 14.94
CA ALA B 748 6.07 13.41 14.41
C ALA B 748 4.76 13.90 13.83
N PHE B 749 3.91 14.47 14.68
CA PHE B 749 2.95 15.44 14.21
C PHE B 749 3.72 16.57 13.53
N PHE B 750 3.20 17.04 12.40
CA PHE B 750 3.84 17.75 11.27
C PHE B 750 4.62 16.79 10.40
N ASN B 751 4.37 15.49 10.42
CA ASN B 751 5.15 14.64 9.54
C ASN B 751 4.28 13.64 8.78
N ASN B 752 3.32 13.06 9.48
CA ASN B 752 2.31 12.24 8.84
C ASN B 752 0.91 12.72 9.14
N VAL B 753 0.78 13.97 9.57
CA VAL B 753 -0.47 14.70 9.52
C VAL B 753 -0.10 15.83 8.56
N TYR B 754 0.75 15.48 7.60
CA TYR B 754 1.10 16.38 6.51
C TYR B 754 0.43 16.01 5.20
N LEU B 755 0.59 14.77 4.74
CA LEU B 755 -0.13 14.35 3.54
C LEU B 755 -1.59 14.77 3.60
N GLN B 756 -2.33 14.28 4.60
CA GLN B 756 -3.78 14.47 4.63
C GLN B 756 -4.21 15.87 5.06
N VAL B 757 -3.28 16.79 5.27
CA VAL B 757 -3.63 18.20 5.34
C VAL B 757 -3.27 18.91 4.04
N LYS B 758 -2.28 18.41 3.31
CA LYS B 758 -2.04 18.90 1.95
C LYS B 758 -3.21 18.60 1.04
N ALA B 759 -3.74 17.38 1.11
CA ALA B 759 -4.82 16.98 0.22
C ALA B 759 -6.16 17.57 0.61
N ILE B 760 -6.31 18.12 1.82
CA ILE B 760 -7.48 18.92 2.16
C ILE B 760 -7.26 20.38 1.79
N SER B 761 -6.25 21.01 2.40
CA SER B 761 -6.05 22.46 2.28
C SER B 761 -5.78 22.88 0.86
N ASN B 762 -4.98 22.07 0.12
CA ASN B 762 -4.82 22.22 -1.31
C ASN B 762 -6.15 22.41 -2.01
N ILE B 763 -7.07 21.46 -1.81
CA ILE B 763 -8.41 21.56 -2.37
C ILE B 763 -9.13 22.79 -1.86
N VAL B 764 -8.98 23.09 -0.56
CA VAL B 764 -9.61 24.27 0.03
C VAL B 764 -9.07 25.53 -0.61
N TRP B 765 -7.77 25.53 -0.93
CA TRP B 765 -7.18 26.67 -1.62
C TRP B 765 -7.83 26.89 -2.97
N LYS B 766 -8.04 25.81 -3.73
CA LYS B 766 -8.67 25.94 -5.04
C LYS B 766 -10.09 26.46 -4.90
N TYR B 767 -10.77 26.13 -3.80
CA TYR B 767 -12.11 26.64 -3.61
C TYR B 767 -12.09 28.14 -3.40
N GLN B 768 -11.11 28.64 -2.65
CA GLN B 768 -11.19 30.06 -2.37
C GLN B 768 -10.72 30.93 -3.53
N ARG B 769 -10.16 30.32 -4.59
CA ARG B 769 -9.91 31.09 -5.79
C ARG B 769 -11.21 31.61 -6.39
N TYR B 770 -12.31 30.85 -6.24
CA TYR B 770 -13.59 31.38 -6.65
C TYR B 770 -13.97 32.58 -5.82
N HIS B 771 -13.73 32.51 -4.52
CA HIS B 771 -14.00 33.68 -3.69
C HIS B 771 -12.96 34.76 -3.87
N PHE B 772 -11.89 34.48 -4.62
CA PHE B 772 -10.88 35.48 -4.89
C PHE B 772 -11.05 36.12 -6.25
N ILE B 773 -11.35 35.33 -7.27
CA ILE B 773 -11.41 35.87 -8.63
C ILE B 773 -12.82 36.34 -8.95
N MET B 774 -13.85 35.63 -8.48
CA MET B 774 -15.20 36.15 -8.71
C MET B 774 -15.50 37.31 -7.77
N ALA B 775 -14.63 37.57 -6.79
CA ALA B 775 -14.67 38.83 -6.07
C ALA B 775 -14.45 40.01 -7.03
N TYR B 776 -13.58 39.86 -8.03
CA TYR B 776 -13.23 41.01 -8.85
C TYR B 776 -12.54 40.60 -10.15
N HIS B 777 -12.95 41.16 -11.30
CA HIS B 777 -14.29 41.40 -11.91
C HIS B 777 -15.35 42.43 -11.47
N GLU B 778 -15.15 43.10 -10.36
CA GLU B 778 -15.48 44.50 -10.21
C GLU B 778 -14.18 45.16 -9.85
N LYS B 779 -14.10 46.48 -9.96
CA LYS B 779 -13.70 47.43 -8.91
C LYS B 779 -13.38 48.73 -9.61
N PRO B 780 -13.51 49.85 -8.93
CA PRO B 780 -12.57 50.94 -9.19
C PRO B 780 -11.30 50.59 -8.44
N VAL B 781 -10.09 50.94 -8.88
CA VAL B 781 -9.72 51.72 -10.06
C VAL B 781 -8.27 51.31 -10.28
N LEU B 782 -7.52 52.20 -10.90
CA LEU B 782 -6.15 52.31 -10.43
C LEU B 782 -6.18 52.39 -8.91
N PRO B 783 -5.48 51.49 -8.18
CA PRO B 783 -5.93 51.11 -6.83
C PRO B 783 -5.75 52.18 -5.76
N PRO B 784 -6.01 51.77 -4.51
CA PRO B 784 -6.77 52.54 -3.52
C PRO B 784 -6.55 54.05 -3.59
N PRO B 785 -5.30 54.49 -3.56
CA PRO B 785 -5.01 55.93 -3.58
C PRO B 785 -5.62 56.61 -4.79
N LEU B 786 -5.25 56.14 -5.99
CA LEU B 786 -5.83 56.69 -7.21
C LEU B 786 -7.31 56.33 -7.34
N ILE B 787 -7.75 55.29 -6.63
CA ILE B 787 -9.18 54.96 -6.62
C ILE B 787 -9.98 55.98 -5.84
N ILE B 788 -9.31 56.77 -4.99
CA ILE B 788 -9.95 57.96 -4.43
C ILE B 788 -10.34 58.94 -5.52
N LEU B 789 -9.52 59.01 -6.58
CA LEU B 789 -9.88 59.79 -7.76
C LEU B 789 -11.09 59.20 -8.49
N SER B 790 -11.35 57.90 -8.29
CA SER B 790 -12.56 57.31 -8.85
C SER B 790 -13.74 57.46 -7.90
N HIS B 791 -13.55 58.15 -6.78
CA HIS B 791 -14.63 58.39 -5.84
C HIS B 791 -15.63 59.40 -6.38
N GLY B 811 -22.35 39.39 -11.94
CA GLY B 811 -22.57 39.69 -13.35
C GLY B 811 -21.77 38.72 -14.23
N PRO B 812 -21.33 39.22 -15.40
CA PRO B 812 -20.52 38.49 -16.37
C PRO B 812 -21.21 37.21 -16.86
N LYS B 813 -22.34 37.40 -17.55
CA LYS B 813 -23.18 36.29 -18.01
C LYS B 813 -23.25 36.28 -19.53
N LEU B 814 -22.73 35.21 -20.11
CA LEU B 814 -22.40 35.14 -21.54
C LEU B 814 -22.03 33.70 -21.83
N PHE B 815 -22.30 33.19 -23.05
CA PHE B 815 -22.71 33.84 -24.32
C PHE B 815 -23.27 32.55 -25.02
N LEU B 816 -23.74 32.48 -26.29
CA LEU B 816 -24.01 33.53 -27.27
C LEU B 816 -25.46 33.58 -27.76
N THR B 817 -25.91 32.49 -28.35
CA THR B 817 -27.09 32.47 -29.18
C THR B 817 -27.55 31.04 -29.43
N GLU B 818 -28.61 30.96 -30.26
CA GLU B 818 -29.36 29.74 -30.52
C GLU B 818 -28.47 28.62 -31.05
N GLU B 819 -27.54 28.97 -31.95
CA GLU B 819 -26.55 28.03 -32.48
C GLU B 819 -25.75 27.40 -31.35
N ASP B 820 -25.18 28.22 -30.48
CA ASP B 820 -24.48 27.69 -29.32
C ASP B 820 -25.44 27.14 -28.28
N GLN B 821 -26.71 27.55 -28.32
CA GLN B 821 -27.68 26.97 -27.39
C GLN B 821 -27.95 25.52 -27.75
N LYS B 822 -28.16 25.25 -29.04
CA LYS B 822 -28.36 23.87 -29.47
C LYS B 822 -27.05 23.10 -29.46
N LYS B 823 -25.91 23.79 -29.55
CA LYS B 823 -24.63 23.12 -29.31
C LYS B 823 -24.50 22.68 -27.85
N LEU B 824 -24.99 23.47 -26.90
CA LEU B 824 -24.99 23.05 -25.52
C LEU B 824 -26.01 21.96 -25.23
N HIS B 825 -27.24 22.09 -25.71
CA HIS B 825 -28.25 21.09 -25.40
C HIS B 825 -27.96 19.77 -26.10
N ASP B 826 -27.45 19.82 -27.34
CA ASP B 826 -26.91 18.62 -27.96
C ASP B 826 -25.66 18.15 -27.25
N PHE B 827 -24.95 19.06 -26.59
CA PHE B 827 -23.80 18.64 -25.80
C PHE B 827 -24.21 17.81 -24.60
N GLU B 828 -25.02 18.41 -23.69
CA GLU B 828 -25.46 17.71 -22.48
C GLU B 828 -26.25 16.45 -22.81
N GLU B 829 -27.22 16.57 -23.71
CA GLU B 829 -27.96 15.41 -24.21
C GLU B 829 -27.06 14.37 -24.85
N GLN B 830 -25.90 14.76 -25.38
CA GLN B 830 -24.91 13.77 -25.78
C GLN B 830 -24.09 13.24 -24.61
N CYS B 831 -23.69 14.11 -23.68
CA CYS B 831 -22.74 13.70 -22.65
C CYS B 831 -23.40 12.84 -21.58
N VAL B 832 -24.46 13.35 -20.96
CA VAL B 832 -25.11 12.62 -19.89
C VAL B 832 -25.26 11.15 -20.25
N GLU B 833 -25.85 10.89 -21.43
CA GLU B 833 -26.13 9.51 -21.86
C GLU B 833 -24.86 8.69 -22.03
N MET B 834 -23.80 9.31 -22.56
CA MET B 834 -22.50 8.64 -22.63
C MET B 834 -21.98 8.26 -21.26
N TYR B 835 -22.26 9.10 -20.25
CA TYR B 835 -21.97 8.73 -18.87
C TYR B 835 -22.71 7.47 -18.47
N PHE B 836 -23.98 7.37 -18.84
CA PHE B 836 -24.70 6.14 -18.56
C PHE B 836 -24.31 5.01 -19.50
N ASP B 837 -23.57 5.30 -20.56
CA ASP B 837 -22.96 4.24 -21.34
C ASP B 837 -21.56 3.90 -20.85
N GLU B 838 -21.10 4.54 -19.78
CA GLU B 838 -19.87 4.12 -19.12
C GLU B 838 -20.15 3.49 -17.76
N LYS B 839 -21.19 3.95 -17.06
CA LYS B 839 -21.54 3.39 -15.76
C LYS B 839 -22.03 1.96 -15.91
N ASP B 840 -22.67 1.62 -17.03
CA ASP B 840 -22.93 0.21 -17.30
C ASP B 840 -21.64 -0.58 -17.43
N ASP B 841 -20.66 -0.02 -18.14
CA ASP B 841 -19.39 -0.74 -18.33
C ASP B 841 -18.59 -0.82 -17.04
N LYS B 842 -18.92 0.02 -16.06
CA LYS B 842 -18.45 -0.23 -14.70
C LYS B 842 -19.23 -1.38 -14.07
N PHE B 843 -20.55 -1.33 -14.13
CA PHE B 843 -21.40 -2.30 -13.43
C PHE B 843 -21.57 -3.62 -14.17
N ASN B 844 -21.33 -3.69 -15.48
CA ASN B 844 -21.53 -4.93 -16.21
C ASN B 844 -20.23 -5.45 -16.79
N SER B 845 -19.09 -5.12 -16.19
CA SER B 845 -17.82 -5.70 -16.58
C SER B 845 -16.85 -5.57 -15.43
N GLY B 846 -15.67 -6.17 -15.62
CA GLY B 846 -14.61 -6.07 -14.64
C GLY B 846 -14.47 -7.32 -13.81
N SER B 847 -14.35 -7.15 -12.50
CA SER B 847 -14.05 -8.27 -11.62
C SER B 847 -15.32 -9.05 -11.27
N GLU B 848 -16.25 -8.41 -10.60
CA GLU B 848 -17.31 -9.13 -9.91
C GLU B 848 -18.42 -9.62 -10.82
N GLU B 849 -19.03 -8.71 -11.61
CA GLU B 849 -20.33 -8.98 -12.21
C GLU B 849 -20.24 -10.08 -13.28
N ARG B 850 -19.15 -10.08 -14.05
CA ARG B 850 -18.86 -11.18 -14.96
C ARG B 850 -18.83 -12.51 -14.23
N ILE B 851 -18.11 -12.59 -13.12
CA ILE B 851 -18.21 -13.79 -12.31
C ILE B 851 -19.68 -14.11 -12.01
N ARG B 852 -20.44 -13.12 -11.52
CA ARG B 852 -21.75 -13.39 -10.92
C ARG B 852 -22.73 -13.91 -11.96
N VAL B 853 -22.67 -13.34 -13.17
CA VAL B 853 -23.49 -13.86 -14.26
C VAL B 853 -23.02 -15.25 -14.66
N THR B 854 -21.70 -15.44 -14.82
CA THR B 854 -21.30 -16.81 -15.12
C THR B 854 -21.89 -17.78 -14.10
N PHE B 855 -21.69 -17.47 -12.81
CA PHE B 855 -22.11 -18.32 -11.70
C PHE B 855 -23.60 -18.67 -11.77
N GLU B 856 -24.47 -17.68 -11.73
CA GLU B 856 -25.88 -18.02 -11.93
C GLU B 856 -26.03 -18.92 -13.16
N ARG B 857 -25.47 -18.51 -14.30
CA ARG B 857 -25.80 -19.16 -15.58
C ARG B 857 -25.17 -20.55 -15.65
N VAL B 858 -23.96 -20.73 -15.14
CA VAL B 858 -23.50 -22.09 -14.97
C VAL B 858 -24.54 -22.90 -14.21
N GLU B 859 -24.94 -22.42 -13.02
CA GLU B 859 -25.71 -23.24 -12.06
C GLU B 859 -27.05 -23.68 -12.62
N GLN B 860 -27.90 -22.70 -12.96
CA GLN B 860 -29.14 -22.94 -13.70
C GLN B 860 -28.91 -23.80 -14.93
N MET B 861 -27.86 -23.47 -15.70
CA MET B 861 -27.58 -24.21 -16.93
C MET B 861 -27.20 -25.66 -16.61
N SER B 862 -26.47 -25.86 -15.51
CA SER B 862 -26.13 -27.21 -15.09
C SER B 862 -27.39 -27.99 -14.73
N ILE B 863 -28.33 -27.33 -14.05
CA ILE B 863 -29.61 -27.93 -13.70
C ILE B 863 -30.34 -28.37 -14.96
N GLN B 864 -30.26 -27.53 -16.01
CA GLN B 864 -30.89 -27.85 -17.29
C GLN B 864 -30.31 -29.15 -17.87
N ILE B 865 -28.98 -29.28 -17.83
CA ILE B 865 -28.33 -30.47 -18.38
C ILE B 865 -28.74 -31.70 -17.60
N LYS B 866 -28.93 -31.54 -16.28
CA LYS B 866 -29.35 -32.66 -15.44
C LYS B 866 -30.73 -33.14 -15.84
N GLU B 867 -31.66 -32.19 -16.09
CA GLU B 867 -32.97 -32.56 -16.60
C GLU B 867 -32.85 -33.21 -17.96
N VAL B 868 -31.99 -32.64 -18.82
CA VAL B 868 -31.66 -33.22 -20.11
C VAL B 868 -31.14 -34.63 -19.94
N GLY B 869 -30.19 -34.81 -18.99
CA GLY B 869 -29.64 -36.13 -18.74
C GLY B 869 -30.71 -37.10 -18.28
N ASP B 870 -31.60 -36.61 -17.39
CA ASP B 870 -32.66 -37.44 -16.85
C ASP B 870 -33.62 -37.87 -17.96
N ARG B 871 -33.95 -36.95 -18.86
CA ARG B 871 -34.92 -37.33 -19.88
C ARG B 871 -34.26 -38.18 -20.94
N VAL B 872 -32.94 -38.00 -21.15
CA VAL B 872 -32.25 -38.87 -22.08
C VAL B 872 -32.09 -40.26 -21.46
N ASN B 873 -32.14 -40.32 -20.13
CA ASN B 873 -32.31 -41.62 -19.47
C ASN B 873 -33.68 -42.21 -19.77
N TYR B 874 -34.74 -41.41 -19.58
CA TYR B 874 -36.09 -41.96 -19.62
C TYR B 874 -36.56 -42.21 -21.05
N ILE B 875 -36.14 -41.35 -21.98
CA ILE B 875 -36.56 -41.49 -23.36
C ILE B 875 -35.53 -42.33 -24.13
N LYS B 876 -34.33 -42.50 -23.56
CA LYS B 876 -33.51 -43.63 -23.97
C LYS B 876 -34.23 -44.94 -23.67
N ARG B 877 -34.66 -45.13 -22.43
CA ARG B 877 -35.33 -46.38 -22.08
C ARG B 877 -36.59 -46.58 -22.90
N SER B 878 -37.50 -45.58 -22.90
CA SER B 878 -38.79 -45.74 -23.57
C SER B 878 -38.65 -45.77 -25.08
N LEU B 879 -37.69 -45.03 -25.64
CA LEU B 879 -37.38 -45.16 -27.06
C LEU B 879 -36.73 -46.49 -27.37
N GLN B 880 -36.11 -47.14 -26.37
CA GLN B 880 -35.68 -48.52 -26.54
C GLN B 880 -36.85 -49.47 -26.38
N SER B 881 -37.97 -48.99 -25.81
CA SER B 881 -39.17 -49.81 -25.74
C SER B 881 -39.96 -49.75 -27.04
N LEU B 882 -40.13 -48.54 -27.58
CA LEU B 882 -40.83 -48.40 -28.86
C LEU B 882 -39.90 -48.66 -30.04
N ASP B 883 -38.60 -48.84 -29.79
CA ASP B 883 -37.66 -49.20 -30.83
C ASP B 883 -37.26 -50.67 -30.76
N SER B 884 -37.20 -51.24 -29.55
CA SER B 884 -36.91 -52.64 -29.38
C SER B 884 -38.16 -53.52 -29.47
N GLN B 885 -39.33 -52.97 -29.14
CA GLN B 885 -40.56 -53.75 -29.30
C GLN B 885 -40.99 -53.79 -30.76
N ILE B 886 -41.23 -52.63 -31.36
CA ILE B 886 -41.69 -52.57 -32.74
C ILE B 886 -40.55 -52.20 -33.68
N UNK C 1 -14.11 -46.16 -14.06
CA UNK C 1 -14.66 -47.38 -13.51
C UNK C 1 -13.95 -47.78 -12.23
N UNK C 2 -12.70 -47.33 -12.09
CA UNK C 2 -11.87 -47.63 -10.92
C UNK C 2 -11.93 -46.54 -9.87
N UNK C 3 -12.21 -45.29 -10.29
CA UNK C 3 -12.26 -44.18 -9.34
C UNK C 3 -13.47 -44.30 -8.42
N UNK C 4 -14.51 -44.98 -8.87
CA UNK C 4 -15.65 -45.25 -8.00
C UNK C 4 -15.30 -46.30 -6.95
N UNK C 5 -14.44 -47.25 -7.31
CA UNK C 5 -14.06 -48.30 -6.36
C UNK C 5 -13.05 -47.79 -5.33
N UNK C 6 -12.06 -47.02 -5.79
CA UNK C 6 -11.10 -46.45 -4.86
C UNK C 6 -11.74 -45.32 -4.05
N UNK C 7 -12.64 -44.56 -4.66
CA UNK C 7 -13.42 -43.57 -3.92
C UNK C 7 -14.37 -44.24 -2.95
N UNK C 8 -14.77 -45.48 -3.22
CA UNK C 8 -15.46 -46.27 -2.22
C UNK C 8 -14.49 -46.77 -1.16
N UNK C 9 -13.21 -46.89 -1.51
CA UNK C 9 -12.19 -47.26 -0.53
C UNK C 9 -11.64 -46.05 0.21
N UNK C 10 -12.15 -44.86 -0.05
CA UNK C 10 -11.84 -43.70 0.79
C UNK C 10 -12.71 -43.63 2.04
N UNK C 11 -13.79 -44.41 2.09
CA UNK C 11 -14.64 -44.42 3.27
C UNK C 11 -13.99 -45.14 4.44
N UNK C 12 -13.05 -46.05 4.15
CA UNK C 12 -12.34 -46.76 5.22
C UNK C 12 -11.37 -45.84 5.95
N UNK C 13 -10.85 -44.83 5.26
CA UNK C 13 -10.05 -43.81 5.94
C UNK C 13 -10.94 -42.69 6.44
N UNK C 14 -12.12 -42.51 5.85
CA UNK C 14 -13.06 -41.54 6.36
C UNK C 14 -13.71 -42.03 7.66
N UNK C 15 -13.61 -43.33 7.93
CA UNK C 15 -14.17 -43.91 9.14
C UNK C 15 -13.23 -44.91 9.81
N UNK C 16 -11.92 -44.80 9.58
CA UNK C 16 -10.87 -45.72 10.06
C UNK C 16 -11.16 -47.18 9.71
N UNK C 17 -12.02 -61.11 -1.54
CA UNK C 17 -12.48 -61.08 -0.16
C UNK C 17 -11.97 -59.84 0.56
N UNK C 18 -12.10 -58.69 -0.10
CA UNK C 18 -11.72 -57.43 0.52
C UNK C 18 -12.71 -57.05 1.60
N UNK C 19 -12.19 -56.84 2.81
CA UNK C 19 -13.01 -56.54 3.98
C UNK C 19 -12.82 -55.07 4.37
N UNK C 20 -13.52 -54.67 5.42
CA UNK C 20 -13.35 -53.35 6.02
C UNK C 20 -13.70 -53.46 7.49
N UNK C 21 -13.17 -52.53 8.28
CA UNK C 21 -13.37 -52.56 9.73
C UNK C 21 -13.13 -51.16 10.28
N UNK C 22 -13.41 -51.00 11.58
CA UNK C 22 -13.15 -49.76 12.32
C UNK C 22 -12.68 -50.13 13.74
N UNK C 23 -11.36 -50.22 13.92
CA UNK C 23 -10.78 -50.63 15.19
C UNK C 23 -9.46 -49.92 15.40
N UNK C 24 -8.97 -49.97 16.65
CA UNK C 24 -7.77 -49.24 17.04
C UNK C 24 -7.01 -50.04 18.09
N UNK C 25 -5.67 -49.90 18.10
CA UNK C 25 -4.85 -49.33 17.02
C UNK C 25 -3.72 -50.26 16.58
N UNK C 26 -3.07 -50.89 17.57
CA UNK C 26 -1.90 -51.74 17.32
C UNK C 26 -1.88 -52.96 18.23
N UNK C 27 -3.03 -53.42 18.70
CA UNK C 27 -3.13 -54.60 19.54
C UNK C 27 -3.37 -55.88 18.75
N UNK C 28 -2.92 -55.92 17.49
CA UNK C 28 -3.20 -57.08 16.65
C UNK C 28 -2.33 -58.27 17.05
N UNK C 29 -1.25 -58.03 17.79
CA UNK C 29 -0.43 -59.13 18.29
C UNK C 29 -1.16 -59.93 19.36
N UNK C 30 -1.59 -59.26 20.43
CA UNK C 30 -2.30 -59.96 21.50
C UNK C 30 -3.70 -60.36 21.05
N UNK C 31 -4.29 -59.59 20.14
CA UNK C 31 -5.59 -59.95 19.60
C UNK C 31 -5.50 -61.18 18.69
N UNK C 32 -4.44 -61.27 17.90
CA UNK C 32 -4.27 -62.44 17.03
C UNK C 32 -3.87 -63.66 17.82
N UNK C 33 -2.97 -63.51 18.79
CA UNK C 33 -2.53 -64.64 19.60
C UNK C 33 -3.58 -65.07 20.61
N UNK C 34 -4.52 -64.19 20.95
CA UNK C 34 -5.57 -64.55 21.90
C UNK C 34 -6.58 -65.54 21.32
N UNK C 35 -6.70 -65.63 20.00
CA UNK C 35 -7.60 -66.58 19.35
C UNK C 35 -6.86 -67.76 18.73
N UNK C 36 -5.66 -68.07 19.20
CA UNK C 36 -4.89 -69.19 18.68
C UNK C 36 -5.17 -70.45 19.49
N UNK C 37 -4.92 -44.82 7.88
CA UNK C 37 -4.75 -46.23 8.25
C UNK C 37 -4.92 -47.13 7.03
N UNK C 38 -4.84 -48.43 7.26
CA UNK C 38 -4.94 -49.40 6.19
C UNK C 38 -5.40 -50.74 6.77
N UNK C 39 -5.50 -51.73 5.89
CA UNK C 39 -5.92 -53.08 6.26
C UNK C 39 -4.72 -54.01 6.20
N UNK C 40 -4.66 -54.95 7.13
CA UNK C 40 -3.57 -55.93 7.16
C UNK C 40 -4.03 -57.22 6.50
N UNK C 41 -3.27 -57.69 5.52
CA UNK C 41 -3.60 -58.92 4.78
C UNK C 41 -3.01 -60.10 5.53
N UNK C 42 -3.81 -61.14 5.72
CA UNK C 42 -3.36 -62.34 6.41
C UNK C 42 -3.43 -63.55 5.49
N UNK C 43 -5.05 -42.11 -0.57
CA UNK C 43 -4.62 -41.72 -1.90
C UNK C 43 -4.50 -42.94 -2.82
N UNK C 44 -3.87 -42.74 -3.97
CA UNK C 44 -3.74 -43.81 -4.96
C UNK C 44 -2.58 -44.75 -4.67
N UNK C 45 -1.70 -44.42 -3.73
CA UNK C 45 -0.59 -45.30 -3.36
C UNK C 45 -1.04 -46.53 -2.60
N UNK C 46 -2.17 -46.43 -1.89
CA UNK C 46 -2.82 -47.60 -1.30
C UNK C 46 -4.14 -47.93 -1.99
N UNK C 47 -4.80 -46.91 -2.54
CA UNK C 47 -6.04 -47.12 -3.28
C UNK C 47 -5.83 -47.92 -4.55
N UNK C 48 -4.76 -47.63 -5.31
CA UNK C 48 -4.41 -48.49 -6.42
C UNK C 48 -3.85 -49.83 -5.93
N UNK C 49 -3.31 -49.86 -4.71
CA UNK C 49 -2.84 -51.09 -4.10
C UNK C 49 -3.96 -51.90 -3.48
N UNK C 50 -5.22 -51.46 -3.60
CA UNK C 50 -6.37 -52.27 -3.24
C UNK C 50 -6.83 -53.17 -4.39
N UNK C 51 -6.00 -53.32 -5.44
CA UNK C 51 -6.34 -54.18 -6.56
C UNK C 51 -6.01 -55.64 -6.31
N UNK C 52 -5.38 -55.97 -5.18
CA UNK C 52 -5.07 -57.34 -4.85
C UNK C 52 -6.24 -58.03 -4.16
N UNK C 53 -7.69 -68.17 5.78
CA UNK C 53 -8.99 -68.82 5.85
C UNK C 53 -9.51 -68.84 7.28
N UNK C 54 -9.13 -69.88 8.03
CA UNK C 54 -9.52 -69.98 9.43
C UNK C 54 -8.85 -68.92 10.28
N UNK C 55 -7.67 -68.43 9.87
CA UNK C 55 -7.02 -67.36 10.61
C UNK C 55 -7.65 -66.01 10.33
N UNK C 56 -7.99 -65.75 9.06
CA UNK C 56 -8.61 -64.47 8.71
C UNK C 56 -10.02 -64.39 9.27
N UNK C 57 -10.80 -65.47 9.12
CA UNK C 57 -12.12 -65.51 9.73
C UNK C 57 -12.05 -65.68 11.24
N UNK C 58 -10.91 -66.11 11.77
CA UNK C 58 -10.72 -66.11 13.21
C UNK C 58 -10.50 -64.71 13.75
N UNK C 59 -9.68 -63.91 13.05
CA UNK C 59 -9.44 -62.53 13.48
C UNK C 59 -10.67 -61.66 13.26
N UNK C 60 -11.35 -61.83 12.12
CA UNK C 60 -12.60 -61.11 11.89
C UNK C 60 -13.70 -61.61 12.80
N UNK C 61 -13.67 -62.90 13.16
CA UNK C 61 -14.61 -63.43 14.12
C UNK C 61 -14.30 -62.99 15.54
N UNK C 62 -13.08 -62.52 15.80
CA UNK C 62 -12.69 -62.05 17.12
C UNK C 62 -12.91 -60.56 17.30
N UNK C 63 -12.59 -59.75 16.29
CA UNK C 63 -12.73 -58.30 16.40
C UNK C 63 -14.17 -57.83 16.44
N UNK C 64 -15.10 -58.62 15.90
CA UNK C 64 -16.51 -58.29 16.07
C UNK C 64 -16.98 -58.64 17.48
N UNK C 65 -16.25 -59.49 18.18
CA UNK C 65 -16.52 -59.82 19.57
C UNK C 65 -15.80 -58.90 20.54
N UNK C 66 -15.22 -57.80 20.06
CA UNK C 66 -14.52 -56.86 20.91
C UNK C 66 -15.51 -55.86 21.53
N UNK C 67 -14.98 -54.83 22.18
CA UNK C 67 -15.79 -53.96 23.02
C UNK C 67 -16.80 -53.09 22.22
N UNK C 68 -16.40 -52.42 21.12
CA UNK C 68 -15.07 -52.05 20.58
C UNK C 68 -15.03 -50.55 20.34
N UNK C 69 -16.18 -49.99 19.99
CA UNK C 69 -16.32 -48.55 19.91
C UNK C 69 -16.29 -47.94 21.32
N UNK C 70 -15.86 -46.67 21.38
CA UNK C 70 -15.67 -46.00 22.66
C UNK C 70 -16.97 -45.70 23.37
N UNK C 71 -17.07 -46.18 24.62
CA UNK C 71 -18.22 -45.97 25.52
C UNK C 71 -19.53 -46.44 24.89
N UNK C 72 -19.47 -47.55 24.17
CA UNK C 72 -20.65 -48.11 23.51
C UNK C 72 -20.43 -49.60 23.33
N UNK C 73 -21.53 -50.32 23.09
CA UNK C 73 -21.51 -51.75 22.82
C UNK C 73 -22.45 -52.03 21.66
N UNK C 74 -21.90 -52.00 20.44
CA UNK C 74 -22.73 -52.22 19.26
C UNK C 74 -22.47 -53.58 18.59
N UNK C 75 -21.22 -53.96 18.24
CA UNK C 75 -19.88 -53.32 18.29
C UNK C 75 -19.03 -53.77 17.12
N UNK C 76 -18.22 -52.84 16.58
CA UNK C 76 -17.22 -53.09 15.53
C UNK C 76 -17.83 -53.70 14.27
N UNK C 77 -18.62 -52.88 13.58
CA UNK C 77 -19.22 -53.32 12.32
C UNK C 77 -18.16 -53.49 11.24
N UNK C 78 -18.20 -54.63 10.56
CA UNK C 78 -17.17 -55.03 9.61
C UNK C 78 -17.83 -55.63 8.37
N UNK C 79 -17.85 -54.87 7.28
CA UNK C 79 -18.39 -55.32 6.01
C UNK C 79 -17.28 -55.87 5.12
N UNK C 80 -17.70 -56.58 4.07
CA UNK C 80 -16.79 -57.12 3.07
C UNK C 80 -17.34 -56.85 1.67
N UNK C 81 -16.47 -56.39 0.78
CA UNK C 81 -16.88 -55.87 -0.52
C UNK C 81 -16.08 -56.49 -1.65
N UNK C 82 -15.92 -57.81 -1.65
CA UNK C 82 -15.38 -58.50 -2.83
C UNK C 82 -16.30 -58.32 -4.02
N UNK C 83 -17.61 -58.42 -3.80
CA UNK C 83 -18.61 -58.16 -4.83
C UNK C 83 -19.88 -57.71 -4.14
N UNK C 84 -20.37 -56.52 -4.52
CA UNK C 84 -21.69 -55.98 -4.16
C UNK C 84 -21.85 -55.69 -2.66
N UNK C 85 -20.73 -55.74 -1.92
CA UNK C 85 -20.64 -55.30 -0.51
C UNK C 85 -21.59 -56.06 0.40
N UNK C 86 -21.36 -57.37 0.53
CA UNK C 86 -22.17 -58.18 1.43
C UNK C 86 -21.82 -57.88 2.89
N UNK C 87 -22.71 -58.29 3.79
CA UNK C 87 -22.57 -58.06 5.22
C UNK C 87 -21.98 -59.27 5.91
N UNK C 88 -22.04 -59.27 7.23
CA UNK C 88 -21.59 -60.40 8.03
C UNK C 88 -22.76 -61.06 8.76
N UNK C 89 -24.12 -62.73 11.22
CA UNK C 89 -23.20 -63.78 11.63
C UNK C 89 -23.92 -65.13 11.79
N UNK C 90 -23.43 -66.18 11.14
CA UNK C 90 -22.23 -66.15 10.30
C UNK C 90 -22.46 -66.89 8.98
N UNK C 91 -23.70 -67.37 8.78
CA UNK C 91 -24.01 -68.21 7.63
C UNK C 91 -23.96 -67.46 6.32
N UNK C 92 -24.24 -66.15 6.33
CA UNK C 92 -24.10 -65.35 5.13
C UNK C 92 -22.64 -65.21 4.72
N UNK C 93 -21.74 -65.12 5.70
CA UNK C 93 -20.32 -65.15 5.39
C UNK C 93 -19.86 -66.54 5.01
N UNK C 94 -20.55 -67.58 5.49
CA UNK C 94 -20.19 -68.95 5.15
C UNK C 94 -20.51 -69.24 3.68
N UNK C 95 -21.76 -68.99 3.27
CA UNK C 95 -22.12 -69.20 1.88
C UNK C 95 -21.49 -68.15 0.98
N UNK C 96 -21.21 -66.97 1.53
CA UNK C 96 -20.51 -65.93 0.76
C UNK C 96 -19.08 -66.32 0.47
N UNK C 97 -18.37 -66.90 1.45
CA UNK C 97 -17.01 -67.36 1.21
C UNK C 97 -17.00 -68.63 0.38
N UNK C 98 -18.04 -69.47 0.51
CA UNK C 98 -18.12 -70.68 -0.29
C UNK C 98 -18.38 -70.36 -1.76
N UNK C 99 -19.19 -69.33 -2.02
CA UNK C 99 -19.31 -68.80 -3.37
C UNK C 99 -18.07 -68.02 -3.80
N UNK C 100 -17.30 -67.50 -2.83
CA UNK C 100 -16.05 -66.82 -3.14
C UNK C 100 -14.92 -67.77 -3.47
N UNK C 101 -15.04 -69.04 -3.11
CA UNK C 101 -14.01 -70.01 -3.49
C UNK C 101 -14.13 -70.41 -4.95
N UNK C 102 -15.30 -70.21 -5.55
CA UNK C 102 -15.50 -70.54 -6.96
C UNK C 102 -15.07 -69.38 -7.86
N UNK C 103 -19.37 -46.16 -3.28
CA UNK C 103 -19.63 -44.84 -2.72
C UNK C 103 -19.90 -44.94 -1.22
N UNK C 104 -21.00 -44.34 -0.76
CA UNK C 104 -21.39 -44.42 0.63
C UNK C 104 -22.20 -45.65 0.95
N UNK C 105 -22.31 -46.59 0.03
CA UNK C 105 -23.11 -47.79 0.22
C UNK C 105 -22.49 -48.77 1.21
N UNK C 106 -21.17 -48.97 1.12
CA UNK C 106 -20.48 -49.94 1.97
C UNK C 106 -20.56 -49.53 3.43
N UNK C 107 -20.47 -48.23 3.71
CA UNK C 107 -20.86 -47.76 5.03
C UNK C 107 -22.36 -47.91 5.23
N UNK C 108 -23.14 -47.67 4.18
CA UNK C 108 -24.59 -47.71 4.24
C UNK C 108 -25.11 -48.90 3.43
N UNK C 109 -25.30 -50.04 4.08
CA UNK C 109 -25.41 -50.12 5.54
C UNK C 109 -24.75 -51.36 6.11
N UNK C 110 -24.06 -51.17 7.23
CA UNK C 110 -23.66 -52.28 8.07
C UNK C 110 -24.72 -52.59 9.12
N UNK C 111 -25.83 -51.85 9.12
CA UNK C 111 -26.87 -52.02 10.11
C UNK C 111 -28.12 -52.68 9.53
N UNK C 112 -28.18 -52.77 8.20
CA UNK C 112 -29.35 -53.32 7.51
C UNK C 112 -29.55 -54.80 7.78
N UNK C 113 -30.63 -63.98 3.95
CA UNK C 113 -30.07 -63.69 2.63
C UNK C 113 -30.49 -62.30 2.16
N UNK C 114 -30.06 -61.96 0.94
CA UNK C 114 -30.38 -60.69 0.26
C UNK C 114 -29.97 -59.47 1.08
N UNK C 115 -28.67 -59.31 1.32
CA UNK C 115 -28.15 -58.19 2.09
C UNK C 115 -26.95 -57.53 1.41
N UNK C 116 -27.04 -57.25 0.11
CA UNK C 116 -25.91 -56.69 -0.63
C UNK C 116 -26.42 -55.88 -1.80
N UNK C 117 -25.50 -55.50 -2.69
CA UNK C 117 -25.83 -54.85 -3.94
C UNK C 117 -25.02 -53.61 -4.24
N UNK C 118 -24.29 -53.63 -5.36
CA UNK C 118 -23.42 -52.57 -5.83
C UNK C 118 -22.95 -52.92 -7.23
N UNK C 119 -22.87 -51.92 -8.12
CA UNK C 119 -23.20 -50.52 -7.90
C UNK C 119 -23.93 -49.97 -9.13
N UNK C 120 -23.97 -48.64 -9.22
CA UNK C 120 -24.52 -47.88 -10.35
C UNK C 120 -25.97 -48.23 -10.67
N LYS C 121 -31.76 -52.54 15.79
CA LYS C 121 -32.33 -51.50 16.63
C LYS C 121 -31.86 -50.12 16.19
N PHE C 122 -32.82 -49.19 16.08
CA PHE C 122 -32.53 -47.86 15.56
C PHE C 122 -31.62 -47.07 16.48
N LEU C 123 -31.64 -47.36 17.79
CA LEU C 123 -30.70 -46.73 18.71
C LEU C 123 -29.27 -47.17 18.44
N THR C 124 -29.09 -48.43 18.04
CA THR C 124 -27.75 -48.86 17.61
C THR C 124 -27.44 -48.34 16.21
N ILE C 125 -28.45 -48.09 15.40
CA ILE C 125 -28.24 -47.54 14.06
C ILE C 125 -27.69 -46.11 14.16
N PRO C 126 -28.34 -45.27 14.96
CA PRO C 126 -27.86 -43.91 15.18
C PRO C 126 -26.62 -43.89 16.06
N ARG C 127 -26.49 -44.83 16.98
CA ARG C 127 -25.32 -44.92 17.83
C ARG C 127 -24.06 -45.33 17.08
N LEU C 128 -24.17 -46.13 16.01
CA LEU C 128 -22.99 -46.42 15.21
C LEU C 128 -22.54 -45.21 14.41
N GLU C 129 -23.50 -44.44 13.86
CA GLU C 129 -23.17 -43.25 13.10
C GLU C 129 -22.51 -42.18 13.95
N GLU C 130 -22.73 -42.20 15.27
CA GLU C 130 -21.94 -41.42 16.20
C GLU C 130 -20.46 -41.82 16.17
N LEU C 131 -20.16 -43.09 15.94
CA LEU C 131 -18.80 -43.56 16.06
C LEU C 131 -18.10 -43.78 14.73
N TYR C 132 -18.77 -43.60 13.58
CA TYR C 132 -18.07 -43.84 12.32
C TYR C 132 -17.03 -42.76 11.98
N ASN C 133 -17.38 -41.47 11.81
CA ASN C 133 -18.61 -40.71 12.09
C ASN C 133 -19.01 -39.76 10.95
N THR C 134 -19.76 -40.28 9.98
CA THR C 134 -20.20 -39.47 8.84
C THR C 134 -21.60 -38.95 9.13
N LYS C 135 -21.79 -37.63 9.03
CA LYS C 135 -23.11 -37.05 9.25
C LYS C 135 -24.02 -37.21 8.04
N GLN C 136 -23.47 -37.34 6.84
CA GLN C 136 -24.29 -37.42 5.65
C GLN C 136 -25.01 -38.77 5.56
N GLY C 137 -24.45 -39.80 6.18
CA GLY C 137 -25.08 -41.11 6.17
C GLY C 137 -26.35 -41.15 7.03
N PRO C 138 -26.30 -40.61 8.24
CA PRO C 138 -27.43 -40.68 9.15
C PRO C 138 -28.59 -39.81 8.69
N THR C 139 -28.28 -38.67 8.06
CA THR C 139 -29.33 -37.77 7.60
C THR C 139 -30.07 -38.37 6.41
N ASN C 140 -29.33 -38.85 5.41
CA ASN C 140 -29.97 -39.38 4.21
C ASN C 140 -30.64 -40.72 4.48
N PRO C 141 -29.98 -41.59 5.23
CA PRO C 141 -30.49 -42.95 5.42
C PRO C 141 -31.12 -43.16 6.79
N MET C 142 -30.42 -42.81 7.87
CA MET C 142 -30.90 -43.13 9.22
C MET C 142 -31.65 -41.93 9.80
N LEU C 143 -32.64 -41.46 9.04
CA LEU C 143 -33.50 -40.36 9.50
C LEU C 143 -34.82 -40.44 8.75
N PHE C 144 -35.81 -39.70 9.29
CA PHE C 144 -37.11 -39.31 8.71
C PHE C 144 -38.07 -40.49 8.67
N HIS C 145 -37.64 -41.72 8.94
CA HIS C 145 -38.51 -42.89 8.98
C HIS C 145 -37.89 -43.98 9.85
N LEU C 146 -38.67 -44.54 10.77
CA LEU C 146 -40.00 -44.02 11.16
C LEU C 146 -40.00 -43.66 12.64
N ILE C 147 -39.50 -44.57 13.46
CA ILE C 147 -39.48 -44.38 14.90
C ILE C 147 -38.14 -43.85 15.37
N TYR C 159 -32.09 -40.61 21.04
CA TYR C 159 -32.70 -39.50 21.78
C TYR C 159 -32.04 -39.31 23.14
N LYS C 160 -31.27 -40.31 23.58
CA LYS C 160 -30.40 -40.18 24.73
C LYS C 160 -29.02 -39.70 24.35
N ILE C 161 -28.81 -39.38 23.08
CA ILE C 161 -27.48 -39.11 22.60
C ILE C 161 -27.13 -37.63 22.68
N THR C 162 -27.91 -36.83 23.42
CA THR C 162 -27.46 -35.51 23.81
C THR C 162 -26.73 -35.58 25.15
N LEU C 163 -27.26 -36.40 26.08
CA LEU C 163 -26.48 -36.75 27.25
C LEU C 163 -25.42 -37.80 26.92
N ILE C 164 -25.48 -38.40 25.74
CA ILE C 164 -24.52 -39.44 25.40
C ILE C 164 -23.73 -39.17 24.14
N ASP C 165 -23.84 -37.97 23.55
CA ASP C 165 -23.03 -37.72 22.35
C ASP C 165 -21.61 -37.32 22.72
N ILE C 166 -21.35 -37.06 24.00
CA ILE C 166 -20.02 -36.64 24.48
C ILE C 166 -19.31 -37.91 24.93
N GLY C 167 -19.00 -38.79 23.98
CA GLY C 167 -18.02 -38.75 22.84
C GLY C 167 -17.60 -37.47 22.05
N LEU C 168 -18.53 -36.58 21.70
CA LEU C 168 -18.27 -35.19 21.29
C LEU C 168 -17.68 -35.07 19.91
N VAL C 169 -18.30 -35.71 18.93
CA VAL C 169 -18.06 -35.38 17.53
C VAL C 169 -18.34 -33.90 17.27
N ILE C 170 -19.44 -33.39 17.83
CA ILE C 170 -19.73 -31.97 17.70
C ILE C 170 -20.48 -31.63 16.43
N GLU C 171 -21.31 -32.55 15.94
CA GLU C 171 -22.10 -32.28 14.76
C GLU C 171 -23.50 -32.85 14.81
N TYR C 172 -23.77 -33.80 15.70
CA TYR C 172 -25.10 -34.38 15.73
C TYR C 172 -26.04 -33.57 16.59
N LEU C 173 -25.54 -32.52 17.25
CA LEU C 173 -26.43 -31.52 17.79
C LEU C 173 -27.11 -30.72 16.70
N MET C 174 -26.51 -30.67 15.50
CA MET C 174 -27.13 -30.02 14.34
C MET C 174 -28.30 -30.83 13.79
N GLY C 175 -28.53 -32.05 14.26
CA GLY C 175 -29.70 -32.83 13.92
C GLY C 175 -30.92 -32.45 14.74
N GLY C 176 -30.84 -31.36 15.52
CA GLY C 176 -31.96 -30.87 16.31
C GLY C 176 -33.14 -30.50 15.44
N THR C 177 -34.33 -31.02 15.81
CA THR C 177 -35.54 -31.04 14.98
C THR C 177 -35.23 -31.68 13.63
N TYR C 178 -35.03 -33.01 13.65
CA TYR C 178 -35.81 -33.97 14.46
C TYR C 178 -35.39 -34.31 15.89
N ARG C 179 -34.12 -34.11 16.23
CA ARG C 179 -33.68 -34.30 17.61
C ARG C 179 -34.35 -33.27 18.51
N CYS C 180 -34.98 -33.76 19.58
CA CYS C 180 -35.94 -32.96 20.30
C CYS C 180 -35.27 -32.14 21.39
N THR C 181 -36.11 -31.60 22.29
CA THR C 181 -35.73 -30.74 23.39
C THR C 181 -34.78 -31.48 24.34
N TYR C 182 -33.66 -30.86 24.79
CA TYR C 182 -33.12 -29.47 24.67
C TYR C 182 -34.07 -28.37 25.19
N THR C 183 -34.20 -28.30 26.51
CA THR C 183 -35.12 -27.41 27.25
C THR C 183 -36.58 -27.71 26.88
N ARG C 184 -37.10 -28.87 27.31
CA ARG C 184 -36.59 -29.67 28.44
C ARG C 184 -35.55 -30.71 28.05
N LYS C 185 -34.36 -30.55 28.61
CA LYS C 185 -33.17 -31.11 28.01
C LYS C 185 -32.94 -32.57 28.36
N ARG C 186 -31.82 -33.10 27.87
CA ARG C 186 -31.30 -34.35 28.39
C ARG C 186 -30.91 -34.22 29.85
N PHE C 187 -30.58 -33.02 30.31
CA PHE C 187 -30.23 -32.79 31.70
C PHE C 187 -31.46 -32.89 32.60
N ARG C 188 -31.22 -33.16 33.89
CA ARG C 188 -32.29 -33.10 34.87
C ARG C 188 -31.97 -32.05 35.93
N LEU C 189 -30.76 -32.00 36.52
CA LEU C 189 -29.66 -32.95 36.73
C LEU C 189 -30.14 -34.03 37.72
N ILE C 190 -29.55 -35.24 37.89
CA ILE C 190 -28.16 -35.75 37.78
C ILE C 190 -27.21 -35.35 36.64
N TYR C 191 -27.74 -35.42 35.41
CA TYR C 191 -27.00 -35.55 34.14
C TYR C 191 -25.78 -34.68 33.91
N ASN C 192 -25.62 -33.58 34.66
CA ASN C 192 -24.40 -32.79 34.57
C ASN C 192 -23.18 -33.54 35.11
N SER C 193 -23.41 -34.58 35.90
CA SER C 193 -22.33 -35.49 36.24
C SER C 193 -21.86 -36.24 35.02
N LEU C 194 -22.82 -36.65 34.18
CA LEU C 194 -22.53 -37.21 32.88
C LEU C 194 -22.42 -36.12 31.83
N GLY C 195 -22.54 -34.88 32.30
CA GLY C 195 -22.27 -33.65 31.55
C GLY C 195 -21.15 -33.51 30.53
N GLY C 196 -19.87 -33.74 30.86
CA GLY C 196 -19.38 -34.23 32.13
C GLY C 196 -18.23 -33.43 32.69
N ASN C 197 -18.55 -32.52 33.60
CA ASN C 197 -17.51 -31.96 34.44
C ASN C 197 -17.02 -32.99 35.46
N ASN C 198 -17.96 -33.79 36.00
CA ASN C 198 -17.60 -34.78 37.00
C ASN C 198 -16.93 -35.99 36.37
N ARG C 199 -17.44 -36.44 35.24
CA ARG C 199 -16.96 -37.65 34.62
C ARG C 199 -16.14 -37.32 33.38
N ARG C 200 -15.70 -38.36 32.69
CA ARG C 200 -15.00 -38.25 31.43
C ARG C 200 -15.09 -39.57 30.69
N SER C 201 -15.30 -39.48 29.38
CA SER C 201 -15.21 -40.68 28.55
C SER C 201 -13.80 -41.31 28.54
N GLY C 202 -12.70 -40.56 28.27
CA GLY C 202 -12.48 -39.13 27.99
C GLY C 202 -12.66 -38.80 26.52
N ARG C 203 -13.59 -37.90 26.25
CA ARG C 203 -13.90 -37.55 24.87
C ARG C 203 -12.84 -36.60 24.31
N ASN C 204 -12.76 -35.40 24.86
CA ASN C 204 -11.65 -34.49 24.61
C ASN C 204 -11.43 -33.72 25.90
N THR C 205 -10.54 -34.22 26.74
CA THR C 205 -10.48 -33.79 28.13
C THR C 205 -9.42 -32.74 28.35
N SER C 206 -9.81 -31.67 29.04
CA SER C 206 -8.85 -30.67 29.48
C SER C 206 -8.07 -31.20 30.67
N SER C 207 -6.82 -30.75 30.77
CA SER C 207 -5.96 -31.16 31.87
C SER C 207 -5.98 -30.18 33.03
N SER C 208 -6.32 -28.93 32.80
CA SER C 208 -6.24 -27.90 33.83
C SER C 208 -7.47 -27.82 34.70
N THR C 209 -8.64 -28.17 34.17
CA THR C 209 -9.87 -28.08 34.96
C THR C 209 -10.01 -29.01 36.18
N PRO C 210 -9.33 -30.17 36.31
CA PRO C 210 -9.26 -30.75 37.66
C PRO C 210 -8.34 -29.98 38.59
N GLN C 211 -7.27 -29.40 38.05
CA GLN C 211 -6.39 -28.58 38.88
C GLN C 211 -7.07 -27.26 39.25
N LEU C 212 -7.95 -26.76 38.39
CA LEU C 212 -8.83 -25.67 38.77
C LEU C 212 -9.90 -26.11 39.76
N ARG C 213 -10.13 -27.42 39.89
CA ARG C 213 -10.86 -27.93 41.05
C ARG C 213 -10.13 -27.67 42.35
N LYS C 214 -8.80 -27.60 42.31
CA LYS C 214 -8.03 -27.12 43.45
C LYS C 214 -8.44 -25.70 43.79
N SER C 215 -8.40 -25.39 45.09
CA SER C 215 -9.23 -24.35 45.71
C SER C 215 -10.69 -24.47 45.28
N HIS C 216 -11.37 -25.54 45.72
CA HIS C 216 -10.95 -26.45 46.80
C HIS C 216 -11.30 -27.89 46.48
N LYS C 228 -13.98 -38.47 41.22
CA LYS C 228 -15.28 -38.40 41.87
C LYS C 228 -15.49 -37.02 42.47
N MET C 229 -15.48 -36.00 41.61
CA MET C 229 -15.65 -34.61 42.04
C MET C 229 -16.66 -33.92 41.12
N ARG C 230 -17.88 -33.80 41.64
CA ARG C 230 -18.94 -33.14 40.90
C ARG C 230 -18.87 -31.63 41.07
N HIS C 231 -19.96 -30.95 40.67
CA HIS C 231 -19.99 -29.51 40.79
C HIS C 231 -20.57 -29.03 42.11
N ASN C 232 -20.44 -29.83 43.18
CA ASN C 232 -20.81 -29.40 44.52
C ASN C 232 -20.06 -28.16 44.96
N HIS C 233 -18.85 -27.95 44.46
CA HIS C 233 -18.23 -26.65 44.46
C HIS C 233 -17.84 -26.17 43.07
N PHE C 234 -18.74 -25.53 42.36
CA PHE C 234 -18.33 -24.63 41.27
C PHE C 234 -18.21 -23.22 41.83
N ILE C 235 -17.28 -23.09 42.77
CA ILE C 235 -16.64 -21.81 43.04
C ILE C 235 -15.53 -21.55 42.03
N LYS C 236 -15.16 -22.56 41.24
CA LYS C 236 -14.10 -22.42 40.25
C LYS C 236 -14.52 -21.47 39.13
N THR C 237 -15.79 -21.47 38.77
CA THR C 237 -16.27 -20.47 37.80
C THR C 237 -16.45 -19.12 38.47
N ALA C 238 -16.45 -19.10 39.79
CA ALA C 238 -16.27 -17.87 40.55
C ALA C 238 -14.80 -17.53 40.76
N GLN C 239 -13.89 -18.38 40.30
CA GLN C 239 -12.46 -18.06 40.27
C GLN C 239 -12.11 -16.92 39.31
N PRO C 240 -12.66 -16.82 38.05
CA PRO C 240 -12.34 -15.63 37.24
C PRO C 240 -13.03 -14.36 37.68
N TYR C 241 -14.05 -14.47 38.54
CA TYR C 241 -14.96 -13.36 38.74
C TYR C 241 -14.82 -12.82 40.16
N ARG C 242 -14.67 -11.50 40.30
CA ARG C 242 -14.76 -10.94 41.64
C ARG C 242 -16.21 -10.88 42.14
N PRO C 243 -17.18 -10.16 41.49
CA PRO C 243 -18.42 -9.89 42.23
C PRO C 243 -19.52 -10.91 42.00
N LYS C 244 -19.28 -11.86 41.11
CA LYS C 244 -20.37 -12.58 40.48
C LYS C 244 -20.61 -13.90 41.19
N MET C 245 -21.57 -13.91 42.11
CA MET C 245 -22.10 -15.16 42.63
C MET C 245 -23.55 -15.29 42.18
N ASP C 246 -23.91 -16.46 41.65
CA ASP C 246 -23.00 -17.57 41.42
C ASP C 246 -22.97 -17.96 39.95
N SER C 248 -25.62 -19.38 38.57
CA SER C 248 -26.46 -19.53 39.75
C SER C 248 -25.92 -20.64 40.65
N MET C 249 -25.07 -21.49 40.08
CA MET C 249 -24.48 -22.59 40.85
C MET C 249 -23.16 -22.11 41.47
N GLU C 250 -23.05 -22.17 42.79
CA GLU C 250 -24.13 -22.62 43.67
C GLU C 250 -24.51 -21.60 44.72
N GLU C 251 -25.79 -21.30 44.78
CA GLU C 251 -26.41 -20.56 45.87
C GLU C 251 -27.25 -21.53 46.69
N GLY C 252 -27.86 -21.01 47.76
CA GLY C 252 -28.67 -21.82 48.64
C GLY C 252 -29.87 -22.44 47.97
N LYS C 253 -30.43 -21.75 46.96
CA LYS C 253 -31.46 -22.32 46.10
C LYS C 253 -30.96 -23.60 45.44
N LYS C 254 -29.75 -23.55 44.87
CA LYS C 254 -29.17 -24.75 44.29
C LYS C 254 -28.81 -25.78 45.36
N LYS C 255 -28.62 -25.34 46.61
CA LYS C 255 -28.42 -26.30 47.69
C LYS C 255 -29.69 -27.07 48.00
N ARG C 256 -30.85 -26.52 47.66
CA ARG C 256 -32.09 -27.24 47.89
C ARG C 256 -32.30 -28.30 46.83
N THR C 257 -31.98 -27.98 45.57
CA THR C 257 -32.25 -28.89 44.46
C THR C 257 -31.32 -30.10 44.50
N LYS C 258 -30.08 -29.91 44.94
CA LYS C 258 -29.23 -31.07 45.16
C LYS C 258 -29.41 -31.67 46.54
N ASP C 259 -30.39 -31.18 47.31
CA ASP C 259 -30.73 -31.65 48.65
C ASP C 259 -29.57 -31.60 49.64
N ARG C 271 -35.01 -29.56 36.56
CA ARG C 271 -35.01 -28.95 35.24
C ARG C 271 -34.34 -27.58 35.26
N PHE C 272 -33.55 -27.29 34.22
CA PHE C 272 -32.92 -25.99 34.09
C PHE C 272 -33.80 -25.05 33.30
N PRO C 273 -33.89 -23.78 33.72
CA PRO C 273 -34.60 -22.79 32.90
C PRO C 273 -33.81 -22.37 31.68
N TYR C 274 -32.49 -22.48 31.73
CA TYR C 274 -31.63 -22.04 30.65
C TYR C 274 -30.44 -22.96 30.54
N PRO C 275 -30.48 -23.94 29.65
CA PRO C 275 -29.41 -24.94 29.58
C PRO C 275 -28.12 -24.40 28.98
N LEU C 276 -28.24 -23.54 27.96
CA LEU C 276 -27.08 -22.94 27.33
C LEU C 276 -26.27 -22.09 28.29
N ASN C 277 -26.93 -21.46 29.27
CA ASN C 277 -26.21 -20.69 30.26
C ASN C 277 -25.45 -21.55 31.26
N GLU C 278 -25.52 -22.88 31.14
CA GLU C 278 -24.51 -23.74 31.73
C GLU C 278 -23.68 -24.47 30.69
N LEU C 279 -24.31 -24.95 29.62
CA LEU C 279 -23.63 -25.69 28.56
C LEU C 279 -22.48 -24.91 27.96
N LEU C 280 -22.71 -23.63 27.65
CA LEU C 280 -21.64 -22.78 27.13
C LEU C 280 -20.53 -22.64 28.16
N ILE C 281 -20.89 -22.51 29.44
CA ILE C 281 -19.86 -22.63 30.45
C ILE C 281 -19.07 -23.91 30.23
N TRP C 282 -19.78 -25.06 30.16
CA TRP C 282 -19.16 -26.39 30.19
C TRP C 282 -18.13 -26.56 29.10
N ALA C 283 -18.56 -26.37 27.84
CA ALA C 283 -17.64 -26.42 26.71
C ALA C 283 -16.52 -25.40 26.88
N CYS C 284 -16.88 -24.19 27.25
CA CYS C 284 -15.87 -23.17 27.44
C CYS C 284 -15.07 -23.34 28.73
N LEU C 285 -15.37 -24.36 29.54
CA LEU C 285 -14.45 -24.79 30.57
C LEU C 285 -13.57 -25.94 30.15
N MET C 286 -14.07 -26.83 29.29
CA MET C 286 -13.42 -28.12 29.10
C MET C 286 -12.44 -28.12 27.93
N LYS C 287 -11.85 -26.96 27.59
CA LYS C 287 -10.92 -26.80 26.46
C LYS C 287 -11.59 -27.27 25.17
N ARG C 288 -12.78 -26.74 24.92
CA ARG C 288 -13.61 -27.23 23.83
C ARG C 288 -13.96 -26.10 22.89
N GLN C 289 -13.63 -26.31 21.63
CA GLN C 289 -13.99 -25.47 20.52
C GLN C 289 -15.31 -25.93 19.93
N VAL C 290 -15.44 -25.75 18.63
CA VAL C 290 -16.60 -25.34 17.83
C VAL C 290 -17.98 -25.74 18.37
N MET C 291 -18.08 -26.88 19.08
CA MET C 291 -19.24 -27.16 19.92
C MET C 291 -19.56 -25.99 20.84
N ALA C 292 -18.53 -25.37 21.41
CA ALA C 292 -18.69 -24.09 22.09
C ALA C 292 -19.36 -23.06 21.19
N ARG C 293 -18.79 -22.83 20.01
CA ARG C 293 -19.45 -22.00 19.00
C ARG C 293 -20.74 -22.61 18.48
N PHE C 294 -21.01 -23.89 18.70
CA PHE C 294 -22.31 -24.43 18.35
C PHE C 294 -23.22 -24.54 19.56
N LEU C 295 -22.89 -23.86 20.67
CA LEU C 295 -23.88 -23.62 21.70
C LEU C 295 -24.23 -22.14 21.79
N TRP C 296 -23.47 -21.31 21.07
CA TRP C 296 -23.41 -19.88 21.35
C TRP C 296 -24.72 -19.11 21.07
N GLN C 297 -25.25 -19.06 19.84
CA GLN C 297 -25.49 -20.03 18.74
C GLN C 297 -25.93 -21.39 19.30
N HIS C 298 -27.07 -21.43 20.00
CA HIS C 298 -28.23 -20.62 19.65
C HIS C 298 -29.25 -20.40 20.75
N GLY C 299 -29.36 -19.17 21.23
CA GLY C 299 -30.34 -18.86 22.25
C GLY C 299 -30.38 -17.37 22.48
N GLU C 300 -31.05 -17.00 23.57
CA GLU C 300 -31.13 -15.59 23.94
C GLU C 300 -29.82 -15.15 24.59
N GLU C 301 -29.70 -13.83 24.79
CA GLU C 301 -28.62 -13.18 25.54
C GLU C 301 -27.24 -13.42 24.92
N SER C 302 -27.22 -13.81 23.64
CA SER C 302 -26.01 -14.37 23.03
C SER C 302 -24.94 -13.32 22.82
N MET C 303 -25.34 -12.10 22.46
CA MET C 303 -24.39 -11.00 22.35
C MET C 303 -23.77 -10.67 23.70
N ALA C 304 -24.48 -10.93 24.78
CA ALA C 304 -23.85 -10.91 26.09
C ALA C 304 -23.02 -12.14 26.36
N LYS C 305 -23.52 -13.30 25.89
CA LYS C 305 -23.07 -14.60 26.39
C LYS C 305 -21.61 -14.85 26.05
N ALA C 306 -21.19 -14.43 24.85
CA ALA C 306 -19.82 -14.60 24.40
C ALA C 306 -18.83 -13.92 25.31
N LEU C 307 -19.21 -12.75 25.84
CA LEU C 307 -18.33 -12.01 26.74
C LEU C 307 -18.04 -12.79 28.00
N VAL C 308 -19.05 -13.56 28.47
CA VAL C 308 -18.85 -14.51 29.57
C VAL C 308 -17.69 -15.42 29.26
N ALA C 309 -17.77 -16.10 28.13
CA ALA C 309 -16.71 -17.00 27.68
C ALA C 309 -15.40 -16.25 27.45
N CYS C 310 -15.48 -14.98 27.03
CA CYS C 310 -14.25 -14.21 26.80
C CYS C 310 -13.48 -14.03 28.09
N LYS C 311 -14.17 -13.75 29.19
CA LYS C 311 -13.44 -13.69 30.44
C LYS C 311 -12.84 -15.05 30.78
N ILE C 312 -13.62 -16.12 30.57
CA ILE C 312 -13.27 -17.41 31.14
C ILE C 312 -12.08 -18.02 30.41
N TYR C 313 -12.12 -18.01 29.09
CA TYR C 313 -10.90 -18.30 28.37
C TYR C 313 -9.77 -17.41 28.87
N ARG C 314 -10.01 -16.11 28.85
CA ARG C 314 -9.00 -15.14 29.25
C ARG C 314 -8.38 -15.50 30.59
N SER C 315 -9.21 -15.80 31.58
CA SER C 315 -8.65 -16.13 32.88
C SER C 315 -7.87 -17.43 32.86
N MET C 316 -8.30 -18.44 32.09
CA MET C 316 -7.61 -19.71 32.14
C MET C 316 -6.24 -19.66 31.51
N ALA C 317 -6.02 -18.77 30.54
CA ALA C 317 -4.64 -18.45 30.20
C ALA C 317 -3.89 -17.97 31.43
N TYR C 318 -4.44 -16.96 32.11
CA TYR C 318 -3.82 -16.30 33.25
C TYR C 318 -3.55 -17.26 34.40
N GLU C 319 -4.58 -17.94 34.90
CA GLU C 319 -4.40 -18.97 35.91
C GLU C 319 -3.71 -20.22 35.37
N ALA C 320 -3.48 -20.30 34.06
CA ALA C 320 -2.66 -21.34 33.49
C ALA C 320 -1.18 -21.00 33.47
N LYS C 321 -0.81 -19.75 33.77
CA LYS C 321 0.61 -19.42 33.76
C LYS C 321 1.23 -19.58 35.14
N GLN C 322 0.47 -19.33 36.20
CA GLN C 322 0.96 -19.59 37.55
C GLN C 322 1.21 -21.08 37.76
N SER C 323 0.16 -21.89 37.70
CA SER C 323 0.27 -23.33 37.92
C SER C 323 -0.28 -24.04 36.70
N ASP C 324 0.55 -24.84 36.03
CA ASP C 324 1.94 -25.09 36.40
C ASP C 324 2.90 -24.47 35.39
N SER C 330 0.55 -24.22 26.52
CA SER C 330 -0.77 -24.37 25.92
C SER C 330 -1.54 -23.07 25.99
N GLU C 331 -1.24 -22.30 27.05
CA GLU C 331 -2.08 -21.17 27.45
C GLU C 331 -2.14 -20.08 26.38
N GLU C 332 -1.03 -19.89 25.63
CA GLU C 332 -1.02 -18.96 24.52
C GLU C 332 -2.05 -19.32 23.47
N LEU C 333 -2.10 -20.61 23.08
CA LEU C 333 -3.16 -21.14 22.23
C LEU C 333 -4.52 -20.86 22.83
N LYS C 334 -4.63 -21.07 24.15
CA LYS C 334 -5.85 -20.78 24.91
C LYS C 334 -6.28 -19.35 24.71
N GLN C 335 -5.30 -18.46 24.86
CA GLN C 335 -5.47 -17.03 24.85
C GLN C 335 -6.06 -16.56 23.56
N TYR C 336 -6.08 -17.42 22.54
CA TYR C 336 -6.71 -17.00 21.31
C TYR C 336 -8.22 -17.11 21.55
N SER C 337 -8.62 -16.54 22.68
CA SER C 337 -9.99 -16.42 23.14
C SER C 337 -10.67 -15.38 22.27
N ASN C 338 -9.85 -14.51 21.68
CA ASN C 338 -10.34 -13.46 20.81
C ASN C 338 -11.05 -14.19 19.71
N ASP C 339 -10.51 -15.31 19.25
CA ASP C 339 -11.30 -15.98 18.23
C ASP C 339 -12.75 -16.07 18.64
N PHE C 340 -13.02 -15.96 19.94
CA PHE C 340 -14.41 -15.99 20.38
C PHE C 340 -14.90 -14.63 20.83
N GLY C 341 -14.00 -13.70 21.11
CA GLY C 341 -14.38 -12.39 21.58
C GLY C 341 -14.44 -11.34 20.49
N GLN C 342 -13.97 -11.66 19.28
CA GLN C 342 -14.20 -10.79 18.14
C GLN C 342 -15.63 -10.83 17.64
N LEU C 343 -16.44 -11.78 18.13
CA LEU C 343 -17.82 -11.89 17.71
C LEU C 343 -18.70 -10.81 18.30
N ALA C 344 -18.64 -10.61 19.61
CA ALA C 344 -19.46 -9.62 20.29
C ALA C 344 -19.17 -8.19 19.83
N VAL C 345 -17.92 -7.89 19.49
CA VAL C 345 -17.68 -6.60 18.85
C VAL C 345 -18.63 -6.41 17.68
N GLU C 346 -18.60 -7.34 16.72
CA GLU C 346 -19.34 -7.20 15.47
C GLU C 346 -20.84 -7.21 15.71
N LEU C 347 -21.31 -8.09 16.59
CA LEU C 347 -22.72 -8.11 16.97
C LEU C 347 -23.16 -6.83 17.65
N LEU C 348 -22.25 -6.11 18.29
CA LEU C 348 -22.63 -4.77 18.71
C LEU C 348 -22.76 -3.83 17.53
N GLU C 349 -21.77 -3.84 16.64
CA GLU C 349 -21.77 -2.93 15.49
C GLU C 349 -22.90 -3.24 14.53
N GLN C 350 -23.20 -4.52 14.34
CA GLN C 350 -24.33 -4.89 13.51
C GLN C 350 -25.65 -4.55 14.20
N SER C 351 -25.64 -4.50 15.53
CA SER C 351 -26.81 -3.99 16.23
C SER C 351 -26.88 -2.48 16.10
N PHE C 352 -25.74 -1.84 15.91
CA PHE C 352 -25.72 -0.38 15.84
C PHE C 352 -26.26 0.11 14.50
N ARG C 353 -26.04 -0.66 13.44
CA ARG C 353 -26.30 -0.15 12.11
C ARG C 353 -27.79 -0.11 11.79
N GLN C 354 -28.57 -1.03 12.36
CA GLN C 354 -29.97 -1.14 12.00
C GLN C 354 -30.85 -1.10 13.24
N ASP C 355 -31.74 -0.10 13.26
CA ASP C 355 -33.01 -0.06 14.00
C ASP C 355 -32.88 -0.42 15.48
N GLU C 356 -32.27 0.46 16.29
CA GLU C 356 -31.80 1.80 15.95
C GLU C 356 -30.63 2.00 16.90
N THR C 357 -29.85 3.07 16.70
CA THR C 357 -28.75 3.41 17.59
C THR C 357 -29.23 3.60 19.02
N MET C 358 -30.32 4.35 19.19
CA MET C 358 -30.95 4.52 20.49
C MET C 358 -31.54 3.24 21.05
N ALA C 359 -31.74 2.22 20.22
CA ALA C 359 -32.05 0.89 20.71
C ALA C 359 -30.82 0.11 21.11
N MET C 360 -29.70 0.27 20.38
CA MET C 360 -28.53 -0.56 20.64
C MET C 360 -27.89 -0.21 21.98
N LYS C 361 -27.95 1.06 22.38
CA LYS C 361 -27.53 1.46 23.71
C LYS C 361 -28.38 0.79 24.78
N LEU C 362 -29.65 0.52 24.46
CA LEU C 362 -30.52 -0.21 25.37
C LEU C 362 -30.06 -1.64 25.61
N LEU C 363 -29.16 -2.17 24.78
CA LEU C 363 -28.49 -3.42 25.14
C LEU C 363 -27.65 -3.28 26.39
N THR C 364 -26.89 -2.21 26.51
CA THR C 364 -25.93 -2.03 27.60
C THR C 364 -26.42 -0.85 28.44
N TYR C 365 -27.12 -1.12 29.52
CA TYR C 365 -27.25 -2.44 30.11
C TYR C 365 -28.57 -3.12 29.84
N GLU C 366 -28.56 -4.43 30.04
CA GLU C 366 -29.77 -5.21 30.28
C GLU C 366 -29.80 -5.46 31.79
N LEU C 367 -30.70 -6.31 32.28
CA LEU C 367 -31.01 -6.30 33.72
C LEU C 367 -29.92 -6.94 34.59
N LYS C 368 -29.59 -8.25 34.46
CA LYS C 368 -29.70 -9.19 33.34
C LYS C 368 -29.73 -10.58 34.00
N ASN C 369 -29.57 -11.66 33.24
CA ASN C 369 -29.11 -12.93 33.79
C ASN C 369 -27.57 -12.84 33.87
N TRP C 370 -26.91 -13.96 34.19
CA TRP C 370 -25.52 -13.98 34.69
C TRP C 370 -25.42 -12.99 35.86
N SER C 371 -26.37 -13.15 36.79
CA SER C 371 -26.88 -12.05 37.60
C SER C 371 -25.84 -11.55 38.61
N ASN C 372 -25.73 -10.23 38.73
CA ASN C 372 -26.37 -9.25 37.85
C ASN C 372 -25.32 -8.36 37.23
N SER C 373 -25.14 -8.46 35.92
CA SER C 373 -24.09 -7.68 35.28
C SER C 373 -24.68 -6.89 34.12
N THR C 374 -24.31 -5.62 34.06
CA THR C 374 -24.35 -4.82 32.86
C THR C 374 -23.55 -5.53 31.79
N CYS C 375 -24.09 -5.56 30.56
CA CYS C 375 -23.41 -6.20 29.44
C CYS C 375 -22.03 -5.60 29.19
N LEU C 376 -21.89 -4.31 29.43
CA LEU C 376 -20.58 -3.67 29.36
C LEU C 376 -19.71 -4.11 30.52
N LYS C 377 -20.25 -4.18 31.73
CA LYS C 377 -19.44 -4.61 32.86
C LYS C 377 -19.29 -6.13 32.84
N LEU C 378 -18.14 -6.60 32.37
CA LEU C 378 -18.01 -7.83 31.57
C LEU C 378 -18.83 -7.63 30.28
N ALA C 379 -18.22 -6.90 29.35
CA ALA C 379 -16.75 -6.95 29.15
C ALA C 379 -15.90 -5.76 29.61
N VAL C 380 -15.52 -5.76 30.89
CA VAL C 380 -14.44 -4.91 31.40
C VAL C 380 -13.41 -5.70 32.17
N SER C 381 -13.81 -6.77 32.88
CA SER C 381 -12.85 -7.66 33.53
C SER C 381 -11.93 -8.32 32.51
N SER C 382 -12.47 -8.65 31.35
CA SER C 382 -11.72 -8.64 30.11
C SER C 382 -12.03 -7.31 29.47
N ARG C 383 -11.01 -6.49 29.21
CA ARG C 383 -9.66 -6.96 28.97
C ARG C 383 -8.70 -6.48 30.06
N ARG C 385 -9.56 -4.44 24.18
CA ARG C 385 -9.92 -3.03 24.32
C ARG C 385 -11.14 -2.62 23.46
N PRO C 386 -11.33 -3.15 22.24
CA PRO C 386 -12.69 -3.22 21.72
C PRO C 386 -13.45 -4.27 22.51
N PHE C 387 -14.76 -4.08 22.68
CA PHE C 387 -15.59 -3.07 22.02
C PHE C 387 -15.79 -1.82 22.85
N VAL C 388 -15.07 -1.75 23.97
CA VAL C 388 -15.13 -0.55 24.81
C VAL C 388 -14.64 0.65 24.03
N ALA C 389 -13.62 0.46 23.19
CA ALA C 389 -13.14 1.49 22.30
C ALA C 389 -13.96 1.61 21.03
N HIS C 390 -14.89 0.68 20.81
CA HIS C 390 -15.78 0.82 19.68
C HIS C 390 -16.73 1.98 19.94
N THR C 391 -17.15 2.63 18.85
CA THR C 391 -17.72 3.99 18.91
C THR C 391 -19.00 4.03 19.73
N CYS C 392 -19.75 2.93 19.72
CA CYS C 392 -21.11 2.90 20.24
C CYS C 392 -21.15 3.16 21.73
N THR C 393 -20.47 2.32 22.51
CA THR C 393 -20.31 2.60 23.93
C THR C 393 -19.53 3.89 24.16
N GLN C 394 -18.63 4.22 23.22
CA GLN C 394 -17.97 5.53 23.27
C GLN C 394 -18.99 6.65 23.17
N MET C 395 -19.98 6.50 22.30
CA MET C 395 -21.06 7.49 22.30
C MET C 395 -21.86 7.41 23.59
N LEU C 396 -22.02 6.22 24.15
CA LEU C 396 -22.74 6.11 25.42
C LEU C 396 -21.90 6.68 26.56
N LEU C 397 -20.58 6.53 26.46
CA LEU C 397 -19.73 7.23 27.41
C LEU C 397 -19.61 8.71 27.10
N SER C 398 -20.13 9.15 25.96
CA SER C 398 -20.35 10.56 25.69
C SER C 398 -21.75 11.00 26.08
N ASP C 399 -22.54 10.13 26.73
CA ASP C 399 -23.83 10.56 27.22
C ASP C 399 -24.06 10.27 28.69
N MET C 400 -23.48 9.20 29.24
CA MET C 400 -23.36 9.09 30.69
C MET C 400 -22.53 10.23 31.24
N TRP C 401 -21.52 10.66 30.48
CA TRP C 401 -20.86 11.94 30.66
C TRP C 401 -21.84 13.09 30.74
N MET C 402 -22.79 13.17 29.81
CA MET C 402 -23.66 14.32 29.72
C MET C 402 -24.77 14.29 30.76
N GLY C 403 -25.42 13.15 30.95
CA GLY C 403 -26.43 13.06 31.99
C GLY C 403 -27.78 13.53 31.53
N ARG C 404 -28.13 14.78 31.88
CA ARG C 404 -29.36 15.40 31.45
C ARG C 404 -29.16 16.64 30.60
N LEU C 405 -27.93 17.12 30.45
CA LEU C 405 -27.70 18.53 30.18
C LEU C 405 -27.85 18.87 28.69
N ASN C 406 -26.97 18.32 27.86
CA ASN C 406 -26.77 18.78 26.49
C ASN C 406 -28.01 18.54 25.62
N MET C 407 -28.26 19.45 24.66
CA MET C 407 -27.49 20.67 24.40
C MET C 407 -28.38 21.89 24.24
N TRP C 412 -22.12 23.89 25.09
CA TRP C 412 -20.71 24.21 24.90
C TRP C 412 -20.05 24.45 26.25
N TYR C 413 -18.71 24.33 26.26
CA TYR C 413 -17.95 24.50 27.50
C TYR C 413 -18.08 25.91 28.05
N LYS C 414 -18.15 26.90 27.16
CA LYS C 414 -18.45 28.29 27.52
C LYS C 414 -19.77 28.39 28.28
N VAL C 415 -20.74 27.57 27.93
CA VAL C 415 -21.95 27.45 28.73
C VAL C 415 -21.63 26.88 30.11
N ILE C 416 -21.00 25.70 30.13
CA ILE C 416 -20.87 24.90 31.35
C ILE C 416 -20.03 25.58 32.43
N LEU C 417 -18.86 26.09 32.07
CA LEU C 417 -18.03 26.86 32.99
C LEU C 417 -18.71 28.12 33.49
N SER C 418 -19.61 28.71 32.70
CA SER C 418 -20.31 29.92 33.13
C SER C 418 -21.28 29.66 34.27
N ILE C 419 -22.15 28.66 34.09
CA ILE C 419 -23.23 28.32 35.02
C ILE C 419 -22.68 27.97 36.39
N LEU C 420 -21.45 27.48 36.43
CA LEU C 420 -20.81 27.12 37.68
C LEU C 420 -20.64 28.33 38.59
N VAL C 421 -20.32 29.50 38.04
CA VAL C 421 -20.01 30.60 38.95
C VAL C 421 -21.29 31.27 39.47
N PRO C 422 -22.28 31.74 38.68
CA PRO C 422 -23.61 31.97 39.29
C PRO C 422 -24.52 30.76 39.17
N PRO C 423 -24.89 30.15 40.31
CA PRO C 423 -25.89 29.06 40.26
C PRO C 423 -27.26 29.51 39.80
N ALA C 424 -27.58 30.79 39.96
CA ALA C 424 -28.83 31.33 39.43
C ALA C 424 -28.84 31.41 37.92
N ILE C 425 -27.72 31.12 37.25
CA ILE C 425 -27.72 30.94 35.81
C ILE C 425 -28.13 29.54 35.36
N LEU C 426 -28.58 28.68 36.29
CA LEU C 426 -28.84 27.30 35.90
C LEU C 426 -30.22 27.12 35.28
N MET C 427 -31.06 28.14 35.31
CA MET C 427 -32.40 28.03 34.75
C MET C 427 -32.43 28.19 33.24
N LEU C 428 -31.29 28.43 32.60
CA LEU C 428 -31.29 28.75 31.17
C LEU C 428 -30.24 27.94 30.42
N GLU C 429 -30.23 26.63 30.58
CA GLU C 429 -29.28 25.77 29.87
C GLU C 429 -29.95 24.62 29.13
N TYR C 430 -31.29 24.58 29.11
CA TYR C 430 -32.08 23.38 28.78
C TYR C 430 -31.58 22.19 29.57
N LYS C 431 -31.62 22.31 30.90
CA LYS C 431 -30.84 21.46 31.80
C LYS C 431 -31.28 20.01 31.78
N THR C 432 -32.51 19.72 31.38
CA THR C 432 -32.98 18.36 31.23
C THR C 432 -33.50 18.16 29.82
N LYS C 433 -33.44 16.92 29.34
CA LYS C 433 -34.11 16.55 28.11
C LYS C 433 -35.45 15.88 28.44
N ALA C 434 -36.12 15.39 27.40
CA ALA C 434 -37.28 14.55 27.61
C ALA C 434 -36.85 13.26 28.28
N GLU C 435 -37.67 12.78 29.23
CA GLU C 435 -37.30 11.60 30.01
C GLU C 435 -37.25 10.35 29.14
N MET C 436 -38.10 10.30 28.11
CA MET C 436 -38.00 9.22 27.13
C MET C 436 -36.69 9.29 26.36
N SER C 437 -36.21 10.52 26.09
CA SER C 437 -34.88 10.66 25.52
C SER C 437 -33.78 10.38 26.52
N HIS C 438 -34.10 10.32 27.81
CA HIS C 438 -33.12 9.99 28.84
C HIS C 438 -33.09 8.50 29.14
N ILE C 439 -33.54 7.66 28.21
CA ILE C 439 -33.45 6.22 28.38
C ILE C 439 -32.20 5.63 27.77
N PRO C 440 -31.51 6.38 26.91
CA PRO C 440 -30.28 5.87 26.32
C PRO C 440 -29.16 5.78 27.34
N GLN C 441 -29.21 6.59 28.39
CA GLN C 441 -28.16 6.56 29.40
C GLN C 441 -28.43 5.44 30.39
N SER C 442 -27.60 5.41 31.44
CA SER C 442 -27.75 4.44 32.51
C SER C 442 -28.09 5.06 33.85
N GLN C 443 -28.25 6.39 33.91
CA GLN C 443 -28.45 7.07 35.18
C GLN C 443 -29.94 7.12 35.53
N ASP C 444 -30.27 6.99 36.82
CA ASP C 444 -29.36 6.81 37.96
C ASP C 444 -29.97 5.86 38.97
N ALA C 445 -29.34 5.78 40.14
CA ALA C 445 -29.93 5.01 41.24
C ALA C 445 -31.07 5.78 41.88
N HIS C 446 -31.06 7.10 41.76
CA HIS C 446 -32.11 7.96 42.30
C HIS C 446 -32.56 8.91 41.20
N GLN C 447 -33.53 8.49 40.40
CA GLN C 447 -34.04 9.32 39.32
C GLN C 447 -35.50 9.00 39.03
N ARG C 497 -35.20 20.88 42.97
CA ARG C 497 -35.42 21.02 41.54
C ARG C 497 -34.30 20.39 40.73
N LYS C 498 -34.20 20.81 39.48
CA LYS C 498 -33.25 20.28 38.49
C LYS C 498 -31.79 20.49 38.85
N PHE C 499 -31.50 21.38 39.82
CA PHE C 499 -30.20 21.44 40.46
C PHE C 499 -29.70 20.06 40.87
N TYR C 500 -30.58 19.23 41.44
CA TYR C 500 -30.20 17.89 41.90
C TYR C 500 -29.79 16.98 40.76
N ALA C 501 -30.25 17.29 39.54
CA ALA C 501 -29.59 16.71 38.38
C ALA C 501 -28.28 17.42 38.07
N PHE C 502 -28.33 18.75 37.94
CA PHE C 502 -27.16 19.51 37.52
C PHE C 502 -25.93 19.13 38.33
N TYR C 503 -26.01 19.20 39.66
CA TYR C 503 -24.86 18.93 40.51
C TYR C 503 -24.59 17.45 40.70
N HIS C 504 -25.39 16.57 40.12
CA HIS C 504 -24.98 15.18 39.97
C HIS C 504 -24.53 14.89 38.55
N ALA C 505 -24.50 15.88 37.68
CA ALA C 505 -24.02 15.65 36.34
C ALA C 505 -22.50 15.56 36.32
N PRO C 506 -21.95 14.46 35.81
CA PRO C 506 -20.49 14.29 35.82
C PRO C 506 -19.73 15.51 35.32
N ILE C 507 -20.15 16.12 34.21
CA ILE C 507 -19.45 17.24 33.58
C ILE C 507 -19.27 18.39 34.56
N VAL C 508 -20.35 18.82 35.19
CA VAL C 508 -20.27 19.86 36.21
C VAL C 508 -19.43 19.38 37.38
N LYS C 509 -19.55 18.12 37.76
CA LYS C 509 -18.56 17.59 38.69
C LYS C 509 -17.15 17.95 38.20
N PHE C 510 -16.81 17.47 36.99
CA PHE C 510 -15.43 17.43 36.53
C PHE C 510 -14.83 18.82 36.39
N TRP C 511 -15.48 19.66 35.58
CA TRP C 511 -15.15 21.08 35.46
C TRP C 511 -15.05 21.75 36.82
N PHE C 512 -16.00 21.45 37.70
CA PHE C 512 -15.98 22.07 39.01
C PHE C 512 -14.83 21.55 39.84
N ASN C 513 -14.52 20.25 39.70
CA ASN C 513 -13.30 19.72 40.28
C ASN C 513 -12.08 20.35 39.64
N THR C 514 -12.11 20.58 38.33
CA THR C 514 -11.00 21.26 37.70
C THR C 514 -11.20 22.75 37.62
N LEU C 515 -12.06 23.33 38.44
CA LEU C 515 -11.81 24.75 38.69
C LEU C 515 -11.11 24.95 40.02
N ALA C 516 -11.66 24.31 41.06
CA ALA C 516 -11.05 24.33 42.38
C ALA C 516 -9.61 23.85 42.37
N TYR C 517 -9.34 22.75 41.65
CA TYR C 517 -7.96 22.26 41.50
C TYR C 517 -7.07 23.33 40.88
N LEU C 518 -7.56 24.05 39.88
CA LEU C 518 -6.73 25.09 39.27
C LEU C 518 -6.47 26.20 40.25
N GLY C 519 -7.47 26.55 41.07
CA GLY C 519 -7.23 27.49 42.15
C GLY C 519 -6.21 26.95 43.13
N PHE C 520 -6.26 25.64 43.37
CA PHE C 520 -5.27 24.99 44.21
C PHE C 520 -3.86 25.11 43.63
N LEU C 521 -3.75 25.10 42.30
CA LEU C 521 -2.46 25.43 41.73
C LEU C 521 -2.06 26.83 42.09
N MET C 522 -2.94 27.80 41.79
CA MET C 522 -2.54 29.19 41.78
C MET C 522 -2.28 29.68 43.19
N LEU C 523 -3.21 29.40 44.10
CA LEU C 523 -2.89 29.59 45.50
C LEU C 523 -1.59 28.90 45.88
N TYR C 524 -1.44 27.62 45.51
CA TYR C 524 -0.32 26.81 46.00
C TYR C 524 1.02 27.33 45.53
N THR C 525 1.15 27.62 44.23
CA THR C 525 2.35 28.27 43.71
C THR C 525 2.58 29.62 44.37
N PHE C 526 1.50 30.36 44.63
CA PHE C 526 1.64 31.67 45.27
C PHE C 526 2.08 31.53 46.73
N VAL C 527 1.92 30.35 47.31
CA VAL C 527 2.48 30.10 48.63
C VAL C 527 3.99 29.86 48.52
N VAL C 528 4.41 29.13 47.48
CA VAL C 528 5.79 28.64 47.43
C VAL C 528 6.74 29.76 47.05
N LEU C 529 6.30 30.65 46.17
CA LEU C 529 7.19 31.64 45.61
C LEU C 529 7.58 32.74 46.57
N VAL C 530 6.76 33.04 47.57
CA VAL C 530 6.90 34.26 48.36
C VAL C 530 6.85 33.91 49.84
N LYS C 531 7.98 34.15 50.54
CA LYS C 531 8.01 34.36 51.99
C LYS C 531 7.43 33.24 52.83
N MET C 532 8.14 32.12 52.95
CA MET C 532 7.66 30.97 53.72
C MET C 532 7.76 31.17 55.25
N GLU C 533 7.98 32.41 55.71
CA GLU C 533 8.08 32.71 57.13
C GLU C 533 6.81 33.37 57.67
N GLN C 534 6.53 33.23 58.98
CA GLN C 534 6.87 32.17 59.95
C GLN C 534 5.87 32.35 61.09
N LEU C 535 5.12 31.32 61.45
CA LEU C 535 4.88 30.11 60.65
C LEU C 535 3.77 30.04 59.55
N PRO C 536 2.52 30.52 59.81
CA PRO C 536 1.34 29.79 59.29
C PRO C 536 1.22 29.57 57.76
N SER C 537 1.37 30.55 56.85
CA SER C 537 1.53 32.00 57.01
C SER C 537 0.16 32.66 57.02
N VAL C 538 -0.53 32.63 55.87
CA VAL C 538 -1.94 33.00 55.79
C VAL C 538 -2.73 31.95 55.02
N GLN C 539 -2.29 31.70 53.80
CA GLN C 539 -3.09 31.07 52.76
C GLN C 539 -2.61 29.68 52.42
N GLU C 540 -1.51 29.24 53.03
CA GLU C 540 -1.10 27.85 52.97
C GLU C 540 -2.15 26.91 53.55
N TRP C 541 -2.88 27.36 54.59
CA TRP C 541 -3.91 26.57 55.25
C TRP C 541 -5.04 26.17 54.33
N ILE C 542 -5.41 27.01 53.37
CA ILE C 542 -6.28 26.54 52.30
C ILE C 542 -5.76 25.24 51.74
N VAL C 543 -4.50 25.26 51.28
CA VAL C 543 -3.79 24.10 50.74
C VAL C 543 -3.82 22.93 51.71
N ILE C 544 -3.57 23.20 52.99
CA ILE C 544 -3.56 22.17 54.02
C ILE C 544 -4.93 21.53 54.14
N ALA C 545 -5.99 22.31 53.93
CA ALA C 545 -7.32 21.73 53.91
C ALA C 545 -7.54 20.89 52.67
N TYR C 546 -7.01 21.34 51.52
CA TYR C 546 -7.22 20.64 50.26
C TYR C 546 -6.55 19.28 50.26
N ILE C 547 -5.25 19.25 50.55
CA ILE C 547 -4.53 17.99 50.59
C ILE C 547 -4.95 17.16 51.79
N PHE C 548 -5.13 17.80 52.94
CA PHE C 548 -5.56 17.04 54.12
C PHE C 548 -6.82 16.25 53.81
N THR C 549 -7.93 16.96 53.54
CA THR C 549 -9.22 16.32 53.31
C THR C 549 -9.22 15.47 52.04
N TYR C 550 -8.47 15.91 51.03
CA TYR C 550 -8.23 15.14 49.82
C TYR C 550 -7.69 13.76 50.13
N ALA C 551 -6.79 13.67 51.13
CA ALA C 551 -6.25 12.37 51.53
C ALA C 551 -7.34 11.51 52.16
N ILE C 552 -8.25 12.13 52.90
CA ILE C 552 -9.40 11.40 53.43
C ILE C 552 -10.31 11.00 52.28
N GLU C 553 -10.30 11.80 51.19
CA GLU C 553 -10.98 11.43 49.96
C GLU C 553 -10.39 10.17 49.35
N LYS C 554 -9.11 9.90 49.60
CA LYS C 554 -8.50 8.68 49.10
C LYS C 554 -8.93 7.43 49.86
N VAL C 555 -9.67 7.61 50.96
CA VAL C 555 -10.43 6.49 51.50
C VAL C 555 -11.50 6.03 50.53
N ARG C 556 -12.19 6.97 49.89
CA ARG C 556 -13.39 6.73 49.10
C ARG C 556 -13.16 5.89 47.85
N GLU C 557 -11.93 5.79 47.36
CA GLU C 557 -11.69 4.90 46.23
C GLU C 557 -11.56 3.45 46.62
N VAL C 558 -11.49 3.13 47.91
CA VAL C 558 -11.46 1.73 48.30
C VAL C 558 -12.66 1.46 49.21
N PHE C 559 -12.72 2.16 50.33
CA PHE C 559 -13.79 1.96 51.30
C PHE C 559 -14.11 3.24 52.06
N GLN C 568 -7.58 -8.16 48.74
CA GLN C 568 -7.76 -6.73 48.95
C GLN C 568 -7.75 -5.96 47.65
N LYS C 569 -8.38 -4.80 47.66
CA LYS C 569 -8.54 -3.97 46.47
C LYS C 569 -7.46 -2.90 46.35
N ILE C 570 -6.38 -3.03 47.12
CA ILE C 570 -5.30 -2.05 47.08
C ILE C 570 -4.50 -2.19 45.79
N LYS C 571 -4.47 -3.41 45.22
CA LYS C 571 -3.65 -3.73 44.05
C LYS C 571 -4.04 -2.95 42.81
N VAL C 572 -5.27 -2.43 42.77
CA VAL C 572 -5.69 -1.64 41.62
C VAL C 572 -5.40 -0.17 41.86
N TRP C 573 -5.35 0.26 43.12
CA TRP C 573 -5.20 1.67 43.43
C TRP C 573 -3.78 2.15 43.15
N PHE C 574 -2.81 1.25 43.17
CA PHE C 574 -1.46 1.52 42.69
C PHE C 574 -1.25 1.06 41.26
N SER C 575 -2.32 0.90 40.47
CA SER C 575 -2.18 0.31 39.15
C SER C 575 -2.08 1.35 38.05
N ASP C 576 -2.42 2.60 38.34
CA ASP C 576 -2.32 3.64 37.33
C ASP C 576 -1.16 4.58 37.64
N TYR C 577 -0.51 5.05 36.59
CA TYR C 577 0.75 5.77 36.74
C TYR C 577 0.58 7.22 37.20
N PHE C 578 -0.64 7.68 37.44
CA PHE C 578 -0.85 8.96 38.10
C PHE C 578 -1.06 8.83 39.60
N ASN C 579 -1.80 7.80 40.02
CA ASN C 579 -2.22 7.68 41.42
C ASN C 579 -1.03 7.47 42.33
N VAL C 580 -0.04 6.69 41.89
CA VAL C 580 1.23 6.55 42.59
C VAL C 580 1.91 7.91 42.75
N SER C 581 1.91 8.72 41.68
CA SER C 581 2.46 10.06 41.78
C SER C 581 1.63 10.93 42.72
N ASP C 582 0.32 10.66 42.82
CA ASP C 582 -0.43 11.38 43.84
C ASP C 582 0.09 11.04 45.23
N THR C 583 0.38 9.76 45.48
CA THR C 583 0.74 9.31 46.82
C THR C 583 2.07 9.90 47.26
N ILE C 584 3.08 9.84 46.39
CA ILE C 584 4.34 10.54 46.58
C ILE C 584 4.10 12.02 46.81
N ALA C 585 3.15 12.59 46.07
CA ALA C 585 2.72 13.96 46.33
C ALA C 585 2.12 14.10 47.71
N ILE C 586 1.19 13.22 48.07
CA ILE C 586 0.52 13.35 49.37
C ILE C 586 1.54 13.20 50.49
N ILE C 587 2.27 12.08 50.51
CA ILE C 587 3.18 11.75 51.60
C ILE C 587 4.28 12.79 51.72
N SER C 588 4.86 13.19 50.58
CA SER C 588 5.87 14.24 50.56
C SER C 588 5.33 15.55 51.11
N PHE C 589 4.05 15.84 50.84
CA PHE C 589 3.49 17.04 51.43
C PHE C 589 3.52 16.97 52.95
N PHE C 590 3.19 15.80 53.51
CA PHE C 590 3.13 15.72 54.96
C PHE C 590 4.50 15.51 55.58
N VAL C 591 5.48 15.01 54.81
CA VAL C 591 6.88 15.18 55.19
C VAL C 591 7.18 16.66 55.35
N GLY C 592 6.61 17.49 54.47
CA GLY C 592 6.60 18.95 54.57
C GLY C 592 6.06 19.52 55.88
N PHE C 593 5.38 18.73 56.71
CA PHE C 593 5.06 19.21 58.05
C PHE C 593 5.87 18.52 59.14
N GLY C 594 6.33 17.28 58.89
CA GLY C 594 7.16 16.61 59.87
C GLY C 594 8.48 17.32 60.05
N LEU C 595 9.00 17.88 58.96
CA LEU C 595 9.78 19.09 58.95
C LEU C 595 9.04 19.97 57.95
N ARG C 596 8.43 21.07 58.42
CA ARG C 596 8.90 21.83 59.56
C ARG C 596 7.88 22.21 60.65
N PHE C 597 6.59 21.97 60.41
CA PHE C 597 5.58 22.45 61.35
C PHE C 597 5.62 21.71 62.67
N GLY C 598 6.17 20.49 62.67
CA GLY C 598 6.53 19.81 63.90
C GLY C 598 7.95 20.15 64.32
N ALA C 599 8.29 21.44 64.26
CA ALA C 599 9.61 21.96 64.58
C ALA C 599 9.48 23.46 64.78
N LYS C 600 10.57 24.07 65.28
CA LYS C 600 10.60 25.50 65.59
C LYS C 600 12.03 26.00 65.52
N TRP C 601 12.28 26.96 64.63
CA TRP C 601 13.47 27.80 64.72
C TRP C 601 13.39 28.63 66.00
N ASN C 602 14.40 28.60 66.90
CA ASN C 602 15.84 28.19 66.87
C ASN C 602 16.69 28.82 65.77
N TYR C 603 16.16 29.89 65.17
CA TYR C 603 16.88 30.84 64.33
C TYR C 603 16.08 32.12 64.27
N ILE C 604 16.54 33.16 64.99
CA ILE C 604 15.75 34.38 65.06
C ILE C 604 15.99 35.27 63.85
N ASN C 605 17.18 35.18 63.26
CA ASN C 605 17.59 36.06 62.17
C ASN C 605 17.46 35.31 60.86
N ALA C 606 16.43 35.65 60.09
CA ALA C 606 16.17 35.29 58.69
C ALA C 606 15.86 33.81 58.45
N TYR C 607 15.92 32.94 59.46
CA TYR C 607 15.64 31.51 59.38
C TYR C 607 16.42 30.84 58.25
N ASP C 608 17.75 30.82 58.41
CA ASP C 608 18.66 30.61 57.29
C ASP C 608 18.55 29.24 56.59
N ASN C 609 18.54 28.06 57.27
CA ASN C 609 18.88 27.72 58.65
C ASN C 609 19.52 26.34 58.59
N HIS C 610 19.77 25.72 59.75
CA HIS C 610 20.17 24.32 59.74
C HIS C 610 18.98 23.43 59.42
N VAL C 611 17.79 23.86 59.82
CA VAL C 611 16.55 23.20 59.48
C VAL C 611 15.73 24.13 58.61
N PHE C 612 14.47 23.75 58.38
CA PHE C 612 13.41 24.48 57.70
C PHE C 612 13.61 24.62 56.18
N VAL C 613 14.85 24.47 55.71
CA VAL C 613 15.10 24.69 54.29
C VAL C 613 14.79 23.42 53.53
N ALA C 614 15.05 22.26 54.15
CA ALA C 614 14.52 21.01 53.63
C ALA C 614 13.00 20.94 53.78
N GLY C 615 12.42 21.80 54.62
CA GLY C 615 10.97 21.93 54.59
C GLY C 615 10.58 22.62 53.31
N ARG C 616 11.36 23.63 52.94
CA ARG C 616 10.97 24.47 51.82
C ARG C 616 11.25 23.81 50.48
N LEU C 617 12.45 23.25 50.31
CA LEU C 617 12.87 22.69 49.02
C LEU C 617 12.05 21.49 48.61
N ILE C 618 11.87 20.52 49.51
CA ILE C 618 10.89 19.47 49.30
C ILE C 618 9.51 20.06 49.15
N TYR C 619 9.22 21.12 49.93
CA TYR C 619 7.97 21.84 49.75
C TYR C 619 7.92 22.55 48.40
N CYS C 620 9.08 22.82 47.79
CA CYS C 620 9.14 23.17 46.38
C CYS C 620 8.97 21.96 45.49
N LEU C 621 9.72 20.89 45.74
CA LEU C 621 9.74 19.77 44.79
C LEU C 621 8.48 18.91 44.84
N ASN C 622 7.45 19.33 45.55
CA ASN C 622 6.15 18.70 45.51
C ASN C 622 5.26 19.29 44.44
N ILE C 623 5.57 20.51 43.98
CA ILE C 623 4.79 21.21 42.95
C ILE C 623 4.64 20.37 41.70
N ILE C 624 5.75 19.79 41.25
CA ILE C 624 5.79 18.86 40.12
C ILE C 624 4.80 17.73 40.32
N PHE C 625 4.78 17.12 41.50
CA PHE C 625 3.87 15.99 41.64
C PHE C 625 2.47 16.43 42.01
N TRP C 626 2.23 17.74 42.14
CA TRP C 626 0.88 18.24 42.07
C TRP C 626 0.61 18.97 40.77
N TYR C 627 1.36 18.65 39.73
CA TYR C 627 1.15 19.36 38.48
C TYR C 627 0.89 18.41 37.33
N VAL C 628 1.54 17.25 37.37
CA VAL C 628 1.39 16.25 36.31
C VAL C 628 0.01 15.61 36.41
N ARG C 629 -0.66 15.75 37.57
CA ARG C 629 -2.07 15.42 37.70
C ARG C 629 -2.94 16.23 36.73
N LEU C 630 -2.48 17.44 36.36
CA LEU C 630 -3.12 18.20 35.29
C LEU C 630 -3.23 17.44 33.98
N LEU C 631 -2.24 16.60 33.66
CA LEU C 631 -2.36 15.75 32.49
C LEU C 631 -3.53 14.79 32.60
N ASP C 632 -3.80 14.27 33.80
CA ASP C 632 -5.02 13.51 34.01
C ASP C 632 -6.24 14.42 33.89
N PHE C 633 -6.10 15.70 34.20
CA PHE C 633 -7.17 16.63 33.93
C PHE C 633 -7.09 17.21 32.53
N LEU C 634 -6.17 16.73 31.69
CA LEU C 634 -6.09 17.21 30.32
C LEU C 634 -6.25 16.10 29.30
N ALA C 635 -6.05 14.84 29.71
CA ALA C 635 -6.34 13.70 28.85
C ALA C 635 -7.79 13.28 28.98
N VAL C 636 -8.72 14.22 28.78
CA VAL C 636 -10.14 13.95 28.94
C VAL C 636 -10.93 14.31 27.70
N ASN C 637 -10.32 14.91 26.70
CA ASN C 637 -10.98 15.21 25.44
C ASN C 637 -10.35 14.44 24.29
N GLN C 638 -11.07 14.44 23.17
CA GLN C 638 -10.85 13.48 22.10
C GLN C 638 -9.55 13.72 21.35
N GLN C 639 -8.99 14.91 21.47
CA GLN C 639 -7.78 15.23 20.71
C GLN C 639 -6.54 15.11 21.59
N ALA C 640 -6.58 15.70 22.77
CA ALA C 640 -5.38 15.70 23.61
C ALA C 640 -5.17 14.38 24.32
N GLY C 641 -6.25 13.64 24.60
CA GLY C 641 -6.20 12.33 25.22
C GLY C 641 -5.15 11.33 24.74
N PRO C 642 -5.13 11.02 23.44
CA PRO C 642 -4.08 10.14 22.92
C PRO C 642 -2.68 10.71 23.08
N TYR C 643 -2.49 11.95 22.68
CA TYR C 643 -1.19 12.58 22.89
C TYR C 643 -0.70 12.34 24.31
N VAL C 644 -1.52 12.72 25.31
CA VAL C 644 -1.08 12.72 26.70
C VAL C 644 -0.85 11.29 27.19
N MET C 645 -1.72 10.36 26.83
CA MET C 645 -1.45 8.96 27.15
C MET C 645 -0.67 8.26 26.05
N MET C 646 0.17 9.01 25.34
CA MET C 646 1.02 8.46 24.29
C MET C 646 2.49 8.52 24.64
N ILE C 647 2.91 9.59 25.31
CA ILE C 647 4.30 9.78 25.75
C ILE C 647 4.75 8.62 26.62
N GLY C 648 3.91 8.19 27.57
CA GLY C 648 4.22 7.05 28.40
C GLY C 648 4.23 5.73 27.67
N LYS C 649 3.70 5.68 26.45
CA LYS C 649 3.82 4.48 25.63
C LYS C 649 4.88 4.67 24.55
N MET C 650 5.69 5.72 24.65
CA MET C 650 6.77 5.94 23.70
C MET C 650 8.13 6.17 24.34
N VAL C 651 8.18 6.86 25.48
CA VAL C 651 9.41 6.97 26.28
C VAL C 651 9.89 5.59 26.69
N ALA C 652 8.99 4.74 27.17
CA ALA C 652 9.32 3.37 27.48
C ALA C 652 9.65 2.55 26.24
N ASN C 653 9.40 3.06 25.04
CA ASN C 653 9.89 2.43 23.83
C ASN C 653 11.23 2.99 23.38
N MET C 654 11.62 4.19 23.84
CA MET C 654 12.85 4.79 23.35
C MET C 654 14.04 4.53 24.26
N PHE C 655 13.82 3.78 25.36
CA PHE C 655 14.76 3.73 26.47
C PHE C 655 16.13 3.23 26.06
N TYR C 656 16.17 2.17 25.26
CA TYR C 656 17.45 1.62 24.85
C TYR C 656 18.21 2.52 23.88
N ILE C 657 17.54 3.45 23.20
CA ILE C 657 18.31 4.44 22.46
C ILE C 657 18.93 5.43 23.42
N VAL C 658 18.19 5.82 24.46
CA VAL C 658 18.61 6.91 25.34
C VAL C 658 19.86 6.52 26.12
N VAL C 659 19.94 5.25 26.51
CA VAL C 659 21.14 4.67 27.15
C VAL C 659 22.37 4.92 26.30
N ILE C 660 22.24 4.75 24.98
CA ILE C 660 23.37 4.97 24.09
C ILE C 660 23.76 6.44 24.09
N MET C 661 22.78 7.35 24.20
CA MET C 661 23.05 8.75 24.51
C MET C 661 23.94 8.87 25.74
N ALA C 662 23.49 8.29 26.86
CA ALA C 662 24.34 8.28 28.03
C ALA C 662 25.69 7.66 27.75
N LEU C 663 25.73 6.59 26.96
CA LEU C 663 26.91 5.74 26.95
C LEU C 663 28.06 6.44 26.24
N VAL C 664 27.79 6.94 25.03
CA VAL C 664 28.69 7.86 24.34
C VAL C 664 28.96 9.11 25.17
N LEU C 665 27.96 9.55 25.96
CA LEU C 665 28.15 10.69 26.86
C LEU C 665 29.27 10.43 27.86
N LEU C 666 29.39 9.20 28.34
CA LEU C 666 30.49 8.97 29.26
C LEU C 666 31.82 8.99 28.51
N SER C 667 31.85 8.56 27.24
CA SER C 667 33.14 8.57 26.53
C SER C 667 33.42 9.91 25.87
N PHE C 668 32.77 10.96 26.30
CA PHE C 668 33.38 12.27 26.19
C PHE C 668 33.55 12.89 27.56
N GLY C 669 32.78 12.41 28.55
CA GLY C 669 32.87 12.99 29.87
C GLY C 669 34.09 12.52 30.65
N VAL C 670 34.56 11.32 30.37
CA VAL C 670 35.78 10.81 30.98
C VAL C 670 37.06 11.31 30.29
N PRO C 671 37.25 11.24 28.98
CA PRO C 671 38.53 11.70 28.42
C PRO C 671 38.63 13.21 28.24
N ARG C 672 37.75 13.98 28.85
CA ARG C 672 37.91 15.43 28.84
C ARG C 672 38.53 15.90 30.15
N LYS C 673 37.94 15.51 31.28
CA LYS C 673 38.58 15.82 32.57
C LYS C 673 39.82 14.98 32.77
N ALA C 674 39.86 13.80 32.15
CA ALA C 674 41.04 12.94 32.17
C ALA C 674 42.28 13.61 31.59
N ILE C 675 42.10 14.60 30.71
CA ILE C 675 43.19 15.40 30.23
C ILE C 675 43.28 16.73 30.98
N LEU C 676 42.16 17.40 31.18
CA LEU C 676 42.22 18.79 31.60
C LEU C 676 42.40 18.95 33.11
N TYR C 677 42.38 17.86 33.87
CA TYR C 677 42.59 17.97 35.32
C TYR C 677 43.54 16.90 35.81
N PRO C 678 44.83 17.20 35.95
CA PRO C 678 45.78 16.16 36.34
C PRO C 678 45.92 15.90 37.83
N HIS C 679 45.51 16.82 38.69
CA HIS C 679 45.95 16.77 40.08
C HIS C 679 44.82 16.79 41.09
N GLU C 680 43.60 16.49 40.68
CA GLU C 680 42.47 16.67 41.58
C GLU C 680 42.24 15.41 42.41
N GLU C 681 41.96 15.61 43.69
CA GLU C 681 41.67 14.55 44.63
C GLU C 681 40.22 14.09 44.47
N PRO C 682 39.92 12.83 44.82
CA PRO C 682 38.52 12.39 44.81
C PRO C 682 37.70 13.09 45.89
N SER C 683 36.75 13.92 45.47
CA SER C 683 36.03 14.75 46.45
C SER C 683 34.91 14.00 47.19
N TRP C 684 33.91 13.37 46.55
CA TRP C 684 33.69 13.02 45.13
C TRP C 684 32.70 13.98 44.47
N SER C 685 33.23 14.87 43.64
CA SER C 685 32.43 15.83 42.89
C SER C 685 32.69 15.75 41.41
N LEU C 686 33.65 14.90 41.01
CA LEU C 686 34.05 14.74 39.61
C LEU C 686 32.89 14.38 38.71
N ALA C 687 31.97 13.55 39.20
CA ALA C 687 30.79 13.12 38.47
C ALA C 687 29.90 14.29 38.05
N LYS C 688 29.89 15.40 38.81
CA LYS C 688 29.18 16.58 38.36
C LYS C 688 29.79 17.13 37.07
N ASP C 689 31.12 17.13 36.99
CA ASP C 689 31.82 17.58 35.81
C ASP C 689 32.25 16.46 34.88
N ILE C 690 32.13 15.19 35.29
CA ILE C 690 32.20 14.13 34.30
C ILE C 690 30.93 14.11 33.47
N VAL C 691 29.78 14.05 34.12
CA VAL C 691 28.54 13.89 33.40
C VAL C 691 28.04 15.23 32.89
N PHE C 692 27.81 16.17 33.80
CA PHE C 692 26.88 17.25 33.49
C PHE C 692 27.48 18.30 32.56
N HIS C 693 28.76 18.61 32.70
CA HIS C 693 29.33 19.63 31.82
C HIS C 693 29.41 19.23 30.33
N PRO C 694 29.70 17.99 29.93
CA PRO C 694 29.47 17.65 28.53
C PRO C 694 28.08 17.15 28.24
N TYR C 695 27.22 17.06 29.25
CA TYR C 695 25.82 16.76 28.97
C TYR C 695 25.13 17.94 28.33
N TRP C 696 25.60 19.16 28.59
CA TRP C 696 24.99 20.36 28.03
C TRP C 696 25.56 20.75 26.68
N MET C 697 26.32 19.86 26.02
CA MET C 697 26.79 20.16 24.67
C MET C 697 25.61 20.22 23.70
N ILE C 698 24.99 19.07 23.47
CA ILE C 698 23.56 19.09 23.21
C ILE C 698 22.92 19.71 24.44
N PHE C 699 22.10 20.74 24.24
CA PHE C 699 21.21 20.80 23.13
C PHE C 699 21.41 22.10 22.39
N GLY C 700 22.66 22.55 22.39
CA GLY C 700 23.00 23.72 21.60
C GLY C 700 24.11 24.60 22.12
N GLU C 701 24.49 24.45 23.39
CA GLU C 701 25.60 25.23 23.92
C GLU C 701 26.87 24.41 23.74
N VAL C 702 27.78 24.96 22.95
CA VAL C 702 28.99 24.26 22.58
C VAL C 702 30.09 24.41 23.62
N TYR C 703 29.95 25.38 24.54
CA TYR C 703 31.05 25.91 25.35
C TYR C 703 32.22 26.26 24.45
N ALA C 704 31.95 27.15 23.48
CA ALA C 704 32.93 27.45 22.43
C ALA C 704 34.18 28.10 22.98
N TYR C 705 34.05 28.86 24.06
CA TYR C 705 35.20 29.46 24.69
C TYR C 705 35.73 28.65 25.85
N GLU C 706 35.30 27.40 26.00
CA GLU C 706 36.03 26.44 26.81
C GLU C 706 36.61 25.31 25.98
N ILE C 707 36.53 25.41 24.65
CA ILE C 707 37.41 24.66 23.78
C ILE C 707 38.76 25.38 23.73
N ASP C 708 39.78 24.66 23.27
CA ASP C 708 41.16 25.16 23.10
C ASP C 708 41.81 25.54 24.42
N VAL C 709 41.71 24.68 25.42
CA VAL C 709 42.59 24.72 26.58
C VAL C 709 43.69 23.71 26.31
N CYS C 710 44.88 24.17 25.91
CA CYS C 710 45.39 25.55 26.00
C CYS C 710 44.92 26.57 24.97
N ALA C 711 44.84 27.81 25.44
CA ALA C 711 44.05 28.84 24.81
C ALA C 711 44.64 29.29 23.48
N ASN C 712 43.82 30.03 22.74
CA ASN C 712 44.27 30.79 21.59
C ASN C 712 43.85 32.25 21.80
N ASP C 713 44.07 32.73 23.02
CA ASP C 713 43.88 34.09 23.52
C ASP C 713 42.41 34.48 23.61
N SER C 714 41.48 33.55 23.72
CA SER C 714 40.08 33.90 23.86
C SER C 714 39.31 33.06 24.87
N THR C 715 39.93 32.06 25.50
CA THR C 715 39.18 31.14 26.34
C THR C 715 38.98 31.72 27.73
N LEU C 716 37.91 31.31 28.38
CA LEU C 716 37.69 31.77 29.74
C LEU C 716 38.60 31.05 30.75
N PRO C 717 38.89 29.75 30.65
CA PRO C 717 40.04 29.24 31.40
C PRO C 717 41.33 29.40 30.60
N THR C 718 42.38 29.82 31.30
CA THR C 718 43.72 29.84 30.74
C THR C 718 44.64 28.86 31.47
N ILE C 719 44.15 28.24 32.53
CA ILE C 719 44.88 27.23 33.27
C ILE C 719 44.87 25.96 32.42
N CYS C 720 46.04 25.55 31.97
CA CYS C 720 46.15 24.51 30.96
C CYS C 720 47.33 23.60 31.30
N GLY C 721 47.70 22.77 30.33
CA GLY C 721 48.81 21.89 30.49
C GLY C 721 49.37 21.43 29.16
N PRO C 722 50.47 20.71 29.18
CA PRO C 722 51.05 20.18 27.94
C PRO C 722 50.20 19.06 27.37
N GLY C 723 50.09 19.03 26.04
CA GLY C 723 49.38 17.95 25.38
C GLY C 723 47.88 18.05 25.43
N THR C 724 47.31 19.09 26.04
CA THR C 724 45.87 19.16 26.26
C THR C 724 45.09 19.64 25.03
N TRP C 725 45.70 19.61 23.86
CA TRP C 725 45.09 20.07 22.62
C TRP C 725 44.23 19.02 21.94
N LEU C 726 43.87 17.93 22.62
CA LEU C 726 43.11 16.89 21.95
C LEU C 726 41.61 17.06 22.11
N THR C 727 41.16 17.74 23.15
CA THR C 727 39.73 17.99 23.34
C THR C 727 39.01 18.72 22.20
N PRO C 728 39.63 19.64 21.42
CA PRO C 728 38.94 20.09 20.20
C PRO C 728 38.81 19.03 19.12
N PHE C 729 39.55 17.93 19.20
CA PHE C 729 39.26 16.84 18.28
C PHE C 729 38.15 15.96 18.83
N LEU C 730 38.23 15.60 20.11
CA LEU C 730 37.25 14.69 20.70
C LEU C 730 35.86 15.30 20.69
N GLN C 731 35.75 16.59 21.00
CA GLN C 731 34.45 17.24 20.95
C GLN C 731 33.95 17.33 19.51
N ALA C 732 34.89 17.45 18.56
CA ALA C 732 34.52 17.40 17.16
C ALA C 732 33.97 16.04 16.76
N VAL C 733 34.37 14.99 17.47
CA VAL C 733 33.69 13.72 17.31
C VAL C 733 32.34 13.75 18.00
N TYR C 734 32.32 14.26 19.24
CA TYR C 734 31.17 14.02 20.12
C TYR C 734 29.93 14.70 19.62
N LEU C 735 30.03 16.00 19.37
CA LEU C 735 28.91 16.72 18.80
C LEU C 735 28.68 16.40 17.34
N PHE C 736 29.46 15.50 16.74
CA PHE C 736 29.03 14.81 15.52
C PHE C 736 28.17 13.61 15.84
N VAL C 737 28.59 12.75 16.75
CA VAL C 737 27.92 11.48 16.99
C VAL C 737 26.65 11.63 17.81
N GLN C 738 26.54 12.69 18.59
CA GLN C 738 25.30 12.98 19.31
C GLN C 738 24.50 14.10 18.68
N TYR C 739 24.82 14.49 17.46
CA TYR C 739 23.94 15.43 16.77
C TYR C 739 23.71 15.09 15.30
N ILE C 740 24.41 14.11 14.73
CA ILE C 740 24.21 13.79 13.33
C ILE C 740 23.84 12.34 13.09
N ILE C 741 24.53 11.39 13.71
CA ILE C 741 24.05 10.02 13.64
C ILE C 741 22.90 9.82 14.62
N MET C 742 23.23 9.87 15.89
CA MET C 742 22.37 10.29 16.97
C MET C 742 22.66 11.78 17.09
N VAL C 743 21.78 12.56 17.73
CA VAL C 743 20.39 12.24 17.99
C VAL C 743 19.60 12.68 16.74
N ASN C 744 19.64 11.77 15.78
CA ASN C 744 18.92 11.87 14.53
C ASN C 744 18.28 10.54 14.17
N LEU C 745 18.88 9.44 14.62
CA LEU C 745 18.18 8.17 14.67
C LEU C 745 16.98 8.25 15.61
N LEU C 746 17.11 9.03 16.66
CA LEU C 746 15.94 9.33 17.48
C LEU C 746 15.06 10.43 16.84
N ILE C 747 15.35 10.93 15.65
CA ILE C 747 14.32 11.47 14.79
C ILE C 747 13.60 10.37 14.03
N ALA C 748 14.31 9.30 13.65
CA ALA C 748 13.73 8.23 12.85
C ALA C 748 12.72 7.43 13.65
N PHE C 749 13.18 6.78 14.71
CA PHE C 749 12.31 6.48 15.83
C PHE C 749 11.76 7.79 16.34
N PHE C 750 10.46 7.79 16.68
CA PHE C 750 9.50 8.92 16.76
C PHE C 750 9.03 9.34 15.38
N ASN C 751 9.16 8.52 14.34
CA ASN C 751 8.67 9.00 13.06
C ASN C 751 7.85 7.96 12.34
N ASN C 752 8.29 6.72 12.37
CA ASN C 752 7.50 5.61 11.89
C ASN C 752 7.29 4.55 12.95
N VAL C 753 7.49 4.91 14.21
CA VAL C 753 6.96 4.18 15.34
C VAL C 753 6.01 5.20 15.94
N TYR C 754 5.40 5.98 15.06
CA TYR C 754 4.36 6.92 15.42
C TYR C 754 2.97 6.45 15.03
N LEU C 755 2.76 6.13 13.75
CA LEU C 755 1.47 5.56 13.37
C LEU C 755 1.04 4.48 14.33
N GLN C 756 1.81 3.41 14.45
CA GLN C 756 1.38 2.23 15.20
C GLN C 756 1.46 2.40 16.71
N VAL C 757 1.81 3.58 17.22
CA VAL C 757 1.58 3.89 18.61
C VAL C 757 0.37 4.80 18.76
N LYS C 758 0.04 5.58 17.74
CA LYS C 758 -1.23 6.30 17.73
C LYS C 758 -2.40 5.34 17.70
N ALA C 759 -2.33 4.32 16.85
CA ALA C 759 -3.44 3.39 16.71
C ALA C 759 -3.55 2.42 17.86
N ILE C 760 -2.54 2.28 18.70
CA ILE C 760 -2.68 1.56 19.96
C ILE C 760 -3.16 2.47 21.07
N SER C 761 -2.38 3.51 21.37
CA SER C 761 -2.62 4.35 22.55
C SER C 761 -3.94 5.09 22.45
N ASN C 762 -4.27 5.57 21.24
CA ASN C 762 -5.61 6.08 20.92
C ASN C 762 -6.69 5.16 21.45
N ILE C 763 -6.65 3.89 21.02
CA ILE C 763 -7.60 2.89 21.49
C ILE C 763 -7.50 2.73 23.00
N VAL C 764 -6.28 2.71 23.54
CA VAL C 764 -6.07 2.56 24.98
C VAL C 764 -6.68 3.73 25.72
N TRP C 765 -6.60 4.93 25.12
CA TRP C 765 -7.22 6.12 25.71
C TRP C 765 -8.72 5.94 25.82
N LYS C 766 -9.35 5.43 24.76
CA LYS C 766 -10.79 5.21 24.79
C LYS C 766 -11.17 4.19 25.84
N TYR C 767 -10.28 3.22 26.10
CA TYR C 767 -10.57 2.24 27.13
C TYR C 767 -10.58 2.89 28.50
N GLN C 768 -9.66 3.81 28.75
CA GLN C 768 -9.60 4.33 30.10
C GLN C 768 -10.67 5.36 30.38
N ARG C 769 -11.42 5.79 29.36
CA ARG C 769 -12.58 6.62 29.63
C ARG C 769 -13.61 5.86 30.44
N TYR C 770 -13.69 4.53 30.25
CA TYR C 770 -14.55 3.74 31.12
C TYR C 770 -14.04 3.78 32.55
N HIS C 771 -12.73 3.67 32.73
CA HIS C 771 -12.19 3.79 34.07
C HIS C 771 -12.20 5.23 34.56
N PHE C 772 -12.54 6.19 33.70
CA PHE C 772 -12.62 7.58 34.11
C PHE C 772 -14.05 8.00 34.40
N ILE C 773 -14.99 7.60 33.56
CA ILE C 773 -16.36 8.07 33.72
C ILE C 773 -17.17 7.13 34.61
N MET C 774 -16.93 5.82 34.50
CA MET C 774 -17.63 4.94 35.45
C MET C 774 -16.99 5.00 36.83
N ALA C 775 -15.84 5.66 36.95
CA ALA C 775 -15.35 6.06 38.27
C ALA C 775 -16.34 6.97 38.97
N TYR C 776 -16.99 7.87 38.24
CA TYR C 776 -17.84 8.87 38.91
C TYR C 776 -18.80 9.56 37.95
N HIS C 777 -20.09 9.70 38.30
CA HIS C 777 -21.10 8.77 38.89
C HIS C 777 -21.15 8.23 40.34
N GLU C 778 -20.13 8.46 41.13
CA GLU C 778 -20.27 8.78 42.53
C GLU C 778 -19.63 10.14 42.68
N LYS C 779 -19.89 10.81 43.79
CA LYS C 779 -18.92 11.37 44.74
C LYS C 779 -19.65 12.39 45.59
N PRO C 780 -19.21 12.63 46.80
CA PRO C 780 -19.32 14.00 47.31
C PRO C 780 -18.17 14.79 46.69
N VAL C 781 -18.28 16.09 46.42
CA VAL C 781 -19.38 17.00 46.65
C VAL C 781 -19.10 18.11 45.67
N LEU C 782 -19.58 19.31 45.98
CA LEU C 782 -18.74 20.45 45.66
C LEU C 782 -17.33 20.13 46.13
N PRO C 783 -16.30 20.19 45.25
CA PRO C 783 -15.11 19.33 45.44
C PRO C 783 -14.19 19.73 46.57
N PRO C 784 -13.04 19.07 46.63
CA PRO C 784 -12.43 18.54 47.87
C PRO C 784 -12.65 19.43 49.10
N PRO C 785 -12.30 20.71 49.00
CA PRO C 785 -12.42 21.61 50.15
C PRO C 785 -13.85 21.66 50.67
N LEU C 786 -14.81 22.01 49.81
CA LEU C 786 -16.21 22.02 50.22
C LEU C 786 -16.73 20.60 50.45
N ILE C 787 -16.05 19.59 49.89
CA ILE C 787 -16.43 18.21 50.16
C ILE C 787 -16.06 17.81 51.59
N ILE C 788 -15.17 18.56 52.23
CA ILE C 788 -15.00 18.43 53.68
C ILE C 788 -16.29 18.76 54.42
N LEU C 789 -17.04 19.73 53.89
CA LEU C 789 -18.37 20.02 54.41
C LEU C 789 -19.34 18.86 54.19
N SER C 790 -19.05 18.01 53.20
CA SER C 790 -19.87 16.81 53.02
C SER C 790 -19.35 15.65 53.85
N HIS C 791 -18.33 15.89 54.67
CA HIS C 791 -17.80 14.87 55.55
C HIS C 791 -18.75 14.57 56.71
N GLY C 811 -23.28 0.89 40.31
CA GLY C 811 -24.71 1.14 40.29
C GLY C 811 -25.18 1.57 38.90
N PRO C 812 -26.20 2.42 38.88
CA PRO C 812 -26.79 3.01 37.66
C PRO C 812 -27.28 1.94 36.69
N LYS C 813 -28.30 1.18 37.12
CA LYS C 813 -28.83 0.06 36.36
C LYS C 813 -30.28 0.31 35.99
N LEU C 814 -30.53 0.40 34.68
CA LEU C 814 -31.76 0.96 34.15
C LEU C 814 -31.73 0.69 32.63
N PHE C 815 -32.90 0.49 31.99
CA PHE C 815 -34.31 0.68 32.40
C PHE C 815 -34.96 -0.24 31.31
N LEU C 816 -36.29 -0.40 31.10
CA LEU C 816 -37.44 0.04 31.89
C LEU C 816 -38.34 -1.08 32.39
N THR C 817 -38.88 -1.85 31.45
CA THR C 817 -40.03 -2.70 31.69
C THR C 817 -40.20 -3.69 30.55
N GLU C 818 -41.29 -4.47 30.69
CA GLU C 818 -41.60 -5.61 29.84
C GLU C 818 -41.68 -5.23 28.37
N GLU C 819 -42.30 -4.08 28.07
CA GLU C 819 -42.36 -3.54 26.73
C GLU C 819 -40.97 -3.37 26.14
N ASP C 820 -40.09 -2.69 26.86
CA ASP C 820 -38.72 -2.57 26.41
C ASP C 820 -37.95 -3.86 26.57
N GLN C 821 -38.43 -4.78 27.41
CA GLN C 821 -37.76 -6.07 27.54
C GLN C 821 -37.98 -6.89 26.28
N LYS C 822 -39.22 -6.92 25.78
CA LYS C 822 -39.50 -7.62 24.54
C LYS C 822 -38.99 -6.83 23.34
N LYS C 823 -38.82 -5.52 23.48
CA LYS C 823 -38.11 -4.76 22.44
C LYS C 823 -36.65 -5.15 22.36
N LEU C 824 -36.02 -5.42 23.51
CA LEU C 824 -34.64 -5.91 23.49
C LEU C 824 -34.53 -7.34 23.00
N HIS C 825 -35.37 -8.25 23.48
CA HIS C 825 -35.25 -9.64 23.09
C HIS C 825 -35.64 -9.84 21.63
N ASP C 826 -36.67 -9.11 21.16
CA ASP C 826 -36.92 -9.06 19.73
C ASP C 826 -35.80 -8.34 19.00
N PHE C 827 -35.09 -7.45 19.67
CA PHE C 827 -33.95 -6.80 19.05
C PHE C 827 -32.82 -7.80 18.80
N GLU C 828 -32.29 -8.41 19.87
CA GLU C 828 -31.18 -9.37 19.75
C GLU C 828 -31.56 -10.55 18.86
N GLU C 829 -32.72 -11.15 19.12
CA GLU C 829 -33.25 -12.21 18.26
C GLU C 829 -33.45 -11.76 16.83
N GLN C 830 -33.65 -10.46 16.57
CA GLN C 830 -33.59 -9.97 15.21
C GLN C 830 -32.18 -9.75 14.72
N CYS C 831 -31.29 -9.21 15.56
CA CYS C 831 -29.98 -8.78 15.07
C CYS C 831 -29.05 -9.97 14.86
N VAL C 832 -28.86 -10.79 15.89
CA VAL C 832 -27.93 -11.91 15.79
C VAL C 832 -28.13 -12.63 14.45
N GLU C 833 -29.37 -13.01 14.14
CA GLU C 833 -29.67 -13.78 12.95
C GLU C 833 -29.35 -13.02 11.67
N MET C 834 -29.60 -11.70 11.65
CA MET C 834 -29.19 -10.86 10.53
C MET C 834 -27.68 -10.88 10.35
N TYR C 835 -26.93 -10.96 11.45
CA TYR C 835 -25.49 -11.16 11.36
C TYR C 835 -25.16 -12.46 10.64
N PHE C 836 -25.88 -13.53 10.96
CA PHE C 836 -25.67 -14.77 10.24
C PHE C 836 -26.28 -14.73 8.85
N ASP C 837 -27.10 -13.74 8.54
CA ASP C 837 -27.50 -13.52 7.16
C ASP C 837 -26.56 -12.57 6.43
N GLU C 838 -25.51 -12.10 7.09
CA GLU C 838 -24.47 -11.37 6.39
C GLU C 838 -23.18 -12.18 6.30
N LYS C 839 -22.89 -13.02 7.30
CA LYS C 839 -21.70 -13.86 7.28
C LYS C 839 -21.78 -14.91 6.17
N ASP C 840 -22.99 -15.37 5.84
CA ASP C 840 -23.13 -16.17 4.64
C ASP C 840 -22.76 -15.38 3.39
N ASP C 841 -23.21 -14.13 3.30
CA ASP C 841 -22.90 -13.32 2.12
C ASP C 841 -21.43 -12.93 2.07
N LYS C 842 -20.72 -13.05 3.19
CA LYS C 842 -19.27 -13.04 3.12
C LYS C 842 -18.74 -14.36 2.58
N PHE C 843 -19.21 -15.48 3.13
CA PHE C 843 -18.68 -16.79 2.79
C PHE C 843 -19.24 -17.39 1.51
N ASN C 844 -20.39 -16.93 1.02
CA ASN C 844 -20.98 -17.51 -0.17
C ASN C 844 -21.07 -16.49 -1.31
N SER C 845 -20.19 -15.49 -1.31
CA SER C 845 -20.10 -14.57 -2.42
C SER C 845 -18.74 -13.91 -2.40
N GLY C 846 -18.48 -13.12 -3.44
CA GLY C 846 -17.25 -12.36 -3.52
C GLY C 846 -16.25 -12.98 -4.47
N SER C 847 -15.00 -13.07 -4.03
CA SER C 847 -13.93 -13.51 -4.92
C SER C 847 -13.88 -15.02 -5.02
N GLU C 848 -13.62 -15.69 -3.91
CA GLU C 848 -13.19 -17.09 -3.95
C GLU C 848 -14.31 -18.07 -4.16
N GLU C 849 -15.36 -18.03 -3.34
CA GLU C 849 -16.28 -19.14 -3.21
C GLU C 849 -17.11 -19.34 -4.48
N ARG C 850 -17.51 -18.23 -5.12
CA ARG C 850 -18.13 -18.28 -6.43
C ARG C 850 -17.25 -19.01 -7.43
N ILE C 851 -15.98 -18.66 -7.51
CA ILE C 851 -15.08 -19.45 -8.31
C ILE C 851 -15.19 -20.93 -7.94
N ARG C 852 -15.10 -21.25 -6.64
CA ARG C 852 -14.90 -22.64 -6.20
C ARG C 852 -16.10 -23.50 -6.54
N VAL C 853 -17.30 -22.94 -6.36
CA VAL C 853 -18.50 -23.65 -6.78
C VAL C 853 -18.54 -23.78 -8.29
N THR C 854 -18.27 -22.70 -9.02
CA THR C 854 -18.24 -22.91 -10.46
C THR C 854 -17.33 -24.06 -10.82
N PHE C 855 -16.09 -24.04 -10.30
CA PHE C 855 -15.06 -25.02 -10.60
C PHE C 855 -15.52 -26.44 -10.34
N GLU C 856 -15.89 -26.77 -9.10
CA GLU C 856 -16.46 -28.09 -8.91
C GLU C 856 -17.54 -28.38 -9.94
N ARG C 857 -18.50 -27.46 -10.09
CA ARG C 857 -19.70 -27.76 -10.87
C ARG C 857 -19.41 -27.84 -12.36
N VAL C 858 -18.54 -26.98 -12.87
CA VAL C 858 -18.04 -27.23 -14.21
C VAL C 858 -17.54 -28.66 -14.32
N GLU C 859 -16.59 -29.04 -13.43
CA GLU C 859 -15.81 -30.27 -13.60
C GLU C 859 -16.69 -31.51 -13.60
N GLN C 860 -17.39 -31.73 -12.49
CA GLN C 860 -18.43 -32.77 -12.39
C GLN C 860 -19.40 -32.70 -13.55
N MET C 861 -19.86 -31.47 -13.88
CA MET C 861 -20.83 -31.31 -14.96
C MET C 861 -20.22 -31.70 -16.30
N SER C 862 -18.94 -31.39 -16.49
CA SER C 862 -18.24 -31.79 -17.72
C SER C 862 -18.18 -33.31 -17.82
N ILE C 863 -17.91 -33.97 -16.67
CA ILE C 863 -17.90 -35.43 -16.60
C ILE C 863 -19.24 -35.99 -17.03
N GLN C 864 -20.32 -35.33 -16.59
CA GLN C 864 -21.67 -35.74 -16.96
C GLN C 864 -21.87 -35.71 -18.46
N ILE C 865 -21.41 -34.62 -19.10
CA ILE C 865 -21.56 -34.47 -20.55
C ILE C 865 -20.79 -35.56 -21.27
N LYS C 866 -19.62 -35.92 -20.71
CA LYS C 866 -18.80 -36.97 -21.31
C LYS C 866 -19.53 -38.30 -21.30
N GLU C 867 -20.17 -38.62 -20.17
CA GLU C 867 -21.00 -39.82 -20.10
C GLU C 867 -22.16 -39.72 -21.07
N VAL C 868 -22.79 -38.52 -21.12
CA VAL C 868 -23.83 -38.24 -22.09
C VAL C 868 -23.31 -38.46 -23.50
N GLY C 869 -22.12 -37.91 -23.79
CA GLY C 869 -21.53 -38.09 -25.10
C GLY C 869 -21.29 -39.56 -25.41
N ASP C 870 -20.78 -40.29 -24.41
CA ASP C 870 -20.48 -41.70 -24.59
C ASP C 870 -21.75 -42.49 -24.87
N ARG C 871 -22.83 -42.16 -24.15
CA ARG C 871 -24.03 -42.97 -24.36
C ARG C 871 -24.71 -42.55 -25.65
N VAL C 872 -24.54 -41.29 -26.06
CA VAL C 872 -25.09 -40.88 -27.35
C VAL C 872 -24.26 -41.50 -28.47
N ASN C 873 -23.01 -41.86 -28.17
CA ASN C 873 -22.27 -42.72 -29.08
C ASN C 873 -22.88 -44.12 -29.12
N TYR C 874 -23.13 -44.72 -27.95
CA TYR C 874 -23.50 -46.13 -27.92
C TYR C 874 -24.96 -46.34 -28.32
N ILE C 875 -25.82 -45.39 -27.96
CA ILE C 875 -27.24 -45.53 -28.28
C ILE C 875 -27.54 -44.86 -29.61
N LYS C 876 -26.61 -44.01 -30.09
CA LYS C 876 -26.59 -43.73 -31.52
C LYS C 876 -26.35 -45.00 -32.32
N ARG C 877 -25.28 -45.73 -31.99
CA ARG C 877 -24.99 -46.94 -32.75
C ARG C 877 -26.12 -47.96 -32.62
N SER C 878 -26.53 -48.29 -31.39
CA SER C 878 -27.52 -49.34 -31.18
C SER C 878 -28.91 -48.92 -31.65
N LEU C 879 -29.24 -47.63 -31.52
CA LEU C 879 -30.47 -47.13 -32.12
C LEU C 879 -30.39 -47.09 -33.64
N GLN C 880 -29.17 -47.05 -34.20
CA GLN C 880 -29.00 -47.27 -35.63
C GLN C 880 -29.08 -48.76 -35.96
N SER C 881 -28.95 -49.62 -34.95
CA SER C 881 -29.13 -51.05 -35.18
C SER C 881 -30.60 -51.42 -35.15
N LEU C 882 -31.33 -50.91 -34.15
CA LEU C 882 -32.77 -51.18 -34.07
C LEU C 882 -33.56 -50.25 -34.97
N ASP C 883 -32.91 -49.27 -35.57
CA ASP C 883 -33.56 -48.39 -36.54
C ASP C 883 -33.17 -48.72 -37.97
N SER C 884 -31.93 -49.17 -38.19
CA SER C 884 -31.49 -49.60 -39.50
C SER C 884 -31.83 -51.05 -39.80
N GLN C 885 -31.96 -51.90 -38.77
CA GLN C 885 -32.36 -53.28 -39.00
C GLN C 885 -33.87 -53.37 -39.25
N ILE C 886 -34.67 -52.92 -38.29
CA ILE C 886 -36.12 -52.99 -38.40
C ILE C 886 -36.70 -51.63 -38.76
N UNK D 1 -11.14 -30.11 -38.56
CA UNK D 1 -10.62 -31.26 -39.28
C UNK D 1 -9.14 -31.09 -39.60
N UNK D 2 -8.69 -29.83 -39.67
CA UNK D 2 -7.31 -29.51 -39.96
C UNK D 2 -6.48 -29.28 -38.71
N UNK D 3 -7.12 -28.88 -37.61
CA UNK D 3 -6.38 -28.63 -36.37
C UNK D 3 -5.87 -29.92 -35.76
N UNK D 4 -6.52 -31.04 -36.06
CA UNK D 4 -6.00 -32.33 -35.63
C UNK D 4 -4.77 -32.72 -36.44
N UNK D 5 -4.72 -32.33 -37.71
CA UNK D 5 -3.57 -32.68 -38.54
C UNK D 5 -2.37 -31.79 -38.23
N UNK D 6 -2.60 -30.49 -38.06
CA UNK D 6 -1.51 -29.59 -37.70
C UNK D 6 -1.08 -29.82 -36.25
N UNK D 7 -2.04 -30.14 -35.38
CA UNK D 7 -1.70 -30.51 -34.01
C UNK D 7 -0.98 -31.85 -33.97
N UNK D 8 -1.20 -32.70 -34.97
CA UNK D 8 -0.35 -33.86 -35.15
C UNK D 8 1.01 -33.46 -35.71
N UNK D 9 1.09 -32.34 -36.41
CA UNK D 9 2.36 -31.83 -36.89
C UNK D 9 3.07 -30.96 -35.86
N UNK D 10 2.52 -30.82 -34.66
CA UNK D 10 3.24 -30.21 -33.56
C UNK D 10 4.14 -31.20 -32.84
N UNK D 11 3.97 -32.50 -33.09
CA UNK D 11 4.83 -33.49 -32.46
C UNK D 11 6.23 -33.51 -33.07
N UNK D 12 6.36 -33.04 -34.32
CA UNK D 12 7.67 -32.97 -34.94
C UNK D 12 8.53 -31.88 -34.33
N UNK D 13 7.91 -30.82 -33.82
CA UNK D 13 8.65 -29.81 -33.08
C UNK D 13 8.72 -30.18 -31.60
N UNK D 14 7.77 -31.00 -31.14
CA UNK D 14 7.84 -31.50 -29.76
C UNK D 14 8.94 -32.55 -29.62
N UNK D 15 9.40 -33.12 -30.74
CA UNK D 15 10.45 -34.12 -30.73
C UNK D 15 11.50 -33.90 -31.82
N UNK D 16 11.66 -32.66 -32.29
CA UNK D 16 12.55 -32.27 -33.40
C UNK D 16 12.33 -33.09 -34.66
N UNK D 17 3.31 -37.69 -49.45
CA UNK D 17 4.47 -38.38 -48.90
C UNK D 17 5.13 -37.53 -47.82
N UNK D 18 4.32 -36.98 -46.93
CA UNK D 18 4.85 -36.21 -45.80
C UNK D 18 5.53 -37.14 -44.81
N UNK D 19 6.80 -36.85 -44.52
CA UNK D 19 7.61 -37.67 -43.65
C UNK D 19 7.84 -36.94 -42.33
N UNK D 20 8.57 -37.59 -41.42
CA UNK D 20 9.00 -36.97 -40.18
C UNK D 20 10.31 -37.64 -39.76
N UNK D 21 11.08 -36.93 -38.94
CA UNK D 21 12.39 -37.43 -38.53
C UNK D 21 12.80 -36.71 -37.25
N UNK D 22 13.93 -37.15 -36.68
CA UNK D 22 14.54 -36.53 -35.50
C UNK D 22 16.06 -36.60 -35.67
N UNK D 23 16.65 -35.53 -36.21
CA UNK D 23 18.08 -35.49 -36.48
C UNK D 23 18.59 -34.07 -36.32
N UNK D 24 19.91 -33.93 -36.25
CA UNK D 24 20.55 -32.65 -35.98
C UNK D 24 21.87 -32.57 -36.73
N UNK D 25 22.27 -31.35 -37.13
CA UNK D 25 21.41 -30.15 -37.22
C UNK D 25 21.48 -29.49 -38.59
N UNK D 26 22.68 -29.42 -39.17
CA UNK D 26 22.91 -28.74 -40.44
C UNK D 26 23.94 -29.45 -41.30
N UNK D 27 24.10 -30.76 -41.13
CA UNK D 27 25.02 -31.56 -41.92
C UNK D 27 24.38 -32.17 -43.15
N UNK D 28 23.32 -31.54 -43.68
CA UNK D 28 22.61 -32.12 -44.82
C UNK D 28 23.40 -31.98 -46.11
N UNK D 29 24.40 -31.10 -46.12
CA UNK D 29 25.26 -30.98 -47.30
C UNK D 29 26.15 -32.20 -47.45
N UNK D 30 26.95 -32.50 -46.42
CA UNK D 30 27.83 -33.67 -46.48
C UNK D 30 27.05 -34.96 -46.40
N UNK D 31 25.90 -34.94 -45.72
CA UNK D 31 25.05 -36.12 -45.66
C UNK D 31 24.39 -36.39 -47.01
N UNK D 32 23.97 -35.34 -47.71
CA UNK D 32 23.36 -35.53 -49.02
C UNK D 32 24.39 -35.90 -50.07
N UNK D 33 25.55 -35.26 -50.04
CA UNK D 33 26.60 -35.55 -51.01
C UNK D 33 27.29 -36.88 -50.73
N UNK D 34 27.21 -37.38 -49.49
CA UNK D 34 27.83 -38.65 -49.16
C UNK D 34 27.12 -39.84 -49.79
N UNK D 35 25.85 -39.71 -50.14
CA UNK D 35 25.09 -40.78 -50.78
C UNK D 35 24.89 -40.53 -52.28
N UNK D 36 25.74 -39.73 -52.90
CA UNK D 36 25.63 -39.45 -54.33
C UNK D 36 26.47 -40.44 -55.13
N UNK D 37 12.17 -26.23 -35.50
CA UNK D 37 12.75 -26.80 -36.71
C UNK D 37 11.67 -27.08 -37.75
N UNK D 38 12.09 -27.65 -38.88
CA UNK D 38 11.18 -27.95 -39.97
C UNK D 38 11.76 -29.07 -40.81
N UNK D 39 11.04 -29.41 -41.88
CA UNK D 39 11.44 -30.45 -42.80
C UNK D 39 11.86 -29.82 -44.12
N UNK D 40 12.88 -30.39 -44.75
CA UNK D 40 13.38 -29.90 -46.03
C UNK D 40 12.78 -30.73 -47.16
N UNK D 41 12.16 -30.08 -48.12
CA UNK D 41 11.53 -30.75 -49.25
C UNK D 41 12.56 -30.92 -50.35
N UNK D 42 12.64 -32.13 -50.91
CA UNK D 42 13.59 -32.43 -51.96
C UNK D 42 12.86 -32.83 -53.24
N UNK D 43 3.80 -23.32 -35.17
CA UNK D 43 2.62 -22.49 -35.34
C UNK D 43 1.95 -22.73 -36.69
N UNK D 44 1.01 -21.85 -37.06
CA UNK D 44 0.26 -22.00 -38.30
C UNK D 44 1.02 -21.48 -39.51
N UNK D 45 2.14 -20.77 -39.34
CA UNK D 45 2.93 -20.28 -40.46
C UNK D 45 3.67 -21.39 -41.17
N UNK D 46 3.99 -22.48 -40.48
CA UNK D 46 4.50 -23.68 -41.09
C UNK D 46 3.51 -24.83 -41.03
N UNK D 47 2.64 -24.83 -40.01
CA UNK D 47 1.61 -25.85 -39.89
C UNK D 47 0.57 -25.75 -41.00
N UNK D 48 0.15 -24.53 -41.36
CA UNK D 48 -0.69 -24.38 -42.54
C UNK D 48 0.13 -24.60 -43.81
N UNK D 49 1.44 -24.39 -43.75
CA UNK D 49 2.33 -24.68 -44.87
C UNK D 49 2.69 -26.15 -44.98
N UNK D 50 2.12 -27.02 -44.13
CA UNK D 50 2.22 -28.46 -44.30
C UNK D 50 1.12 -29.00 -45.21
N UNK D 51 0.40 -28.14 -45.92
CA UNK D 51 -0.64 -28.57 -46.84
C UNK D 51 -0.10 -29.00 -48.20
N UNK D 52 1.19 -28.83 -48.44
CA UNK D 52 1.79 -29.26 -49.71
C UNK D 52 2.16 -30.74 -49.67
N UNK D 53 12.46 -38.67 -55.56
CA UNK D 53 12.22 -40.10 -55.61
C UNK D 53 13.43 -40.87 -55.07
N UNK D 54 14.38 -41.17 -55.94
CA UNK D 54 15.60 -41.84 -55.53
C UNK D 54 16.47 -40.96 -54.64
N UNK D 55 16.37 -39.64 -54.77
CA UNK D 55 17.12 -38.75 -53.90
C UNK D 55 16.48 -38.63 -52.53
N UNK D 56 15.15 -38.54 -52.48
CA UNK D 56 14.46 -38.44 -51.20
C UNK D 56 14.55 -39.75 -50.43
N UNK D 57 14.32 -40.87 -51.12
CA UNK D 57 14.50 -42.17 -50.48
C UNK D 57 15.97 -42.51 -50.28
N UNK D 58 16.87 -41.82 -50.97
CA UNK D 58 18.29 -41.96 -50.69
C UNK D 58 18.68 -41.25 -49.39
N UNK D 59 18.16 -40.03 -49.18
CA UNK D 59 18.45 -39.31 -47.95
C UNK D 59 17.76 -39.93 -46.75
N UNK D 60 16.50 -40.35 -46.92
CA UNK D 60 15.81 -41.06 -45.86
C UNK D 60 16.41 -42.44 -45.63
N UNK D 61 16.93 -43.06 -46.69
CA UNK D 61 17.61 -44.33 -46.55
C UNK D 61 19.00 -44.16 -45.92
N UNK D 62 19.54 -42.95 -45.92
CA UNK D 62 20.84 -42.68 -45.33
C UNK D 62 20.75 -42.24 -43.88
N UNK D 63 19.79 -41.39 -43.54
CA UNK D 63 19.65 -40.87 -42.18
C UNK D 63 19.19 -41.93 -41.19
N UNK D 64 18.50 -42.97 -41.65
CA UNK D 64 18.20 -44.10 -40.77
C UNK D 64 19.44 -44.95 -40.53
N UNK D 65 20.43 -44.84 -41.40
CA UNK D 65 21.71 -45.54 -41.23
C UNK D 65 22.72 -44.69 -40.45
N UNK D 66 22.29 -43.60 -39.84
CA UNK D 66 23.18 -42.75 -39.07
C UNK D 66 23.33 -43.29 -37.64
N UNK D 67 23.97 -42.51 -36.78
CA UNK D 67 24.41 -43.01 -35.47
C UNK D 67 23.24 -43.31 -34.50
N UNK D 68 22.22 -42.43 -34.36
CA UNK D 68 22.06 -41.00 -34.69
C UNK D 68 21.64 -40.23 -33.44
N UNK D 69 20.89 -40.91 -32.58
CA UNK D 69 20.59 -40.36 -31.27
C UNK D 69 21.84 -40.36 -30.39
N UNK D 70 21.86 -39.45 -29.42
CA UNK D 70 23.03 -39.24 -28.58
C UNK D 70 23.28 -40.40 -27.63
N UNK D 71 24.49 -40.97 -27.69
CA UNK D 71 24.96 -42.06 -26.83
C UNK D 71 24.04 -43.27 -26.88
N UNK D 72 23.51 -43.56 -28.07
CA UNK D 72 22.61 -44.69 -28.26
C UNK D 72 22.71 -45.13 -29.72
N UNK D 73 22.25 -46.36 -29.97
CA UNK D 73 22.20 -46.92 -31.32
C UNK D 73 20.84 -47.62 -31.48
N UNK D 74 19.86 -46.87 -31.98
CA UNK D 74 18.52 -47.44 -32.14
C UNK D 74 18.15 -47.67 -33.61
N UNK D 75 18.25 -46.69 -34.54
CA UNK D 75 18.62 -45.25 -34.48
C UNK D 75 17.82 -44.47 -35.51
N UNK D 76 17.43 -43.23 -35.14
CA UNK D 76 16.79 -42.25 -36.03
C UNK D 76 15.49 -42.78 -36.63
N UNK D 77 14.49 -42.95 -35.78
CA UNK D 77 13.18 -43.40 -36.24
C UNK D 77 12.51 -42.32 -37.08
N UNK D 78 12.00 -42.73 -38.25
CA UNK D 78 11.47 -41.81 -39.24
C UNK D 78 10.18 -42.39 -39.82
N UNK D 79 9.04 -41.83 -39.42
CA UNK D 79 7.73 -42.24 -39.92
C UNK D 79 7.30 -41.33 -41.07
N UNK D 80 6.29 -41.78 -41.80
CA UNK D 80 5.68 -41.02 -42.89
C UNK D 80 4.17 -41.07 -42.78
N UNK D 81 3.52 -39.92 -42.95
CA UNK D 81 2.11 -39.76 -42.65
C UNK D 81 1.36 -39.10 -43.79
N UNK D 82 1.58 -39.57 -45.02
CA UNK D 82 0.74 -39.16 -46.14
C UNK D 82 -0.70 -39.62 -45.93
N UNK D 83 -0.87 -40.85 -45.44
CA UNK D 83 -2.18 -41.37 -45.07
C UNK D 83 -1.97 -42.43 -44.00
N UNK D 84 -2.64 -42.23 -42.85
CA UNK D 84 -2.76 -43.22 -41.76
C UNK D 84 -1.44 -43.54 -41.07
N UNK D 85 -0.41 -42.75 -41.35
CA UNK D 85 0.90 -42.77 -40.66
C UNK D 85 1.59 -44.14 -40.72
N UNK D 86 1.94 -44.55 -41.93
CA UNK D 86 2.66 -45.81 -42.11
C UNK D 86 4.11 -45.69 -41.62
N UNK D 87 4.73 -46.84 -41.40
CA UNK D 87 6.09 -46.91 -40.89
C UNK D 87 7.09 -47.09 -42.02
N UNK D 88 8.32 -47.43 -41.66
CA UNK D 88 9.36 -47.72 -42.65
C UNK D 88 9.77 -49.19 -42.58
N UNK D 89 11.92 -51.64 -42.89
CA UNK D 89 12.73 -51.41 -44.09
C UNK D 89 12.84 -52.67 -44.94
N UNK D 90 12.50 -52.59 -46.24
CA UNK D 90 12.07 -51.35 -46.90
C UNK D 90 10.86 -51.59 -47.79
N UNK D 91 10.37 -52.84 -47.78
CA UNK D 91 9.30 -53.23 -48.69
C UNK D 91 7.97 -52.58 -48.37
N UNK D 92 7.73 -52.24 -47.10
CA UNK D 92 6.52 -51.49 -46.75
C UNK D 92 6.56 -50.08 -47.30
N UNK D 93 7.75 -49.48 -47.33
CA UNK D 93 7.89 -48.19 -48.00
C UNK D 93 7.85 -48.33 -49.51
N UNK D 94 8.23 -49.50 -50.03
CA UNK D 94 8.19 -49.72 -51.47
C UNK D 94 6.76 -49.81 -51.97
N UNK D 95 5.96 -50.70 -51.37
CA UNK D 95 4.56 -50.81 -51.75
C UNK D 95 3.76 -49.60 -51.30
N UNK D 96 4.22 -48.94 -50.23
CA UNK D 96 3.57 -47.71 -49.78
C UNK D 96 3.77 -46.59 -50.77
N UNK D 97 4.98 -46.44 -51.31
CA UNK D 97 5.23 -45.41 -52.31
C UNK D 97 4.62 -45.79 -53.65
N UNK D 98 4.55 -47.10 -53.95
CA UNK D 98 3.92 -47.55 -55.19
C UNK D 98 2.42 -47.31 -55.16
N UNK D 99 1.79 -47.49 -54.01
CA UNK D 99 0.41 -47.07 -53.84
C UNK D 99 0.27 -45.56 -53.74
N UNK D 100 1.35 -44.86 -53.34
CA UNK D 100 1.34 -43.41 -53.30
C UNK D 100 1.49 -42.77 -54.68
N UNK D 101 1.97 -43.53 -55.66
CA UNK D 101 2.06 -43.00 -57.02
C UNK D 101 0.69 -42.96 -57.69
N UNK D 102 -0.26 -43.76 -57.21
CA UNK D 102 -1.60 -43.78 -57.77
C UNK D 102 -2.47 -42.69 -57.15
N UNK D 103 -2.56 -36.98 -33.78
CA UNK D 103 -2.27 -36.73 -32.37
C UNK D 103 -0.93 -37.34 -31.98
N UNK D 104 -0.91 -38.11 -30.90
CA UNK D 104 0.30 -38.79 -30.45
C UNK D 104 0.53 -40.12 -31.15
N UNK D 105 -0.26 -40.43 -32.17
CA UNK D 105 -0.16 -41.70 -32.86
C UNK D 105 1.09 -41.82 -33.72
N UNK D 106 1.44 -40.74 -34.45
CA UNK D 106 2.59 -40.76 -35.36
C UNK D 106 3.88 -40.96 -34.60
N UNK D 107 4.00 -40.36 -33.41
CA UNK D 107 5.06 -40.77 -32.52
C UNK D 107 4.82 -42.18 -32.01
N UNK D 108 3.56 -42.53 -31.74
CA UNK D 108 3.18 -43.82 -31.19
C UNK D 108 2.42 -44.63 -32.24
N UNK D 109 3.13 -45.44 -33.01
CA UNK D 109 4.49 -45.89 -32.68
C UNK D 109 5.39 -46.00 -33.88
N UNK D 110 6.62 -45.55 -33.71
CA UNK D 110 7.69 -45.88 -34.64
C UNK D 110 8.40 -47.15 -34.23
N UNK D 111 7.97 -47.79 -33.14
CA UNK D 111 8.61 -48.99 -32.62
C UNK D 111 7.78 -50.24 -32.86
N UNK D 112 6.51 -50.05 -33.25
CA UNK D 112 5.58 -51.16 -33.44
C UNK D 112 5.98 -52.06 -34.62
N UNK D 113 3.25 -56.29 -43.26
CA UNK D 113 2.14 -55.40 -43.54
C UNK D 113 1.38 -55.04 -42.27
N UNK D 114 0.31 -54.25 -42.44
CA UNK D 114 -0.59 -53.81 -41.38
C UNK D 114 0.15 -53.08 -40.25
N UNK D 115 0.75 -51.94 -40.56
CA UNK D 115 1.47 -51.14 -39.58
C UNK D 115 1.11 -49.67 -39.65
N UNK D 116 -0.18 -49.33 -39.68
CA UNK D 116 -0.62 -47.96 -39.82
C UNK D 116 -2.00 -47.78 -39.21
N UNK D 117 -2.59 -46.62 -39.46
CA UNK D 117 -3.96 -46.35 -39.07
C UNK D 117 -4.16 -45.02 -38.36
N UNK D 118 -5.00 -44.16 -38.97
CA UNK D 118 -5.32 -42.82 -38.48
C UNK D 118 -6.45 -42.27 -39.32
N UNK D 119 -7.40 -41.57 -38.70
CA UNK D 119 -7.49 -41.27 -37.27
C UNK D 119 -8.93 -41.39 -36.81
N UNK D 120 -9.21 -40.81 -35.64
CA UNK D 120 -10.55 -40.71 -35.04
C UNK D 120 -11.24 -42.06 -34.85
N LYS D 121 12.56 -54.67 -29.73
CA LYS D 121 13.05 -54.89 -28.37
C LYS D 121 12.60 -53.76 -27.45
N PHE D 122 12.09 -54.15 -26.28
CA PHE D 122 11.50 -53.19 -25.35
C PHE D 122 12.54 -52.24 -24.77
N LEU D 123 13.79 -52.66 -24.70
CA LEU D 123 14.87 -51.77 -24.27
C LEU D 123 15.10 -50.67 -25.31
N THR D 124 14.94 -50.99 -26.59
CA THR D 124 15.00 -49.94 -27.59
C THR D 124 13.72 -49.12 -27.62
N ILE D 125 12.60 -49.72 -27.20
CA ILE D 125 11.34 -49.00 -27.13
C ILE D 125 11.40 -47.91 -26.07
N PRO D 126 11.85 -48.26 -24.86
CA PRO D 126 12.01 -47.28 -23.80
C PRO D 126 13.22 -46.38 -24.05
N ARG D 127 14.25 -46.90 -24.71
CA ARG D 127 15.42 -46.10 -25.03
C ARG D 127 15.15 -45.04 -26.08
N LEU D 128 14.20 -45.26 -27.01
CA LEU D 128 13.85 -44.19 -27.94
C LEU D 128 13.06 -43.09 -27.23
N GLU D 129 12.16 -43.46 -26.32
CA GLU D 129 11.38 -42.47 -25.60
C GLU D 129 12.23 -41.60 -24.69
N GLU D 130 13.42 -42.09 -24.29
CA GLU D 130 14.44 -41.24 -23.68
C GLU D 130 14.91 -40.14 -24.61
N LEU D 131 14.94 -40.40 -25.92
CA LEU D 131 15.53 -39.46 -26.86
C LEU D 131 14.52 -38.67 -27.66
N TYR D 132 13.21 -38.92 -27.51
CA TYR D 132 12.26 -38.15 -28.32
C TYR D 132 12.11 -36.68 -27.87
N ASN D 133 11.68 -36.38 -26.63
CA ASN D 133 11.46 -37.17 -25.40
C ASN D 133 10.13 -36.84 -24.70
N THR D 134 9.07 -37.51 -25.10
CA THR D 134 7.75 -37.29 -24.49
C THR D 134 7.53 -38.34 -23.41
N LYS D 135 7.21 -37.89 -22.19
CA LYS D 135 6.93 -38.81 -21.10
C LYS D 135 5.54 -39.42 -21.19
N GLN D 136 4.59 -38.74 -21.82
CA GLN D 136 3.22 -39.24 -21.87
C GLN D 136 3.11 -40.44 -22.79
N GLY D 137 4.00 -40.55 -23.77
CA GLY D 137 3.98 -41.69 -24.68
C GLY D 137 4.41 -42.98 -24.01
N PRO D 138 5.50 -42.97 -23.25
CA PRO D 138 6.02 -44.17 -22.63
C PRO D 138 5.13 -44.69 -21.52
N THR D 139 4.47 -43.77 -20.78
CA THR D 139 3.59 -44.18 -19.70
C THR D 139 2.33 -44.84 -20.23
N ASN D 140 1.68 -44.20 -21.21
CA ASN D 140 0.42 -44.74 -21.72
C ASN D 140 0.66 -45.97 -22.57
N PRO D 141 1.68 -45.96 -23.41
CA PRO D 141 1.88 -47.04 -24.36
C PRO D 141 3.01 -47.98 -23.95
N MET D 142 4.19 -47.45 -23.65
CA MET D 142 5.36 -48.29 -23.40
C MET D 142 5.53 -48.53 -21.90
N LEU D 143 4.43 -48.93 -21.28
CA LEU D 143 4.38 -49.17 -19.84
C LEU D 143 3.52 -50.39 -19.53
N PHE D 144 3.62 -50.88 -18.31
CA PHE D 144 2.86 -52.05 -17.92
C PHE D 144 3.30 -53.29 -18.69
N HIS D 145 2.37 -53.97 -19.37
CA HIS D 145 2.71 -55.19 -20.08
C HIS D 145 3.76 -55.05 -21.20
N LEU D 146 4.68 -56.00 -21.17
CA LEU D 146 4.57 -57.00 -20.11
C LEU D 146 5.92 -57.16 -19.42
N ILE D 147 6.97 -57.31 -20.22
CA ILE D 147 8.31 -57.52 -19.68
C ILE D 147 9.09 -56.21 -19.62
N TYR D 159 15.83 -50.72 -17.72
CA TYR D 159 16.20 -50.92 -16.33
C TYR D 159 17.66 -50.55 -16.08
N LYS D 160 18.43 -50.42 -17.16
CA LYS D 160 19.77 -49.86 -17.09
C LYS D 160 19.76 -48.36 -17.31
N ILE D 161 18.58 -47.77 -17.43
CA ILE D 161 18.49 -46.38 -17.84
C ILE D 161 18.49 -45.43 -16.65
N THR D 162 18.83 -45.91 -15.46
CA THR D 162 19.17 -45.01 -14.36
C THR D 162 20.65 -44.71 -14.38
N LEU D 163 21.48 -45.72 -14.66
CA LEU D 163 22.87 -45.46 -14.99
C LEU D 163 23.03 -44.94 -16.40
N ILE D 164 21.98 -45.01 -17.22
CA ILE D 164 22.08 -44.57 -18.59
C ILE D 164 21.08 -43.49 -18.98
N ASP D 165 20.34 -42.92 -18.03
CA ASP D 165 19.42 -41.85 -18.43
C ASP D 165 20.14 -40.52 -18.54
N ILE D 166 21.39 -40.45 -18.10
CA ILE D 166 22.18 -39.22 -18.13
C ILE D 166 23.00 -39.26 -19.41
N GLY D 167 22.31 -39.17 -20.57
CA GLY D 167 21.52 -38.08 -21.20
C GLY D 167 20.74 -36.96 -20.44
N LEU D 168 20.01 -37.28 -19.37
CA LEU D 168 19.52 -36.36 -18.35
C LEU D 168 18.38 -35.49 -18.82
N VAL D 169 17.34 -36.11 -19.39
CA VAL D 169 16.06 -35.45 -19.54
C VAL D 169 15.53 -34.99 -18.19
N ILE D 170 15.66 -35.82 -17.17
CA ILE D 170 15.25 -35.42 -15.83
C ILE D 170 13.78 -35.64 -15.55
N GLU D 171 13.20 -36.66 -16.15
CA GLU D 171 11.80 -36.97 -15.90
C GLU D 171 11.51 -38.45 -15.83
N TYR D 172 12.39 -39.31 -16.35
CA TYR D 172 12.10 -40.73 -16.34
C TYR D 172 12.52 -41.38 -15.02
N LEU D 173 13.15 -40.60 -14.14
CA LEU D 173 13.26 -41.04 -12.76
C LEU D 173 11.91 -41.03 -12.06
N MET D 174 10.95 -40.24 -12.56
CA MET D 174 9.59 -40.24 -12.03
C MET D 174 8.82 -41.50 -12.41
N GLY D 175 9.37 -42.34 -13.28
CA GLY D 175 8.80 -43.64 -13.59
C GLY D 175 9.15 -44.70 -12.57
N GLY D 176 9.76 -44.31 -11.44
CA GLY D 176 10.12 -45.23 -10.36
C GLY D 176 8.87 -45.91 -9.79
N THR D 177 8.94 -47.24 -9.70
CA THR D 177 7.80 -48.12 -9.43
C THR D 177 6.69 -47.86 -10.47
N TYR D 178 6.96 -48.29 -11.72
CA TYR D 178 7.61 -49.56 -12.05
C TYR D 178 9.13 -49.66 -12.17
N ARG D 179 9.82 -48.54 -12.40
CA ARG D 179 11.27 -48.55 -12.40
C ARG D 179 11.78 -48.86 -11.00
N CYS D 180 12.66 -49.84 -10.91
CA CYS D 180 12.95 -50.48 -9.63
C CYS D 180 14.07 -49.76 -8.89
N THR D 181 14.59 -50.43 -7.88
CA THR D 181 15.64 -49.96 -6.99
C THR D 181 16.91 -49.66 -7.78
N TYR D 182 17.59 -48.51 -7.56
CA TYR D 182 17.46 -47.39 -6.58
C TYR D 182 17.51 -47.84 -5.09
N THR D 183 18.73 -48.19 -4.65
CA THR D 183 19.02 -48.76 -3.32
C THR D 183 18.27 -50.07 -3.09
N ARG D 184 18.67 -51.14 -3.81
CA ARG D 184 19.99 -51.31 -4.43
C ARG D 184 20.09 -50.79 -5.86
N LYS D 185 20.95 -49.81 -6.05
CA LYS D 185 20.82 -48.89 -7.17
C LYS D 185 21.42 -49.41 -8.45
N ARG D 186 21.35 -48.59 -9.49
CA ARG D 186 22.16 -48.80 -10.67
C ARG D 186 23.65 -48.72 -10.35
N PHE D 187 24.02 -47.99 -9.29
CA PHE D 187 25.41 -47.89 -8.89
C PHE D 187 25.91 -49.18 -8.26
N ARG D 188 27.22 -49.37 -8.27
CA ARG D 188 27.83 -50.48 -7.55
C ARG D 188 28.78 -49.97 -6.48
N LEU D 189 29.70 -49.02 -6.76
CA LEU D 189 30.35 -48.53 -7.99
C LEU D 189 31.29 -49.65 -8.50
N ILE D 190 31.78 -49.71 -9.76
CA ILE D 190 32.16 -48.71 -10.79
C ILE D 190 31.32 -47.47 -11.10
N TYR D 191 30.02 -47.69 -11.27
CA TYR D 191 29.06 -46.85 -11.99
C TYR D 191 29.11 -45.34 -11.76
N ASN D 192 29.70 -44.87 -10.66
CA ASN D 192 29.88 -43.43 -10.46
C ASN D 192 30.86 -42.83 -11.47
N SER D 193 31.69 -43.65 -12.10
CA SER D 193 32.44 -43.20 -13.26
C SER D 193 31.52 -42.89 -14.41
N LEU D 194 30.50 -43.72 -14.59
CA LEU D 194 29.44 -43.44 -15.54
C LEU D 194 28.34 -42.62 -14.88
N GLY D 195 28.57 -42.26 -13.62
CA GLY D 195 27.79 -41.33 -12.83
C GLY D 195 27.14 -40.07 -13.40
N GLY D 196 27.87 -39.13 -14.03
CA GLY D 196 29.29 -39.21 -14.34
C GLY D 196 30.05 -37.97 -13.95
N ASN D 197 30.69 -38.02 -12.79
CA ASN D 197 31.74 -37.05 -12.49
C ASN D 197 32.97 -37.32 -13.34
N ASN D 198 33.30 -38.60 -13.54
CA ASN D 198 34.49 -38.94 -14.30
C ASN D 198 34.27 -38.78 -15.79
N ARG D 199 33.10 -39.18 -16.27
CA ARG D 199 32.82 -39.17 -17.70
C ARG D 199 31.86 -38.05 -18.04
N ARG D 200 31.48 -37.99 -19.30
CA ARG D 200 30.48 -37.05 -19.79
C ARG D 200 29.94 -37.58 -21.10
N SER D 201 28.63 -37.44 -21.28
CA SER D 201 28.03 -37.71 -22.58
C SER D 201 28.52 -36.77 -23.70
N GLY D 202 28.50 -35.42 -23.54
CA GLY D 202 28.12 -34.54 -22.44
C GLY D 202 26.63 -34.24 -22.44
N ARG D 203 25.97 -34.58 -21.34
CA ARG D 203 24.52 -34.38 -21.25
C ARG D 203 24.19 -32.92 -20.98
N ASN D 204 24.58 -32.43 -19.82
CA ASN D 204 24.55 -31.01 -19.50
C ASN D 204 25.73 -30.75 -18.59
N THR D 205 26.86 -30.38 -19.18
CA THR D 205 28.13 -30.44 -18.48
C THR D 205 28.52 -29.09 -17.90
N SER D 206 28.92 -29.10 -16.63
CA SER D 206 29.49 -27.91 -16.02
C SER D 206 30.92 -27.71 -16.50
N SER D 207 31.33 -26.45 -16.57
CA SER D 207 32.68 -26.12 -16.99
C SER D 207 33.64 -25.95 -15.83
N SER D 208 33.15 -25.63 -14.64
CA SER D 208 34.01 -25.32 -13.51
C SER D 208 34.45 -26.55 -12.73
N THR D 209 33.64 -27.61 -12.71
CA THR D 209 34.00 -28.79 -11.95
C THR D 209 35.24 -29.59 -12.41
N PRO D 210 35.72 -29.55 -13.67
CA PRO D 210 37.09 -30.05 -13.88
C PRO D 210 38.14 -29.10 -13.33
N GLN D 211 37.89 -27.79 -13.36
CA GLN D 211 38.82 -26.84 -12.78
C GLN D 211 38.80 -26.93 -11.26
N LEU D 212 37.64 -27.28 -10.69
CA LEU D 212 37.60 -27.63 -9.27
C LEU D 212 38.26 -28.97 -9.00
N ARG D 213 38.50 -29.79 -10.03
CA ARG D 213 39.43 -30.90 -9.90
C ARG D 213 40.85 -30.42 -9.63
N LYS D 214 41.21 -29.23 -10.10
CA LYS D 214 42.45 -28.59 -9.69
C LYS D 214 42.45 -28.38 -8.19
N SER D 215 43.65 -28.48 -7.61
CA SER D 215 43.85 -28.86 -6.21
C SER D 215 43.01 -30.10 -5.84
N HIS D 216 43.37 -31.27 -6.41
CA HIS D 216 44.63 -31.53 -7.11
C HIS D 216 44.42 -32.42 -8.32
N LYS D 228 40.07 -38.37 -17.94
CA LYS D 228 40.28 -39.60 -17.18
C LYS D 228 40.60 -39.29 -15.74
N MET D 229 39.64 -38.64 -15.05
CA MET D 229 39.82 -38.27 -13.65
C MET D 229 38.56 -38.63 -12.87
N ARG D 230 38.66 -39.74 -12.16
CA ARG D 230 37.55 -40.22 -11.34
C ARG D 230 37.52 -39.51 -9.99
N HIS D 231 36.74 -40.07 -9.06
CA HIS D 231 36.64 -39.47 -7.75
C HIS D 231 37.65 -40.03 -6.76
N ASN D 232 38.80 -40.51 -7.26
CA ASN D 232 39.90 -40.93 -6.39
C ASN D 232 40.38 -39.82 -5.48
N HIS D 233 40.25 -38.57 -5.90
CA HIS D 233 40.26 -37.44 -4.99
C HIS D 233 39.00 -36.59 -5.09
N PHE D 234 37.96 -36.93 -4.33
CA PHE D 234 36.95 -35.95 -3.98
C PHE D 234 37.33 -35.32 -2.64
N ILE D 235 38.48 -34.66 -2.65
CA ILE D 235 38.76 -33.58 -1.71
C ILE D 235 38.10 -32.28 -2.17
N LYS D 236 37.60 -32.26 -3.41
CA LYS D 236 36.97 -31.06 -3.94
C LYS D 236 35.65 -30.75 -3.23
N THR D 237 34.93 -31.79 -2.81
CA THR D 237 33.74 -31.54 -1.99
C THR D 237 34.13 -31.23 -0.56
N ALA D 238 35.39 -31.51 -0.20
CA ALA D 238 35.99 -30.97 1.00
C ALA D 238 36.58 -29.58 0.78
N GLN D 239 36.54 -29.08 -0.45
CA GLN D 239 36.89 -27.69 -0.74
C GLN D 239 35.94 -26.67 -0.11
N PRO D 240 34.57 -26.83 -0.13
CA PRO D 240 33.76 -25.84 0.59
C PRO D 240 33.79 -25.96 2.11
N TYR D 241 34.31 -27.08 2.62
CA TYR D 241 34.08 -27.41 4.02
C TYR D 241 35.38 -27.36 4.79
N ARG D 242 35.38 -26.66 5.93
CA ARG D 242 36.54 -26.78 6.80
C ARG D 242 36.58 -28.11 7.55
N PRO D 243 35.57 -28.49 8.42
CA PRO D 243 35.85 -29.61 9.33
C PRO D 243 35.44 -30.97 8.81
N LYS D 244 34.81 -31.00 7.64
CA LYS D 244 33.97 -32.13 7.28
C LYS D 244 34.75 -33.09 6.38
N MET D 245 35.33 -34.12 6.99
CA MET D 245 35.83 -35.25 6.23
C MET D 245 34.99 -36.47 6.58
N ASP D 246 34.54 -37.20 5.56
CA ASP D 246 34.74 -36.85 4.15
C ASP D 246 33.41 -36.69 3.43
N SER D 248 31.51 -39.33 2.88
CA SER D 248 32.38 -40.38 3.36
C SER D 248 33.53 -40.60 2.40
N MET D 249 33.38 -40.12 1.17
CA MET D 249 34.42 -40.27 0.16
C MET D 249 35.34 -39.05 0.21
N GLU D 250 36.63 -39.26 0.45
CA GLU D 250 37.19 -40.59 0.69
C GLU D 250 37.94 -40.67 2.01
N GLU D 251 37.56 -41.67 2.80
CA GLU D 251 38.31 -42.11 3.97
C GLU D 251 38.97 -43.45 3.66
N GLY D 252 39.71 -43.97 4.63
CA GLY D 252 40.42 -45.23 4.45
C GLY D 252 39.49 -46.40 4.21
N LYS D 253 38.28 -46.36 4.78
CA LYS D 253 37.23 -47.32 4.47
C LYS D 253 36.94 -47.32 2.98
N LYS D 254 36.77 -46.14 2.40
CA LYS D 254 36.54 -46.04 0.96
C LYS D 254 37.80 -46.41 0.18
N LYS D 255 38.98 -46.33 0.81
CA LYS D 255 40.18 -46.81 0.15
C LYS D 255 40.19 -48.33 0.05
N ARG D 256 39.45 -49.01 0.92
CA ARG D 256 39.39 -50.47 0.82
C ARG D 256 38.46 -50.90 -0.31
N THR D 257 37.33 -50.21 -0.45
CA THR D 257 36.33 -50.61 -1.43
C THR D 257 36.82 -50.36 -2.85
N LYS D 258 37.57 -49.29 -3.07
CA LYS D 258 38.19 -49.12 -4.38
C LYS D 258 39.52 -49.84 -4.49
N ASP D 259 39.89 -50.64 -3.47
CA ASP D 259 41.12 -51.44 -3.42
C ASP D 259 42.39 -50.61 -3.58
N ARG D 271 28.14 -51.61 -2.91
CA ARG D 271 26.79 -51.07 -2.71
C ARG D 271 26.83 -49.87 -1.75
N PHE D 272 26.06 -48.83 -2.08
CA PHE D 272 25.95 -47.68 -1.22
C PHE D 272 24.81 -47.84 -0.22
N PRO D 273 25.01 -47.44 1.04
CA PRO D 273 23.89 -47.44 1.97
C PRO D 273 22.92 -46.31 1.73
N TYR D 274 23.39 -45.22 1.12
CA TYR D 274 22.56 -44.04 0.92
C TYR D 274 22.94 -43.40 -0.41
N PRO D 275 22.22 -43.69 -1.49
CA PRO D 275 22.61 -43.19 -2.81
C PRO D 275 22.36 -41.70 -2.98
N LEU D 276 21.25 -41.20 -2.44
CA LEU D 276 20.92 -39.78 -2.53
C LEU D 276 21.95 -38.92 -1.84
N ASN D 277 22.60 -39.41 -0.80
CA ASN D 277 23.65 -38.66 -0.14
C ASN D 277 24.93 -38.59 -0.96
N GLU D 278 24.98 -39.23 -2.13
CA GLU D 278 25.96 -38.87 -3.14
C GLU D 278 25.33 -38.24 -4.37
N LEU D 279 24.19 -38.78 -4.82
CA LEU D 279 23.50 -38.29 -6.01
C LEU D 279 23.16 -36.81 -5.93
N LEU D 280 22.64 -36.37 -4.77
CA LEU D 280 22.36 -34.96 -4.57
C LEU D 280 23.64 -34.15 -4.64
N ILE D 281 24.72 -34.68 -4.07
CA ILE D 281 26.01 -34.06 -4.32
C ILE D 281 26.21 -33.90 -5.82
N TRP D 282 26.08 -35.01 -6.57
CA TRP D 282 26.49 -35.08 -7.98
C TRP D 282 25.77 -34.04 -8.83
N ALA D 283 24.44 -34.04 -8.79
CA ALA D 283 23.66 -33.03 -9.48
C ALA D 283 24.01 -31.65 -8.99
N CYS D 284 24.09 -31.49 -7.68
CA CYS D 284 24.44 -30.19 -7.13
C CYS D 284 25.92 -29.86 -7.28
N LEU D 285 26.73 -30.75 -7.86
CA LEU D 285 28.04 -30.35 -8.33
C LEU D 285 28.06 -30.02 -9.80
N MET D 286 27.22 -30.66 -10.60
CA MET D 286 27.41 -30.64 -12.05
C MET D 286 26.59 -29.54 -12.75
N LYS D 287 26.30 -28.45 -12.03
CA LYS D 287 25.49 -27.32 -12.53
C LYS D 287 24.14 -27.84 -13.02
N ARG D 288 23.47 -28.57 -12.14
CA ARG D 288 22.27 -29.28 -12.51
C ARG D 288 21.11 -28.88 -11.62
N GLN D 289 20.06 -28.42 -12.26
CA GLN D 289 18.78 -28.10 -11.64
C GLN D 289 17.90 -29.34 -11.68
N VAL D 290 16.58 -29.10 -11.80
CA VAL D 290 15.43 -29.75 -11.17
C VAL D 290 15.59 -31.24 -10.84
N MET D 291 16.37 -31.98 -11.64
CA MET D 291 16.85 -33.30 -11.21
C MET D 291 17.48 -33.26 -9.82
N ALA D 292 18.24 -32.20 -9.53
CA ALA D 292 18.66 -31.91 -8.16
C ALA D 292 17.47 -31.83 -7.22
N ARG D 293 16.50 -30.99 -7.54
CA ARG D 293 15.23 -30.97 -6.80
C ARG D 293 14.44 -32.25 -6.96
N PHE D 294 14.74 -33.10 -7.93
CA PHE D 294 14.09 -34.40 -7.97
C PHE D 294 14.97 -35.50 -7.41
N LEU D 295 16.02 -35.15 -6.67
CA LEU D 295 16.67 -36.11 -5.80
C LEU D 295 16.45 -35.78 -4.34
N TRP D 296 15.89 -34.60 -4.08
CA TRP D 296 15.97 -33.96 -2.77
C TRP D 296 15.23 -34.68 -1.64
N GLN D 297 13.88 -34.86 -1.69
CA GLN D 297 12.91 -35.27 -2.73
C GLN D 297 13.48 -36.38 -3.62
N HIS D 298 13.80 -37.54 -3.04
CA HIS D 298 13.02 -38.10 -1.94
C HIS D 298 13.72 -39.13 -1.07
N GLY D 299 13.98 -38.77 0.17
CA GLY D 299 14.60 -39.71 1.09
C GLY D 299 14.61 -39.12 2.48
N GLU D 300 15.38 -39.76 3.34
CA GLU D 300 15.52 -39.28 4.72
C GLU D 300 16.48 -38.08 4.75
N GLU D 301 16.52 -37.43 5.92
CA GLU D 301 17.47 -36.36 6.26
C GLU D 301 17.34 -35.14 5.35
N SER D 302 16.19 -35.02 4.67
CA SER D 302 16.04 -34.10 3.55
C SER D 302 16.03 -32.65 4.00
N MET D 303 15.40 -32.37 5.13
CA MET D 303 15.43 -31.03 5.72
C MET D 303 16.85 -30.64 6.10
N ALA D 304 17.70 -31.60 6.41
CA ALA D 304 19.12 -31.31 6.53
C ALA D 304 19.78 -31.22 5.16
N LYS D 305 19.35 -32.06 4.22
CA LYS D 305 20.14 -32.36 3.03
C LYS D 305 20.29 -31.14 2.13
N ALA D 306 19.22 -30.33 2.04
CA ALA D 306 19.23 -29.12 1.24
C ALA D 306 20.31 -28.16 1.68
N LEU D 307 20.52 -28.07 3.00
CA LEU D 307 21.55 -27.17 3.53
C LEU D 307 22.93 -27.54 3.03
N VAL D 308 23.17 -28.85 2.88
CA VAL D 308 24.39 -29.35 2.24
C VAL D 308 24.58 -28.68 0.89
N ALA D 309 23.56 -28.82 0.04
CA ALA D 309 23.59 -28.20 -1.28
C ALA D 309 23.67 -26.69 -1.21
N CYS D 310 23.08 -26.08 -0.15
CA CYS D 310 23.13 -24.64 -0.02
C CYS D 310 24.56 -24.16 0.15
N LYS D 311 25.35 -24.87 0.96
CA LYS D 311 26.74 -24.47 1.04
C LYS D 311 27.42 -24.63 -0.31
N ILE D 312 27.13 -25.75 -1.00
CA ILE D 312 27.95 -26.14 -2.14
C ILE D 312 27.70 -25.23 -3.32
N TYR D 313 26.44 -24.97 -3.63
CA TYR D 313 26.16 -23.89 -4.56
C TYR D 313 26.85 -22.63 -4.09
N ARG D 314 26.59 -22.25 -2.85
CA ARG D 314 27.15 -21.04 -2.28
C ARG D 314 28.63 -20.94 -2.54
N SER D 315 29.38 -21.99 -2.21
CA SER D 315 30.82 -21.93 -2.40
C SER D 315 31.21 -21.84 -3.86
N MET D 316 30.47 -22.50 -4.77
CA MET D 316 30.91 -22.47 -6.16
C MET D 316 30.72 -21.13 -6.82
N ALA D 317 29.76 -20.33 -6.36
CA ALA D 317 29.81 -18.92 -6.70
C ALA D 317 31.13 -18.31 -6.26
N TYR D 318 31.46 -18.49 -4.98
CA TYR D 318 32.64 -17.89 -4.36
C TYR D 318 33.94 -18.33 -5.03
N GLU D 319 34.19 -19.64 -5.10
CA GLU D 319 35.35 -20.16 -5.82
C GLU D 319 35.21 -20.01 -7.34
N ALA D 320 34.05 -19.57 -7.82
CA ALA D 320 33.89 -19.21 -9.22
C ALA D 320 34.29 -17.76 -9.50
N LYS D 321 34.49 -16.94 -8.47
CA LYS D 321 34.88 -15.56 -8.75
C LYS D 321 36.39 -15.38 -8.79
N GLN D 322 37.13 -16.17 -8.00
CA GLN D 322 38.58 -16.15 -8.08
C GLN D 322 39.06 -16.64 -9.44
N SER D 323 38.79 -17.90 -9.76
CA SER D 323 39.23 -18.50 -11.01
C SER D 323 38.00 -19.04 -11.74
N ASP D 324 37.73 -18.53 -12.94
CA ASP D 324 38.53 -17.51 -13.62
C ASP D 324 37.78 -16.19 -13.71
N SER D 330 28.65 -16.22 -14.79
CA SER D 330 27.72 -17.31 -14.54
C SER D 330 27.37 -17.40 -13.07
N GLU D 331 28.36 -17.02 -12.24
CA GLU D 331 28.34 -17.32 -10.81
C GLU D 331 27.16 -16.66 -10.11
N GLU D 332 26.70 -15.50 -10.55
CA GLU D 332 25.54 -14.94 -9.89
C GLU D 332 24.39 -15.93 -10.07
N LEU D 333 24.30 -16.50 -11.28
CA LEU D 333 23.27 -17.47 -11.61
C LEU D 333 23.49 -18.66 -10.70
N LYS D 334 24.74 -19.00 -10.50
CA LYS D 334 25.12 -20.10 -9.61
C LYS D 334 24.74 -19.67 -8.20
N GLN D 335 24.90 -18.39 -7.92
CA GLN D 335 24.61 -17.82 -6.62
C GLN D 335 23.14 -17.94 -6.27
N TYR D 336 22.29 -18.11 -7.28
CA TYR D 336 20.87 -18.25 -6.99
C TYR D 336 20.67 -19.67 -6.49
N SER D 337 21.23 -19.86 -5.31
CA SER D 337 21.25 -21.09 -4.52
C SER D 337 20.07 -21.03 -3.58
N ASN D 338 19.63 -19.81 -3.28
CA ASN D 338 18.51 -19.58 -2.39
C ASN D 338 17.38 -20.30 -3.04
N ASP D 339 17.27 -20.26 -4.36
CA ASP D 339 16.16 -21.03 -4.90
C ASP D 339 16.14 -22.42 -4.31
N PHE D 340 17.26 -22.88 -3.77
CA PHE D 340 17.27 -24.18 -3.14
C PHE D 340 17.35 -24.10 -1.63
N GLY D 341 17.77 -22.96 -1.09
CA GLY D 341 17.92 -22.81 0.34
C GLY D 341 16.73 -22.16 1.01
N GLN D 342 15.78 -21.64 0.24
CA GLN D 342 14.52 -21.19 0.82
C GLN D 342 13.61 -22.36 1.21
N LEU D 343 13.96 -23.57 0.82
CA LEU D 343 13.17 -24.74 1.15
C LEU D 343 13.31 -25.15 2.61
N ALA D 344 14.54 -25.28 3.10
CA ALA D 344 14.79 -25.69 4.47
C ALA D 344 14.27 -24.71 5.50
N VAL D 345 14.28 -23.42 5.19
CA VAL D 345 13.57 -22.49 6.06
C VAL D 345 12.16 -22.98 6.31
N GLU D 346 11.39 -23.16 5.24
CA GLU D 346 9.97 -23.46 5.34
C GLU D 346 9.74 -24.83 5.99
N LEU D 347 10.55 -25.83 5.61
CA LEU D 347 10.48 -27.14 6.25
C LEU D 347 10.81 -27.09 7.73
N LEU D 348 11.60 -26.11 8.16
CA LEU D 348 11.71 -25.93 9.60
C LEU D 348 10.42 -25.37 10.18
N GLU D 349 9.89 -24.32 9.56
CA GLU D 349 8.68 -23.67 10.08
C GLU D 349 7.48 -24.59 10.01
N GLN D 350 7.37 -25.38 8.95
CA GLN D 350 6.29 -26.34 8.86
C GLN D 350 6.51 -27.48 9.86
N SER D 351 7.77 -27.75 10.24
CA SER D 351 7.99 -28.68 11.33
C SER D 351 7.65 -28.04 12.66
N PHE D 352 7.73 -26.71 12.73
CA PHE D 352 7.47 -26.02 13.98
C PHE D 352 5.99 -25.98 14.29
N ARG D 353 5.15 -25.92 13.26
CA ARG D 353 3.74 -25.63 13.48
C ARG D 353 3.00 -26.84 14.02
N GLN D 354 3.42 -28.04 13.66
CA GLN D 354 2.67 -29.24 14.03
C GLN D 354 3.57 -30.24 14.73
N ASP D 355 3.19 -30.57 15.96
CA ASP D 355 3.50 -31.82 16.69
C ASP D 355 4.99 -32.19 16.69
N GLU D 356 5.81 -31.43 17.43
CA GLU D 356 5.46 -30.34 18.34
C GLU D 356 6.68 -29.44 18.29
N THR D 357 6.58 -28.24 18.88
CA THR D 357 7.71 -27.33 18.97
C THR D 357 8.89 -27.97 19.69
N MET D 358 8.62 -28.61 20.83
CA MET D 358 9.64 -29.36 21.56
C MET D 358 10.15 -30.57 20.80
N ALA D 359 9.45 -31.02 19.76
CA ALA D 359 10.00 -31.99 18.84
C ALA D 359 10.85 -31.36 17.74
N MET D 360 10.48 -30.16 17.28
CA MET D 360 11.19 -29.56 16.15
C MET D 360 12.59 -29.14 16.53
N LYS D 361 12.78 -28.70 17.77
CA LYS D 361 14.12 -28.45 18.30
C LYS D 361 14.96 -29.72 18.32
N LEU D 362 14.31 -30.87 18.51
CA LEU D 362 15.00 -32.15 18.43
C LEU D 362 15.56 -32.44 17.04
N LEU D 363 15.12 -31.72 16.00
CA LEU D 363 15.82 -31.79 14.73
C LEU D 363 17.25 -31.26 14.84
N THR D 364 17.44 -30.14 15.52
CA THR D 364 18.74 -29.46 15.57
C THR D 364 19.22 -29.53 17.01
N TYR D 365 20.07 -30.50 17.33
CA TYR D 365 20.77 -31.33 16.35
C TYR D 365 20.20 -32.72 16.20
N GLU D 366 20.57 -33.35 15.09
CA GLU D 366 20.53 -34.79 14.95
C GLU D 366 21.98 -35.25 15.11
N LEU D 367 22.29 -36.53 14.85
CA LEU D 367 23.55 -37.09 15.34
C LEU D 367 24.78 -36.61 14.56
N LYS D 368 24.93 -36.90 13.24
CA LYS D 368 23.97 -37.18 12.18
C LYS D 368 24.78 -37.97 11.12
N ASN D 369 24.24 -38.15 9.91
CA ASN D 369 25.08 -38.44 8.75
C ASN D 369 25.60 -37.09 8.24
N TRP D 370 26.25 -37.07 7.07
CA TRP D 370 27.15 -35.99 6.64
C TRP D 370 28.15 -35.71 7.75
N SER D 371 28.76 -36.80 8.22
CA SER D 371 29.23 -36.92 9.60
C SER D 371 30.43 -36.02 9.88
N ASN D 372 30.40 -35.35 11.04
CA ASN D 372 29.23 -35.28 11.93
C ASN D 372 28.86 -33.83 12.15
N SER D 373 27.69 -33.43 11.66
CA SER D 373 27.30 -32.04 11.78
C SER D 373 25.92 -31.96 12.42
N THR D 374 25.80 -31.05 13.37
CA THR D 374 24.55 -30.47 13.80
C THR D 374 23.87 -29.87 12.57
N CYS D 375 22.55 -30.08 12.46
CA CYS D 375 21.79 -29.54 11.34
C CYS D 375 21.89 -28.03 11.27
N LEU D 376 21.99 -27.38 12.42
CA LEU D 376 22.23 -25.94 12.44
C LEU D 376 23.65 -25.63 12.00
N LYS D 377 24.63 -26.39 12.46
CA LYS D 377 26.00 -26.12 12.03
C LYS D 377 26.23 -26.66 10.64
N LEU D 378 26.20 -25.77 9.64
CA LEU D 378 25.64 -26.05 8.30
C LEU D 378 24.16 -26.39 8.49
N ALA D 379 23.36 -25.33 8.65
CA ALA D 379 23.62 -24.03 7.98
C ALA D 379 24.16 -22.86 8.81
N VAL D 380 25.48 -22.82 8.98
CA VAL D 380 26.17 -21.60 9.44
C VAL D 380 27.33 -21.23 8.53
N SER D 381 28.00 -22.20 7.91
CA SER D 381 29.04 -21.91 6.91
C SER D 381 28.44 -21.19 5.71
N SER D 382 27.22 -21.56 5.34
CA SER D 382 26.28 -20.64 4.74
C SER D 382 25.40 -20.17 5.88
N ARG D 383 25.35 -18.87 6.13
CA ARG D 383 25.60 -17.85 5.12
C ARG D 383 26.85 -17.04 5.44
N ARG D 385 20.78 -15.61 6.11
CA ARG D 385 20.60 -15.32 7.53
C ARG D 385 19.37 -16.02 8.15
N PRO D 386 18.24 -16.15 7.45
CA PRO D 386 17.33 -17.25 7.80
C PRO D 386 17.99 -18.56 7.37
N PHE D 387 17.73 -19.65 8.10
CA PHE D 387 16.73 -19.78 9.16
C PHE D 387 17.28 -19.56 10.55
N VAL D 388 18.55 -19.15 10.62
CA VAL D 388 19.16 -18.84 11.90
C VAL D 388 18.42 -17.70 12.58
N ALA D 389 17.95 -16.73 11.79
CA ALA D 389 17.12 -15.65 12.29
C ALA D 389 15.66 -16.04 12.40
N HIS D 390 15.30 -17.21 11.89
CA HIS D 390 13.94 -17.68 12.09
C HIS D 390 13.74 -18.04 13.55
N THR D 391 12.50 -17.88 14.02
CA THR D 391 12.21 -17.78 15.45
C THR D 391 12.58 -19.04 16.21
N CYS D 392 12.50 -20.18 15.53
CA CYS D 392 12.58 -21.50 16.16
C CYS D 392 13.95 -21.73 16.79
N THR D 393 15.00 -21.68 15.97
CA THR D 393 16.35 -21.74 16.51
C THR D 393 16.63 -20.53 17.40
N GLN D 394 15.97 -19.39 17.11
CA GLN D 394 16.03 -18.25 18.01
C GLN D 394 15.49 -18.60 19.38
N MET D 395 14.38 -19.34 19.43
CA MET D 395 13.93 -19.83 20.72
C MET D 395 14.92 -20.83 21.30
N LEU D 396 15.56 -21.63 20.45
CA LEU D 396 16.55 -22.57 20.95
C LEU D 396 17.80 -21.83 21.40
N LEU D 397 18.13 -20.73 20.73
CA LEU D 397 19.20 -19.88 21.25
C LEU D 397 18.73 -19.05 22.43
N SER D 398 17.44 -19.06 22.75
CA SER D 398 16.93 -18.57 24.00
C SER D 398 16.82 -19.66 25.03
N ASP D 399 17.31 -20.87 24.75
CA ASP D 399 17.33 -21.91 25.76
C ASP D 399 18.69 -22.55 25.97
N MET D 400 19.52 -22.65 24.92
CA MET D 400 20.95 -22.90 25.16
C MET D 400 21.56 -21.79 25.97
N TRP D 401 21.10 -20.55 25.76
CA TRP D 401 21.30 -19.45 26.67
C TRP D 401 20.91 -19.80 28.10
N MET D 402 19.74 -20.39 28.30
CA MET D 402 19.23 -20.61 29.65
C MET D 402 19.89 -21.81 30.32
N GLY D 403 20.03 -22.92 29.62
CA GLY D 403 20.71 -24.05 30.20
C GLY D 403 19.80 -24.93 31.05
N ARG D 404 19.86 -24.73 32.36
CA ARG D 404 19.01 -25.44 33.29
C ARG D 404 18.09 -24.52 34.08
N LEU D 405 18.27 -23.21 33.98
CA LEU D 405 17.89 -22.32 35.08
C LEU D 405 16.41 -21.98 35.06
N ASN D 406 15.95 -21.28 34.02
CA ASN D 406 14.65 -20.61 34.01
C ASN D 406 13.50 -21.61 34.07
N MET D 407 12.39 -21.22 34.72
CA MET D 407 12.22 -19.94 35.43
C MET D 407 11.62 -20.13 36.82
N TRP D 412 14.06 -13.99 36.33
CA TRP D 412 14.27 -12.58 36.01
C TRP D 412 15.70 -12.18 36.29
N TYR D 413 16.14 -11.08 35.67
CA TYR D 413 17.51 -10.61 35.82
C TYR D 413 17.81 -10.20 37.25
N LYS D 414 16.80 -9.63 37.94
CA LYS D 414 16.87 -9.36 39.37
C LYS D 414 17.18 -10.60 40.18
N VAL D 415 16.67 -11.75 39.75
CA VAL D 415 17.07 -13.01 40.33
C VAL D 415 18.54 -13.29 40.03
N ILE D 416 18.91 -13.27 38.76
CA ILE D 416 20.22 -13.78 38.30
C ILE D 416 21.39 -12.99 38.84
N LEU D 417 21.35 -11.66 38.75
CA LEU D 417 22.35 -10.78 39.32
C LEU D 417 22.44 -10.92 40.83
N SER D 418 21.35 -11.27 41.51
CA SER D 418 21.39 -11.43 42.95
C SER D 418 22.21 -12.63 43.38
N ILE D 419 21.90 -13.79 42.82
CA ILE D 419 22.50 -15.08 43.18
C ILE D 419 24.01 -15.05 42.99
N LEU D 420 24.49 -14.21 42.08
CA LEU D 420 25.91 -14.09 41.84
C LEU D 420 26.66 -13.59 43.07
N VAL D 421 26.07 -12.68 43.83
CA VAL D 421 26.87 -12.10 44.91
C VAL D 421 26.89 -13.03 46.14
N PRO D 422 25.79 -13.51 46.74
CA PRO D 422 25.93 -14.68 47.62
C PRO D 422 25.70 -15.99 46.88
N PRO D 423 26.75 -16.83 46.78
CA PRO D 423 26.56 -18.17 46.19
C PRO D 423 25.64 -19.07 47.02
N ALA D 424 25.53 -18.81 48.33
CA ALA D 424 24.58 -19.53 49.16
C ALA D 424 23.13 -19.17 48.85
N ILE D 425 22.88 -18.20 47.98
CA ILE D 425 21.54 -17.96 47.47
C ILE D 425 21.19 -18.86 46.28
N LEU D 426 22.04 -19.82 45.93
CA LEU D 426 21.78 -20.60 44.71
C LEU D 426 20.81 -21.74 44.94
N MET D 427 20.44 -22.01 46.19
CA MET D 427 19.52 -23.11 46.48
C MET D 427 18.06 -22.74 46.25
N LEU D 428 17.76 -21.51 45.84
CA LEU D 428 16.38 -21.05 45.78
C LEU D 428 16.09 -20.34 44.46
N GLU D 429 16.43 -20.97 43.33
CA GLU D 429 16.15 -20.37 42.03
C GLU D 429 15.42 -21.32 41.09
N TYR D 430 14.99 -22.49 41.58
CA TYR D 430 14.61 -23.64 40.75
C TYR D 430 15.66 -23.92 39.69
N LYS D 431 16.89 -24.17 40.15
CA LYS D 431 18.09 -24.08 39.32
C LYS D 431 18.13 -25.10 38.20
N THR D 432 17.41 -26.21 38.34
CA THR D 432 17.31 -27.20 37.27
C THR D 432 15.85 -27.44 36.95
N LYS D 433 15.59 -27.85 35.71
CA LYS D 433 14.27 -28.34 35.35
C LYS D 433 14.27 -29.86 35.36
N ALA D 434 13.15 -30.43 34.93
CA ALA D 434 13.11 -31.87 34.70
C ALA D 434 14.05 -32.22 33.56
N GLU D 435 14.76 -33.34 33.70
CA GLU D 435 15.76 -33.72 32.71
C GLU D 435 15.12 -34.05 31.37
N MET D 436 13.90 -34.59 31.39
CA MET D 436 13.14 -34.79 30.15
C MET D 436 12.80 -33.45 29.52
N SER D 437 12.54 -32.43 30.33
CA SER D 437 12.37 -31.09 29.80
C SER D 437 13.69 -30.47 29.36
N HIS D 438 14.82 -31.05 29.75
CA HIS D 438 16.12 -30.57 29.34
C HIS D 438 16.62 -31.28 28.09
N ILE D 439 15.73 -31.84 27.29
CA ILE D 439 16.10 -32.46 26.03
C ILE D 439 15.98 -31.51 24.85
N PRO D 440 15.28 -30.39 25.02
CA PRO D 440 15.15 -29.42 23.94
C PRO D 440 16.47 -28.70 23.67
N GLN D 441 17.34 -28.61 24.68
CA GLN D 441 18.61 -27.93 24.50
C GLN D 441 19.63 -28.87 23.84
N SER D 442 20.86 -28.40 23.76
CA SER D 442 21.96 -29.19 23.23
C SER D 442 23.03 -29.50 24.26
N GLN D 443 22.88 -29.04 25.50
CA GLN D 443 23.92 -29.19 26.51
C GLN D 443 23.79 -30.53 27.22
N ASP D 444 24.92 -31.15 27.58
CA ASP D 444 26.30 -30.68 27.33
C ASP D 444 27.20 -31.86 27.00
N ALA D 445 28.51 -31.61 26.96
CA ALA D 445 29.46 -32.69 26.78
C ALA D 445 29.63 -33.47 28.08
N HIS D 446 29.34 -32.84 29.21
CA HIS D 446 29.41 -33.49 30.53
C HIS D 446 28.12 -33.20 31.27
N GLN D 447 27.12 -34.07 31.09
CA GLN D 447 25.84 -33.90 31.74
C GLN D 447 25.16 -35.24 31.96
N ARG D 497 27.39 -30.50 43.34
CA ARG D 497 25.95 -30.33 43.19
C ARG D 497 25.61 -29.47 41.98
N LYS D 498 24.40 -28.92 41.99
CA LYS D 498 23.83 -28.13 40.91
C LYS D 498 24.58 -26.85 40.61
N PHE D 499 25.46 -26.41 41.51
CA PHE D 499 26.46 -25.38 41.22
C PHE D 499 27.17 -25.65 39.90
N TYR D 500 27.56 -26.92 39.66
CA TYR D 500 28.29 -27.27 38.45
C TYR D 500 27.45 -27.09 37.19
N ALA D 501 26.13 -27.09 37.33
CA ALA D 501 25.30 -26.53 36.28
C ALA D 501 25.31 -25.01 36.32
N PHE D 502 25.00 -24.42 37.47
CA PHE D 502 24.85 -22.98 37.57
C PHE D 502 26.04 -22.26 36.96
N TYR D 503 27.26 -22.58 37.39
CA TYR D 503 28.44 -21.89 36.91
C TYR D 503 28.91 -22.35 35.54
N HIS D 504 28.24 -23.32 34.93
CA HIS D 504 28.40 -23.56 33.50
C HIS D 504 27.23 -23.00 32.71
N ALA D 505 26.29 -22.34 33.36
CA ALA D 505 25.20 -21.75 32.63
C ALA D 505 25.66 -20.46 31.93
N PRO D 506 25.48 -20.35 30.62
CA PRO D 506 25.95 -19.17 29.90
C PRO D 506 25.56 -17.86 30.55
N ILE D 507 24.29 -17.72 30.98
CA ILE D 507 23.76 -16.47 31.53
C ILE D 507 24.59 -16.00 32.71
N VAL D 508 24.80 -16.89 33.69
CA VAL D 508 25.65 -16.57 34.83
C VAL D 508 27.07 -16.30 34.37
N LYS D 509 27.57 -17.06 33.40
CA LYS D 509 28.81 -16.63 32.78
C LYS D 509 28.72 -15.16 32.41
N PHE D 510 27.74 -14.81 31.55
CA PHE D 510 27.74 -13.53 30.85
C PHE D 510 27.59 -12.36 31.81
N TRP D 511 26.52 -12.37 32.60
CA TRP D 511 26.32 -11.42 33.70
C TRP D 511 27.55 -11.31 34.58
N PHE D 512 28.14 -12.46 34.92
CA PHE D 512 29.29 -12.46 35.80
C PHE D 512 30.50 -11.87 35.08
N ASN D 513 30.62 -12.15 33.78
CA ASN D 513 31.61 -11.46 32.97
C ASN D 513 31.29 -9.97 32.88
N THR D 514 30.02 -9.63 32.77
CA THR D 514 29.67 -8.22 32.77
C THR D 514 29.33 -7.71 34.15
N LEU D 515 29.78 -8.37 35.22
CA LEU D 515 29.89 -7.56 36.43
C LEU D 515 31.33 -7.15 36.66
N ALA D 516 32.24 -8.13 36.57
CA ALA D 516 33.67 -7.88 36.69
C ALA D 516 34.14 -6.85 35.69
N TYR D 517 33.70 -6.95 34.42
CA TYR D 517 34.04 -5.94 33.42
C TYR D 517 33.59 -4.55 33.84
N LEU D 518 32.39 -4.44 34.42
CA LEU D 518 31.93 -3.13 34.87
C LEU D 518 32.79 -2.60 36.00
N GLY D 519 33.21 -3.49 36.91
CA GLY D 519 34.18 -3.10 37.91
C GLY D 519 35.48 -2.66 37.28
N PHE D 520 35.86 -3.34 36.20
CA PHE D 520 37.05 -2.96 35.44
C PHE D 520 36.91 -1.56 34.85
N LEU D 521 35.69 -1.19 34.45
CA LEU D 521 35.49 0.21 34.10
C LEU D 521 35.76 1.10 35.28
N MET D 522 35.08 0.84 36.39
CA MET D 522 35.01 1.81 37.47
C MET D 522 36.36 1.96 38.15
N LEU D 523 36.98 0.83 38.50
CA LEU D 523 38.37 0.89 38.90
C LEU D 523 39.21 1.64 37.86
N TYR D 524 39.07 1.27 36.58
CA TYR D 524 39.98 1.77 35.54
C TYR D 524 39.88 3.27 35.37
N THR D 525 38.65 3.78 35.23
CA THR D 525 38.44 5.22 35.19
C THR D 525 38.94 5.89 36.47
N PHE D 526 38.77 5.23 37.62
CA PHE D 526 39.23 5.81 38.87
C PHE D 526 40.75 5.81 38.96
N VAL D 527 41.43 5.02 38.12
CA VAL D 527 42.88 5.12 38.00
C VAL D 527 43.26 6.33 37.17
N VAL D 528 42.50 6.60 36.10
CA VAL D 528 42.94 7.57 35.11
C VAL D 528 42.72 8.99 35.62
N LEU D 529 41.64 9.19 36.37
CA LEU D 529 41.23 10.54 36.74
C LEU D 529 42.12 11.17 37.80
N VAL D 530 42.77 10.37 38.65
CA VAL D 530 43.39 10.87 39.87
C VAL D 530 44.83 10.36 39.94
N LYS D 531 45.79 11.29 39.90
CA LYS D 531 47.14 11.09 40.43
C LYS D 531 47.93 9.92 39.88
N MET D 532 48.39 10.01 38.64
CA MET D 532 49.12 8.91 38.00
C MET D 532 50.57 8.76 38.53
N GLU D 533 50.92 9.40 39.65
CA GLU D 533 52.24 9.33 40.23
C GLU D 533 52.27 8.41 41.44
N GLN D 534 53.44 7.82 41.77
CA GLN D 534 54.62 7.43 40.95
C GLN D 534 55.36 6.40 41.79
N LEU D 535 55.61 5.21 41.27
CA LEU D 535 54.94 4.64 40.09
C LEU D 535 53.58 3.86 40.19
N PRO D 536 53.38 2.95 41.17
CA PRO D 536 52.64 1.70 40.85
C PRO D 536 51.19 1.83 40.34
N SER D 537 50.24 2.58 40.91
CA SER D 537 50.25 3.35 42.16
C SER D 537 49.75 2.45 43.30
N VAL D 538 48.47 2.09 43.25
CA VAL D 538 47.91 1.05 44.11
C VAL D 538 47.10 0.06 43.30
N GLN D 539 46.09 0.59 42.60
CA GLN D 539 44.96 -0.17 42.10
C GLN D 539 44.97 -0.31 40.60
N GLU D 540 45.95 0.32 39.93
CA GLU D 540 46.19 0.07 38.53
C GLU D 540 46.55 -1.39 38.26
N TRP D 541 47.25 -2.04 39.20
CA TRP D 541 47.67 -3.43 39.07
C TRP D 541 46.51 -4.39 38.94
N ILE D 542 45.38 -4.13 39.59
CA ILE D 542 44.17 -4.87 39.25
C ILE D 542 43.97 -4.89 37.75
N VAL D 543 43.91 -3.69 37.15
CA VAL D 543 43.76 -3.47 35.71
C VAL D 543 44.83 -4.23 34.93
N ILE D 544 46.08 -4.17 35.40
CA ILE D 544 47.20 -4.84 34.74
C ILE D 544 46.98 -6.35 34.75
N ALA D 545 46.36 -6.87 35.80
CA ALA D 545 46.01 -8.28 35.82
C ALA D 545 44.89 -8.58 34.84
N TYR D 546 43.90 -7.67 34.74
CA TYR D 546 42.74 -7.90 33.89
C TYR D 546 43.13 -7.93 32.42
N ILE D 547 43.80 -6.87 31.96
CA ILE D 547 44.21 -6.82 30.58
C ILE D 547 45.33 -7.81 30.31
N PHE D 548 46.29 -7.94 31.24
CA PHE D 548 47.37 -8.90 31.02
C PHE D 548 46.81 -10.28 30.76
N THR D 549 46.13 -10.87 31.74
CA THR D 549 45.61 -12.23 31.63
C THR D 549 44.52 -12.34 30.56
N TYR D 550 43.73 -11.27 30.40
CA TYR D 550 42.76 -11.15 29.32
C TYR D 550 43.41 -11.37 27.96
N ALA D 551 44.62 -10.84 27.77
CA ALA D 551 45.35 -11.04 26.53
C ALA D 551 45.72 -12.50 26.35
N ILE D 552 46.06 -13.18 27.45
CA ILE D 552 46.31 -14.62 27.39
C ILE D 552 45.00 -15.34 27.10
N GLU D 553 43.88 -14.74 27.54
CA GLU D 553 42.56 -15.23 27.17
C GLU D 553 42.33 -15.16 25.67
N LYS D 554 42.99 -14.22 24.99
CA LYS D 554 42.86 -14.13 23.54
C LYS D 554 43.62 -15.22 22.81
N VAL D 555 44.41 -16.02 23.53
CA VAL D 555 44.84 -17.31 22.97
C VAL D 555 43.66 -18.23 22.74
N ARG D 556 42.72 -18.27 23.68
CA ARG D 556 41.65 -19.26 23.75
C ARG D 556 40.65 -19.17 22.60
N GLU D 557 40.56 -18.03 21.90
CA GLU D 557 39.69 -17.98 20.73
C GLU D 557 40.30 -18.60 19.50
N VAL D 558 41.58 -18.96 19.51
CA VAL D 558 42.14 -19.66 18.36
C VAL D 558 42.67 -21.00 18.83
N PHE D 559 43.62 -20.98 19.76
CA PHE D 559 44.23 -22.21 20.24
C PHE D 559 44.69 -22.08 21.69
N GLN D 568 45.05 -20.82 8.20
CA GLN D 568 45.01 -20.39 9.59
C GLN D 568 43.67 -19.73 9.94
N LYS D 569 43.33 -19.77 11.22
CA LYS D 569 42.06 -19.28 11.72
C LYS D 569 42.13 -17.84 12.21
N ILE D 570 43.20 -17.12 11.86
CA ILE D 570 43.36 -15.73 12.28
C ILE D 570 42.39 -14.84 11.51
N LYS D 571 42.03 -15.24 10.29
CA LYS D 571 41.22 -14.41 9.39
C LYS D 571 39.83 -14.14 9.92
N VAL D 572 39.35 -14.96 10.86
CA VAL D 572 38.03 -14.73 11.43
C VAL D 572 38.14 -13.87 12.69
N TRP D 573 39.30 -13.90 13.35
CA TRP D 573 39.43 -13.20 14.62
C TRP D 573 39.53 -11.68 14.40
N PHE D 574 39.98 -11.26 13.23
CA PHE D 574 39.89 -9.86 12.82
C PHE D 574 38.66 -9.59 11.97
N SER D 575 37.62 -10.42 12.06
CA SER D 575 36.50 -10.28 11.15
C SER D 575 35.35 -9.48 11.74
N ASP D 576 35.35 -9.29 13.05
CA ASP D 576 34.29 -8.52 13.69
C ASP D 576 34.81 -7.16 14.14
N TYR D 577 33.95 -6.15 14.03
CA TYR D 577 34.37 -4.76 14.21
C TYR D 577 34.56 -4.37 15.67
N PHE D 578 34.36 -5.27 16.62
CA PHE D 578 34.75 -5.01 18.00
C PHE D 578 36.12 -5.58 18.34
N ASN D 579 36.43 -6.78 17.84
CA ASN D 579 37.63 -7.48 18.25
C ASN D 579 38.90 -6.74 17.81
N VAL D 580 38.86 -6.14 16.62
CA VAL D 580 39.94 -5.25 16.17
C VAL D 580 40.11 -4.09 17.14
N SER D 581 38.99 -3.50 17.59
CA SER D 581 39.07 -2.44 18.59
C SER D 581 39.59 -2.97 19.92
N ASP D 582 39.33 -4.24 20.23
CA ASP D 582 39.97 -4.80 21.41
C ASP D 582 41.48 -4.79 21.25
N THR D 583 41.97 -5.17 20.07
CA THR D 583 43.41 -5.34 19.87
C THR D 583 44.15 -4.03 19.97
N ILE D 584 43.63 -2.99 19.30
CA ILE D 584 44.12 -1.61 19.47
C ILE D 584 44.06 -1.21 20.93
N ALA D 585 42.99 -1.62 21.63
CA ALA D 585 42.93 -1.43 23.08
C ALA D 585 44.04 -2.18 23.78
N ILE D 586 44.21 -3.47 23.46
CA ILE D 586 45.21 -4.25 24.16
C ILE D 586 46.60 -3.68 23.92
N ILE D 587 46.98 -3.56 22.64
CA ILE D 587 48.34 -3.15 22.26
C ILE D 587 48.64 -1.76 22.78
N SER D 588 47.69 -0.83 22.61
CA SER D 588 47.84 0.52 23.14
C SER D 588 48.01 0.52 24.65
N PHE D 589 47.34 -0.40 25.35
CA PHE D 589 47.56 -0.48 26.77
C PHE D 589 49.02 -0.80 27.07
N PHE D 590 49.60 -1.73 26.33
CA PHE D 590 50.96 -2.13 26.62
C PHE D 590 51.99 -1.18 26.06
N VAL D 591 51.63 -0.38 25.05
CA VAL D 591 52.39 0.83 24.74
C VAL D 591 52.43 1.72 25.97
N GLY D 592 51.32 1.79 26.71
CA GLY D 592 51.21 2.41 28.02
C GLY D 592 52.21 1.92 29.06
N PHE D 593 52.89 0.80 28.84
CA PHE D 593 53.99 0.45 29.72
C PHE D 593 55.36 0.60 29.08
N GLY D 594 55.43 0.50 27.74
CA GLY D 594 56.70 0.71 27.06
C GLY D 594 57.17 2.14 27.21
N LEU D 595 56.23 3.07 27.23
CA LEU D 595 56.28 4.30 27.99
C LEU D 595 55.01 4.26 28.81
N ARG D 596 55.11 4.13 30.13
CA ARG D 596 56.24 4.64 30.91
C ARG D 596 56.91 3.69 31.92
N PHE D 597 56.32 2.51 32.16
CA PHE D 597 56.83 1.65 33.23
C PHE D 597 58.20 1.07 32.88
N GLY D 598 58.52 0.99 31.58
CA GLY D 598 59.88 0.74 31.15
C GLY D 598 60.67 2.03 30.99
N ALA D 599 60.54 2.91 31.99
CA ALA D 599 61.16 4.23 32.00
C ALA D 599 61.12 4.75 33.43
N LYS D 600 61.83 5.86 33.66
CA LYS D 600 61.94 6.46 34.99
C LYS D 600 62.25 7.95 34.85
N TRP D 601 61.35 8.78 35.38
CA TRP D 601 61.69 10.17 35.67
C TRP D 601 62.76 10.19 36.76
N ASN D 602 63.91 10.88 36.56
CA ASN D 602 64.38 11.95 35.61
C ASN D 602 63.51 13.21 35.57
N TYR D 603 62.65 13.34 36.57
CA TYR D 603 61.95 14.58 36.91
C TYR D 603 61.48 14.48 38.35
N ILE D 604 62.15 15.18 39.26
CA ILE D 604 61.82 15.03 40.67
C ILE D 604 60.62 15.90 41.05
N ASN D 605 60.45 17.02 40.36
CA ASN D 605 59.42 18.00 40.70
C ASN D 605 58.24 17.82 39.75
N ALA D 606 57.16 17.25 40.27
CA ALA D 606 55.80 17.17 39.72
C ALA D 606 55.69 16.29 38.47
N TYR D 607 56.78 15.73 37.93
CA TYR D 607 56.81 14.85 36.74
C TYR D 607 56.07 15.49 35.57
N ASP D 608 56.61 16.59 35.06
CA ASP D 608 55.86 17.53 34.23
C ASP D 608 55.36 16.97 32.89
N ASN D 609 56.15 16.28 32.03
CA ASN D 609 57.60 16.13 31.94
C ASN D 609 57.92 16.08 30.44
N HIS D 610 59.17 15.76 30.09
CA HIS D 610 59.47 15.49 28.69
C HIS D 610 58.93 14.12 28.30
N VAL D 611 58.89 13.20 29.25
CA VAL D 611 58.28 11.89 29.07
C VAL D 611 57.08 11.80 30.00
N PHE D 612 56.55 10.58 30.10
CA PHE D 612 55.47 10.13 31.00
C PHE D 612 54.10 10.69 30.66
N VAL D 613 54.04 11.80 29.93
CA VAL D 613 52.75 12.42 29.66
C VAL D 613 52.09 11.74 28.46
N ALA D 614 52.91 11.31 27.50
CA ALA D 614 52.45 10.40 26.47
C ALA D 614 52.13 9.03 27.05
N GLY D 615 52.62 8.72 28.24
CA GLY D 615 52.15 7.53 28.92
C GLY D 615 50.73 7.78 29.38
N ARG D 616 50.49 8.99 29.87
CA ARG D 616 49.20 9.27 30.48
C ARG D 616 48.11 9.50 29.45
N LEU D 617 48.38 10.33 28.43
CA LEU D 617 47.37 10.71 27.45
C LEU D 617 46.89 9.55 26.61
N ILE D 618 47.82 8.77 26.05
CA ILE D 618 47.47 7.49 25.45
C ILE D 618 46.83 6.60 26.49
N TYR D 619 47.32 6.65 27.73
CA TYR D 619 46.69 5.93 28.83
C TYR D 619 45.30 6.49 29.13
N CYS D 620 45.05 7.75 28.75
CA CYS D 620 43.68 8.26 28.69
C CYS D 620 42.94 7.76 27.46
N LEU D 621 43.55 7.87 26.28
CA LEU D 621 42.81 7.59 25.05
C LEU D 621 42.60 6.10 24.79
N ASN D 622 42.90 5.25 25.76
CA ASN D 622 42.56 3.85 25.69
C ASN D 622 41.20 3.57 26.31
N ILE D 623 40.70 4.48 27.14
CA ILE D 623 39.40 4.33 27.81
C ILE D 623 38.29 4.11 26.81
N ILE D 624 38.27 4.90 25.75
CA ILE D 624 37.34 4.76 24.63
C ILE D 624 37.37 3.35 24.07
N PHE D 625 38.57 2.81 23.83
CA PHE D 625 38.58 1.48 23.23
C PHE D 625 38.45 0.38 24.27
N TRP D 626 38.33 0.73 25.55
CA TRP D 626 37.78 -0.20 26.52
C TRP D 626 36.38 0.17 26.94
N TYR D 627 35.65 0.90 26.10
CA TYR D 627 34.32 1.31 26.49
C TYR D 627 33.29 0.90 25.46
N VAL D 628 33.67 0.94 24.19
CA VAL D 628 32.76 0.58 23.11
C VAL D 628 32.52 -0.92 23.10
N ARG D 629 33.40 -1.69 23.78
CA ARG D 629 33.14 -3.09 24.09
C ARG D 629 31.86 -3.27 24.90
N LEU D 630 31.48 -2.26 25.69
CA LEU D 630 30.18 -2.24 26.35
C LEU D 630 29.01 -2.39 25.39
N LEU D 631 29.13 -1.84 24.18
CA LEU D 631 28.09 -2.07 23.19
C LEU D 631 27.97 -3.54 22.82
N ASP D 632 29.09 -4.27 22.78
CA ASP D 632 29.02 -5.72 22.64
C ASP D 632 28.42 -6.34 23.90
N PHE D 633 28.59 -5.71 25.04
CA PHE D 633 27.88 -6.16 26.23
C PHE D 633 26.50 -5.53 26.35
N LEU D 634 26.05 -4.77 25.37
CA LEU D 634 24.73 -4.19 25.41
C LEU D 634 23.87 -4.62 24.22
N ALA D 635 24.47 -5.08 23.14
CA ALA D 635 23.72 -5.67 22.03
C ALA D 635 23.47 -7.15 22.27
N VAL D 636 22.87 -7.49 23.41
CA VAL D 636 22.63 -8.88 23.78
C VAL D 636 21.17 -9.15 24.10
N ASN D 637 20.33 -8.12 24.13
CA ASN D 637 18.91 -8.29 24.34
C ASN D 637 18.12 -7.84 23.13
N GLN D 638 16.84 -8.23 23.13
CA GLN D 638 16.02 -8.25 21.92
C GLN D 638 15.68 -6.85 21.44
N GLN D 639 15.80 -5.85 22.29
CA GLN D 639 15.41 -4.50 21.91
C GLN D 639 16.63 -3.66 21.54
N ALA D 640 17.66 -3.67 22.37
CA ALA D 640 18.80 -2.82 22.11
C ALA D 640 19.71 -3.39 21.03
N GLY D 641 19.75 -4.71 20.88
CA GLY D 641 20.53 -5.39 19.86
C GLY D 641 20.53 -4.83 18.44
N PRO D 642 19.34 -4.67 17.83
CA PRO D 642 19.28 -4.04 16.50
C PRO D 642 19.78 -2.62 16.50
N TYR D 643 19.30 -1.80 17.42
CA TYR D 643 19.80 -0.44 17.51
C TYR D 643 21.33 -0.42 17.47
N VAL D 644 21.96 -1.18 18.37
CA VAL D 644 23.41 -1.09 18.54
C VAL D 644 24.14 -1.63 17.33
N MET D 645 23.65 -2.73 16.75
CA MET D 645 24.23 -3.19 15.50
C MET D 645 23.52 -2.60 14.29
N MET D 646 23.00 -1.38 14.43
CA MET D 646 22.35 -0.66 13.35
C MET D 646 23.11 0.57 12.91
N ILE D 647 23.74 1.27 13.86
CA ILE D 647 24.53 2.46 13.58
C ILE D 647 25.66 2.15 12.60
N GLY D 648 26.34 1.02 12.80
CA GLY D 648 27.38 0.60 11.87
C GLY D 648 26.88 0.17 10.51
N LYS D 649 25.57 -0.05 10.37
CA LYS D 649 24.98 -0.30 9.06
C LYS D 649 24.26 0.93 8.54
N MET D 650 24.46 2.08 9.17
CA MET D 650 23.86 3.32 8.70
C MET D 650 24.84 4.46 8.53
N VAL D 651 25.85 4.59 9.40
CA VAL D 651 26.95 5.52 9.21
C VAL D 651 27.67 5.23 7.91
N ALA D 652 27.96 3.97 7.64
CA ALA D 652 28.54 3.57 6.37
C ALA D 652 27.59 3.75 5.20
N ASN D 653 26.31 4.01 5.45
CA ASN D 653 25.39 4.42 4.40
C ASN D 653 25.29 5.93 4.25
N MET D 654 25.67 6.71 5.26
CA MET D 654 25.52 8.15 5.19
C MET D 654 26.77 8.87 4.71
N PHE D 655 27.83 8.11 4.42
CA PHE D 655 29.18 8.67 4.30
C PHE D 655 29.27 9.72 3.20
N TYR D 656 28.67 9.45 2.04
CA TYR D 656 28.74 10.40 0.95
C TYR D 656 27.94 11.67 1.21
N ILE D 657 26.97 11.65 2.12
CA ILE D 657 26.36 12.92 2.50
C ILE D 657 27.33 13.70 3.37
N VAL D 658 28.04 13.02 4.27
CA VAL D 658 28.86 13.68 5.29
C VAL D 658 30.02 14.41 4.65
N VAL D 659 30.57 13.84 3.58
CA VAL D 659 31.62 14.47 2.77
C VAL D 659 31.15 15.84 2.28
N ILE D 660 29.90 15.93 1.85
CA ILE D 660 29.35 17.20 1.39
C ILE D 660 29.29 18.21 2.52
N MET D 661 28.97 17.73 3.74
CA MET D 661 29.16 18.53 4.95
C MET D 661 30.57 19.09 5.01
N ALA D 662 31.57 18.21 4.96
CA ALA D 662 32.94 18.69 4.91
C ALA D 662 33.17 19.63 3.76
N LEU D 663 32.57 19.36 2.60
CA LEU D 663 33.03 20.01 1.38
C LEU D 663 32.62 21.48 1.36
N VAL D 664 31.32 21.72 1.61
CA VAL D 664 30.82 23.06 1.88
C VAL D 664 31.52 23.67 3.10
N LEU D 665 31.91 22.84 4.08
CA LEU D 665 32.65 23.33 5.24
C LEU D 665 33.97 23.96 4.82
N LEU D 666 34.63 23.41 3.81
CA LEU D 666 35.86 24.08 3.40
C LEU D 666 35.55 25.40 2.70
N SER D 667 34.42 25.50 1.99
CA SER D 667 34.14 26.77 1.31
C SER D 667 33.41 27.75 2.21
N PHE D 668 33.49 27.57 3.52
CA PHE D 668 33.39 28.72 4.39
C PHE D 668 34.66 28.85 5.22
N GLY D 669 35.42 27.76 5.35
CA GLY D 669 36.62 27.81 6.16
C GLY D 669 37.78 28.49 5.46
N VAL D 670 37.82 28.41 4.14
CA VAL D 670 38.84 29.13 3.37
C VAL D 670 38.50 30.61 3.14
N PRO D 671 37.34 31.02 2.67
CA PRO D 671 37.14 32.46 2.43
C PRO D 671 36.79 33.25 3.67
N ARG D 672 37.00 32.71 4.86
CA ARG D 672 36.84 33.50 6.06
C ARG D 672 38.20 33.96 6.58
N LYS D 673 39.15 33.04 6.75
CA LYS D 673 40.51 33.45 7.08
C LYS D 673 41.19 34.11 5.90
N ALA D 674 40.78 33.75 4.68
CA ALA D 674 41.26 34.38 3.46
C ALA D 674 40.99 35.87 3.42
N ILE D 675 39.99 36.35 4.14
CA ILE D 675 39.75 37.77 4.31
C ILE D 675 40.31 38.28 5.62
N LEU D 676 40.07 37.56 6.72
CA LEU D 676 40.29 38.15 8.04
C LEU D 676 41.75 38.06 8.47
N TYR D 677 42.61 37.40 7.70
CA TYR D 677 44.02 37.32 8.09
C TYR D 677 44.93 37.55 6.89
N PRO D 678 45.41 38.77 6.69
CA PRO D 678 46.20 39.05 5.48
C PRO D 678 47.68 38.73 5.57
N HIS D 679 48.25 38.60 6.76
CA HIS D 679 49.70 38.67 6.89
C HIS D 679 50.31 37.49 7.62
N GLU D 680 49.59 36.37 7.74
CA GLU D 680 50.08 35.28 8.57
C GLU D 680 50.97 34.34 7.74
N GLU D 681 52.06 33.92 8.35
CA GLU D 681 53.00 32.99 7.77
C GLU D 681 52.47 31.56 7.89
N PRO D 682 52.88 30.66 6.99
CA PRO D 682 52.50 29.25 7.15
C PRO D 682 53.18 28.62 8.36
N SER D 683 52.40 28.26 9.37
CA SER D 683 52.98 27.79 10.63
C SER D 683 53.46 26.33 10.60
N TRP D 684 52.62 25.31 10.28
CA TRP D 684 51.27 25.26 9.71
C TRP D 684 50.22 24.98 10.78
N SER D 685 49.47 26.03 11.14
CA SER D 685 48.40 25.93 12.13
C SER D 685 47.08 26.43 11.57
N LEU D 686 47.11 26.96 10.34
CA LEU D 686 45.94 27.53 9.69
C LEU D 686 44.78 26.56 9.61
N ALA D 687 45.09 25.28 9.35
CA ALA D 687 44.09 24.22 9.27
C ALA D 687 43.27 24.06 10.54
N LYS D 688 43.84 24.39 11.71
CA LYS D 688 43.04 24.41 12.93
C LYS D 688 41.94 25.46 12.85
N ASP D 689 42.26 26.62 12.31
CA ASP D 689 41.29 27.69 12.14
C ASP D 689 40.69 27.75 10.73
N ILE D 690 41.21 26.99 9.76
CA ILE D 690 40.44 26.79 8.54
C ILE D 690 39.27 25.87 8.82
N VAL D 691 39.56 24.70 9.39
CA VAL D 691 38.51 23.70 9.55
C VAL D 691 37.72 23.98 10.81
N PHE D 692 38.38 24.00 11.96
CA PHE D 692 37.66 23.75 13.20
C PHE D 692 36.82 24.93 13.66
N HIS D 693 37.30 26.16 13.46
CA HIS D 693 36.50 27.30 13.91
C HIS D 693 35.18 27.52 13.17
N PRO D 694 35.06 27.29 11.85
CA PRO D 694 33.70 27.24 11.29
C PRO D 694 33.08 25.87 11.32
N TYR D 695 33.79 24.87 11.84
CA TYR D 695 33.14 23.57 12.05
C TYR D 695 32.17 23.65 13.21
N TRP D 696 32.40 24.54 14.16
CA TRP D 696 31.52 24.67 15.32
C TRP D 696 30.35 25.62 15.10
N MET D 697 30.09 26.04 13.86
CA MET D 697 28.92 26.86 13.60
C MET D 697 27.64 26.08 13.87
N ILE D 698 27.39 25.07 13.04
CA ILE D 698 26.71 23.90 13.55
C ILE D 698 27.59 23.35 14.67
N PHE D 699 27.02 23.15 15.85
CA PHE D 699 25.69 22.63 15.97
C PHE D 699 24.89 23.55 16.87
N GLY D 700 25.19 24.85 16.77
CA GLY D 700 24.40 25.83 17.47
C GLY D 700 25.11 27.07 17.94
N GLU D 701 26.44 27.07 17.97
CA GLU D 701 27.18 28.27 18.36
C GLU D 701 27.50 29.05 17.09
N VAL D 702 26.95 30.26 17.02
CA VAL D 702 27.06 31.06 15.82
C VAL D 702 28.36 31.86 15.78
N TYR D 703 29.06 31.97 16.93
CA TYR D 703 30.07 32.99 17.17
C TYR D 703 29.53 34.36 16.79
N ALA D 704 28.42 34.74 17.43
CA ALA D 704 27.68 35.94 17.04
C ALA D 704 28.49 37.21 17.27
N TYR D 705 29.37 37.21 18.25
CA TYR D 705 30.23 38.34 18.49
C TYR D 705 31.61 38.18 17.86
N GLU D 706 31.78 37.21 16.95
CA GLU D 706 32.88 37.24 16.03
C GLU D 706 32.43 37.43 14.60
N ILE D 707 31.14 37.68 14.38
CA ILE D 707 30.68 38.29 13.15
C ILE D 707 30.95 39.79 13.24
N ASP D 708 30.91 40.47 12.08
CA ASP D 708 31.10 41.91 11.94
C ASP D 708 32.50 42.37 12.36
N VAL D 709 33.53 41.68 11.89
CA VAL D 709 34.88 42.20 11.86
C VAL D 709 35.09 42.77 10.46
N CYS D 710 35.00 44.10 10.30
CA CYS D 710 35.07 45.14 11.33
C CYS D 710 33.81 45.41 12.17
N ALA D 711 34.08 45.80 13.41
CA ALA D 711 33.09 45.71 14.48
C ALA D 711 31.96 46.71 14.32
N ASN D 712 30.91 46.49 15.10
CA ASN D 712 29.86 47.46 15.30
C ASN D 712 29.75 47.71 16.80
N ASP D 713 30.90 47.86 17.46
CA ASP D 713 31.13 48.19 18.85
C ASP D 713 30.72 47.08 19.81
N SER D 714 30.66 45.82 19.38
CA SER D 714 30.33 44.73 20.29
C SER D 714 31.16 43.47 20.08
N THR D 715 32.07 43.43 19.13
CA THR D 715 32.76 42.19 18.83
C THR D 715 33.94 41.98 19.76
N LEU D 716 34.28 40.72 19.98
CA LEU D 716 35.44 40.45 20.82
C LEU D 716 36.77 40.70 20.07
N PRO D 717 36.93 40.39 18.78
CA PRO D 717 38.06 41.00 18.07
C PRO D 717 37.67 42.36 17.50
N THR D 718 38.59 43.31 17.63
CA THR D 718 38.47 44.60 16.97
C THR D 718 39.56 44.80 15.94
N ILE D 719 40.49 43.87 15.84
CA ILE D 719 41.55 43.90 14.84
C ILE D 719 40.92 43.49 13.52
N CYS D 720 40.90 44.43 12.58
CA CYS D 720 40.12 44.27 11.35
C CYS D 720 40.91 44.81 10.18
N GLY D 721 40.22 44.97 9.07
CA GLY D 721 40.83 45.50 7.87
C GLY D 721 39.79 46.06 6.92
N PRO D 722 40.25 46.70 5.85
CA PRO D 722 39.32 47.22 4.85
C PRO D 722 38.67 46.11 4.05
N GLY D 723 37.40 46.28 3.73
CA GLY D 723 36.70 45.32 2.89
C GLY D 723 36.28 44.05 3.58
N THR D 724 36.54 43.89 4.88
CA THR D 724 36.30 42.64 5.58
C THR D 724 34.86 42.43 5.99
N TRP D 725 33.94 43.20 5.43
CA TRP D 725 32.52 43.15 5.77
C TRP D 725 31.75 42.07 5.02
N LEU D 726 32.44 41.13 4.36
CA LEU D 726 31.72 40.14 3.57
C LEU D 726 31.39 38.89 4.35
N THR D 727 32.15 38.57 5.40
CA THR D 727 31.85 37.40 6.22
C THR D 727 30.46 37.36 6.88
N PRO D 728 29.80 38.47 7.23
CA PRO D 728 28.37 38.33 7.60
C PRO D 728 27.46 37.97 6.45
N PHE D 729 27.90 38.11 5.20
CA PHE D 729 27.09 37.56 4.12
C PHE D 729 27.39 36.08 3.93
N LEU D 730 28.68 35.72 3.89
CA LEU D 730 29.06 34.33 3.63
C LEU D 730 28.55 33.40 4.71
N GLN D 731 28.64 33.82 5.97
CA GLN D 731 28.11 32.99 7.04
C GLN D 731 26.59 32.92 6.96
N ALA D 732 25.96 33.98 6.47
CA ALA D 732 24.53 33.94 6.21
C ALA D 732 24.17 32.94 5.13
N VAL D 733 25.09 32.66 4.22
CA VAL D 733 24.91 31.53 3.32
C VAL D 733 25.16 30.24 4.06
N TYR D 734 26.25 30.17 4.84
CA TYR D 734 26.76 28.88 5.29
C TYR D 734 25.83 28.22 6.26
N LEU D 735 25.45 28.94 7.31
CA LEU D 735 24.48 28.42 8.25
C LEU D 735 23.07 28.38 7.68
N PHE D 736 22.86 28.78 6.43
CA PHE D 736 21.68 28.37 5.70
C PHE D 736 21.87 27.01 5.05
N VAL D 737 22.97 26.79 4.35
CA VAL D 737 23.17 25.59 3.54
C VAL D 737 23.54 24.38 4.39
N GLN D 738 24.11 24.59 5.56
CA GLN D 738 24.37 23.50 6.49
C GLN D 738 23.39 23.45 7.64
N TYR D 739 22.27 24.15 7.55
CA TYR D 739 21.24 23.95 8.56
C TYR D 739 19.82 23.93 7.97
N ILE D 740 19.63 24.20 6.69
CA ILE D 740 18.28 24.20 6.14
C ILE D 740 18.14 23.27 4.94
N ILE D 741 19.07 23.31 3.99
CA ILE D 741 19.03 22.29 2.94
C ILE D 741 19.64 21.01 3.47
N MET D 742 20.93 21.05 3.70
CA MET D 742 21.63 20.24 4.68
C MET D 742 21.64 21.13 5.92
N VAL D 743 21.88 20.60 7.11
CA VAL D 743 21.73 19.19 7.45
C VAL D 743 20.26 18.97 7.84
N ASN D 744 19.49 18.80 6.78
CA ASN D 744 18.08 18.48 6.83
C ASN D 744 17.72 17.41 5.82
N LEU D 745 18.47 17.34 4.73
CA LEU D 745 18.47 16.14 3.90
C LEU D 745 18.99 14.95 4.68
N LEU D 746 19.92 15.18 5.59
CA LEU D 746 20.30 14.13 6.50
C LEU D 746 19.29 14.00 7.68
N ILE D 747 18.18 14.72 7.68
CA ILE D 747 17.00 14.26 8.36
C ILE D 747 16.20 13.30 7.49
N ALA D 748 16.19 13.52 6.17
CA ALA D 748 15.42 12.70 5.25
C ALA D 748 15.97 11.29 5.14
N PHE D 749 17.20 11.18 4.65
CA PHE D 749 18.03 10.05 5.01
C PHE D 749 18.16 10.05 6.51
N PHE D 750 18.09 8.86 7.11
CA PHE D 750 17.73 8.50 8.50
C PHE D 750 16.23 8.59 8.72
N ASN D 751 15.40 8.56 7.68
CA ASN D 751 13.98 8.62 7.98
C ASN D 751 13.19 7.59 7.20
N ASN D 752 13.52 7.41 5.94
CA ASN D 752 12.97 6.33 5.16
C ASN D 752 14.05 5.44 4.56
N VAL D 753 15.24 5.51 5.12
CA VAL D 753 16.26 4.48 4.96
C VAL D 753 16.41 3.99 6.40
N TYR D 754 15.28 4.00 7.11
CA TYR D 754 15.19 3.44 8.44
C TYR D 754 14.46 2.12 8.47
N LEU D 755 13.24 2.05 7.96
CA LEU D 755 12.56 0.77 7.86
C LEU D 755 13.48 -0.32 7.32
N GLN D 756 13.98 -0.15 6.10
CA GLN D 756 14.70 -1.21 5.42
C GLN D 756 16.13 -1.39 5.91
N VAL D 757 16.56 -0.65 6.94
CA VAL D 757 17.76 -1.02 7.65
C VAL D 757 17.42 -1.69 8.98
N LYS D 758 16.24 -1.40 9.55
CA LYS D 758 15.76 -2.18 10.68
C LYS D 758 15.51 -3.62 10.29
N ALA D 759 14.87 -3.84 9.14
CA ALA D 759 14.51 -5.19 8.73
C ALA D 759 15.70 -5.97 8.21
N ILE D 760 16.82 -5.33 7.90
CA ILE D 760 18.06 -6.05 7.62
C ILE D 760 18.84 -6.29 8.90
N SER D 761 19.23 -5.21 9.58
CA SER D 761 20.15 -5.29 10.72
C SER D 761 19.55 -6.08 11.87
N ASN D 762 18.25 -5.90 12.12
CA ASN D 762 17.48 -6.76 13.03
C ASN D 762 17.77 -8.23 12.76
N ILE D 763 17.55 -8.67 11.52
CA ILE D 763 17.85 -10.05 11.13
C ILE D 763 19.32 -10.36 11.33
N VAL D 764 20.20 -9.41 10.96
CA VAL D 764 21.64 -9.60 11.11
C VAL D 764 22.00 -9.77 12.58
N TRP D 765 21.29 -9.03 13.45
CA TRP D 765 21.51 -9.17 14.89
C TRP D 765 21.19 -10.57 15.35
N LYS D 766 20.06 -11.13 14.88
CA LYS D 766 19.67 -12.48 15.27
C LYS D 766 20.69 -13.49 14.78
N TYR D 767 21.34 -13.21 13.64
CA TYR D 767 22.36 -14.11 13.15
C TYR D 767 23.56 -14.13 14.07
N GLN D 768 23.95 -12.97 14.58
CA GLN D 768 25.17 -12.98 15.35
C GLN D 768 24.98 -13.50 16.76
N ARG D 769 23.73 -13.73 17.19
CA ARG D 769 23.52 -14.43 18.45
C ARG D 769 24.09 -15.84 18.37
N TYR D 770 24.05 -16.46 17.19
CA TYR D 770 24.72 -17.75 17.06
C TYR D 770 26.21 -17.60 17.24
N HIS D 771 26.80 -16.54 16.68
CA HIS D 771 28.21 -16.31 16.92
C HIS D 771 28.48 -15.78 18.30
N PHE D 772 27.44 -15.47 19.06
CA PHE D 772 27.62 -15.00 20.43
C PHE D 772 27.40 -16.11 21.44
N ILE D 773 26.37 -16.93 21.25
CA ILE D 773 26.04 -17.94 22.24
C ILE D 773 26.78 -19.24 21.96
N MET D 774 26.92 -19.61 20.68
CA MET D 774 27.72 -20.81 20.41
C MET D 774 29.21 -20.53 20.57
N ALA D 775 29.58 -19.25 20.72
CA ALA D 775 30.91 -18.94 21.21
C ALA D 775 31.17 -19.54 22.59
N TYR D 776 30.15 -19.55 23.46
CA TYR D 776 30.40 -19.96 24.84
C TYR D 776 29.12 -20.29 25.58
N HIS D 777 29.04 -21.42 26.31
CA HIS D 777 29.42 -22.84 26.03
C HIS D 777 30.83 -23.43 25.94
N GLU D 778 31.85 -22.61 25.95
CA GLU D 778 33.10 -22.89 26.63
C GLU D 778 33.25 -21.76 27.61
N LYS D 779 34.13 -21.92 28.58
CA LYS D 779 35.24 -21.03 28.94
C LYS D 779 35.69 -21.39 30.34
N PRO D 780 36.92 -21.15 30.69
CA PRO D 780 37.19 -20.75 32.06
C PRO D 780 36.86 -19.26 32.15
N VAL D 781 36.39 -18.71 33.26
CA VAL D 781 36.15 -19.31 34.58
C VAL D 781 35.16 -18.35 35.20
N LEU D 782 35.16 -18.30 36.52
CA LEU D 782 34.95 -16.99 37.12
C LEU D 782 35.87 -16.02 36.40
N PRO D 783 35.34 -14.91 35.82
CA PRO D 783 35.99 -14.30 34.64
C PRO D 783 37.29 -13.57 34.93
N PRO D 784 37.78 -12.88 33.89
CA PRO D 784 39.20 -12.85 33.50
C PRO D 784 40.17 -12.90 34.67
N PRO D 785 40.02 -12.00 35.66
CA PRO D 785 40.94 -11.96 36.78
C PRO D 785 41.00 -13.28 37.51
N LEU D 786 39.86 -13.77 37.99
CA LEU D 786 39.81 -15.07 38.64
C LEU D 786 40.06 -16.20 37.66
N ILE D 787 39.88 -15.95 36.37
CA ILE D 787 40.20 -16.95 35.36
C ILE D 787 41.70 -17.12 35.22
N ILE D 788 42.49 -16.15 35.69
CA ILE D 788 43.92 -16.37 35.87
C ILE D 788 44.18 -17.50 36.86
N LEU D 789 43.34 -17.61 37.88
CA LEU D 789 43.39 -18.74 38.80
C LEU D 789 43.03 -20.05 38.10
N SER D 790 42.30 -19.97 36.99
CA SER D 790 42.04 -21.17 36.21
C SER D 790 43.15 -21.43 35.19
N HIS D 791 44.20 -20.61 35.20
CA HIS D 791 45.32 -20.80 34.30
C HIS D 791 46.17 -22.00 34.70
N GLY D 811 31.14 -28.57 20.30
CA GLY D 811 30.67 -29.71 21.07
C GLY D 811 29.16 -29.60 21.28
N PRO D 812 28.71 -30.12 22.44
CA PRO D 812 27.31 -30.09 22.88
C PRO D 812 26.38 -30.80 21.89
N LYS D 813 26.58 -32.11 21.72
CA LYS D 813 25.85 -32.91 20.76
C LYS D 813 25.03 -33.98 21.47
N LEU D 814 23.71 -33.88 21.32
CA LEU D 814 22.75 -34.58 22.15
C LEU D 814 21.38 -34.34 21.53
N PHE D 815 20.45 -35.31 21.64
CA PHE D 815 20.38 -36.54 22.47
C PHE D 815 19.27 -37.29 21.66
N LEU D 816 18.70 -38.47 21.98
CA LEU D 816 19.03 -39.43 23.02
C LEU D 816 19.40 -40.83 22.52
N THR D 817 18.44 -41.44 21.82
CA THR D 817 18.42 -42.87 21.58
C THR D 817 17.43 -43.22 20.48
N GLU D 818 17.35 -44.54 20.26
CA GLU D 818 16.60 -45.15 19.15
C GLU D 818 15.14 -44.73 19.16
N GLU D 819 14.52 -44.68 20.34
CA GLU D 819 13.15 -44.20 20.51
C GLU D 819 12.98 -42.80 19.96
N ASP D 820 13.85 -41.89 20.39
CA ASP D 820 13.83 -40.54 19.85
C ASP D 820 14.39 -40.49 18.43
N GLN D 821 15.16 -41.50 18.03
CA GLN D 821 15.64 -41.53 16.66
C GLN D 821 14.50 -41.82 15.70
N LYS D 822 13.66 -42.80 16.05
CA LYS D 822 12.49 -43.09 15.22
C LYS D 822 11.41 -42.03 15.41
N LYS D 823 11.42 -41.33 16.54
CA LYS D 823 10.55 -40.15 16.67
C LYS D 823 10.98 -39.04 15.73
N LEU D 824 12.28 -38.86 15.53
CA LEU D 824 12.74 -37.89 14.55
C LEU D 824 12.51 -38.32 13.11
N HIS D 825 12.83 -39.56 12.78
CA HIS D 825 12.68 -40.00 11.39
C HIS D 825 11.21 -40.12 11.01
N ASP D 826 10.36 -40.58 11.93
CA ASP D 826 8.92 -40.47 11.72
C ASP D 826 8.47 -39.02 11.73
N PHE D 827 9.22 -38.15 12.41
CA PHE D 827 8.89 -36.73 12.38
C PHE D 827 9.12 -36.14 10.98
N GLU D 828 10.37 -36.20 10.50
CA GLU D 828 10.71 -35.64 9.18
C GLU D 828 9.93 -36.30 8.07
N GLU D 829 9.89 -37.64 8.05
CA GLU D 829 9.07 -38.39 7.12
C GLU D 829 7.59 -38.05 7.23
N GLN D 830 7.12 -37.59 8.39
CA GLN D 830 5.79 -37.03 8.46
C GLN D 830 5.72 -35.59 7.98
N CYS D 831 6.72 -34.76 8.32
CA CYS D 831 6.59 -33.32 8.05
C CYS D 831 6.83 -33.01 6.58
N VAL D 832 7.97 -33.43 6.04
CA VAL D 832 8.29 -33.11 4.66
C VAL D 832 7.07 -33.32 3.77
N GLU D 833 6.46 -34.50 3.85
CA GLU D 833 5.34 -34.85 2.98
C GLU D 833 4.14 -33.94 3.21
N MET D 834 3.86 -33.58 4.46
CA MET D 834 2.82 -32.61 4.77
C MET D 834 3.10 -31.27 4.11
N TYR D 835 4.37 -30.88 4.02
CA TYR D 835 4.75 -29.71 3.25
C TYR D 835 4.35 -29.85 1.78
N PHE D 836 4.58 -31.03 1.20
CA PHE D 836 4.12 -31.24 -0.16
C PHE D 836 2.63 -31.45 -0.23
N ASP D 837 1.95 -31.66 0.90
CA ASP D 837 0.50 -31.62 0.90
C ASP D 837 -0.03 -30.22 1.19
N GLU D 838 0.84 -29.23 1.35
CA GLU D 838 0.41 -27.85 1.40
C GLU D 838 0.82 -27.08 0.16
N LYS D 839 1.96 -27.42 -0.45
CA LYS D 839 2.40 -26.76 -1.66
C LYS D 839 1.47 -27.06 -2.84
N ASP D 840 0.86 -28.24 -2.84
CA ASP D 840 -0.21 -28.48 -3.80
C ASP D 840 -1.38 -27.54 -3.57
N ASP D 841 -1.76 -27.33 -2.30
CA ASP D 841 -2.89 -26.45 -2.00
C ASP D 841 -2.55 -24.99 -2.25
N LYS D 842 -1.26 -24.67 -2.36
CA LYS D 842 -0.88 -23.39 -2.94
C LYS D 842 -1.07 -23.41 -4.46
N PHE D 843 -0.54 -24.44 -5.12
CA PHE D 843 -0.53 -24.49 -6.58
C PHE D 843 -1.83 -24.98 -7.21
N ASN D 844 -2.69 -25.67 -6.46
CA ASN D 844 -3.93 -26.18 -7.04
C ASN D 844 -5.16 -25.55 -6.40
N SER D 845 -5.03 -24.35 -5.86
CA SER D 845 -6.18 -23.62 -5.36
C SER D 845 -5.83 -22.14 -5.31
N GLY D 846 -6.84 -21.34 -4.97
CA GLY D 846 -6.65 -19.92 -4.81
C GLY D 846 -7.16 -19.12 -6.00
N SER D 847 -6.36 -18.17 -6.46
CA SER D 847 -6.81 -17.25 -7.49
C SER D 847 -6.69 -17.87 -8.88
N GLU D 848 -5.46 -18.17 -9.29
CA GLU D 848 -5.19 -18.41 -10.70
C GLU D 848 -5.61 -19.79 -11.18
N GLU D 849 -5.14 -20.85 -10.51
CA GLU D 849 -5.16 -22.19 -11.11
C GLU D 849 -6.58 -22.72 -11.28
N ARG D 850 -7.45 -22.43 -10.29
CA ARG D 850 -8.87 -22.71 -10.43
C ARG D 850 -9.45 -22.07 -11.68
N ILE D 851 -9.17 -20.78 -11.88
CA ILE D 851 -9.56 -20.19 -13.14
C ILE D 851 -9.05 -21.04 -14.31
N ARG D 852 -7.75 -21.38 -14.30
CA ARG D 852 -7.10 -21.91 -15.49
C ARG D 852 -7.66 -23.28 -15.87
N VAL D 853 -7.93 -24.10 -14.85
CA VAL D 853 -8.59 -25.38 -15.11
C VAL D 853 -10.01 -25.14 -15.59
N THR D 854 -10.77 -24.26 -14.92
CA THR D 854 -12.09 -24.03 -15.49
C THR D 854 -12.00 -23.68 -16.95
N PHE D 855 -11.13 -22.71 -17.28
CA PHE D 855 -10.98 -22.18 -18.64
C PHE D 855 -10.68 -23.27 -19.65
N GLU D 856 -9.58 -24.01 -19.48
CA GLU D 856 -9.40 -25.14 -20.38
C GLU D 856 -10.66 -25.99 -20.46
N ARG D 857 -11.22 -26.38 -19.31
CA ARG D 857 -12.27 -27.39 -19.30
C ARG D 857 -13.57 -26.85 -19.85
N VAL D 858 -13.90 -25.59 -19.57
CA VAL D 858 -14.99 -24.99 -20.32
C VAL D 858 -14.75 -25.16 -21.81
N GLU D 859 -13.58 -24.71 -22.30
CA GLU D 859 -13.34 -24.55 -23.74
C GLU D 859 -13.43 -25.87 -24.49
N GLN D 860 -12.57 -26.82 -24.12
CA GLN D 860 -12.65 -28.20 -24.60
C GLN D 860 -14.05 -28.77 -24.45
N MET D 861 -14.66 -28.55 -23.28
CA MET D 861 -16.00 -29.08 -23.02
C MET D 861 -17.02 -28.45 -23.94
N SER D 862 -16.86 -27.15 -24.22
CA SER D 862 -17.75 -26.47 -25.16
C SER D 862 -17.62 -27.08 -26.54
N ILE D 863 -16.37 -27.38 -26.95
CA ILE D 863 -16.12 -28.04 -28.22
C ILE D 863 -16.84 -29.36 -28.30
N GLN D 864 -16.85 -30.09 -27.17
CA GLN D 864 -17.55 -31.38 -27.10
C GLN D 864 -19.02 -31.20 -27.37
N ILE D 865 -19.64 -30.19 -26.75
CA ILE D 865 -21.07 -29.94 -26.92
C ILE D 865 -21.37 -29.60 -28.37
N LYS D 866 -20.44 -28.87 -29.02
CA LYS D 866 -20.63 -28.50 -30.41
C LYS D 866 -20.66 -29.74 -31.29
N GLU D 867 -19.73 -30.68 -31.04
CA GLU D 867 -19.76 -31.95 -31.76
C GLU D 867 -21.04 -32.70 -31.46
N VAL D 868 -21.44 -32.70 -30.17
CA VAL D 868 -22.71 -33.27 -29.74
C VAL D 868 -23.86 -32.62 -30.50
N GLY D 869 -23.84 -31.27 -30.55
CA GLY D 869 -24.88 -30.56 -31.28
C GLY D 869 -24.90 -30.94 -32.74
N ASP D 870 -23.71 -31.04 -33.34
CA ASP D 870 -23.60 -31.39 -34.75
C ASP D 870 -24.13 -32.77 -35.02
N ARG D 871 -23.83 -33.73 -34.13
CA ARG D 871 -24.28 -35.08 -34.42
C ARG D 871 -25.75 -35.21 -34.09
N VAL D 872 -26.26 -34.40 -33.16
CA VAL D 872 -27.70 -34.43 -32.91
C VAL D 872 -28.43 -33.75 -34.06
N ASN D 873 -27.72 -32.88 -34.79
CA ASN D 873 -28.24 -32.43 -36.08
C ASN D 873 -28.27 -33.58 -37.08
N TYR D 874 -27.16 -34.32 -37.21
CA TYR D 874 -27.05 -35.28 -38.31
C TYR D 874 -27.84 -36.55 -38.02
N ILE D 875 -27.89 -36.96 -36.76
CA ILE D 875 -28.60 -38.17 -36.40
C ILE D 875 -30.04 -37.85 -36.01
N LYS D 876 -30.33 -36.57 -35.76
CA LYS D 876 -31.71 -36.11 -35.87
C LYS D 876 -32.22 -36.30 -37.29
N ARG D 877 -31.50 -35.77 -38.27
CA ARG D 877 -31.95 -35.90 -39.65
C ARG D 877 -32.05 -37.37 -40.07
N SER D 878 -30.96 -38.13 -39.89
CA SER D 878 -30.92 -39.51 -40.38
C SER D 878 -31.84 -40.42 -39.57
N LEU D 879 -31.99 -40.17 -38.27
CA LEU D 879 -33.00 -40.88 -37.49
C LEU D 879 -34.41 -40.47 -37.88
N GLN D 880 -34.57 -39.27 -38.46
CA GLN D 880 -35.85 -38.92 -39.08
C GLN D 880 -35.98 -39.58 -40.45
N SER D 881 -34.88 -40.06 -41.01
CA SER D 881 -34.95 -40.82 -42.25
C SER D 881 -35.31 -42.27 -41.99
N LEU D 882 -34.66 -42.89 -41.00
CA LEU D 882 -34.99 -44.28 -40.65
C LEU D 882 -36.20 -44.35 -39.74
N ASP D 883 -36.71 -43.22 -39.28
CA ASP D 883 -37.93 -43.18 -38.49
C ASP D 883 -39.11 -42.68 -39.30
N SER D 884 -38.89 -41.77 -40.24
CA SER D 884 -39.94 -41.29 -41.13
C SER D 884 -40.13 -42.18 -42.35
N GLN D 885 -39.08 -42.89 -42.79
CA GLN D 885 -39.23 -43.81 -43.90
C GLN D 885 -39.92 -45.10 -43.45
N ILE D 886 -39.30 -45.81 -42.50
CA ILE D 886 -39.84 -47.06 -42.02
C ILE D 886 -40.54 -46.90 -40.67
#